data_3UNI
#
_entry.id   3UNI
#
_cell.length_a   100.036
_cell.length_b   146.698
_cell.length_c   107.016
_cell.angle_alpha   90.00
_cell.angle_beta   106.03
_cell.angle_gamma   90.00
#
_symmetry.space_group_name_H-M   'P 1 21 1'
#
loop_
_entity.id
_entity.type
_entity.pdbx_description
1 polymer 'Xanthine dehydrogenase/oxidase'
2 non-polymer 'FE2/S2 (INORGANIC) CLUSTER'
3 non-polymer 'PHOSPHONIC ACIDMONO-(2-AMINO-5,6-DIMERCAPTO-4-OXO-3,7,8A,9,10,10A-HEXAHYDRO-4H-8-OXA-1,3,9,10-TETRAAZA-ANTHRACEN-7-YLMETHYL)ESTER'
4 non-polymer 'DIOXOTHIOMOLYBDENUM(VI) ION'
5 non-polymer 'FLAVIN-ADENINE DINUCLEOTIDE'
6 non-polymer '1,4-DIHYDRONICOTINAMIDE ADENINE DINUCLEOTIDE'
7 non-polymer GLYCEROL
8 non-polymer 'CARBONATE ION'
9 non-polymer '2-HYDROXYBENZOIC ACID'
10 non-polymer 'CALCIUM ION'
11 water water
#
_entity_poly.entity_id   1
_entity_poly.type   'polypeptide(L)'
_entity_poly.pdbx_seq_one_letter_code
;MTADELVFFVNGKKVVEKNADPETTLLAYLRRKLGLRGTKLGCGEGGCGACTVMLSKYDRLQDKIIHFSANACLAPICTL
HHVAVTTVEGIGSTKTRLHPVQERIAKSHGSQCGFCTPGIVMSMYTLLRNQPEPTVEEIEDAFQGNLCRCTGYRPILQGF
RTFAKNGGCCGGNGNNPNCCMNQKKDHTVTLSPSLFNPEEFMPLDPTQEPIFPPELLRLKDVPPKQLRFEGERVTWIQAS
TLKELLDLKAQHPEAKLVVGNTEIGIEMKFKNQLFPMIICPAWIPELNAVEHGPEGISFGAACALSSVEKTLLEAVAKLP
TQKTEVFRGVLEQLRWFAGKQVKSVASLGGNIITASPISDLNPVFMASGTKLTIVSRGTRRTVPMDHTFFPSYRKTLLGP
EEILLSIEIPYSREDEFFSAFKQASRREDDIAKVTCGMRVLFQPGSMQVKELALCYGGMADRTISALKTTQKQLSKFWNE
KLLQDVCAGLAEELSLSPDAPGGMIEFRRTLTLSFFFKFYLTVLKKLGKDSKDKCGKLDPTYTSATLLFQKDPPANIQLF
QEVPNGQSKEDTVGRPLPHLAAAMQASGEAVYCDDIPRYENELFLRLVTSTRAHAKIKSIDVSEAQKVPGFVCFLSADDI
PGSNETGLFNDETVFAKDTVTCVGHIIGAVVADTPEHAERAAHVVKVTYEDLPAIITIEDAIKNNSFYGSELKIEKGDLK
KGFSEADNVVSGELYIGGQDHFYLETHCTIAIPKGEEGEMELFVSTQNAMKTQSFVAKMLGVPVNRILVRVKRMGGGFGG
KETRSTLVSVAVALAAYKTGHPVRCMLDRNEDMLITGGRHPFLARYKVGFMKTGTIVALEVDHYSNAGNSRDLSHSIMER
ALFHMDNCYKIPNIRGTGRLCKTNLSSNTAFRGFGGPQALFIAENWMSEVAVTCGLPAEEVRWKNMYKEGDLTHFNQRLE
GFSVPRCWDECLKSSQYYARKSEVDKFNKENCWKKRGLCIIPTKFGISFTVPFLNQAGALIHVYTDGSVLVSHGGTEMGQ
GLHTKMVQVASKALKIPISKIYISETSTNTVPNSSPTAASVSTDIYGQAVYEACQTILKRLEPFKKKNPDGSWEDWVMAA
YQDRVSLSTTGFYRTPNLGYSFETNSGNAFHYFTYGVACSEVEIDCLTGDHKNLRTDIVMDVGSSLNPAIDIGQVEGAFV
QGLGLFTLEELHYSPEGSLHTRGPSTYKIPAFGSIPTEFRVSLLRDCPNKKAIYASKAVGEPPLFLGASVFFAIKDAIRA
ARAQHTNNNTKELFRLDSPATPEKIRNACVDKFTTLCVTGAPGNCKPWSLRV
;
_entity_poly.pdbx_strand_id   A,B
#
loop_
_chem_comp.id
_chem_comp.type
_chem_comp.name
_chem_comp.formula
CA non-polymer 'CALCIUM ION' 'Ca 2'
CO3 non-polymer 'CARBONATE ION' 'C O3 -2'
FAD non-polymer 'FLAVIN-ADENINE DINUCLEOTIDE' 'C27 H33 N9 O15 P2'
FES non-polymer 'FE2/S2 (INORGANIC) CLUSTER' 'Fe2 S2'
GOL non-polymer GLYCEROL 'C3 H8 O3'
MOS non-polymer 'DIOXOTHIOMOLYBDENUM(VI) ION' 'H Mo O2 S'
MTE non-polymer 'PHOSPHONIC ACIDMONO-(2-AMINO-5,6-DIMERCAPTO-4-OXO-3,7,8A,9,10,10A-HEXAHYDRO-4H-8-OXA-1,3,9,10-TETRAAZA-ANTHRACEN-7-YLMETHYL)ESTER' 'C10 H14 N5 O6 P S2'
NAI non-polymer '1,4-DIHYDRONICOTINAMIDE ADENINE DINUCLEOTIDE' 'C21 H29 N7 O14 P2'
SAL non-polymer '2-HYDROXYBENZOIC ACID' 'C7 H6 O3'
#
# COMPACT_ATOMS: atom_id res chain seq x y z
N ALA A 3 4.22 37.25 2.56
CA ALA A 3 3.71 36.83 1.22
C ALA A 3 2.18 36.86 1.15
N ASP A 4 1.66 37.27 0.00
CA ASP A 4 0.23 37.32 -0.24
C ASP A 4 -0.29 35.91 -0.46
N GLU A 5 -1.60 35.73 -0.37
CA GLU A 5 -2.19 34.42 -0.58
C GLU A 5 -2.50 34.24 -2.06
N LEU A 6 -2.23 33.04 -2.58
CA LEU A 6 -2.52 32.75 -3.98
C LEU A 6 -3.91 32.11 -3.98
N VAL A 7 -4.85 32.75 -4.67
CA VAL A 7 -6.22 32.24 -4.71
C VAL A 7 -6.75 31.93 -6.12
N PHE A 8 -6.94 30.65 -6.40
CA PHE A 8 -7.49 30.24 -7.69
C PHE A 8 -8.50 29.13 -7.48
N PHE A 9 -9.05 28.60 -8.57
CA PHE A 9 -10.04 27.54 -8.46
C PHE A 9 -9.66 26.33 -9.32
N VAL A 10 -10.02 25.15 -8.83
CA VAL A 10 -9.76 23.90 -9.54
C VAL A 10 -11.05 23.10 -9.56
N ASN A 11 -11.59 22.94 -10.77
CA ASN A 11 -12.84 22.23 -11.01
C ASN A 11 -13.97 22.79 -10.11
N GLY A 12 -14.07 24.12 -10.08
CA GLY A 12 -15.10 24.78 -9.30
C GLY A 12 -14.76 25.04 -7.84
N LYS A 13 -13.79 24.30 -7.32
CA LYS A 13 -13.38 24.44 -5.93
C LYS A 13 -12.32 25.50 -5.73
N LYS A 14 -12.56 26.40 -4.78
CA LYS A 14 -11.63 27.47 -4.45
C LYS A 14 -10.40 26.93 -3.74
N VAL A 15 -9.23 27.42 -4.14
CA VAL A 15 -7.98 27.01 -3.53
C VAL A 15 -7.31 28.25 -2.96
N VAL A 16 -6.90 28.17 -1.70
CA VAL A 16 -6.21 29.28 -1.06
C VAL A 16 -4.85 28.80 -0.61
N GLU A 17 -3.83 29.13 -1.38
CA GLU A 17 -2.47 28.73 -1.04
C GLU A 17 -1.79 29.90 -0.36
N LYS A 18 -1.47 29.71 0.92
CA LYS A 18 -0.83 30.74 1.72
C LYS A 18 0.69 30.71 1.68
N ASN A 19 1.26 29.63 1.15
CA ASN A 19 2.71 29.51 1.08
C ASN A 19 3.14 29.09 -0.32
N ALA A 20 2.51 29.69 -1.32
CA ALA A 20 2.83 29.38 -2.71
C ALA A 20 4.31 29.59 -3.00
N ASP A 21 4.93 28.59 -3.63
CA ASP A 21 6.34 28.67 -4.00
C ASP A 21 6.39 29.00 -5.50
N PRO A 22 7.12 30.05 -5.87
CA PRO A 22 7.21 30.43 -7.29
C PRO A 22 7.63 29.31 -8.23
N GLU A 23 8.39 28.34 -7.72
CA GLU A 23 8.86 27.24 -8.54
C GLU A 23 7.84 26.11 -8.72
N THR A 24 6.73 26.16 -8.00
CA THR A 24 5.73 25.12 -8.11
C THR A 24 4.93 25.23 -9.40
N THR A 25 4.84 24.13 -10.14
CA THR A 25 4.07 24.10 -11.37
C THR A 25 2.67 23.56 -11.06
N LEU A 26 1.70 23.90 -11.90
CA LEU A 26 0.34 23.43 -11.71
C LEU A 26 0.32 21.91 -11.66
N LEU A 27 1.09 21.27 -12.53
CA LEU A 27 1.12 19.82 -12.56
C LEU A 27 1.52 19.23 -11.20
N ALA A 28 2.59 19.75 -10.62
CA ALA A 28 3.07 19.28 -9.33
C ALA A 28 1.99 19.54 -8.26
N TYR A 29 1.35 20.71 -8.33
CA TYR A 29 0.33 21.08 -7.36
C TYR A 29 -0.87 20.14 -7.43
N LEU A 30 -1.41 19.98 -8.64
CA LEU A 30 -2.54 19.10 -8.85
C LEU A 30 -2.28 17.69 -8.33
N ARG A 31 -1.14 17.13 -8.73
CA ARG A 31 -0.78 15.77 -8.36
C ARG A 31 -0.29 15.49 -6.95
N ARG A 32 0.50 16.39 -6.39
CA ARG A 32 1.04 16.17 -5.05
C ARG A 32 0.33 16.91 -3.93
N LYS A 33 -0.47 17.92 -4.27
CA LYS A 33 -1.15 18.70 -3.26
C LYS A 33 -2.67 18.51 -3.25
N LEU A 34 -3.26 18.48 -4.44
CA LEU A 34 -4.70 18.35 -4.56
C LEU A 34 -5.18 16.92 -4.79
N GLY A 35 -4.25 15.99 -4.95
CA GLY A 35 -4.63 14.61 -5.18
C GLY A 35 -5.35 14.34 -6.49
N LEU A 36 -5.24 15.25 -7.44
CA LEU A 36 -5.89 15.08 -8.74
C LEU A 36 -4.82 14.56 -9.71
N ARG A 37 -4.74 13.23 -9.81
CA ARG A 37 -3.74 12.58 -10.63
C ARG A 37 -4.14 12.23 -12.07
N GLY A 38 -5.26 12.77 -12.53
CA GLY A 38 -5.70 12.50 -13.88
C GLY A 38 -4.74 13.15 -14.88
N THR A 39 -4.18 14.30 -14.51
CA THR A 39 -3.24 15.03 -15.35
C THR A 39 -1.89 14.33 -15.16
N LYS A 40 -1.24 13.98 -16.28
CA LYS A 40 0.03 13.24 -16.24
C LYS A 40 1.30 13.99 -16.65
N LEU A 41 2.44 13.44 -16.23
CA LEU A 41 3.75 13.99 -16.62
C LEU A 41 4.21 13.05 -17.74
N GLY A 42 4.46 13.62 -18.92
CA GLY A 42 4.92 12.81 -20.03
C GLY A 42 6.28 13.24 -20.57
N CYS A 43 6.62 14.51 -20.40
CA CYS A 43 7.89 15.02 -20.88
C CYS A 43 8.37 16.23 -20.08
N GLY A 44 7.44 17.02 -19.58
CA GLY A 44 7.81 18.20 -18.82
C GLY A 44 8.35 19.36 -19.66
N GLU A 45 8.32 19.22 -20.98
CA GLU A 45 8.83 20.27 -21.85
C GLU A 45 7.85 20.79 -22.90
N GLY A 46 6.55 20.73 -22.58
CA GLY A 46 5.52 21.23 -23.46
C GLY A 46 5.20 20.47 -24.72
N GLY A 47 5.87 19.35 -24.97
CA GLY A 47 5.63 18.61 -26.20
C GLY A 47 4.63 17.47 -26.28
N CYS A 48 4.47 16.67 -25.23
CA CYS A 48 3.53 15.55 -25.31
C CYS A 48 2.06 15.96 -25.12
N GLY A 49 1.83 17.00 -24.32
CA GLY A 49 0.47 17.44 -24.06
C GLY A 49 -0.26 16.59 -23.03
N ALA A 50 0.40 15.57 -22.48
CA ALA A 50 -0.24 14.70 -21.49
C ALA A 50 -0.67 15.45 -20.23
N CYS A 51 -0.09 16.62 -20.01
CA CYS A 51 -0.40 17.45 -18.84
C CYS A 51 -1.40 18.55 -19.15
N THR A 52 -2.06 18.45 -20.29
CA THR A 52 -3.01 19.47 -20.71
C THR A 52 -4.22 19.66 -19.80
N VAL A 53 -4.50 20.92 -19.47
CA VAL A 53 -5.64 21.28 -18.65
C VAL A 53 -6.27 22.51 -19.31
N MET A 54 -7.46 22.88 -18.85
CA MET A 54 -8.10 24.07 -19.38
C MET A 54 -8.07 25.13 -18.30
N LEU A 55 -7.84 26.36 -18.71
CA LEU A 55 -7.83 27.48 -17.81
C LEU A 55 -8.94 28.42 -18.27
N SER A 56 -9.61 29.04 -17.32
CA SER A 56 -10.66 29.99 -17.63
C SER A 56 -10.39 31.21 -16.79
N LYS A 57 -10.84 32.37 -17.27
CA LYS A 57 -10.61 33.61 -16.54
C LYS A 57 -11.45 34.71 -17.15
N TYR A 58 -11.68 35.77 -16.38
CA TYR A 58 -12.43 36.89 -16.90
C TYR A 58 -11.41 37.86 -17.47
N ASP A 59 -11.47 38.10 -18.78
CA ASP A 59 -10.55 39.02 -19.42
C ASP A 59 -11.06 40.44 -19.25
N ARG A 60 -10.38 41.20 -18.40
CA ARG A 60 -10.74 42.59 -18.12
C ARG A 60 -10.80 43.45 -19.37
N LEU A 61 -9.79 43.34 -20.22
CA LEU A 61 -9.74 44.13 -21.46
C LEU A 61 -10.85 43.75 -22.44
N GLN A 62 -11.24 42.49 -22.43
CA GLN A 62 -12.29 42.02 -23.32
C GLN A 62 -13.66 42.02 -22.65
N ASP A 63 -13.67 42.06 -21.32
CA ASP A 63 -14.91 42.05 -20.56
C ASP A 63 -15.70 40.79 -20.95
N LYS A 64 -15.04 39.65 -20.83
CA LYS A 64 -15.65 38.37 -21.18
C LYS A 64 -14.84 37.24 -20.54
N ILE A 65 -15.47 36.07 -20.41
CA ILE A 65 -14.77 34.92 -19.86
C ILE A 65 -14.14 34.20 -21.04
N ILE A 66 -12.88 33.81 -20.90
CA ILE A 66 -12.18 33.12 -21.96
C ILE A 66 -11.65 31.78 -21.48
N HIS A 67 -11.71 30.79 -22.35
CA HIS A 67 -11.24 29.43 -22.05
C HIS A 67 -10.10 29.05 -22.98
N PHE A 68 -9.05 28.46 -22.42
CA PHE A 68 -7.91 28.06 -23.24
C PHE A 68 -7.10 26.95 -22.60
N SER A 69 -6.51 26.10 -23.43
CA SER A 69 -5.72 24.99 -22.91
C SER A 69 -4.36 25.48 -22.45
N ALA A 70 -3.60 24.60 -21.81
CA ALA A 70 -2.28 24.95 -21.31
C ALA A 70 -1.59 23.72 -20.74
N ASN A 71 -0.26 23.74 -20.73
CA ASN A 71 0.49 22.61 -20.18
C ASN A 71 0.70 22.82 -18.69
N ALA A 72 0.12 21.93 -17.88
CA ALA A 72 0.27 22.03 -16.44
C ALA A 72 1.76 21.91 -16.04
N CYS A 73 2.53 21.16 -16.81
CA CYS A 73 3.96 20.98 -16.52
C CYS A 73 4.78 22.26 -16.60
N LEU A 74 4.29 23.26 -17.34
CA LEU A 74 5.02 24.51 -17.50
C LEU A 74 4.31 25.72 -16.91
N ALA A 75 3.10 25.55 -16.43
CA ALA A 75 2.36 26.66 -15.85
C ALA A 75 2.64 26.85 -14.37
N PRO A 76 3.30 27.96 -13.99
CA PRO A 76 3.61 28.21 -12.57
C PRO A 76 2.29 28.56 -11.89
N ILE A 77 1.99 27.95 -10.75
CA ILE A 77 0.72 28.26 -10.10
C ILE A 77 0.66 29.75 -9.77
N CYS A 78 1.81 30.38 -9.63
CA CYS A 78 1.84 31.80 -9.30
C CYS A 78 1.32 32.70 -10.42
N THR A 79 1.07 32.14 -11.60
CA THR A 79 0.52 32.94 -12.69
C THR A 79 -0.97 32.75 -12.72
N LEU A 80 -1.46 31.83 -11.89
CA LEU A 80 -2.89 31.49 -11.86
C LEU A 80 -3.79 32.20 -10.85
N HIS A 81 -3.30 33.26 -10.21
CA HIS A 81 -4.14 33.95 -9.24
C HIS A 81 -5.45 34.36 -9.92
N HIS A 82 -6.57 33.91 -9.34
CA HIS A 82 -7.92 34.18 -9.83
C HIS A 82 -8.23 33.58 -11.19
N VAL A 83 -7.66 32.42 -11.45
CA VAL A 83 -7.91 31.71 -12.69
C VAL A 83 -8.62 30.43 -12.30
N ALA A 84 -9.49 29.91 -13.17
CA ALA A 84 -10.20 28.70 -12.87
C ALA A 84 -9.66 27.56 -13.73
N VAL A 85 -9.10 26.55 -13.06
CA VAL A 85 -8.54 25.40 -13.75
C VAL A 85 -9.57 24.31 -13.88
N THR A 86 -9.53 23.59 -15.00
CA THR A 86 -10.42 22.48 -15.25
C THR A 86 -9.57 21.31 -15.72
N THR A 87 -9.58 20.22 -14.95
CA THR A 87 -8.81 19.04 -15.29
C THR A 87 -9.77 18.00 -15.84
N VAL A 88 -9.26 16.84 -16.21
CA VAL A 88 -10.12 15.81 -16.75
C VAL A 88 -11.14 15.33 -15.71
N GLU A 89 -10.80 15.45 -14.43
CA GLU A 89 -11.71 15.02 -13.36
C GLU A 89 -12.87 16.00 -13.20
N GLY A 90 -12.68 17.21 -13.71
CA GLY A 90 -13.70 18.22 -13.61
C GLY A 90 -14.78 18.21 -14.69
N ILE A 91 -14.65 17.33 -15.69
CA ILE A 91 -15.66 17.31 -16.75
C ILE A 91 -16.50 16.03 -16.75
N GLY A 92 -16.05 15.02 -16.01
CA GLY A 92 -16.80 13.78 -15.95
C GLY A 92 -15.97 12.60 -15.46
N SER A 93 -16.65 11.51 -15.13
CA SER A 93 -15.99 10.30 -14.66
C SER A 93 -16.94 9.13 -14.73
N THR A 94 -16.40 7.92 -14.59
CA THR A 94 -17.24 6.74 -14.64
C THR A 94 -18.07 6.58 -13.36
N LYS A 95 -17.70 7.30 -12.30
CA LYS A 95 -18.44 7.22 -11.04
C LYS A 95 -19.69 8.06 -11.15
N THR A 96 -19.62 9.11 -11.96
CA THR A 96 -20.75 9.99 -12.18
C THR A 96 -21.26 9.73 -13.59
N ARG A 97 -20.82 10.55 -14.54
CA ARG A 97 -21.21 10.39 -15.93
C ARG A 97 -20.09 10.94 -16.80
N LEU A 98 -19.74 10.21 -17.84
CA LEU A 98 -18.67 10.64 -18.75
C LEU A 98 -19.15 11.79 -19.63
N HIS A 99 -18.29 12.78 -19.80
CA HIS A 99 -18.60 13.90 -20.67
C HIS A 99 -18.60 13.31 -22.10
N PRO A 100 -19.32 13.95 -23.04
CA PRO A 100 -19.32 13.39 -24.40
C PRO A 100 -17.90 13.16 -24.94
N VAL A 101 -16.98 14.07 -24.65
CA VAL A 101 -15.60 13.94 -25.13
C VAL A 101 -14.98 12.63 -24.62
N GLN A 102 -15.11 12.38 -23.31
CA GLN A 102 -14.55 11.16 -22.73
C GLN A 102 -15.24 9.92 -23.30
N GLU A 103 -16.56 9.99 -23.43
CA GLU A 103 -17.33 8.88 -23.96
C GLU A 103 -16.95 8.48 -25.40
N ARG A 104 -16.79 9.48 -26.26
CA ARG A 104 -16.49 9.20 -27.66
C ARG A 104 -15.09 8.63 -27.88
N ILE A 105 -14.08 9.21 -27.25
CA ILE A 105 -12.73 8.69 -27.44
C ILE A 105 -12.61 7.25 -26.94
N ALA A 106 -13.38 6.91 -25.90
CA ALA A 106 -13.34 5.55 -25.37
C ALA A 106 -14.10 4.57 -26.25
N LYS A 107 -15.31 4.95 -26.67
CA LYS A 107 -16.11 4.07 -27.52
C LYS A 107 -15.52 3.91 -28.93
N SER A 108 -14.79 4.93 -29.37
CA SER A 108 -14.17 4.93 -30.70
C SER A 108 -12.83 4.20 -30.74
N HIS A 109 -12.41 3.66 -29.60
CA HIS A 109 -11.15 2.93 -29.50
C HIS A 109 -9.99 3.90 -29.69
N GLY A 110 -10.17 5.12 -29.19
CA GLY A 110 -9.15 6.13 -29.30
C GLY A 110 -8.20 6.08 -28.11
N SER A 111 -8.37 5.07 -27.26
CA SER A 111 -7.53 4.92 -26.08
C SER A 111 -7.00 3.50 -25.95
N GLN A 112 -5.68 3.36 -25.82
CA GLN A 112 -5.07 2.07 -25.66
C GLN A 112 -4.37 1.97 -24.31
N CYS A 113 -3.15 2.48 -24.19
CA CYS A 113 -2.48 2.43 -22.89
C CYS A 113 -3.19 3.47 -22.04
N GLY A 114 -3.72 4.49 -22.71
CA GLY A 114 -4.48 5.54 -22.05
C GLY A 114 -3.73 6.67 -21.36
N PHE A 115 -2.40 6.62 -21.33
CA PHE A 115 -1.65 7.66 -20.64
C PHE A 115 -1.84 9.05 -21.23
N CYS A 116 -2.13 9.10 -22.53
CA CYS A 116 -2.30 10.37 -23.22
C CYS A 116 -3.76 10.83 -23.29
N THR A 117 -4.68 9.93 -22.96
CA THR A 117 -6.10 10.24 -23.06
C THR A 117 -6.56 11.50 -22.34
N PRO A 118 -6.22 11.65 -21.06
CA PRO A 118 -6.66 12.86 -20.36
C PRO A 118 -6.25 14.16 -21.09
N GLY A 119 -4.98 14.25 -21.44
CA GLY A 119 -4.50 15.45 -22.13
C GLY A 119 -5.23 15.71 -23.43
N ILE A 120 -5.46 14.66 -24.20
CA ILE A 120 -6.15 14.77 -25.48
C ILE A 120 -7.62 15.13 -25.24
N VAL A 121 -8.21 14.53 -24.21
CA VAL A 121 -9.58 14.84 -23.85
C VAL A 121 -9.71 16.32 -23.54
N MET A 122 -8.76 16.87 -22.80
CA MET A 122 -8.81 18.28 -22.44
C MET A 122 -8.60 19.25 -23.60
N SER A 123 -7.84 18.82 -24.61
CA SER A 123 -7.63 19.69 -25.77
C SER A 123 -8.96 19.75 -26.51
N MET A 124 -9.57 18.58 -26.72
CA MET A 124 -10.85 18.49 -27.42
C MET A 124 -11.89 19.28 -26.62
N TYR A 125 -11.96 19.02 -25.32
CA TYR A 125 -12.90 19.71 -24.45
C TYR A 125 -12.76 21.22 -24.58
N THR A 126 -11.52 21.71 -24.48
CA THR A 126 -11.26 23.14 -24.56
C THR A 126 -11.73 23.71 -25.89
N LEU A 127 -11.60 22.94 -26.96
CA LEU A 127 -12.05 23.40 -28.27
C LEU A 127 -13.56 23.56 -28.18
N LEU A 128 -14.25 22.50 -27.76
CA LEU A 128 -15.70 22.56 -27.63
C LEU A 128 -16.18 23.72 -26.75
N ARG A 129 -15.42 24.05 -25.72
CA ARG A 129 -15.82 25.16 -24.86
C ARG A 129 -15.63 26.51 -25.55
N ASN A 130 -14.93 26.51 -26.68
CA ASN A 130 -14.70 27.73 -27.45
C ASN A 130 -15.60 27.72 -28.66
N GLN A 131 -15.77 26.53 -29.24
CA GLN A 131 -16.60 26.33 -30.42
C GLN A 131 -17.36 25.02 -30.28
N PRO A 132 -18.62 25.07 -29.84
CA PRO A 132 -19.51 23.92 -29.64
C PRO A 132 -19.70 23.06 -30.89
N GLU A 133 -19.51 23.66 -32.05
CA GLU A 133 -19.69 22.95 -33.31
C GLU A 133 -18.54 23.33 -34.23
N PRO A 134 -17.34 22.78 -33.96
CA PRO A 134 -16.12 23.02 -34.72
C PRO A 134 -16.07 22.26 -36.04
N THR A 135 -15.27 22.75 -36.98
CA THR A 135 -15.13 22.08 -38.27
C THR A 135 -14.04 21.03 -38.13
N VAL A 136 -13.99 20.10 -39.07
CA VAL A 136 -12.99 19.04 -39.05
C VAL A 136 -11.59 19.61 -38.89
N GLU A 137 -11.33 20.74 -39.56
CA GLU A 137 -10.01 21.36 -39.49
C GLU A 137 -9.68 21.86 -38.10
N GLU A 138 -10.65 22.49 -37.44
CA GLU A 138 -10.45 23.00 -36.08
C GLU A 138 -10.15 21.83 -35.14
N ILE A 139 -10.86 20.72 -35.35
CA ILE A 139 -10.68 19.54 -34.52
C ILE A 139 -9.27 18.99 -34.69
N GLU A 140 -8.80 18.94 -35.93
CA GLU A 140 -7.48 18.42 -36.21
C GLU A 140 -6.38 19.30 -35.63
N ASP A 141 -6.58 20.62 -35.66
CA ASP A 141 -5.59 21.55 -35.15
C ASP A 141 -5.57 21.64 -33.62
N ALA A 142 -6.60 21.09 -32.98
CA ALA A 142 -6.65 21.13 -31.52
C ALA A 142 -5.57 20.27 -30.90
N PHE A 143 -4.99 19.36 -31.70
CA PHE A 143 -3.98 18.46 -31.16
C PHE A 143 -2.54 18.64 -31.64
N GLN A 144 -2.22 19.83 -32.14
CA GLN A 144 -0.86 20.12 -32.61
C GLN A 144 0.11 19.81 -31.48
N GLY A 145 -0.36 19.94 -30.24
CA GLY A 145 0.50 19.69 -29.10
C GLY A 145 0.21 18.47 -28.24
N ASN A 146 -0.37 17.42 -28.83
CA ASN A 146 -0.65 16.19 -28.07
C ASN A 146 -0.06 14.98 -28.79
N LEU A 147 0.63 14.13 -28.05
CA LEU A 147 1.23 12.94 -28.64
C LEU A 147 0.63 11.64 -28.10
N CYS A 148 0.57 10.63 -28.96
CA CYS A 148 0.06 9.32 -28.60
C CYS A 148 0.92 8.29 -29.32
N ARG A 149 1.46 7.35 -28.56
CA ARG A 149 2.31 6.29 -29.11
C ARG A 149 1.60 5.00 -29.47
N CYS A 150 0.40 4.80 -28.92
CA CYS A 150 -0.34 3.57 -29.13
C CYS A 150 -1.32 3.43 -30.28
N THR A 151 -2.14 4.47 -30.47
CA THR A 151 -3.23 4.41 -31.45
C THR A 151 -3.07 4.60 -32.95
N GLY A 152 -2.11 5.40 -33.39
CA GLY A 152 -1.99 5.63 -34.82
C GLY A 152 -2.89 6.82 -35.11
N TYR A 153 -3.40 7.41 -34.04
CA TYR A 153 -4.25 8.59 -34.07
C TYR A 153 -5.60 8.52 -34.81
N ARG A 154 -5.70 7.67 -35.82
CA ARG A 154 -6.93 7.54 -36.60
C ARG A 154 -8.24 7.44 -35.78
N PRO A 155 -8.31 6.50 -34.82
CA PRO A 155 -9.53 6.35 -34.00
C PRO A 155 -9.91 7.61 -33.26
N ILE A 156 -8.92 8.30 -32.70
CA ILE A 156 -9.16 9.53 -31.96
C ILE A 156 -9.80 10.60 -32.84
N LEU A 157 -9.25 10.83 -34.03
CA LEU A 157 -9.78 11.83 -34.93
C LEU A 157 -11.16 11.43 -35.50
N GLN A 158 -11.29 10.16 -35.85
CA GLN A 158 -12.56 9.69 -36.40
C GLN A 158 -13.68 9.79 -35.37
N GLY A 159 -13.37 9.47 -34.11
CA GLY A 159 -14.38 9.55 -33.08
C GLY A 159 -14.75 10.99 -32.80
N PHE A 160 -13.74 11.87 -32.80
CA PHE A 160 -13.96 13.28 -32.53
C PHE A 160 -14.58 14.07 -33.68
N ARG A 161 -14.45 13.59 -34.91
CA ARG A 161 -15.03 14.31 -36.03
C ARG A 161 -16.55 14.31 -35.91
N THR A 162 -17.10 13.37 -35.13
CA THR A 162 -18.55 13.33 -34.95
C THR A 162 -19.06 14.59 -34.27
N PHE A 163 -18.15 15.36 -33.69
CA PHE A 163 -18.54 16.62 -33.03
C PHE A 163 -18.75 17.73 -34.06
N ALA A 164 -18.26 17.52 -35.27
CA ALA A 164 -18.38 18.54 -36.32
C ALA A 164 -19.80 18.62 -36.89
N PRO A 193 -19.61 -4.48 -41.17
CA PRO A 193 -19.79 -4.12 -39.74
C PRO A 193 -18.87 -2.95 -39.40
N SER A 194 -19.23 -2.18 -38.39
CA SER A 194 -18.43 -1.02 -37.98
C SER A 194 -17.77 -1.22 -36.62
N LEU A 195 -16.73 -0.43 -36.35
CA LEU A 195 -16.02 -0.53 -35.07
C LEU A 195 -16.77 0.18 -33.94
N PHE A 196 -17.57 1.18 -34.29
CA PHE A 196 -18.35 1.88 -33.29
C PHE A 196 -19.55 2.55 -33.94
N ASN A 197 -20.53 2.95 -33.13
CA ASN A 197 -21.75 3.57 -33.65
C ASN A 197 -22.04 4.95 -33.06
N PRO A 198 -21.72 6.01 -33.82
CA PRO A 198 -21.92 7.41 -33.41
C PRO A 198 -23.34 7.69 -32.94
N GLU A 199 -24.28 6.86 -33.38
CA GLU A 199 -25.68 7.04 -33.00
C GLU A 199 -25.93 6.86 -31.50
N GLU A 200 -25.04 6.14 -30.82
CA GLU A 200 -25.17 5.90 -29.39
C GLU A 200 -24.57 7.07 -28.61
N PHE A 201 -23.79 7.90 -29.30
CA PHE A 201 -23.13 9.04 -28.69
C PHE A 201 -24.07 10.10 -28.15
N MET A 202 -23.86 10.48 -26.91
CA MET A 202 -24.66 11.49 -26.26
C MET A 202 -24.31 12.87 -26.80
N PRO A 203 -25.32 13.63 -27.25
CA PRO A 203 -25.12 14.98 -27.80
C PRO A 203 -24.44 15.91 -26.80
N LEU A 204 -23.67 16.86 -27.31
CA LEU A 204 -22.98 17.82 -26.47
C LEU A 204 -24.00 18.89 -26.09
N ASP A 205 -24.03 19.28 -24.83
CA ASP A 205 -24.97 20.30 -24.38
C ASP A 205 -24.27 21.31 -23.50
N PRO A 206 -23.87 22.46 -24.07
CA PRO A 206 -23.18 23.53 -23.36
C PRO A 206 -23.88 24.01 -22.09
N THR A 207 -25.21 24.02 -22.12
CA THR A 207 -25.97 24.49 -20.96
C THR A 207 -25.66 23.65 -19.72
N GLN A 208 -25.19 22.42 -19.93
CA GLN A 208 -24.88 21.53 -18.82
C GLN A 208 -23.40 21.52 -18.40
N GLU A 209 -22.60 22.44 -18.93
CA GLU A 209 -21.20 22.51 -18.57
C GLU A 209 -21.03 23.30 -17.27
N PRO A 210 -19.96 23.01 -16.50
CA PRO A 210 -19.71 23.70 -15.24
C PRO A 210 -19.68 25.22 -15.43
N ILE A 211 -20.26 25.94 -14.47
CA ILE A 211 -20.30 27.39 -14.53
C ILE A 211 -18.99 27.99 -14.06
N PHE A 212 -18.68 29.19 -14.55
CA PHE A 212 -17.47 29.88 -14.16
C PHE A 212 -17.65 30.24 -12.69
N PRO A 213 -16.67 29.88 -11.84
CA PRO A 213 -16.75 30.18 -10.41
C PRO A 213 -17.37 31.55 -10.12
N PRO A 214 -18.58 31.55 -9.55
CA PRO A 214 -19.32 32.78 -9.23
C PRO A 214 -18.51 33.76 -8.38
N GLU A 215 -17.61 33.24 -7.56
CA GLU A 215 -16.80 34.10 -6.71
C GLU A 215 -15.81 34.93 -7.53
N LEU A 216 -15.19 34.30 -8.52
CA LEU A 216 -14.23 34.98 -9.37
C LEU A 216 -14.88 36.12 -10.13
N LEU A 217 -16.08 35.89 -10.65
CA LEU A 217 -16.77 36.91 -11.41
C LEU A 217 -16.99 38.15 -10.55
N ARG A 218 -17.03 37.97 -9.25
CA ARG A 218 -17.24 39.10 -8.34
C ARG A 218 -15.91 39.82 -8.13
N LEU A 219 -14.83 39.05 -8.06
CA LEU A 219 -13.50 39.60 -7.84
C LEU A 219 -12.98 40.40 -9.03
N LYS A 220 -13.78 40.49 -10.09
CA LYS A 220 -13.37 41.25 -11.27
C LYS A 220 -13.59 42.74 -11.05
N ASP A 221 -14.61 43.08 -10.24
CA ASP A 221 -14.92 44.47 -9.95
C ASP A 221 -13.87 45.04 -8.99
N VAL A 222 -13.09 44.17 -8.39
CA VAL A 222 -12.04 44.57 -7.46
C VAL A 222 -10.78 45.00 -8.21
N PRO A 223 -10.21 46.16 -7.85
CA PRO A 223 -8.99 46.67 -8.48
C PRO A 223 -7.81 45.74 -8.28
N PRO A 224 -7.08 45.42 -9.36
CA PRO A 224 -5.91 44.54 -9.30
C PRO A 224 -4.85 45.10 -8.36
N LYS A 225 -4.15 44.23 -7.65
CA LYS A 225 -3.13 44.67 -6.72
C LYS A 225 -1.85 43.85 -6.86
N GLN A 226 -0.71 44.49 -6.66
CA GLN A 226 0.57 43.81 -6.75
C GLN A 226 0.66 42.73 -5.68
N LEU A 227 1.03 41.52 -6.08
CA LEU A 227 1.15 40.42 -5.13
C LEU A 227 2.61 39.99 -5.05
N ARG A 228 2.95 39.33 -3.94
CA ARG A 228 4.30 38.85 -3.72
C ARG A 228 4.23 37.42 -3.17
N PHE A 229 5.00 36.52 -3.76
CA PHE A 229 5.03 35.13 -3.33
C PHE A 229 6.48 34.77 -3.01
N GLU A 230 6.68 34.08 -1.88
CA GLU A 230 8.00 33.69 -1.44
C GLU A 230 8.15 32.18 -1.34
N GLY A 231 9.14 31.65 -2.06
CA GLY A 231 9.39 30.22 -2.06
C GLY A 231 10.73 29.88 -1.44
N GLU A 232 11.15 28.63 -1.57
CA GLU A 232 12.41 28.20 -1.01
C GLU A 232 13.62 28.95 -1.56
N ARG A 233 13.64 29.17 -2.87
CA ARG A 233 14.76 29.86 -3.51
C ARG A 233 14.30 31.03 -4.39
N VAL A 234 13.00 31.19 -4.56
CA VAL A 234 12.51 32.25 -5.43
C VAL A 234 11.45 33.19 -4.87
N THR A 235 11.58 34.46 -5.24
CA THR A 235 10.62 35.48 -4.85
C THR A 235 9.96 35.88 -6.17
N TRP A 236 8.63 35.93 -6.15
CA TRP A 236 7.85 36.26 -7.34
C TRP A 236 6.99 37.49 -7.09
N ILE A 237 7.04 38.43 -8.01
CA ILE A 237 6.26 39.65 -7.88
C ILE A 237 5.31 39.79 -9.07
N GLN A 238 4.02 39.81 -8.79
CA GLN A 238 3.01 39.95 -9.83
C GLN A 238 2.70 41.45 -9.91
N ALA A 239 3.27 42.13 -10.91
CA ALA A 239 3.05 43.57 -11.09
C ALA A 239 1.66 43.86 -11.63
N SER A 240 0.96 44.82 -11.03
CA SER A 240 -0.38 45.16 -11.49
C SER A 240 -0.42 46.32 -12.49
N THR A 241 0.59 47.19 -12.46
CA THR A 241 0.62 48.33 -13.38
C THR A 241 1.98 48.47 -14.07
N LEU A 242 2.00 49.22 -15.17
CA LEU A 242 3.24 49.46 -15.91
C LEU A 242 4.23 50.21 -15.04
N LYS A 243 3.72 51.14 -14.23
CA LYS A 243 4.57 51.92 -13.35
C LYS A 243 5.26 50.97 -12.37
N GLU A 244 4.49 50.07 -11.78
CA GLU A 244 5.04 49.10 -10.85
C GLU A 244 6.16 48.32 -11.53
N LEU A 245 5.87 47.75 -12.69
CA LEU A 245 6.86 46.98 -13.45
C LEU A 245 8.16 47.74 -13.68
N LEU A 246 8.05 48.97 -14.16
CA LEU A 246 9.24 49.78 -14.43
C LEU A 246 10.00 50.07 -13.13
N ASP A 247 9.29 50.33 -12.04
CA ASP A 247 9.94 50.58 -10.76
C ASP A 247 10.73 49.33 -10.37
N LEU A 248 10.04 48.19 -10.43
CA LEU A 248 10.63 46.89 -10.09
C LEU A 248 11.86 46.59 -10.92
N LYS A 249 11.80 46.89 -12.21
CA LYS A 249 12.93 46.64 -13.11
C LYS A 249 14.10 47.55 -12.76
N ALA A 250 13.79 48.80 -12.43
CA ALA A 250 14.81 49.75 -12.06
C ALA A 250 15.39 49.28 -10.73
N GLN A 251 14.50 49.07 -9.76
CA GLN A 251 14.86 48.60 -8.43
C GLN A 251 15.59 47.26 -8.40
N HIS A 252 15.21 46.37 -9.30
CA HIS A 252 15.84 45.05 -9.37
C HIS A 252 16.14 44.67 -10.82
N PRO A 253 17.27 45.17 -11.34
CA PRO A 253 17.69 44.89 -12.73
C PRO A 253 17.86 43.40 -13.03
N GLU A 254 18.31 42.64 -12.03
CA GLU A 254 18.53 41.22 -12.20
C GLU A 254 17.25 40.40 -12.23
N ALA A 255 16.14 41.01 -11.83
CA ALA A 255 14.85 40.32 -11.80
C ALA A 255 14.51 39.76 -13.18
N LYS A 256 14.05 38.52 -13.21
CA LYS A 256 13.70 37.86 -14.46
C LYS A 256 12.19 37.97 -14.72
N LEU A 257 11.84 38.46 -15.90
CA LEU A 257 10.44 38.58 -16.26
C LEU A 257 9.93 37.23 -16.69
N VAL A 258 8.65 36.97 -16.42
CA VAL A 258 8.05 35.72 -16.80
C VAL A 258 6.59 35.97 -17.15
N VAL A 259 6.16 35.43 -18.28
CA VAL A 259 4.77 35.58 -18.68
C VAL A 259 4.21 34.17 -18.87
N GLY A 260 4.57 33.52 -19.97
CA GLY A 260 4.08 32.16 -20.20
C GLY A 260 4.97 31.10 -19.58
N ASN A 261 6.20 31.49 -19.24
CA ASN A 261 7.15 30.56 -18.64
C ASN A 261 7.50 29.37 -19.52
N THR A 262 7.09 29.39 -20.79
CA THR A 262 7.38 28.27 -21.68
C THR A 262 8.85 28.23 -22.06
N GLU A 263 9.60 29.24 -21.65
CA GLU A 263 11.02 29.31 -21.95
C GLU A 263 11.81 29.19 -20.64
N ILE A 264 11.40 29.98 -19.66
CA ILE A 264 12.06 29.99 -18.36
C ILE A 264 11.93 28.65 -17.62
N GLY A 265 10.77 28.02 -17.73
CA GLY A 265 10.58 26.73 -17.07
C GLY A 265 11.60 25.73 -17.60
N ILE A 266 11.88 25.81 -18.89
CA ILE A 266 12.86 24.92 -19.52
C ILE A 266 14.25 25.27 -18.99
N GLU A 267 14.53 26.55 -18.86
CA GLU A 267 15.84 26.98 -18.39
C GLU A 267 16.10 26.48 -16.97
N MET A 268 15.12 26.65 -16.10
CA MET A 268 15.29 26.20 -14.72
C MET A 268 15.25 24.68 -14.63
N LYS A 269 14.33 24.07 -15.34
CA LYS A 269 14.20 22.62 -15.31
C LYS A 269 15.37 21.89 -15.97
N PHE A 270 15.70 22.28 -17.20
CA PHE A 270 16.77 21.61 -17.92
C PHE A 270 18.11 22.34 -18.05
N LYS A 271 18.09 23.66 -17.99
CA LYS A 271 19.33 24.42 -18.13
C LYS A 271 20.03 24.76 -16.82
N ASN A 272 19.59 24.13 -15.73
CA ASN A 272 20.20 24.36 -14.43
C ASN A 272 20.31 25.84 -14.10
N GLN A 273 19.25 26.60 -14.37
CA GLN A 273 19.26 28.02 -14.08
C GLN A 273 18.43 28.31 -12.82
N LEU A 274 18.75 29.41 -12.15
CA LEU A 274 18.05 29.81 -10.94
C LEU A 274 17.94 31.32 -10.88
N PHE A 275 16.72 31.83 -10.97
CA PHE A 275 16.47 33.27 -10.91
C PHE A 275 15.83 33.60 -9.57
N PRO A 276 16.63 34.08 -8.59
CA PRO A 276 16.17 34.44 -7.25
C PRO A 276 14.92 35.29 -7.25
N MET A 277 14.83 36.23 -8.18
CA MET A 277 13.66 37.09 -8.25
C MET A 277 13.01 37.05 -9.63
N ILE A 278 11.69 36.99 -9.63
CA ILE A 278 10.90 36.94 -10.85
C ILE A 278 9.79 37.95 -10.81
N ILE A 279 9.55 38.59 -11.95
CA ILE A 279 8.47 39.57 -12.05
C ILE A 279 7.54 39.17 -13.19
N CYS A 280 6.28 38.95 -12.86
CA CYS A 280 5.31 38.58 -13.87
C CYS A 280 4.46 39.82 -14.16
N PRO A 281 4.56 40.37 -15.39
CA PRO A 281 3.80 41.54 -15.81
C PRO A 281 2.52 41.21 -16.58
N ALA A 282 2.22 39.92 -16.65
CA ALA A 282 1.05 39.44 -17.38
C ALA A 282 -0.24 40.25 -17.23
N TRP A 283 -0.45 40.85 -16.07
CA TRP A 283 -1.68 41.63 -15.83
C TRP A 283 -1.73 43.01 -16.46
N ILE A 284 -0.58 43.66 -16.55
CA ILE A 284 -0.50 45.02 -17.10
C ILE A 284 -1.24 45.21 -18.41
N PRO A 285 -2.20 46.15 -18.44
CA PRO A 285 -3.01 46.49 -19.61
C PRO A 285 -2.20 46.79 -20.86
N GLU A 286 -1.16 47.60 -20.72
CA GLU A 286 -0.31 47.99 -21.84
C GLU A 286 0.36 46.79 -22.53
N LEU A 287 0.74 45.78 -21.74
CA LEU A 287 1.40 44.60 -22.29
C LEU A 287 0.39 43.66 -22.92
N ASN A 288 -0.88 44.06 -22.92
CA ASN A 288 -1.94 43.24 -23.47
C ASN A 288 -2.81 43.97 -24.48
N ALA A 289 -2.58 45.27 -24.65
CA ALA A 289 -3.38 46.06 -25.58
C ALA A 289 -3.10 45.73 -27.05
N VAL A 290 -4.13 45.87 -27.87
CA VAL A 290 -4.02 45.64 -29.31
C VAL A 290 -4.55 46.89 -30.01
N GLU A 291 -3.65 47.62 -30.66
CA GLU A 291 -4.03 48.84 -31.35
C GLU A 291 -3.82 48.78 -32.86
N HIS A 292 -4.88 49.11 -33.59
CA HIS A 292 -4.85 49.11 -35.04
C HIS A 292 -4.51 50.51 -35.52
N GLY A 293 -3.23 50.71 -35.86
CA GLY A 293 -2.79 52.00 -36.33
C GLY A 293 -2.71 52.08 -37.85
N PRO A 294 -2.22 53.20 -38.38
CA PRO A 294 -2.09 53.40 -39.83
C PRO A 294 -0.89 52.68 -40.47
N GLU A 295 0.14 52.41 -39.67
CA GLU A 295 1.34 51.73 -40.16
C GLU A 295 1.25 50.21 -39.99
N GLY A 296 0.35 49.77 -39.13
CA GLY A 296 0.20 48.34 -38.88
C GLY A 296 -0.56 48.04 -37.61
N ILE A 297 -0.42 46.82 -37.11
CA ILE A 297 -1.11 46.42 -35.89
C ILE A 297 -0.14 46.23 -34.72
N SER A 298 -0.45 46.88 -33.61
CA SER A 298 0.39 46.84 -32.42
C SER A 298 -0.14 45.89 -31.33
N PHE A 299 0.74 45.00 -30.87
CA PHE A 299 0.38 44.06 -29.82
C PHE A 299 1.27 44.30 -28.61
N GLY A 300 0.69 44.24 -27.42
CA GLY A 300 1.46 44.40 -26.21
C GLY A 300 2.37 43.18 -26.14
N ALA A 301 3.53 43.33 -25.52
CA ALA A 301 4.49 42.24 -25.42
C ALA A 301 4.00 40.96 -24.71
N ALA A 302 2.99 41.11 -23.86
CA ALA A 302 2.46 39.96 -23.14
C ALA A 302 1.36 39.22 -23.91
N CYS A 303 0.91 39.79 -25.02
CA CYS A 303 -0.13 39.13 -25.81
C CYS A 303 0.32 37.72 -26.19
N ALA A 304 -0.57 36.77 -25.97
CA ALA A 304 -0.30 35.38 -26.29
C ALA A 304 -0.33 35.20 -27.80
N LEU A 305 0.52 34.30 -28.30
CA LEU A 305 0.60 34.05 -29.72
C LEU A 305 -0.75 33.66 -30.34
N SER A 306 -1.60 33.00 -29.55
CA SER A 306 -2.91 32.60 -30.05
C SER A 306 -3.75 33.85 -30.33
N SER A 307 -3.52 34.91 -29.55
CA SER A 307 -4.26 36.16 -29.75
C SER A 307 -3.71 36.87 -31.01
N VAL A 308 -2.39 36.89 -31.12
CA VAL A 308 -1.75 37.50 -32.27
C VAL A 308 -2.25 36.78 -33.52
N GLU A 309 -2.29 35.45 -33.43
CA GLU A 309 -2.75 34.62 -34.53
C GLU A 309 -4.22 34.88 -34.88
N LYS A 310 -5.06 35.07 -33.87
CA LYS A 310 -6.48 35.34 -34.11
C LYS A 310 -6.67 36.74 -34.67
N THR A 311 -5.99 37.72 -34.09
CA THR A 311 -6.10 39.08 -34.55
C THR A 311 -5.60 39.20 -36.01
N LEU A 312 -4.48 38.57 -36.31
CA LEU A 312 -3.94 38.62 -37.66
C LEU A 312 -4.81 37.90 -38.69
N LEU A 313 -5.40 36.77 -38.30
CA LEU A 313 -6.26 36.05 -39.22
C LEU A 313 -7.42 36.95 -39.61
N GLU A 314 -7.90 37.72 -38.65
CA GLU A 314 -9.02 38.64 -38.87
C GLU A 314 -8.61 39.74 -39.84
N ALA A 315 -7.44 40.33 -39.59
CA ALA A 315 -6.93 41.40 -40.45
C ALA A 315 -6.78 40.92 -41.88
N VAL A 316 -6.31 39.69 -42.06
CA VAL A 316 -6.12 39.13 -43.39
C VAL A 316 -7.45 38.92 -44.12
N ALA A 317 -8.49 38.58 -43.37
CA ALA A 317 -9.79 38.34 -43.97
C ALA A 317 -10.50 39.63 -44.36
N LYS A 318 -10.26 40.70 -43.62
CA LYS A 318 -10.91 41.98 -43.89
C LYS A 318 -10.11 42.97 -44.73
N LEU A 319 -8.78 42.95 -44.60
CA LEU A 319 -7.93 43.89 -45.34
C LEU A 319 -7.50 43.40 -46.71
N PRO A 320 -7.18 44.34 -47.62
CA PRO A 320 -6.75 44.00 -48.97
C PRO A 320 -5.51 43.11 -48.89
N THR A 321 -5.44 42.12 -49.76
CA THR A 321 -4.32 41.20 -49.78
C THR A 321 -2.96 41.90 -49.88
N GLN A 322 -2.92 43.02 -50.61
CA GLN A 322 -1.66 43.73 -50.77
C GLN A 322 -1.14 44.40 -49.51
N LYS A 323 -2.00 44.54 -48.51
CA LYS A 323 -1.61 45.16 -47.25
C LYS A 323 -1.25 44.16 -46.15
N THR A 324 -1.50 42.88 -46.40
CA THR A 324 -1.24 41.85 -45.39
C THR A 324 -0.14 40.84 -45.71
N GLU A 325 0.85 41.23 -46.52
CA GLU A 325 1.93 40.31 -46.88
C GLU A 325 2.72 39.86 -45.65
N VAL A 326 3.07 40.79 -44.76
CA VAL A 326 3.81 40.43 -43.56
C VAL A 326 2.92 39.59 -42.64
N PHE A 327 1.70 40.07 -42.40
CA PHE A 327 0.75 39.36 -41.55
C PHE A 327 0.67 37.89 -41.94
N ARG A 328 0.51 37.63 -43.23
CA ARG A 328 0.43 36.26 -43.72
C ARG A 328 1.75 35.52 -43.50
N GLY A 329 2.84 36.27 -43.41
CA GLY A 329 4.13 35.65 -43.16
C GLY A 329 4.10 35.14 -41.73
N VAL A 330 3.72 36.03 -40.82
CA VAL A 330 3.63 35.69 -39.40
C VAL A 330 2.72 34.47 -39.21
N LEU A 331 1.54 34.51 -39.83
CA LEU A 331 0.59 33.42 -39.70
C LEU A 331 1.12 32.07 -40.20
N GLU A 332 1.85 32.09 -41.30
CA GLU A 332 2.40 30.84 -41.84
C GLU A 332 3.36 30.19 -40.85
N GLN A 333 4.13 31.01 -40.14
CA GLN A 333 5.06 30.46 -39.15
C GLN A 333 4.26 29.94 -37.95
N LEU A 334 3.24 30.68 -37.52
CA LEU A 334 2.42 30.28 -36.38
C LEU A 334 1.66 28.98 -36.58
N ARG A 335 1.43 28.58 -37.83
CA ARG A 335 0.72 27.34 -38.13
C ARG A 335 1.50 26.16 -37.58
N TRP A 336 2.82 26.23 -37.74
CA TRP A 336 3.71 25.17 -37.31
C TRP A 336 4.55 25.60 -36.12
N PHE A 337 3.92 26.35 -35.23
CA PHE A 337 4.57 26.86 -34.05
C PHE A 337 3.92 26.22 -32.81
N ALA A 338 4.53 25.16 -32.29
CA ALA A 338 4.01 24.49 -31.11
C ALA A 338 2.53 24.14 -31.28
N GLY A 339 1.87 23.88 -30.16
CA GLY A 339 0.46 23.55 -30.21
C GLY A 339 -0.39 24.60 -29.53
N LYS A 340 -1.69 24.33 -29.41
CA LYS A 340 -2.62 25.26 -28.78
C LYS A 340 -2.25 25.57 -27.34
N GLN A 341 -1.80 24.55 -26.61
CA GLN A 341 -1.42 24.72 -25.21
C GLN A 341 -0.35 25.79 -25.05
N VAL A 342 0.72 25.67 -25.83
CA VAL A 342 1.80 26.64 -25.75
C VAL A 342 1.44 28.00 -26.33
N LYS A 343 0.84 28.02 -27.53
CA LYS A 343 0.47 29.30 -28.13
C LYS A 343 -0.50 30.13 -27.28
N SER A 344 -1.27 29.44 -26.43
CA SER A 344 -2.22 30.13 -25.56
C SER A 344 -1.56 30.85 -24.38
N VAL A 345 -0.36 30.44 -24.01
CA VAL A 345 0.34 31.10 -22.90
C VAL A 345 1.65 31.78 -23.33
N ALA A 346 2.25 31.28 -24.40
CA ALA A 346 3.50 31.85 -24.92
C ALA A 346 3.26 33.29 -25.36
N SER A 347 4.03 34.23 -24.81
CA SER A 347 3.86 35.62 -25.17
C SER A 347 4.69 35.99 -26.41
N LEU A 348 4.25 37.01 -27.11
CA LEU A 348 4.95 37.49 -28.30
C LEU A 348 6.32 38.03 -27.90
N GLY A 349 6.34 38.86 -26.86
CA GLY A 349 7.59 39.42 -26.39
C GLY A 349 8.55 38.36 -25.92
N GLY A 350 8.02 37.30 -25.33
CA GLY A 350 8.86 36.23 -24.82
C GLY A 350 9.69 35.55 -25.89
N ASN A 351 9.11 35.29 -27.04
CA ASN A 351 9.84 34.63 -28.12
C ASN A 351 10.90 35.58 -28.65
N ILE A 352 10.51 36.84 -28.77
CA ILE A 352 11.41 37.87 -29.27
C ILE A 352 12.64 38.02 -28.41
N ILE A 353 12.44 38.21 -27.11
CA ILE A 353 13.55 38.40 -26.17
C ILE A 353 14.41 37.17 -25.91
N THR A 354 13.83 35.98 -26.00
CA THR A 354 14.58 34.75 -25.78
C THR A 354 15.70 34.70 -26.83
N ALA A 355 15.41 35.30 -27.98
CA ALA A 355 16.35 35.40 -29.09
C ALA A 355 17.09 34.11 -29.41
N SER A 356 16.36 33.02 -29.56
CA SER A 356 17.01 31.76 -29.91
C SER A 356 17.39 31.84 -31.38
N PRO A 357 18.48 31.18 -31.78
CA PRO A 357 18.91 31.20 -33.18
C PRO A 357 17.85 30.62 -34.13
N ILE A 358 17.02 29.71 -33.62
CA ILE A 358 16.00 29.11 -34.46
C ILE A 358 14.59 29.63 -34.23
N SER A 359 14.48 30.82 -33.64
CA SER A 359 13.20 31.44 -33.43
C SER A 359 12.56 31.58 -34.82
N ASP A 360 11.28 31.22 -34.94
CA ASP A 360 10.59 31.30 -36.23
C ASP A 360 9.99 32.67 -36.50
N LEU A 361 9.85 33.47 -35.46
CA LEU A 361 9.27 34.81 -35.57
C LEU A 361 10.27 35.93 -35.78
N ASN A 362 11.42 35.86 -35.11
CA ASN A 362 12.42 36.92 -35.25
C ASN A 362 12.90 37.16 -36.69
N PRO A 363 13.08 36.09 -37.49
CA PRO A 363 13.52 36.32 -38.87
C PRO A 363 12.49 37.16 -39.62
N VAL A 364 11.21 36.88 -39.35
CA VAL A 364 10.10 37.59 -39.97
C VAL A 364 9.99 39.02 -39.48
N PHE A 365 10.20 39.22 -38.19
CA PHE A 365 10.12 40.56 -37.61
C PHE A 365 11.29 41.41 -38.11
N MET A 366 12.46 40.78 -38.30
CA MET A 366 13.64 41.48 -38.75
C MET A 366 13.52 41.89 -40.22
N ALA A 367 13.21 40.91 -41.06
CA ALA A 367 13.06 41.16 -42.50
C ALA A 367 11.99 42.21 -42.79
N SER A 368 11.00 42.31 -41.93
CA SER A 368 9.90 43.27 -42.11
C SER A 368 10.13 44.60 -41.41
N GLY A 369 11.12 44.66 -40.51
CA GLY A 369 11.37 45.90 -39.81
C GLY A 369 10.31 46.17 -38.75
N THR A 370 9.74 45.09 -38.23
CA THR A 370 8.71 45.18 -37.20
C THR A 370 9.19 46.09 -36.08
N LYS A 371 8.36 47.06 -35.70
CA LYS A 371 8.70 48.03 -34.69
C LYS A 371 8.55 47.59 -33.25
N LEU A 372 9.61 47.83 -32.47
CA LEU A 372 9.65 47.46 -31.07
C LEU A 372 9.65 48.68 -30.17
N THR A 373 8.71 48.74 -29.24
CA THR A 373 8.67 49.85 -28.31
C THR A 373 9.28 49.38 -26.99
N ILE A 374 10.48 49.87 -26.73
CA ILE A 374 11.22 49.51 -25.53
C ILE A 374 11.15 50.63 -24.51
N VAL A 375 10.79 50.29 -23.28
CA VAL A 375 10.65 51.27 -22.22
C VAL A 375 11.33 50.87 -20.91
N SER A 376 11.62 51.88 -20.10
CA SER A 376 12.24 51.71 -18.80
C SER A 376 11.71 52.89 -17.99
N ARG A 377 12.00 52.94 -16.70
CA ARG A 377 11.51 54.06 -15.92
C ARG A 377 12.08 55.33 -16.53
N GLY A 378 11.21 56.13 -17.14
CA GLY A 378 11.66 57.36 -17.76
C GLY A 378 11.82 57.21 -19.27
N THR A 379 12.87 56.52 -19.70
CA THR A 379 13.15 56.32 -21.12
C THR A 379 12.07 55.56 -21.90
N ARG A 380 12.06 55.75 -23.21
CA ARG A 380 11.11 55.10 -24.10
C ARG A 380 11.55 55.32 -25.53
N ARG A 381 11.34 54.33 -26.38
CA ARG A 381 11.72 54.44 -27.78
C ARG A 381 11.09 53.33 -28.61
N THR A 382 10.88 53.62 -29.89
CA THR A 382 10.31 52.65 -30.81
C THR A 382 11.28 52.53 -31.97
N VAL A 383 11.91 51.37 -32.10
CA VAL A 383 12.86 51.17 -33.17
C VAL A 383 12.59 49.91 -33.98
N PRO A 384 12.77 49.99 -35.30
CA PRO A 384 12.54 48.84 -36.18
C PRO A 384 13.57 47.78 -35.83
N MET A 385 13.19 46.51 -35.96
CA MET A 385 14.14 45.44 -35.67
C MET A 385 15.01 45.20 -36.89
N ASP A 386 16.32 45.15 -36.68
CA ASP A 386 17.27 44.90 -37.76
C ASP A 386 18.31 43.91 -37.29
N HIS A 387 19.27 43.60 -38.17
CA HIS A 387 20.32 42.65 -37.85
C HIS A 387 21.09 42.94 -36.57
N THR A 388 21.16 44.21 -36.16
CA THR A 388 21.90 44.56 -34.96
C THR A 388 21.17 44.28 -33.65
N PHE A 389 19.86 44.01 -33.71
CA PHE A 389 19.10 43.77 -32.48
C PHE A 389 19.56 42.53 -31.71
N PHE A 390 20.26 41.64 -32.39
CA PHE A 390 20.78 40.43 -31.76
C PHE A 390 22.29 40.43 -31.89
N PRO A 391 23.00 41.06 -30.93
CA PRO A 391 24.47 41.13 -30.94
C PRO A 391 25.19 39.80 -30.76
N SER A 392 24.60 38.90 -29.98
CA SER A 392 25.23 37.61 -29.75
C SER A 392 24.22 36.55 -29.31
N TYR A 393 24.71 35.33 -29.14
CA TYR A 393 23.88 34.21 -28.74
C TYR A 393 22.87 34.57 -27.66
N ARG A 394 21.60 34.32 -27.97
CA ARG A 394 20.49 34.57 -27.05
C ARG A 394 20.52 35.91 -26.32
N LYS A 395 21.03 36.94 -26.98
CA LYS A 395 21.05 38.27 -26.38
C LYS A 395 20.36 39.26 -27.30
N THR A 396 19.96 40.40 -26.75
CA THR A 396 19.32 41.44 -27.54
C THR A 396 19.89 42.77 -27.07
N LEU A 397 19.53 43.85 -27.77
CA LEU A 397 20.04 45.17 -27.42
C LEU A 397 19.37 45.77 -26.19
N LEU A 398 18.39 45.09 -25.61
CA LEU A 398 17.71 45.62 -24.43
C LEU A 398 18.63 45.76 -23.22
N GLY A 399 18.41 46.82 -22.46
CA GLY A 399 19.21 47.06 -21.27
C GLY A 399 18.60 46.30 -20.11
N PRO A 400 19.37 46.04 -19.03
CA PRO A 400 18.84 45.31 -17.89
C PRO A 400 17.58 45.89 -17.26
N GLU A 401 17.47 47.22 -17.27
CA GLU A 401 16.31 47.87 -16.69
C GLU A 401 15.13 48.03 -17.66
N GLU A 402 15.39 47.79 -18.94
CA GLU A 402 14.35 47.93 -19.97
C GLU A 402 13.50 46.68 -20.17
N ILE A 403 12.29 46.91 -20.67
CA ILE A 403 11.36 45.82 -20.96
C ILE A 403 10.65 46.11 -22.29
N LEU A 404 10.38 45.05 -23.06
CA LEU A 404 9.70 45.20 -24.33
C LEU A 404 8.23 45.48 -24.01
N LEU A 405 7.77 46.67 -24.40
CA LEU A 405 6.39 47.06 -24.13
C LEU A 405 5.40 46.59 -25.19
N SER A 406 5.74 46.83 -26.46
CA SER A 406 4.85 46.44 -27.54
C SER A 406 5.56 46.22 -28.87
N ILE A 407 4.89 45.49 -29.75
CA ILE A 407 5.40 45.15 -31.07
C ILE A 407 4.36 45.49 -32.13
N GLU A 408 4.73 46.34 -33.07
CA GLU A 408 3.81 46.70 -34.15
C GLU A 408 4.23 46.03 -35.46
N ILE A 409 3.40 45.10 -35.94
CA ILE A 409 3.69 44.41 -37.18
C ILE A 409 3.10 45.27 -38.29
N PRO A 410 3.94 45.66 -39.26
CA PRO A 410 3.58 46.51 -40.39
C PRO A 410 2.68 45.97 -41.48
N TYR A 411 1.88 46.86 -42.04
CA TYR A 411 1.03 46.51 -43.17
C TYR A 411 2.04 46.50 -44.30
N SER A 412 1.82 45.67 -45.31
CA SER A 412 2.74 45.65 -46.45
C SER A 412 2.30 46.75 -47.41
N ARG A 413 3.27 47.38 -48.08
CA ARG A 413 2.99 48.45 -49.03
C ARG A 413 2.89 47.90 -50.46
N GLU A 414 2.53 48.78 -51.39
CA GLU A 414 2.43 48.39 -52.80
C GLU A 414 3.83 48.07 -53.29
N ASP A 415 3.95 47.08 -54.18
CA ASP A 415 5.24 46.68 -54.71
C ASP A 415 6.12 46.06 -53.63
N GLU A 416 5.49 45.59 -52.56
CA GLU A 416 6.21 44.97 -51.45
C GLU A 416 5.64 43.58 -51.21
N PHE A 417 6.49 42.57 -51.34
CA PHE A 417 6.04 41.21 -51.16
C PHE A 417 6.81 40.54 -50.04
N PHE A 418 6.19 39.57 -49.40
CA PHE A 418 6.79 38.88 -48.28
C PHE A 418 6.54 37.37 -48.29
N SER A 419 7.50 36.63 -47.74
CA SER A 419 7.40 35.18 -47.63
C SER A 419 8.08 34.76 -46.34
N ALA A 420 7.55 33.71 -45.71
CA ALA A 420 8.12 33.16 -44.49
C ALA A 420 8.11 31.67 -44.68
N PHE A 421 9.23 31.02 -44.39
CA PHE A 421 9.31 29.57 -44.56
C PHE A 421 9.97 28.93 -43.35
N LYS A 422 9.70 27.64 -43.18
CA LYS A 422 10.26 26.86 -42.08
C LYS A 422 10.31 25.40 -42.45
N GLN A 423 11.40 24.74 -42.09
CA GLN A 423 11.55 23.33 -42.36
C GLN A 423 12.27 22.70 -41.18
N ALA A 424 11.74 21.59 -40.68
CA ALA A 424 12.32 20.89 -39.55
C ALA A 424 12.33 19.39 -39.87
N SER A 425 12.20 18.57 -38.83
CA SER A 425 12.18 17.12 -39.03
C SER A 425 10.75 16.63 -39.18
N ARG A 426 9.83 17.40 -38.59
CA ARG A 426 8.40 17.10 -38.62
C ARG A 426 7.67 18.44 -38.70
N ARG A 427 6.59 18.51 -39.47
CA ARG A 427 5.84 19.76 -39.58
C ARG A 427 5.31 20.27 -38.26
N GLU A 428 4.68 19.39 -37.49
CA GLU A 428 4.08 19.77 -36.20
C GLU A 428 5.07 19.98 -35.06
N ASP A 429 4.84 21.05 -34.30
CA ASP A 429 5.63 21.35 -33.11
C ASP A 429 7.06 20.83 -33.15
N ASP A 430 7.94 21.54 -33.87
CA ASP A 430 9.32 21.10 -33.99
C ASP A 430 10.30 22.27 -34.12
N ILE A 431 11.58 22.00 -33.85
CA ILE A 431 12.62 23.02 -33.93
C ILE A 431 13.05 23.16 -35.38
N ALA A 432 13.05 24.38 -35.89
CA ALA A 432 13.43 24.64 -37.27
C ALA A 432 14.90 24.33 -37.55
N LYS A 433 15.17 23.67 -38.68
CA LYS A 433 16.54 23.39 -39.07
C LYS A 433 16.96 24.72 -39.71
N VAL A 434 16.04 25.27 -40.49
CA VAL A 434 16.24 26.57 -41.14
C VAL A 434 14.85 27.20 -41.24
N THR A 435 14.77 28.47 -40.88
CA THR A 435 13.51 29.20 -40.91
C THR A 435 13.85 30.60 -41.40
N CYS A 436 12.89 31.30 -42.01
CA CYS A 436 13.22 32.62 -42.52
C CYS A 436 12.07 33.58 -42.77
N GLY A 437 12.46 34.82 -42.99
CA GLY A 437 11.55 35.88 -43.33
C GLY A 437 12.19 36.57 -44.53
N MET A 438 11.41 36.81 -45.59
CA MET A 438 11.95 37.44 -46.80
C MET A 438 11.04 38.53 -47.34
N ARG A 439 11.57 39.74 -47.42
CA ARG A 439 10.81 40.87 -47.94
C ARG A 439 11.52 41.53 -49.12
N VAL A 440 10.72 42.01 -50.08
CA VAL A 440 11.25 42.70 -51.24
C VAL A 440 10.34 43.87 -51.55
N LEU A 441 10.95 45.02 -51.79
CA LEU A 441 10.21 46.23 -52.15
C LEU A 441 10.78 46.71 -53.47
N PHE A 442 9.92 46.84 -54.48
CA PHE A 442 10.35 47.29 -55.79
C PHE A 442 10.01 48.76 -56.01
N GLN A 443 10.57 49.35 -57.06
CA GLN A 443 10.26 50.73 -57.39
C GLN A 443 8.80 50.65 -57.84
N PRO A 444 8.06 51.75 -57.71
CA PRO A 444 6.63 51.75 -58.10
C PRO A 444 6.35 51.02 -59.41
N GLY A 445 5.38 50.11 -59.37
CA GLY A 445 4.99 49.34 -60.54
C GLY A 445 6.10 48.66 -61.33
N SER A 446 7.28 48.49 -60.74
CA SER A 446 8.38 47.87 -61.46
C SER A 446 8.83 46.52 -60.90
N MET A 447 9.88 45.99 -61.52
CA MET A 447 10.49 44.72 -61.12
C MET A 447 11.91 45.05 -60.66
N GLN A 448 12.15 46.32 -60.39
CA GLN A 448 13.47 46.77 -59.94
C GLN A 448 13.54 46.88 -58.42
N VAL A 449 14.40 46.04 -57.84
CA VAL A 449 14.58 45.99 -56.39
C VAL A 449 15.00 47.32 -55.76
N LYS A 450 14.25 47.76 -54.77
CA LYS A 450 14.57 48.99 -54.06
C LYS A 450 15.07 48.58 -52.67
N GLU A 451 14.47 47.51 -52.16
CA GLU A 451 14.82 46.95 -50.85
C GLU A 451 14.71 45.44 -50.91
N LEU A 452 15.68 44.75 -50.30
CA LEU A 452 15.69 43.29 -50.27
C LEU A 452 16.23 42.84 -48.92
N ALA A 453 15.45 42.00 -48.23
CA ALA A 453 15.84 41.50 -46.92
C ALA A 453 15.59 40.00 -46.80
N LEU A 454 16.67 39.25 -46.63
CA LEU A 454 16.58 37.80 -46.47
C LEU A 454 17.14 37.50 -45.08
N CYS A 455 16.26 37.26 -44.13
CA CYS A 455 16.68 36.97 -42.76
C CYS A 455 16.44 35.52 -42.38
N TYR A 456 17.49 34.87 -41.88
CA TYR A 456 17.40 33.46 -41.51
C TYR A 456 17.67 33.11 -40.05
N GLY A 457 17.07 32.00 -39.64
CA GLY A 457 17.26 31.46 -38.32
C GLY A 457 17.84 30.09 -38.61
N GLY A 458 18.66 29.55 -37.71
CA GLY A 458 19.23 28.23 -37.95
C GLY A 458 20.48 28.20 -38.83
N MET A 459 21.11 29.35 -39.03
CA MET A 459 22.31 29.43 -39.84
C MET A 459 23.46 30.11 -39.10
N ALA A 460 23.20 30.49 -37.85
CA ALA A 460 24.19 31.16 -37.01
C ALA A 460 23.77 30.99 -35.55
N ASP A 461 24.50 31.62 -34.64
CA ASP A 461 24.17 31.53 -33.24
C ASP A 461 23.22 32.66 -32.90
N ARG A 462 22.47 33.09 -33.90
CA ARG A 462 21.51 34.17 -33.76
C ARG A 462 20.77 34.36 -35.10
N THR A 463 19.73 35.17 -35.10
CA THR A 463 18.99 35.43 -36.32
C THR A 463 19.87 36.40 -37.11
N ILE A 464 20.16 36.05 -38.37
CA ILE A 464 21.00 36.91 -39.22
C ILE A 464 20.37 37.28 -40.56
N SER A 465 20.85 38.39 -41.12
CA SER A 465 20.38 38.88 -42.41
C SER A 465 21.54 38.75 -43.40
N ALA A 466 21.26 38.24 -44.60
CA ALA A 466 22.30 38.08 -45.60
C ALA A 466 22.54 39.42 -46.31
N LEU A 467 22.91 40.43 -45.53
CA LEU A 467 23.15 41.77 -46.03
C LEU A 467 24.12 41.86 -47.21
N LYS A 468 25.22 41.14 -47.15
CA LYS A 468 26.21 41.17 -48.22
C LYS A 468 25.61 40.73 -49.55
N THR A 469 24.78 39.69 -49.49
CA THR A 469 24.14 39.16 -50.67
C THR A 469 23.07 40.09 -51.24
N THR A 470 22.12 40.49 -50.40
CA THR A 470 21.04 41.36 -50.85
C THR A 470 21.49 42.76 -51.22
N GLN A 471 22.56 43.23 -50.60
CA GLN A 471 23.06 44.57 -50.89
C GLN A 471 23.44 44.69 -52.35
N LYS A 472 24.01 43.61 -52.89
CA LYS A 472 24.44 43.56 -54.29
C LYS A 472 23.30 43.55 -55.28
N GLN A 473 22.07 43.36 -54.81
CA GLN A 473 20.94 43.29 -55.72
C GLN A 473 20.09 44.55 -55.77
N LEU A 474 20.43 45.53 -54.96
CA LEU A 474 19.67 46.77 -54.98
C LEU A 474 19.81 47.40 -56.38
N SER A 475 18.69 47.87 -56.91
CA SER A 475 18.65 48.48 -58.25
C SER A 475 18.66 47.44 -59.37
N LYS A 476 18.85 46.18 -59.01
CA LYS A 476 18.83 45.11 -60.01
C LYS A 476 17.38 44.73 -60.25
N PHE A 477 17.14 43.91 -61.28
CA PHE A 477 15.80 43.49 -61.62
C PHE A 477 15.53 42.03 -61.28
N TRP A 478 14.26 41.73 -60.97
CA TRP A 478 13.85 40.38 -60.61
C TRP A 478 13.88 39.45 -61.81
N ASN A 479 15.03 38.81 -62.04
CA ASN A 479 15.18 37.91 -63.16
C ASN A 479 16.10 36.74 -62.83
N GLU A 480 16.25 35.84 -63.80
CA GLU A 480 17.07 34.65 -63.65
C GLU A 480 18.48 34.96 -63.15
N LYS A 481 19.08 36.04 -63.67
CA LYS A 481 20.42 36.45 -63.27
C LYS A 481 20.46 36.78 -61.78
N LEU A 482 19.47 37.53 -61.31
CA LEU A 482 19.40 37.89 -59.89
C LEU A 482 19.30 36.60 -59.07
N LEU A 483 18.51 35.66 -59.57
CA LEU A 483 18.32 34.37 -58.90
C LEU A 483 19.63 33.62 -58.75
N GLN A 484 20.36 33.47 -59.85
CA GLN A 484 21.64 32.77 -59.82
C GLN A 484 22.62 33.52 -58.93
N ASP A 485 22.61 34.84 -59.03
CA ASP A 485 23.48 35.68 -58.24
C ASP A 485 23.22 35.49 -56.74
N VAL A 486 21.96 35.64 -56.33
CA VAL A 486 21.58 35.48 -54.93
C VAL A 486 21.98 34.11 -54.37
N CYS A 487 21.65 33.05 -55.08
CA CYS A 487 22.00 31.72 -54.62
C CYS A 487 23.50 31.58 -54.44
N ALA A 488 24.26 32.12 -55.38
CA ALA A 488 25.72 32.06 -55.29
C ALA A 488 26.15 32.89 -54.09
N GLY A 489 25.50 34.03 -53.91
CA GLY A 489 25.83 34.90 -52.78
C GLY A 489 25.54 34.22 -51.45
N LEU A 490 24.36 33.61 -51.34
CA LEU A 490 23.98 32.92 -50.10
C LEU A 490 24.90 31.73 -49.84
N ALA A 491 25.20 30.99 -50.90
CA ALA A 491 26.06 29.82 -50.78
C ALA A 491 27.41 30.17 -50.21
N GLU A 492 27.83 31.42 -50.42
CA GLU A 492 29.13 31.86 -49.93
C GLU A 492 29.08 32.64 -48.62
N GLU A 493 28.04 33.45 -48.43
CA GLU A 493 27.92 34.25 -47.21
C GLU A 493 27.38 33.48 -46.00
N LEU A 494 26.47 32.52 -46.23
CA LEU A 494 25.91 31.75 -45.13
C LEU A 494 26.61 30.41 -45.01
N SER A 495 27.87 30.46 -44.62
CA SER A 495 28.69 29.27 -44.48
C SER A 495 28.49 28.62 -43.11
N LEU A 496 28.76 27.32 -43.04
CA LEU A 496 28.64 26.57 -41.81
C LEU A 496 29.86 25.70 -41.61
N SER A 497 30.52 25.85 -40.47
CA SER A 497 31.68 25.03 -40.18
C SER A 497 31.15 23.60 -40.03
N PRO A 498 32.00 22.59 -40.23
CA PRO A 498 31.56 21.20 -40.11
C PRO A 498 31.08 20.81 -38.70
N ASP A 499 31.45 21.62 -37.71
CA ASP A 499 31.07 21.36 -36.33
C ASP A 499 29.98 22.31 -35.82
N ALA A 500 29.18 22.83 -36.74
CA ALA A 500 28.11 23.75 -36.37
C ALA A 500 27.00 23.06 -35.58
N PRO A 501 26.60 23.65 -34.45
CA PRO A 501 25.54 23.08 -33.61
C PRO A 501 24.30 22.81 -34.46
N GLY A 502 23.70 21.64 -34.25
CA GLY A 502 22.53 21.28 -35.02
C GLY A 502 22.89 20.41 -36.20
N GLY A 503 24.18 20.40 -36.56
CA GLY A 503 24.63 19.58 -37.68
C GLY A 503 23.84 19.79 -38.96
N MET A 504 23.73 18.74 -39.77
CA MET A 504 23.00 18.79 -41.04
C MET A 504 23.42 20.01 -41.87
N ILE A 505 24.74 20.16 -42.01
CA ILE A 505 25.32 21.28 -42.74
C ILE A 505 24.79 21.40 -44.18
N GLU A 506 24.91 20.32 -44.94
CA GLU A 506 24.47 20.30 -46.32
C GLU A 506 22.99 20.67 -46.46
N PHE A 507 22.15 19.97 -45.71
CA PHE A 507 20.71 20.19 -45.74
C PHE A 507 20.38 21.66 -45.47
N ARG A 508 20.92 22.21 -44.39
CA ARG A 508 20.66 23.59 -44.04
C ARG A 508 20.99 24.59 -45.13
N ARG A 509 22.23 24.52 -45.63
CA ARG A 509 22.66 25.43 -46.68
C ARG A 509 21.75 25.27 -47.90
N THR A 510 21.38 24.04 -48.22
CA THR A 510 20.49 23.77 -49.35
C THR A 510 19.13 24.44 -49.13
N LEU A 511 18.66 24.46 -47.90
CA LEU A 511 17.37 25.07 -47.59
C LEU A 511 17.43 26.59 -47.76
N THR A 512 18.54 27.19 -47.37
CA THR A 512 18.67 28.64 -47.51
C THR A 512 18.50 29.05 -48.97
N LEU A 513 19.02 28.25 -49.89
CA LEU A 513 18.89 28.54 -51.32
C LEU A 513 17.51 28.12 -51.83
N SER A 514 17.04 26.95 -51.42
CA SER A 514 15.72 26.48 -51.85
C SER A 514 14.65 27.46 -51.40
N PHE A 515 14.80 27.98 -50.18
CA PHE A 515 13.85 28.94 -49.64
C PHE A 515 13.85 30.20 -50.49
N PHE A 516 15.02 30.69 -50.88
CA PHE A 516 15.04 31.89 -51.72
C PHE A 516 14.42 31.58 -53.07
N PHE A 517 14.68 30.38 -53.59
CA PHE A 517 14.12 29.98 -54.87
C PHE A 517 12.60 30.04 -54.79
N LYS A 518 12.05 29.47 -53.72
CA LYS A 518 10.60 29.49 -53.52
C LYS A 518 10.13 30.95 -53.48
N PHE A 519 10.92 31.79 -52.83
CA PHE A 519 10.62 33.22 -52.71
C PHE A 519 10.70 33.91 -54.07
N TYR A 520 11.74 33.58 -54.83
CA TYR A 520 11.95 34.15 -56.15
C TYR A 520 10.73 33.89 -57.03
N LEU A 521 10.31 32.62 -57.11
CA LEU A 521 9.17 32.23 -57.91
C LEU A 521 7.86 32.83 -57.44
N THR A 522 7.68 32.89 -56.12
CA THR A 522 6.45 33.44 -55.56
C THR A 522 6.29 34.93 -55.87
N VAL A 523 7.39 35.67 -55.83
CA VAL A 523 7.34 37.08 -56.13
C VAL A 523 7.02 37.28 -57.62
N LEU A 524 7.59 36.42 -58.47
CA LEU A 524 7.31 36.50 -59.90
C LEU A 524 5.81 36.34 -60.10
N LYS A 525 5.26 35.28 -59.51
CA LYS A 525 3.83 34.99 -59.57
C LYS A 525 3.04 36.19 -59.05
N LYS A 526 3.46 36.72 -57.90
CA LYS A 526 2.78 37.87 -57.30
C LYS A 526 2.90 39.13 -58.16
N LEU A 527 4.03 39.29 -58.85
CA LEU A 527 4.21 40.46 -59.69
C LEU A 527 3.24 40.46 -60.88
N GLY A 528 2.74 39.27 -61.22
CA GLY A 528 1.81 39.16 -62.34
C GLY A 528 0.37 39.51 -61.98
N LEU A 538 4.32 32.00 -65.36
CA LEU A 538 5.09 30.98 -64.60
C LEU A 538 4.76 29.58 -65.11
N ASP A 539 5.81 28.83 -65.48
CA ASP A 539 5.64 27.47 -65.99
C ASP A 539 4.73 26.63 -65.09
N PRO A 540 3.75 25.93 -65.67
CA PRO A 540 2.83 25.09 -64.91
C PRO A 540 3.53 24.07 -64.03
N THR A 541 4.70 23.61 -64.47
CA THR A 541 5.47 22.63 -63.71
C THR A 541 6.28 23.26 -62.58
N TYR A 542 6.18 24.58 -62.43
CA TYR A 542 6.91 25.31 -61.38
C TYR A 542 5.94 25.91 -60.37
N THR A 543 4.67 26.01 -60.77
CA THR A 543 3.63 26.59 -59.93
C THR A 543 3.54 26.04 -58.51
N SER A 544 3.40 24.72 -58.38
CA SER A 544 3.27 24.11 -57.07
C SER A 544 4.35 24.51 -56.07
N ALA A 545 5.51 24.90 -56.58
CA ALA A 545 6.63 25.31 -55.72
C ALA A 545 6.34 26.59 -54.96
N THR A 546 5.29 27.31 -55.37
CA THR A 546 4.92 28.57 -54.74
C THR A 546 3.74 28.40 -53.79
N LEU A 547 3.17 27.20 -53.76
CA LEU A 547 2.01 26.92 -52.91
C LEU A 547 2.36 26.62 -51.46
N LEU A 548 1.61 27.21 -50.55
CA LEU A 548 1.82 26.98 -49.13
C LEU A 548 1.11 25.68 -48.76
N PHE A 549 1.61 24.97 -47.76
CA PHE A 549 1.02 23.69 -47.37
C PHE A 549 -0.50 23.73 -47.27
N GLN A 550 -1.15 22.76 -47.91
CA GLN A 550 -2.60 22.67 -47.85
C GLN A 550 -3.00 21.27 -47.42
N LYS A 551 -3.61 21.17 -46.26
CA LYS A 551 -4.03 19.86 -45.75
C LYS A 551 -5.21 19.37 -46.59
N ASP A 552 -5.24 18.09 -46.86
CA ASP A 552 -6.30 17.50 -47.66
C ASP A 552 -7.36 16.85 -46.75
N PRO A 553 -8.58 16.64 -47.27
CA PRO A 553 -9.67 16.03 -46.49
C PRO A 553 -9.39 14.56 -46.15
N PRO A 554 -9.43 14.21 -44.86
CA PRO A 554 -9.17 12.83 -44.42
C PRO A 554 -10.24 11.83 -44.85
N ALA A 555 -9.86 10.57 -44.90
CA ALA A 555 -10.77 9.48 -45.28
C ALA A 555 -10.29 8.22 -44.56
N ASN A 556 -11.18 7.63 -43.75
CA ASN A 556 -10.85 6.43 -42.99
C ASN A 556 -11.89 5.33 -43.16
N ILE A 557 -11.42 4.14 -43.53
CA ILE A 557 -12.29 3.00 -43.72
C ILE A 557 -11.63 1.77 -43.09
N GLN A 558 -12.40 1.04 -42.29
CA GLN A 558 -11.89 -0.19 -41.68
C GLN A 558 -12.82 -1.29 -42.11
N LEU A 559 -12.26 -2.44 -42.45
CA LEU A 559 -13.08 -3.55 -42.87
C LEU A 559 -12.70 -4.79 -42.09
N PHE A 560 -13.70 -5.46 -41.53
CA PHE A 560 -13.46 -6.66 -40.78
C PHE A 560 -14.65 -7.59 -40.95
N GLN A 561 -14.53 -8.80 -40.43
CA GLN A 561 -15.59 -9.80 -40.57
C GLN A 561 -16.56 -9.85 -39.39
N GLU A 562 -17.85 -9.95 -39.71
CA GLU A 562 -18.88 -10.05 -38.69
C GLU A 562 -18.83 -11.47 -38.12
N VAL A 563 -19.35 -11.65 -36.92
CA VAL A 563 -19.37 -12.97 -36.28
C VAL A 563 -20.55 -13.78 -36.79
N PRO A 564 -20.49 -15.11 -36.67
CA PRO A 564 -21.58 -15.99 -37.12
C PRO A 564 -22.94 -15.41 -36.74
N ASN A 565 -23.92 -15.56 -37.63
CA ASN A 565 -25.25 -15.02 -37.39
C ASN A 565 -25.93 -15.57 -36.13
N GLY A 566 -25.60 -16.79 -35.76
CA GLY A 566 -26.21 -17.38 -34.58
C GLY A 566 -25.38 -17.28 -33.30
N GLN A 567 -24.44 -16.35 -33.27
CA GLN A 567 -23.59 -16.22 -32.09
C GLN A 567 -24.28 -15.42 -30.99
N SER A 568 -24.24 -15.96 -29.78
CA SER A 568 -24.85 -15.33 -28.62
C SER A 568 -24.34 -13.91 -28.40
N LYS A 569 -25.24 -13.06 -27.92
CA LYS A 569 -24.93 -11.67 -27.65
C LYS A 569 -23.93 -11.57 -26.50
N GLU A 570 -23.83 -12.62 -25.69
CA GLU A 570 -22.92 -12.62 -24.55
C GLU A 570 -21.54 -13.17 -24.90
N ASP A 571 -21.45 -13.78 -26.09
CA ASP A 571 -20.17 -14.30 -26.57
C ASP A 571 -19.57 -13.15 -27.36
N THR A 572 -18.65 -12.41 -26.75
CA THR A 572 -18.03 -11.26 -27.40
C THR A 572 -16.79 -11.56 -28.23
N VAL A 573 -16.43 -12.84 -28.34
CA VAL A 573 -15.26 -13.23 -29.11
C VAL A 573 -15.52 -12.98 -30.59
N GLY A 574 -14.78 -12.04 -31.16
CA GLY A 574 -14.95 -11.73 -32.57
C GLY A 574 -15.64 -10.39 -32.73
N ARG A 575 -16.06 -9.80 -31.61
CA ARG A 575 -16.75 -8.51 -31.64
C ARG A 575 -15.80 -7.37 -31.25
N PRO A 576 -16.09 -6.15 -31.73
CA PRO A 576 -15.29 -4.96 -31.44
C PRO A 576 -15.55 -4.35 -30.07
N LEU A 577 -15.34 -5.15 -29.02
CA LEU A 577 -15.55 -4.67 -27.66
C LEU A 577 -14.47 -3.65 -27.29
N PRO A 578 -14.87 -2.47 -26.82
CA PRO A 578 -13.85 -1.49 -26.45
C PRO A 578 -12.97 -1.98 -25.29
N HIS A 579 -11.76 -1.42 -25.22
CA HIS A 579 -10.80 -1.75 -24.17
C HIS A 579 -11.54 -1.52 -22.85
N LEU A 580 -11.50 -2.50 -21.96
CA LEU A 580 -12.22 -2.42 -20.69
C LEU A 580 -11.88 -1.24 -19.79
N ALA A 581 -10.67 -0.71 -19.88
CA ALA A 581 -10.30 0.42 -19.04
C ALA A 581 -10.37 1.75 -19.77
N ALA A 582 -10.81 1.74 -21.01
CA ALA A 582 -10.87 2.97 -21.83
C ALA A 582 -11.67 4.12 -21.20
N ALA A 583 -12.81 3.80 -20.59
CA ALA A 583 -13.65 4.83 -19.97
C ALA A 583 -12.91 5.45 -18.79
N MET A 584 -12.22 4.63 -18.02
CA MET A 584 -11.48 5.13 -16.87
C MET A 584 -10.21 5.85 -17.33
N GLN A 585 -9.69 5.43 -18.47
CA GLN A 585 -8.51 6.10 -19.00
C GLN A 585 -8.91 7.48 -19.45
N ALA A 586 -10.06 7.58 -20.10
CA ALA A 586 -10.57 8.87 -20.58
C ALA A 586 -10.94 9.83 -19.46
N SER A 587 -11.31 9.28 -18.29
CA SER A 587 -11.70 10.11 -17.16
C SER A 587 -10.53 10.41 -16.23
N GLY A 588 -9.42 9.72 -16.44
CA GLY A 588 -8.27 9.95 -15.57
C GLY A 588 -8.36 9.17 -14.26
N GLU A 589 -9.24 8.17 -14.20
CA GLU A 589 -9.41 7.36 -12.99
C GLU A 589 -8.50 6.14 -13.06
N ALA A 590 -8.08 5.77 -14.26
CA ALA A 590 -7.19 4.62 -14.45
C ALA A 590 -5.91 4.95 -13.69
N VAL A 591 -5.47 4.03 -12.84
CA VAL A 591 -4.28 4.26 -12.04
C VAL A 591 -2.98 3.72 -12.63
N TYR A 592 -2.01 4.60 -12.82
CA TYR A 592 -0.69 4.22 -13.34
C TYR A 592 0.22 4.32 -12.11
N CYS A 593 1.34 3.60 -12.14
CA CYS A 593 2.26 3.55 -11.02
C CYS A 593 2.42 4.81 -10.14
N ASP A 594 2.78 5.95 -10.74
CA ASP A 594 2.96 7.14 -9.91
C ASP A 594 1.65 7.75 -9.39
N ASP A 595 0.52 7.26 -9.90
CA ASP A 595 -0.77 7.76 -9.46
C ASP A 595 -1.06 7.15 -8.09
N ILE A 596 -0.37 6.07 -7.77
CA ILE A 596 -0.56 5.42 -6.48
C ILE A 596 -0.10 6.43 -5.42
N PRO A 597 -0.97 6.74 -4.46
CA PRO A 597 -0.61 7.71 -3.43
C PRO A 597 0.65 7.33 -2.67
N ARG A 598 1.35 8.35 -2.16
CA ARG A 598 2.57 8.10 -1.41
C ARG A 598 2.30 7.96 0.08
N TYR A 599 3.10 7.13 0.73
CA TYR A 599 2.97 6.95 2.17
C TYR A 599 3.55 8.22 2.78
N GLU A 600 3.07 8.56 3.97
CA GLU A 600 3.54 9.75 4.67
C GLU A 600 5.06 9.76 4.83
N ASN A 601 5.67 8.58 4.82
CA ASN A 601 7.12 8.50 5.02
C ASN A 601 7.86 8.02 3.76
N GLU A 602 7.19 8.10 2.61
CA GLU A 602 7.79 7.68 1.35
C GLU A 602 8.80 8.68 0.84
N LEU A 603 9.98 8.19 0.49
CA LEU A 603 11.05 9.06 -0.02
C LEU A 603 11.17 8.96 -1.53
N PHE A 604 11.99 9.84 -2.11
CA PHE A 604 12.20 9.86 -3.55
C PHE A 604 13.64 9.61 -3.95
N LEU A 605 13.82 8.84 -5.02
CA LEU A 605 15.13 8.51 -5.53
C LEU A 605 15.42 9.17 -6.88
N ARG A 606 16.64 9.64 -7.05
CA ARG A 606 17.09 10.27 -8.28
C ARG A 606 18.42 9.61 -8.62
N LEU A 607 18.48 8.94 -9.77
CA LEU A 607 19.70 8.27 -10.20
C LEU A 607 20.84 9.25 -10.51
N VAL A 608 22.06 8.82 -10.24
CA VAL A 608 23.25 9.62 -10.54
C VAL A 608 23.94 8.80 -11.63
N THR A 609 24.10 9.40 -12.80
CA THR A 609 24.69 8.70 -13.95
C THR A 609 25.97 9.30 -14.53
N SER A 610 26.70 8.46 -15.26
CA SER A 610 27.95 8.86 -15.86
C SER A 610 27.78 9.91 -16.96
N THR A 611 28.71 10.86 -16.99
CA THR A 611 28.71 11.92 -18.00
C THR A 611 29.83 11.61 -19.00
N ARG A 612 30.39 10.41 -18.89
CA ARG A 612 31.47 9.95 -19.76
C ARG A 612 31.07 8.61 -20.38
N ALA A 613 31.49 8.38 -21.62
CA ALA A 613 31.16 7.13 -22.31
C ALA A 613 32.02 5.96 -21.83
N HIS A 614 33.21 6.28 -21.31
CA HIS A 614 34.10 5.26 -20.81
C HIS A 614 35.19 5.93 -20.00
N ALA A 615 35.22 5.66 -18.69
CA ALA A 615 36.21 6.26 -17.84
C ALA A 615 36.26 5.61 -16.47
N LYS A 616 37.35 5.87 -15.76
CA LYS A 616 37.55 5.36 -14.42
C LYS A 616 36.89 6.34 -13.48
N ILE A 617 36.30 5.84 -12.41
CA ILE A 617 35.67 6.70 -11.42
C ILE A 617 36.78 6.91 -10.38
N LYS A 618 37.37 8.09 -10.36
CA LYS A 618 38.46 8.36 -9.43
C LYS A 618 37.95 8.65 -8.03
N SER A 619 36.75 9.21 -7.95
CA SER A 619 36.17 9.52 -6.65
C SER A 619 34.81 10.19 -6.80
N ILE A 620 34.06 10.19 -5.70
CA ILE A 620 32.76 10.81 -5.66
C ILE A 620 32.73 11.73 -4.45
N ASP A 621 32.17 12.92 -4.64
CA ASP A 621 32.07 13.89 -3.57
C ASP A 621 30.62 14.32 -3.44
N VAL A 622 30.00 13.93 -2.34
CA VAL A 622 28.60 14.24 -2.09
C VAL A 622 28.44 15.38 -1.08
N SER A 623 29.55 16.04 -0.75
CA SER A 623 29.54 17.13 0.22
C SER A 623 28.51 18.23 -0.04
N GLU A 624 28.35 18.63 -1.30
CA GLU A 624 27.38 19.67 -1.63
C GLU A 624 25.95 19.13 -1.68
N ALA A 625 25.80 17.86 -2.04
CA ALA A 625 24.48 17.25 -2.10
C ALA A 625 23.92 17.23 -0.68
N GLN A 626 24.74 16.79 0.26
CA GLN A 626 24.36 16.70 1.67
C GLN A 626 23.88 18.04 2.20
N LYS A 627 24.09 19.10 1.43
CA LYS A 627 23.69 20.44 1.83
C LYS A 627 22.28 20.79 1.36
N VAL A 628 21.79 20.06 0.37
CA VAL A 628 20.45 20.32 -0.14
C VAL A 628 19.41 19.96 0.91
N PRO A 629 18.41 20.82 1.10
CA PRO A 629 17.37 20.54 2.10
C PRO A 629 16.68 19.22 1.75
N GLY A 630 16.36 18.43 2.79
CA GLY A 630 15.70 17.16 2.55
C GLY A 630 16.60 16.04 2.09
N PHE A 631 17.91 16.29 2.01
CA PHE A 631 18.83 15.25 1.60
C PHE A 631 18.73 14.12 2.61
N VAL A 632 18.67 12.88 2.14
CA VAL A 632 18.58 11.75 3.03
C VAL A 632 19.89 10.96 2.97
N CYS A 633 20.28 10.57 1.77
CA CYS A 633 21.51 9.82 1.61
C CYS A 633 21.88 9.61 0.15
N PHE A 634 23.12 9.19 -0.07
CA PHE A 634 23.63 8.89 -1.40
C PHE A 634 23.97 7.41 -1.38
N LEU A 635 23.43 6.66 -2.33
CA LEU A 635 23.66 5.23 -2.38
C LEU A 635 24.56 4.84 -3.56
N SER A 636 25.47 3.91 -3.31
CA SER A 636 26.39 3.43 -4.34
C SER A 636 26.51 1.92 -4.22
N ALA A 637 27.40 1.34 -5.02
CA ALA A 637 27.61 -0.11 -5.05
C ALA A 637 27.93 -0.75 -3.70
N ASP A 638 28.68 -0.05 -2.86
CA ASP A 638 29.06 -0.58 -1.56
C ASP A 638 27.89 -0.74 -0.59
N ASP A 639 26.74 -0.18 -0.95
CA ASP A 639 25.56 -0.27 -0.09
C ASP A 639 24.77 -1.54 -0.36
N ILE A 640 25.00 -2.14 -1.52
CA ILE A 640 24.30 -3.36 -1.90
C ILE A 640 24.65 -4.51 -0.95
N PRO A 641 23.62 -5.12 -0.33
CA PRO A 641 23.82 -6.22 0.62
C PRO A 641 24.03 -7.54 -0.09
N GLY A 642 23.36 -7.72 -1.23
CA GLY A 642 23.50 -8.95 -1.97
C GLY A 642 24.57 -8.92 -3.03
N SER A 643 24.15 -8.85 -4.29
CA SER A 643 25.07 -8.85 -5.41
C SER A 643 24.90 -7.61 -6.29
N ASN A 644 26.02 -7.10 -6.78
CA ASN A 644 26.00 -5.93 -7.65
C ASN A 644 26.02 -6.38 -9.10
N GLU A 645 25.99 -7.69 -9.30
CA GLU A 645 26.00 -8.28 -10.62
C GLU A 645 24.57 -8.52 -11.10
N THR A 646 24.14 -7.78 -12.12
CA THR A 646 22.79 -7.93 -12.63
C THR A 646 22.77 -8.11 -14.15
N GLY A 647 21.61 -7.89 -14.76
CA GLY A 647 21.48 -8.04 -16.19
C GLY A 647 21.09 -9.44 -16.60
N LEU A 648 20.43 -9.53 -17.75
CA LEU A 648 19.98 -10.80 -18.30
C LEU A 648 21.11 -11.84 -18.37
N PHE A 649 22.32 -11.40 -18.69
CA PHE A 649 23.46 -12.31 -18.78
C PHE A 649 24.54 -11.99 -17.73
N ASN A 650 24.11 -11.42 -16.61
CA ASN A 650 25.01 -11.09 -15.51
C ASN A 650 26.27 -10.35 -15.95
N ASP A 651 26.13 -9.46 -16.92
CA ASP A 651 27.26 -8.70 -17.42
C ASP A 651 27.08 -7.22 -17.15
N GLU A 652 26.31 -6.90 -16.13
CA GLU A 652 26.05 -5.50 -15.76
C GLU A 652 26.19 -5.28 -14.27
N THR A 653 26.29 -4.02 -13.89
CA THR A 653 26.38 -3.67 -12.48
C THR A 653 25.07 -2.99 -12.14
N VAL A 654 24.65 -3.09 -10.88
CA VAL A 654 23.43 -2.42 -10.46
C VAL A 654 23.87 -0.96 -10.32
N PHE A 655 25.04 -0.78 -9.73
CA PHE A 655 25.65 0.52 -9.55
C PHE A 655 27.09 0.42 -10.06
N ALA A 656 27.51 1.37 -10.89
CA ALA A 656 28.85 1.38 -11.45
C ALA A 656 29.94 1.22 -10.39
N LYS A 657 30.85 0.30 -10.63
CA LYS A 657 31.95 0.05 -9.70
C LYS A 657 33.30 0.31 -10.35
N ASP A 658 33.94 1.41 -9.95
CA ASP A 658 35.25 1.81 -10.46
C ASP A 658 35.34 2.25 -11.93
N THR A 659 34.39 1.83 -12.74
CA THR A 659 34.40 2.18 -14.16
C THR A 659 33.01 2.40 -14.73
N VAL A 660 32.88 3.38 -15.62
CA VAL A 660 31.60 3.67 -16.28
C VAL A 660 31.78 3.27 -17.74
N THR A 661 30.76 2.69 -18.35
CA THR A 661 30.86 2.23 -19.73
C THR A 661 29.92 2.88 -20.74
N CYS A 662 29.26 3.95 -20.34
CA CYS A 662 28.39 4.68 -21.26
C CYS A 662 27.88 5.92 -20.58
N VAL A 663 27.50 6.92 -21.39
CA VAL A 663 26.95 8.14 -20.82
C VAL A 663 25.59 7.65 -20.36
N GLY A 664 25.27 7.85 -19.10
CA GLY A 664 24.00 7.37 -18.58
C GLY A 664 24.19 6.16 -17.68
N HIS A 665 25.41 5.64 -17.60
CA HIS A 665 25.71 4.49 -16.75
C HIS A 665 25.37 4.89 -15.31
N ILE A 666 24.49 4.12 -14.66
CA ILE A 666 24.10 4.45 -13.29
C ILE A 666 25.22 4.18 -12.31
N ILE A 667 25.65 5.26 -11.64
CA ILE A 667 26.72 5.18 -10.66
C ILE A 667 26.15 5.03 -9.26
N GLY A 668 25.13 5.82 -8.95
CA GLY A 668 24.51 5.74 -7.64
C GLY A 668 23.12 6.34 -7.64
N ALA A 669 22.68 6.80 -6.47
CA ALA A 669 21.36 7.38 -6.35
C ALA A 669 21.24 8.23 -5.09
N VAL A 670 20.49 9.32 -5.19
CA VAL A 670 20.27 10.19 -4.05
C VAL A 670 18.81 10.01 -3.61
N VAL A 671 18.60 9.93 -2.29
CA VAL A 671 17.27 9.80 -1.73
C VAL A 671 17.03 11.08 -0.96
N ALA A 672 15.86 11.68 -1.13
CA ALA A 672 15.53 12.92 -0.44
C ALA A 672 14.04 12.93 -0.13
N ASP A 673 13.59 13.96 0.58
CA ASP A 673 12.19 14.05 0.98
C ASP A 673 11.20 14.42 -0.12
N THR A 674 11.69 15.04 -1.18
CA THR A 674 10.83 15.43 -2.31
C THR A 674 11.58 15.17 -3.60
N PRO A 675 10.86 15.16 -4.75
CA PRO A 675 11.49 14.92 -6.05
C PRO A 675 12.46 16.04 -6.41
N GLU A 676 12.06 17.28 -6.19
CA GLU A 676 12.91 18.42 -6.50
C GLU A 676 14.21 18.36 -5.70
N HIS A 677 14.10 18.08 -4.40
CA HIS A 677 15.29 18.01 -3.55
C HIS A 677 16.25 16.89 -3.95
N ALA A 678 15.70 15.74 -4.34
CA ALA A 678 16.52 14.61 -4.76
C ALA A 678 17.23 14.94 -6.07
N GLU A 679 16.52 15.61 -6.96
CA GLU A 679 17.04 16.01 -8.26
C GLU A 679 18.22 16.99 -8.10
N ARG A 680 18.01 18.03 -7.30
CA ARG A 680 19.03 19.04 -7.05
C ARG A 680 20.28 18.47 -6.39
N ALA A 681 20.09 17.61 -5.39
CA ALA A 681 21.22 16.99 -4.69
C ALA A 681 22.02 16.15 -5.68
N ALA A 682 21.32 15.32 -6.43
CA ALA A 682 21.95 14.45 -7.41
C ALA A 682 22.78 15.28 -8.40
N HIS A 683 22.20 16.39 -8.85
CA HIS A 683 22.87 17.26 -9.79
C HIS A 683 24.20 17.83 -9.29
N VAL A 684 24.32 18.04 -7.99
CA VAL A 684 25.56 18.57 -7.44
C VAL A 684 26.55 17.51 -6.96
N VAL A 685 26.26 16.24 -7.20
CA VAL A 685 27.18 15.17 -6.81
C VAL A 685 28.38 15.22 -7.77
N LYS A 686 29.57 15.44 -7.23
CA LYS A 686 30.77 15.55 -8.07
C LYS A 686 31.52 14.24 -8.28
N VAL A 687 31.60 13.82 -9.54
CA VAL A 687 32.31 12.60 -9.89
C VAL A 687 33.57 12.93 -10.69
N THR A 688 34.70 12.38 -10.27
CA THR A 688 35.97 12.61 -10.94
C THR A 688 36.33 11.38 -11.78
N TYR A 689 36.42 11.59 -13.09
CA TYR A 689 36.72 10.51 -14.02
C TYR A 689 38.11 10.64 -14.66
N GLU A 690 38.55 9.53 -15.26
CA GLU A 690 39.80 9.45 -15.99
C GLU A 690 39.39 8.69 -17.24
N ASP A 691 39.20 9.42 -18.34
CA ASP A 691 38.76 8.82 -19.59
C ASP A 691 39.56 7.62 -20.07
N LEU A 692 38.91 6.77 -20.85
CA LEU A 692 39.52 5.58 -21.40
C LEU A 692 39.11 5.50 -22.86
N PRO A 693 39.89 4.77 -23.68
CA PRO A 693 39.53 4.67 -25.09
C PRO A 693 38.08 4.18 -25.20
N ALA A 694 37.27 4.87 -26.00
CA ALA A 694 35.88 4.49 -26.15
C ALA A 694 35.56 3.96 -27.53
N ILE A 695 34.55 3.10 -27.60
CA ILE A 695 34.10 2.52 -28.86
C ILE A 695 32.60 2.81 -28.92
N ILE A 696 32.24 3.80 -29.74
CA ILE A 696 30.86 4.24 -29.87
C ILE A 696 30.05 3.60 -30.99
N THR A 697 30.51 3.82 -32.22
CA THR A 697 29.83 3.33 -33.40
C THR A 697 30.07 1.88 -33.80
N ILE A 698 29.21 1.38 -34.67
CA ILE A 698 29.32 0.02 -35.18
C ILE A 698 30.63 -0.11 -35.97
N GLU A 699 31.07 1.00 -36.56
CA GLU A 699 32.29 1.04 -37.34
C GLU A 699 33.47 0.86 -36.39
N ASP A 700 33.47 1.60 -35.29
CA ASP A 700 34.53 1.50 -34.30
C ASP A 700 34.61 0.06 -33.79
N ALA A 701 33.45 -0.56 -33.67
CA ALA A 701 33.37 -1.93 -33.17
C ALA A 701 34.00 -2.93 -34.11
N ILE A 702 33.63 -2.86 -35.39
CA ILE A 702 34.17 -3.79 -36.38
C ILE A 702 35.69 -3.66 -36.49
N LYS A 703 36.19 -2.44 -36.54
CA LYS A 703 37.63 -2.24 -36.67
C LYS A 703 38.39 -2.70 -35.44
N ASN A 704 37.77 -2.56 -34.26
CA ASN A 704 38.42 -2.97 -33.03
C ASN A 704 38.01 -4.38 -32.59
N ASN A 705 37.25 -5.07 -33.44
CA ASN A 705 36.83 -6.42 -33.11
C ASN A 705 36.11 -6.45 -31.74
N SER A 706 35.22 -5.48 -31.53
CA SER A 706 34.48 -5.40 -30.27
C SER A 706 33.08 -6.00 -30.41
N PHE A 707 32.97 -7.30 -30.18
CA PHE A 707 31.69 -7.97 -30.30
C PHE A 707 31.31 -8.76 -29.06
N TYR A 708 30.03 -9.11 -28.97
CA TYR A 708 29.53 -9.92 -27.88
C TYR A 708 29.36 -11.29 -28.51
N GLY A 709 29.99 -12.30 -27.93
CA GLY A 709 29.88 -13.64 -28.48
C GLY A 709 30.43 -13.81 -29.88
N SER A 710 30.04 -14.91 -30.53
CA SER A 710 30.51 -15.22 -31.85
C SER A 710 29.43 -14.90 -32.90
N GLU A 711 29.80 -15.03 -34.16
CA GLU A 711 28.92 -14.76 -35.28
C GLU A 711 27.75 -15.72 -35.41
N LEU A 712 26.57 -15.18 -35.71
CA LEU A 712 25.38 -16.01 -35.91
C LEU A 712 25.23 -16.13 -37.41
N LYS A 713 24.74 -17.27 -37.87
CA LYS A 713 24.59 -17.47 -39.30
C LYS A 713 23.55 -18.50 -39.67
N ILE A 714 22.96 -18.31 -40.84
CA ILE A 714 22.00 -19.23 -41.40
C ILE A 714 22.44 -19.29 -42.87
N GLU A 715 22.68 -20.49 -43.36
CA GLU A 715 23.11 -20.65 -44.74
C GLU A 715 22.41 -21.83 -45.38
N LYS A 716 21.85 -21.61 -46.56
CA LYS A 716 21.15 -22.65 -47.27
C LYS A 716 21.51 -22.60 -48.75
N GLY A 717 21.59 -23.75 -49.38
CA GLY A 717 21.93 -23.80 -50.79
C GLY A 717 23.41 -23.64 -51.08
N ASP A 718 23.70 -23.26 -52.33
CA ASP A 718 25.06 -23.08 -52.81
C ASP A 718 25.26 -21.66 -53.34
N LEU A 719 25.88 -20.79 -52.56
CA LEU A 719 26.10 -19.42 -53.00
C LEU A 719 26.93 -19.35 -54.27
N LYS A 720 28.07 -20.02 -54.26
CA LYS A 720 28.97 -20.05 -55.42
C LYS A 720 28.18 -20.36 -56.69
N LYS A 721 27.49 -21.49 -56.67
CA LYS A 721 26.70 -21.93 -57.82
C LYS A 721 25.55 -20.96 -58.04
N GLY A 722 25.15 -20.27 -56.98
CA GLY A 722 24.06 -19.31 -57.08
C GLY A 722 24.44 -18.08 -57.85
N PHE A 723 25.51 -17.41 -57.43
CA PHE A 723 25.98 -16.21 -58.09
C PHE A 723 26.50 -16.49 -59.51
N SER A 724 26.98 -17.70 -59.75
CA SER A 724 27.49 -18.08 -61.06
C SER A 724 26.35 -18.13 -62.08
N GLU A 725 25.16 -18.49 -61.61
CA GLU A 725 23.99 -18.59 -62.48
C GLU A 725 23.27 -17.26 -62.63
N ALA A 726 23.67 -16.28 -61.82
CA ALA A 726 23.03 -14.96 -61.84
C ALA A 726 23.44 -14.08 -63.03
N ASP A 727 22.47 -13.39 -63.61
CA ASP A 727 22.75 -12.50 -64.74
C ASP A 727 23.32 -11.19 -64.20
N ASN A 728 22.74 -10.73 -63.10
CA ASN A 728 23.15 -9.50 -62.47
C ASN A 728 23.51 -9.71 -61.01
N VAL A 729 24.33 -8.82 -60.47
CA VAL A 729 24.76 -8.89 -59.09
C VAL A 729 24.90 -7.48 -58.55
N VAL A 730 24.19 -7.19 -57.46
CA VAL A 730 24.25 -5.88 -56.83
C VAL A 730 24.82 -6.03 -55.42
N SER A 731 25.76 -5.16 -55.10
CA SER A 731 26.39 -5.15 -53.79
C SER A 731 26.18 -3.76 -53.21
N GLY A 732 26.12 -3.69 -51.89
CA GLY A 732 25.93 -2.40 -51.28
C GLY A 732 25.94 -2.45 -49.78
N GLU A 733 25.76 -1.27 -49.17
CA GLU A 733 25.75 -1.11 -47.73
C GLU A 733 24.49 -0.33 -47.36
N LEU A 734 23.86 -0.73 -46.26
CA LEU A 734 22.63 -0.08 -45.81
C LEU A 734 22.60 0.13 -44.30
N TYR A 735 22.12 1.28 -43.88
CA TYR A 735 22.03 1.61 -42.45
C TYR A 735 20.61 1.99 -42.06
N ILE A 736 20.23 1.60 -40.84
CA ILE A 736 18.92 1.93 -40.29
C ILE A 736 19.13 2.37 -38.83
N GLY A 737 18.72 3.60 -38.54
CA GLY A 737 18.89 4.14 -37.20
C GLY A 737 18.11 3.49 -36.08
N GLY A 738 18.44 3.88 -34.85
CA GLY A 738 17.78 3.32 -33.69
C GLY A 738 16.36 3.84 -33.46
N GLN A 739 15.89 3.74 -32.23
CA GLN A 739 14.54 4.19 -31.91
C GLN A 739 14.26 4.17 -30.41
N ASP A 740 13.71 5.28 -29.92
CA ASP A 740 13.35 5.40 -28.52
C ASP A 740 11.88 5.00 -28.44
N HIS A 741 11.57 4.07 -27.52
CA HIS A 741 10.20 3.58 -27.37
C HIS A 741 9.20 4.70 -27.22
N PHE A 742 9.56 5.69 -26.41
CA PHE A 742 8.73 6.84 -26.12
C PHE A 742 7.32 6.44 -25.65
N TYR A 743 7.26 5.53 -24.69
CA TYR A 743 5.98 5.14 -24.10
C TYR A 743 5.60 6.44 -23.40
N LEU A 744 4.32 6.84 -23.45
CA LEU A 744 3.95 8.09 -22.81
C LEU A 744 4.25 8.08 -21.31
N GLU A 745 4.19 6.90 -20.67
CA GLU A 745 4.53 6.79 -19.26
C GLU A 745 5.96 6.25 -19.17
N THR A 746 6.84 7.02 -18.56
CA THR A 746 8.23 6.59 -18.42
C THR A 746 8.37 5.51 -17.35
N HIS A 747 9.58 4.97 -17.22
CA HIS A 747 9.86 3.95 -16.23
C HIS A 747 9.51 4.48 -14.84
N CYS A 748 8.97 3.60 -14.01
CA CYS A 748 8.56 3.99 -12.66
C CYS A 748 8.49 2.75 -11.77
N THR A 749 8.90 2.93 -10.51
CA THR A 749 8.86 1.84 -9.54
C THR A 749 8.63 2.38 -8.13
N ILE A 750 7.79 1.67 -7.37
CA ILE A 750 7.54 2.01 -5.97
C ILE A 750 7.93 0.75 -5.22
N ALA A 751 8.82 0.86 -4.23
CA ALA A 751 9.24 -0.31 -3.47
C ALA A 751 8.85 -0.11 -2.01
N ILE A 752 8.09 -1.08 -1.48
CA ILE A 752 7.64 -1.03 -0.09
C ILE A 752 8.35 -2.08 0.74
N PRO A 753 9.25 -1.66 1.65
CA PRO A 753 9.98 -2.58 2.49
C PRO A 753 9.10 -2.90 3.72
N LYS A 754 8.81 -4.18 3.94
CA LYS A 754 7.96 -4.57 5.06
C LYS A 754 8.68 -4.58 6.40
N GLY A 755 9.97 -4.90 6.39
CA GLY A 755 10.73 -4.93 7.63
C GLY A 755 10.78 -6.32 8.24
N GLU A 756 10.20 -7.28 7.55
CA GLU A 756 10.15 -8.66 8.04
C GLU A 756 10.75 -9.62 7.04
N GLU A 757 11.72 -10.42 7.47
CA GLU A 757 12.33 -11.43 6.62
C GLU A 757 12.78 -10.94 5.23
N GLY A 758 13.11 -9.67 5.11
CA GLY A 758 13.57 -9.14 3.83
C GLY A 758 12.46 -8.96 2.80
N GLU A 759 11.21 -9.11 3.24
CA GLU A 759 10.05 -8.95 2.36
C GLU A 759 9.95 -7.56 1.77
N MET A 760 9.53 -7.50 0.52
CA MET A 760 9.38 -6.21 -0.16
C MET A 760 8.25 -6.36 -1.19
N GLU A 761 7.43 -5.33 -1.30
CA GLU A 761 6.33 -5.32 -2.25
C GLU A 761 6.59 -4.15 -3.18
N LEU A 762 6.62 -4.41 -4.49
CA LEU A 762 6.89 -3.36 -5.47
C LEU A 762 5.79 -3.20 -6.50
N PHE A 763 5.49 -1.94 -6.81
CA PHE A 763 4.50 -1.60 -7.82
C PHE A 763 5.39 -1.07 -8.95
N VAL A 764 5.42 -1.80 -10.06
CA VAL A 764 6.30 -1.44 -11.17
C VAL A 764 5.65 -1.36 -12.53
N SER A 765 6.09 -0.39 -13.33
CA SER A 765 5.62 -0.27 -14.71
C SER A 765 6.58 -1.18 -15.48
N THR A 766 6.22 -2.45 -15.63
CA THR A 766 7.07 -3.42 -16.33
C THR A 766 6.31 -4.54 -17.01
N GLN A 767 6.92 -5.13 -18.04
CA GLN A 767 6.35 -6.23 -18.81
C GLN A 767 6.92 -7.54 -18.26
N ASN A 768 7.86 -7.42 -17.34
CA ASN A 768 8.51 -8.60 -16.79
C ASN A 768 8.51 -8.62 -15.26
N ALA A 769 7.37 -8.98 -14.67
CA ALA A 769 7.29 -9.04 -13.22
C ALA A 769 8.25 -10.11 -12.71
N MET A 770 8.41 -11.18 -13.48
CA MET A 770 9.31 -12.27 -13.07
C MET A 770 10.77 -11.86 -12.89
N LYS A 771 11.34 -11.20 -13.90
CA LYS A 771 12.73 -10.76 -13.80
C LYS A 771 12.88 -9.64 -12.79
N THR A 772 11.87 -8.76 -12.70
CA THR A 772 11.94 -7.68 -11.73
C THR A 772 12.09 -8.31 -10.34
N GLN A 773 11.29 -9.34 -10.09
CA GLN A 773 11.29 -10.06 -8.82
C GLN A 773 12.62 -10.74 -8.53
N SER A 774 13.12 -11.51 -9.49
CA SER A 774 14.38 -12.22 -9.32
C SER A 774 15.59 -11.29 -9.21
N PHE A 775 15.60 -10.22 -10.00
CA PHE A 775 16.71 -9.26 -9.98
C PHE A 775 16.71 -8.47 -8.66
N VAL A 776 15.53 -8.11 -8.16
CA VAL A 776 15.46 -7.39 -6.90
C VAL A 776 15.96 -8.30 -5.78
N ALA A 777 15.54 -9.56 -5.83
CA ALA A 777 15.95 -10.54 -4.82
C ALA A 777 17.46 -10.83 -4.87
N LYS A 778 18.00 -10.96 -6.09
CA LYS A 778 19.42 -11.23 -6.26
C LYS A 778 20.23 -10.07 -5.70
N MET A 779 19.76 -8.86 -5.93
CA MET A 779 20.46 -7.69 -5.44
C MET A 779 20.42 -7.61 -3.91
N LEU A 780 19.26 -7.94 -3.35
CA LEU A 780 19.09 -7.90 -1.89
C LEU A 780 19.73 -9.12 -1.23
N GLY A 781 19.84 -10.20 -1.99
CA GLY A 781 20.44 -11.41 -1.44
C GLY A 781 19.47 -12.16 -0.57
N VAL A 782 18.21 -12.27 -1.03
CA VAL A 782 17.20 -13.00 -0.29
C VAL A 782 16.47 -13.90 -1.27
N PRO A 783 15.76 -14.92 -0.76
CA PRO A 783 15.03 -15.83 -1.64
C PRO A 783 13.99 -15.06 -2.44
N VAL A 784 13.65 -15.58 -3.62
CA VAL A 784 12.68 -14.94 -4.47
C VAL A 784 11.30 -14.88 -3.82
N ASN A 785 10.97 -15.88 -3.00
CA ASN A 785 9.65 -15.93 -2.34
C ASN A 785 9.43 -14.77 -1.36
N ARG A 786 10.44 -13.94 -1.18
CA ARG A 786 10.33 -12.78 -0.28
C ARG A 786 9.91 -11.53 -1.04
N ILE A 787 10.01 -11.55 -2.36
CA ILE A 787 9.69 -10.37 -3.16
C ILE A 787 8.40 -10.47 -3.92
N LEU A 788 7.57 -9.44 -3.81
CA LEU A 788 6.29 -9.43 -4.51
C LEU A 788 6.25 -8.26 -5.48
N VAL A 789 6.03 -8.55 -6.76
CA VAL A 789 5.95 -7.49 -7.75
C VAL A 789 4.54 -7.42 -8.29
N ARG A 790 3.96 -6.22 -8.27
CA ARG A 790 2.59 -6.06 -8.75
C ARG A 790 2.54 -5.10 -9.92
N VAL A 791 1.84 -5.49 -10.97
CA VAL A 791 1.69 -4.67 -12.16
C VAL A 791 0.22 -4.47 -12.51
N LYS A 792 -0.26 -3.25 -12.41
CA LYS A 792 -1.65 -2.95 -12.74
C LYS A 792 -1.70 -2.73 -14.26
N ARG A 793 -1.05 -1.67 -14.71
CA ARG A 793 -0.98 -1.36 -16.14
C ARG A 793 0.27 -0.52 -16.42
N MET A 794 0.61 -0.41 -17.69
CA MET A 794 1.76 0.40 -18.14
C MET A 794 1.24 1.40 -19.16
N GLY A 795 1.73 2.63 -19.08
CA GLY A 795 1.33 3.63 -20.05
C GLY A 795 2.27 3.42 -21.24
N GLY A 796 2.25 2.20 -21.77
CA GLY A 796 3.12 1.86 -22.89
C GLY A 796 4.35 1.10 -22.44
N GLY A 797 4.74 0.09 -23.22
CA GLY A 797 5.91 -0.71 -22.92
C GLY A 797 6.74 -0.88 -24.20
N PHE A 798 6.11 -1.46 -25.22
CA PHE A 798 6.73 -1.66 -26.53
C PHE A 798 8.06 -2.40 -26.52
N GLY A 799 8.32 -3.14 -25.45
CA GLY A 799 9.56 -3.88 -25.35
C GLY A 799 10.56 -3.14 -24.48
N GLY A 800 10.38 -1.82 -24.39
CA GLY A 800 11.26 -1.01 -23.58
C GLY A 800 11.14 -1.31 -22.09
N LYS A 801 10.09 -2.03 -21.70
CA LYS A 801 9.90 -2.37 -20.29
C LYS A 801 9.96 -3.87 -20.06
N GLU A 802 10.59 -4.58 -21.00
CA GLU A 802 10.74 -6.03 -20.91
C GLU A 802 11.91 -6.43 -20.03
N THR A 803 12.94 -5.59 -19.94
CA THR A 803 14.10 -5.88 -19.10
C THR A 803 14.67 -4.64 -18.45
N ARG A 804 14.78 -3.57 -19.23
CA ARG A 804 15.39 -2.34 -18.75
C ARG A 804 14.63 -1.63 -17.63
N SER A 805 13.45 -2.12 -17.28
CA SER A 805 12.71 -1.51 -16.19
C SER A 805 13.42 -1.82 -14.87
N THR A 806 14.19 -2.91 -14.86
CA THR A 806 14.90 -3.30 -13.65
C THR A 806 16.00 -2.32 -13.25
N LEU A 807 16.46 -1.49 -14.18
CA LEU A 807 17.51 -0.53 -13.87
C LEU A 807 17.00 0.41 -12.79
N VAL A 808 15.74 0.79 -12.91
CA VAL A 808 15.11 1.67 -11.92
C VAL A 808 14.61 0.87 -10.70
N SER A 809 13.97 -0.27 -10.94
CA SER A 809 13.43 -1.09 -9.85
C SER A 809 14.47 -1.51 -8.82
N VAL A 810 15.54 -2.17 -9.26
CA VAL A 810 16.56 -2.62 -8.34
C VAL A 810 17.15 -1.47 -7.53
N ALA A 811 17.27 -0.30 -8.14
CA ALA A 811 17.84 0.86 -7.44
C ALA A 811 16.87 1.39 -6.37
N VAL A 812 15.58 1.41 -6.69
CA VAL A 812 14.60 1.90 -5.73
C VAL A 812 14.49 0.90 -4.58
N ALA A 813 14.59 -0.38 -4.90
CA ALA A 813 14.52 -1.45 -3.91
C ALA A 813 15.67 -1.30 -2.92
N LEU A 814 16.86 -0.99 -3.45
CA LEU A 814 18.03 -0.82 -2.60
C LEU A 814 17.79 0.33 -1.64
N ALA A 815 17.22 1.42 -2.15
CA ALA A 815 16.94 2.59 -1.34
C ALA A 815 15.92 2.26 -0.24
N ALA A 816 14.96 1.40 -0.57
CA ALA A 816 13.93 1.00 0.38
C ALA A 816 14.60 0.13 1.45
N TYR A 817 15.42 -0.81 1.01
CA TYR A 817 16.14 -1.68 1.93
C TYR A 817 16.98 -0.86 2.91
N LYS A 818 17.81 0.03 2.37
CA LYS A 818 18.69 0.85 3.19
C LYS A 818 18.00 1.83 4.13
N THR A 819 16.93 2.49 3.66
CA THR A 819 16.25 3.47 4.50
C THR A 819 15.15 2.88 5.38
N GLY A 820 14.57 1.77 4.96
CA GLY A 820 13.49 1.17 5.72
C GLY A 820 12.21 1.90 5.37
N HIS A 821 12.34 2.93 4.53
CA HIS A 821 11.20 3.72 4.09
C HIS A 821 10.76 3.29 2.71
N PRO A 822 9.50 3.56 2.37
CA PRO A 822 9.04 3.19 1.03
C PRO A 822 9.71 4.23 0.13
N VAL A 823 10.08 3.86 -1.09
CA VAL A 823 10.74 4.80 -1.99
C VAL A 823 10.19 4.62 -3.40
N ARG A 824 10.12 5.71 -4.16
CA ARG A 824 9.66 5.63 -5.53
C ARG A 824 10.53 6.49 -6.44
N CYS A 825 10.42 6.24 -7.73
CA CYS A 825 11.15 7.00 -8.73
C CYS A 825 10.48 6.81 -10.07
N MET A 826 10.10 7.92 -10.69
CA MET A 826 9.53 7.88 -12.02
C MET A 826 10.57 8.67 -12.82
N LEU A 827 11.03 8.14 -13.94
CA LEU A 827 12.04 8.86 -14.71
C LEU A 827 11.53 10.03 -15.51
N ASP A 828 12.31 11.10 -15.58
CA ASP A 828 11.92 12.22 -16.43
C ASP A 828 12.22 11.68 -17.83
N ARG A 829 11.63 12.29 -18.85
CA ARG A 829 11.86 11.83 -20.23
C ARG A 829 13.35 11.83 -20.62
N ASN A 830 14.09 12.86 -20.24
CA ASN A 830 15.50 12.90 -20.63
C ASN A 830 16.29 11.78 -19.99
N GLU A 831 15.94 11.42 -18.77
CA GLU A 831 16.63 10.31 -18.10
C GLU A 831 16.28 9.03 -18.84
N ASP A 832 14.99 8.83 -19.07
CA ASP A 832 14.51 7.63 -19.75
C ASP A 832 15.18 7.42 -21.11
N MET A 833 15.20 8.47 -21.93
CA MET A 833 15.79 8.39 -23.26
C MET A 833 17.28 8.10 -23.23
N LEU A 834 17.96 8.66 -22.24
CA LEU A 834 19.40 8.47 -22.11
C LEU A 834 19.84 7.13 -21.54
N ILE A 835 19.12 6.65 -20.54
CA ILE A 835 19.50 5.42 -19.84
C ILE A 835 18.94 4.05 -20.23
N THR A 836 17.65 4.01 -20.55
CA THR A 836 16.99 2.74 -20.81
C THR A 836 17.16 1.98 -22.12
N GLY A 837 17.96 2.50 -23.04
CA GLY A 837 18.16 1.79 -24.29
C GLY A 837 16.99 1.88 -25.23
N GLY A 838 17.20 1.49 -26.50
CA GLY A 838 16.13 1.56 -27.47
C GLY A 838 16.27 0.52 -28.56
N ARG A 839 15.66 0.75 -29.71
CA ARG A 839 15.79 -0.23 -30.78
C ARG A 839 17.27 -0.25 -31.20
N HIS A 840 17.71 -1.39 -31.73
CA HIS A 840 19.09 -1.60 -32.18
C HIS A 840 19.38 -1.03 -33.56
N PRO A 841 20.36 -0.11 -33.67
CA PRO A 841 20.67 0.42 -35.00
C PRO A 841 21.32 -0.74 -35.77
N PHE A 842 20.99 -0.87 -37.05
CA PHE A 842 21.56 -1.95 -37.86
C PHE A 842 22.37 -1.43 -39.05
N LEU A 843 23.43 -2.15 -39.38
CA LEU A 843 24.29 -1.85 -40.52
C LEU A 843 24.34 -3.15 -41.29
N ALA A 844 24.11 -3.08 -42.60
CA ALA A 844 24.15 -4.29 -43.39
C ALA A 844 25.05 -4.16 -44.62
N ARG A 845 25.64 -5.29 -44.99
CA ARG A 845 26.49 -5.37 -46.18
C ARG A 845 25.92 -6.56 -46.90
N TYR A 846 25.28 -6.27 -48.03
CA TYR A 846 24.63 -7.30 -48.82
C TYR A 846 25.14 -7.43 -50.25
N LYS A 847 24.83 -8.57 -50.84
CA LYS A 847 25.19 -8.89 -52.21
C LYS A 847 24.09 -9.80 -52.69
N VAL A 848 23.41 -9.41 -53.76
CA VAL A 848 22.33 -10.23 -54.28
C VAL A 848 22.52 -10.52 -55.76
N GLY A 849 22.25 -11.78 -56.13
CA GLY A 849 22.36 -12.19 -57.52
C GLY A 849 20.97 -12.49 -58.03
N PHE A 850 20.68 -12.04 -59.25
CA PHE A 850 19.37 -12.25 -59.84
C PHE A 850 19.39 -12.27 -61.36
N MET A 851 18.33 -12.81 -61.94
CA MET A 851 18.20 -12.90 -63.38
C MET A 851 17.54 -11.63 -63.92
N LYS A 852 17.56 -11.49 -65.24
CA LYS A 852 16.98 -10.33 -65.91
C LYS A 852 15.49 -10.28 -65.64
N THR A 853 14.93 -11.44 -65.29
CA THR A 853 13.51 -11.55 -65.00
C THR A 853 13.18 -10.96 -63.64
N GLY A 854 14.20 -10.80 -62.80
CA GLY A 854 13.99 -10.25 -61.48
C GLY A 854 14.01 -11.35 -60.42
N THR A 855 14.09 -12.59 -60.88
CA THR A 855 14.13 -13.75 -59.99
C THR A 855 15.42 -13.74 -59.18
N ILE A 856 15.32 -13.99 -57.88
CA ILE A 856 16.50 -14.02 -57.02
C ILE A 856 17.10 -15.42 -57.04
N VAL A 857 18.43 -15.51 -57.15
CA VAL A 857 19.09 -16.80 -57.17
C VAL A 857 20.18 -16.88 -56.11
N ALA A 858 20.56 -15.74 -55.56
CA ALA A 858 21.61 -15.73 -54.53
C ALA A 858 21.54 -14.49 -53.66
N LEU A 859 21.78 -14.67 -52.37
CA LEU A 859 21.76 -13.54 -51.44
C LEU A 859 22.75 -13.74 -50.30
N GLU A 860 23.45 -12.66 -49.97
CA GLU A 860 24.43 -12.67 -48.89
C GLU A 860 24.25 -11.40 -48.09
N VAL A 861 24.06 -11.51 -46.78
CA VAL A 861 23.90 -10.33 -45.94
C VAL A 861 24.59 -10.46 -44.59
N ASP A 862 25.42 -9.48 -44.25
CA ASP A 862 26.12 -9.47 -42.97
C ASP A 862 25.52 -8.35 -42.12
N HIS A 863 24.81 -8.73 -41.06
CA HIS A 863 24.18 -7.76 -40.19
C HIS A 863 25.06 -7.41 -39.01
N TYR A 864 25.05 -6.14 -38.63
CA TYR A 864 25.83 -5.68 -37.50
C TYR A 864 24.88 -4.80 -36.72
N SER A 865 24.71 -5.09 -35.43
CA SER A 865 23.85 -4.28 -34.59
C SER A 865 24.68 -3.62 -33.53
N ASN A 866 24.26 -2.45 -33.09
CA ASN A 866 24.97 -1.75 -32.04
C ASN A 866 24.22 -2.13 -30.75
N ALA A 867 24.76 -3.12 -30.04
CA ALA A 867 24.15 -3.63 -28.80
C ALA A 867 24.26 -2.79 -27.54
N GLY A 868 25.31 -1.97 -27.42
CA GLY A 868 25.45 -1.17 -26.21
C GLY A 868 26.41 -1.79 -25.21
N ASN A 869 26.38 -1.30 -23.97
CA ASN A 869 27.29 -1.78 -22.93
C ASN A 869 26.92 -3.06 -22.17
N SER A 870 26.07 -3.89 -22.76
CA SER A 870 25.71 -5.16 -22.12
C SER A 870 24.95 -5.95 -23.16
N ARG A 871 24.87 -7.25 -22.97
CA ARG A 871 24.18 -8.13 -23.91
C ARG A 871 22.65 -7.94 -23.93
N ASP A 872 22.03 -8.08 -22.76
CA ASP A 872 20.57 -7.96 -22.65
C ASP A 872 19.92 -8.89 -23.67
N LEU A 873 19.03 -8.36 -24.49
CA LEU A 873 18.32 -9.18 -25.48
C LEU A 873 18.90 -9.12 -26.91
N SER A 874 20.07 -8.47 -27.05
CA SER A 874 20.73 -8.32 -28.34
C SER A 874 20.90 -9.61 -29.15
N HIS A 875 21.29 -10.70 -28.50
CA HIS A 875 21.51 -11.95 -29.22
C HIS A 875 20.25 -12.53 -29.86
N SER A 876 19.15 -12.54 -29.11
CA SER A 876 17.88 -13.07 -29.62
C SER A 876 17.30 -12.16 -30.70
N ILE A 877 17.57 -10.86 -30.55
CA ILE A 877 17.11 -9.87 -31.52
C ILE A 877 17.79 -10.14 -32.87
N MET A 878 19.08 -10.44 -32.82
CA MET A 878 19.84 -10.72 -34.05
C MET A 878 19.29 -11.99 -34.67
N GLU A 879 18.92 -12.94 -33.81
CA GLU A 879 18.35 -14.19 -34.27
C GLU A 879 17.04 -13.97 -35.01
N ARG A 880 16.14 -13.18 -34.45
CA ARG A 880 14.87 -12.89 -35.11
C ARG A 880 15.18 -12.12 -36.40
N ALA A 881 16.24 -11.33 -36.37
CA ALA A 881 16.64 -10.57 -37.56
C ALA A 881 16.93 -11.58 -38.66
N LEU A 882 17.81 -12.53 -38.38
CA LEU A 882 18.18 -13.56 -39.36
C LEU A 882 16.96 -14.38 -39.80
N PHE A 883 16.03 -14.60 -38.89
CA PHE A 883 14.83 -15.36 -39.21
C PHE A 883 13.94 -14.64 -40.22
N HIS A 884 14.17 -13.34 -40.38
CA HIS A 884 13.35 -12.54 -41.30
C HIS A 884 14.06 -11.87 -42.48
N MET A 885 15.33 -12.21 -42.71
CA MET A 885 16.09 -11.60 -43.81
C MET A 885 15.54 -11.99 -45.18
N ASP A 886 14.52 -12.85 -45.18
CA ASP A 886 13.90 -13.34 -46.40
C ASP A 886 12.55 -12.68 -46.68
N ASN A 887 11.98 -12.08 -45.64
CA ASN A 887 10.65 -11.48 -45.70
C ASN A 887 9.74 -12.54 -46.35
N CYS A 888 9.06 -12.19 -47.43
CA CYS A 888 8.17 -13.14 -48.08
C CYS A 888 8.69 -13.72 -49.40
N TYR A 889 10.00 -13.80 -49.59
CA TYR A 889 10.55 -14.31 -50.84
C TYR A 889 11.45 -15.53 -50.75
N LYS A 890 11.22 -16.47 -51.65
CA LYS A 890 12.01 -17.70 -51.69
C LYS A 890 13.35 -17.44 -52.39
N ILE A 891 14.44 -17.58 -51.63
CA ILE A 891 15.79 -17.37 -52.14
C ILE A 891 16.54 -18.69 -51.99
N PRO A 892 16.68 -19.46 -53.08
CA PRO A 892 17.35 -20.77 -53.15
C PRO A 892 18.77 -20.90 -52.57
N ASN A 893 19.57 -19.85 -52.72
CA ASN A 893 20.94 -19.87 -52.21
C ASN A 893 21.07 -18.64 -51.34
N ILE A 894 21.20 -18.85 -50.03
CA ILE A 894 21.26 -17.74 -49.10
C ILE A 894 22.19 -17.90 -47.90
N ARG A 895 22.78 -16.79 -47.49
CA ARG A 895 23.70 -16.78 -46.37
C ARG A 895 23.56 -15.48 -45.60
N GLY A 896 23.16 -15.57 -44.34
CA GLY A 896 23.02 -14.39 -43.52
C GLY A 896 23.84 -14.54 -42.27
N THR A 897 24.48 -13.45 -41.84
CA THR A 897 25.28 -13.49 -40.64
C THR A 897 24.92 -12.29 -39.77
N GLY A 898 25.29 -12.36 -38.51
CA GLY A 898 25.01 -11.26 -37.60
C GLY A 898 26.07 -11.16 -36.52
N ARG A 899 26.37 -9.94 -36.08
CA ARG A 899 27.34 -9.71 -35.04
C ARG A 899 26.82 -8.63 -34.12
N LEU A 900 27.05 -8.80 -32.82
CA LEU A 900 26.62 -7.81 -31.86
C LEU A 900 27.83 -6.95 -31.54
N CYS A 901 27.70 -5.64 -31.74
CA CYS A 901 28.80 -4.74 -31.47
C CYS A 901 28.78 -4.25 -30.03
N LYS A 902 29.85 -4.56 -29.31
CA LYS A 902 30.02 -4.17 -27.93
C LYS A 902 30.49 -2.72 -27.95
N THR A 903 29.65 -1.81 -27.47
CA THR A 903 29.98 -0.39 -27.48
C THR A 903 29.68 0.34 -26.18
N ASN A 904 30.25 1.53 -26.04
CA ASN A 904 30.04 2.37 -24.88
C ASN A 904 28.81 3.25 -25.04
N LEU A 905 27.67 2.59 -25.20
CA LEU A 905 26.39 3.25 -25.34
C LEU A 905 25.42 2.48 -24.46
N SER A 906 24.39 3.15 -23.95
CA SER A 906 23.41 2.49 -23.11
C SER A 906 23.02 1.21 -23.83
N SER A 907 22.88 0.12 -23.09
CA SER A 907 22.53 -1.16 -23.70
C SER A 907 21.18 -1.07 -24.43
N ASN A 908 21.14 -1.54 -25.67
CA ASN A 908 19.89 -1.50 -26.43
C ASN A 908 19.12 -2.77 -26.16
N THR A 909 17.81 -2.70 -26.31
CA THR A 909 16.97 -3.83 -25.96
C THR A 909 15.84 -4.11 -26.95
N ALA A 910 14.84 -4.83 -26.48
CA ALA A 910 13.68 -5.17 -27.29
C ALA A 910 12.90 -3.91 -27.62
N PHE A 911 12.30 -3.92 -28.80
CA PHE A 911 11.48 -2.81 -29.27
C PHE A 911 10.59 -3.46 -30.30
N ARG A 912 9.30 -3.23 -30.16
CA ARG A 912 8.29 -3.79 -31.06
C ARG A 912 8.91 -4.16 -32.41
N GLY A 913 9.00 -5.47 -32.67
CA GLY A 913 9.61 -5.93 -33.92
C GLY A 913 10.76 -6.85 -33.51
N PHE A 914 11.51 -6.44 -32.51
CA PHE A 914 12.59 -7.26 -31.97
C PHE A 914 13.57 -7.73 -33.06
N GLY A 915 14.14 -6.78 -33.80
CA GLY A 915 15.08 -7.13 -34.85
C GLY A 915 14.47 -7.49 -36.19
N GLY A 916 13.21 -7.90 -36.17
CA GLY A 916 12.53 -8.25 -37.41
C GLY A 916 12.47 -7.11 -38.41
N PRO A 917 12.04 -5.90 -37.98
CA PRO A 917 11.93 -4.73 -38.86
C PRO A 917 13.22 -4.37 -39.61
N GLN A 918 14.34 -4.40 -38.90
CA GLN A 918 15.63 -4.07 -39.48
C GLN A 918 15.97 -5.06 -40.60
N ALA A 919 15.83 -6.35 -40.31
CA ALA A 919 16.12 -7.37 -41.29
C ALA A 919 15.17 -7.33 -42.49
N LEU A 920 13.91 -6.97 -42.23
CA LEU A 920 12.91 -6.93 -43.31
C LEU A 920 13.14 -5.70 -44.19
N PHE A 921 13.61 -4.63 -43.58
CA PHE A 921 13.90 -3.38 -44.28
C PHE A 921 15.07 -3.61 -45.23
N ILE A 922 16.09 -4.29 -44.73
CA ILE A 922 17.27 -4.60 -45.52
C ILE A 922 16.86 -5.45 -46.72
N ALA A 923 16.00 -6.43 -46.49
CA ALA A 923 15.53 -7.31 -47.55
C ALA A 923 14.77 -6.54 -48.62
N GLU A 924 13.87 -5.64 -48.20
CA GLU A 924 13.10 -4.85 -49.14
C GLU A 924 13.96 -3.81 -49.86
N ASN A 925 15.12 -3.49 -49.31
CA ASN A 925 15.99 -2.52 -49.95
C ASN A 925 16.62 -3.17 -51.18
N TRP A 926 17.24 -4.34 -51.01
CA TRP A 926 17.84 -4.99 -52.16
C TRP A 926 16.79 -5.46 -53.15
N MET A 927 15.60 -5.76 -52.67
CA MET A 927 14.55 -6.19 -53.57
C MET A 927 14.20 -5.00 -54.45
N SER A 928 14.21 -3.81 -53.87
CA SER A 928 13.89 -2.60 -54.62
C SER A 928 14.96 -2.29 -55.66
N GLU A 929 16.21 -2.59 -55.34
CA GLU A 929 17.30 -2.33 -56.27
C GLU A 929 17.25 -3.33 -57.41
N VAL A 930 16.76 -4.53 -57.12
CA VAL A 930 16.63 -5.57 -58.13
C VAL A 930 15.60 -5.14 -59.18
N ALA A 931 14.50 -4.54 -58.71
CA ALA A 931 13.44 -4.10 -59.61
C ALA A 931 13.98 -3.02 -60.53
N VAL A 932 14.65 -2.03 -59.95
CA VAL A 932 15.21 -0.94 -60.73
C VAL A 932 16.25 -1.43 -61.72
N THR A 933 17.11 -2.33 -61.28
CA THR A 933 18.16 -2.87 -62.14
C THR A 933 17.58 -3.63 -63.32
N CYS A 934 16.54 -4.43 -63.09
CA CYS A 934 15.92 -5.19 -64.17
C CYS A 934 14.98 -4.35 -65.01
N GLY A 935 14.75 -3.11 -64.59
CA GLY A 935 13.85 -2.23 -65.32
C GLY A 935 12.45 -2.80 -65.35
N LEU A 936 12.04 -3.42 -64.25
CA LEU A 936 10.69 -4.01 -64.16
C LEU A 936 9.88 -3.44 -63.00
N PRO A 937 8.54 -3.47 -63.11
CA PRO A 937 7.66 -2.96 -62.07
C PRO A 937 7.95 -3.73 -60.78
N ALA A 938 8.21 -2.99 -59.70
CA ALA A 938 8.52 -3.59 -58.41
C ALA A 938 7.52 -4.64 -57.96
N GLU A 939 6.23 -4.33 -58.04
CA GLU A 939 5.20 -5.27 -57.61
C GLU A 939 5.34 -6.60 -58.34
N GLU A 940 5.76 -6.53 -59.60
CA GLU A 940 5.94 -7.71 -60.43
C GLU A 940 7.11 -8.56 -59.94
N VAL A 941 8.21 -7.89 -59.63
CA VAL A 941 9.41 -8.56 -59.16
C VAL A 941 9.16 -9.20 -57.78
N ARG A 942 8.45 -8.48 -56.92
CA ARG A 942 8.15 -9.02 -55.60
C ARG A 942 7.26 -10.24 -55.71
N TRP A 943 6.17 -10.12 -56.47
CA TRP A 943 5.24 -11.23 -56.65
C TRP A 943 5.88 -12.51 -57.17
N LYS A 944 6.70 -12.39 -58.20
CA LYS A 944 7.34 -13.56 -58.79
C LYS A 944 8.37 -14.23 -57.88
N ASN A 945 8.90 -13.47 -56.92
CA ASN A 945 9.88 -14.01 -55.98
C ASN A 945 9.21 -14.55 -54.72
N MET A 946 7.95 -14.17 -54.54
CA MET A 946 7.17 -14.55 -53.38
C MET A 946 7.00 -16.05 -53.13
N TYR A 947 7.02 -16.43 -51.85
CA TYR A 947 6.84 -17.83 -51.46
C TYR A 947 5.46 -18.30 -51.89
N LYS A 948 5.27 -19.61 -51.89
CA LYS A 948 3.97 -20.18 -52.22
C LYS A 948 3.67 -21.23 -51.14
N GLU A 949 2.38 -21.51 -50.95
CA GLU A 949 1.95 -22.48 -49.95
C GLU A 949 2.87 -23.71 -49.98
N GLY A 950 3.25 -24.18 -48.79
CA GLY A 950 4.10 -25.35 -48.70
C GLY A 950 5.60 -25.14 -48.81
N ASP A 951 6.03 -23.95 -49.27
CA ASP A 951 7.45 -23.68 -49.39
C ASP A 951 8.14 -23.61 -48.03
N LEU A 952 9.44 -23.89 -48.02
CA LEU A 952 10.23 -23.83 -46.80
C LEU A 952 10.97 -22.51 -46.83
N THR A 953 11.23 -21.95 -45.65
CA THR A 953 11.96 -20.70 -45.55
C THR A 953 13.45 -21.06 -45.58
N HIS A 954 14.33 -20.07 -45.44
CA HIS A 954 15.75 -20.36 -45.43
C HIS A 954 16.13 -21.19 -44.20
N PHE A 955 15.30 -21.15 -43.16
CA PHE A 955 15.57 -21.92 -41.96
C PHE A 955 14.77 -23.23 -41.92
N ASN A 956 14.39 -23.66 -43.12
CA ASN A 956 13.66 -24.89 -43.38
C ASN A 956 12.32 -25.16 -42.72
N GLN A 957 11.54 -24.12 -42.46
CA GLN A 957 10.24 -24.33 -41.86
C GLN A 957 9.17 -24.17 -42.93
N ARG A 958 8.28 -25.15 -43.01
CA ARG A 958 7.22 -25.16 -44.00
C ARG A 958 6.24 -24.02 -43.72
N LEU A 959 5.82 -23.36 -44.78
CA LEU A 959 4.86 -22.27 -44.64
C LEU A 959 3.49 -22.83 -44.92
N GLU A 960 2.71 -23.02 -43.86
CA GLU A 960 1.37 -23.56 -43.99
C GLU A 960 0.37 -22.44 -43.74
N GLY A 961 -0.62 -22.35 -44.61
CA GLY A 961 -1.59 -21.29 -44.47
C GLY A 961 -0.91 -19.98 -44.83
N PHE A 962 -0.12 -20.00 -45.90
CA PHE A 962 0.59 -18.80 -46.37
C PHE A 962 -0.43 -17.93 -47.10
N SER A 963 -0.89 -16.88 -46.43
CA SER A 963 -1.91 -15.99 -46.97
C SER A 963 -1.47 -14.70 -47.64
N VAL A 964 -0.18 -14.48 -47.78
CA VAL A 964 0.28 -13.25 -48.40
C VAL A 964 -0.34 -13.02 -49.79
N PRO A 965 -0.42 -14.08 -50.61
CA PRO A 965 -1.02 -13.90 -51.94
C PRO A 965 -2.42 -13.29 -51.85
N ARG A 966 -3.20 -13.73 -50.87
CA ARG A 966 -4.56 -13.22 -50.69
C ARG A 966 -4.53 -11.75 -50.25
N CYS A 967 -3.70 -11.44 -49.26
CA CYS A 967 -3.58 -10.07 -48.77
C CYS A 967 -3.04 -9.19 -49.90
N TRP A 968 -2.13 -9.75 -50.68
CA TRP A 968 -1.51 -9.04 -51.79
C TRP A 968 -2.54 -8.63 -52.82
N ASP A 969 -3.28 -9.62 -53.32
CA ASP A 969 -4.30 -9.37 -54.34
C ASP A 969 -5.44 -8.47 -53.87
N GLU A 970 -5.89 -8.64 -52.64
CA GLU A 970 -6.97 -7.80 -52.14
C GLU A 970 -6.49 -6.37 -51.93
N CYS A 971 -5.26 -6.21 -51.47
CA CYS A 971 -4.70 -4.89 -51.24
C CYS A 971 -4.52 -4.16 -52.57
N LEU A 972 -4.05 -4.90 -53.58
CA LEU A 972 -3.87 -4.30 -54.91
C LEU A 972 -5.20 -3.78 -55.40
N LYS A 973 -6.21 -4.63 -55.33
CA LYS A 973 -7.55 -4.29 -55.76
C LYS A 973 -8.20 -3.19 -54.95
N SER A 974 -8.30 -3.38 -53.64
CA SER A 974 -8.93 -2.39 -52.79
C SER A 974 -8.19 -1.05 -52.81
N SER A 975 -6.89 -1.08 -53.04
CA SER A 975 -6.13 0.17 -53.09
C SER A 975 -6.11 0.77 -54.50
N GLN A 976 -6.60 0.01 -55.48
CA GLN A 976 -6.62 0.49 -56.86
C GLN A 976 -5.21 0.90 -57.28
N TYR A 977 -4.24 0.08 -56.87
CA TYR A 977 -2.84 0.29 -57.14
C TYR A 977 -2.48 0.70 -58.57
N TYR A 978 -2.87 -0.13 -59.54
CA TYR A 978 -2.55 0.15 -60.93
C TYR A 978 -3.07 1.48 -61.45
N ALA A 979 -4.32 1.79 -61.17
CA ALA A 979 -4.90 3.05 -61.62
C ALA A 979 -4.11 4.20 -61.02
N ARG A 980 -3.89 4.15 -59.72
CA ARG A 980 -3.14 5.21 -59.04
C ARG A 980 -1.71 5.27 -59.53
N LYS A 981 -1.20 4.13 -59.97
CA LYS A 981 0.15 4.03 -60.48
C LYS A 981 0.33 5.01 -61.64
N SER A 982 -0.62 5.00 -62.57
CA SER A 982 -0.56 5.88 -63.74
C SER A 982 -0.78 7.33 -63.34
N GLU A 983 -1.62 7.56 -62.34
CA GLU A 983 -1.86 8.94 -61.89
C GLU A 983 -0.64 9.53 -61.19
N VAL A 984 0.19 8.67 -60.61
CA VAL A 984 1.40 9.14 -59.95
C VAL A 984 2.37 9.63 -61.01
N ASP A 985 2.51 8.86 -62.09
CA ASP A 985 3.40 9.22 -63.18
C ASP A 985 2.98 10.56 -63.77
N LYS A 986 1.69 10.70 -64.03
CA LYS A 986 1.14 11.93 -64.59
C LYS A 986 1.52 13.10 -63.70
N PHE A 987 1.26 12.97 -62.40
CA PHE A 987 1.59 14.04 -61.45
C PHE A 987 3.06 14.45 -61.55
N ASN A 988 3.92 13.46 -61.69
CA ASN A 988 5.35 13.72 -61.78
C ASN A 988 5.74 14.44 -63.07
N LYS A 989 4.94 14.25 -64.11
CA LYS A 989 5.20 14.90 -65.39
C LYS A 989 4.73 16.36 -65.34
N GLU A 990 3.71 16.63 -64.54
CA GLU A 990 3.17 17.98 -64.43
C GLU A 990 3.77 18.78 -63.28
N ASN A 991 4.71 18.19 -62.55
CA ASN A 991 5.33 18.87 -61.42
C ASN A 991 6.83 18.70 -61.41
N CYS A 992 7.53 19.83 -61.38
CA CYS A 992 8.98 19.82 -61.38
C CYS A 992 9.64 19.76 -60.01
N TRP A 993 9.02 20.39 -59.01
CA TRP A 993 9.59 20.43 -57.66
C TRP A 993 8.83 19.66 -56.58
N LYS A 994 7.90 18.83 -57.01
CA LYS A 994 7.13 17.97 -56.13
C LYS A 994 6.95 16.67 -56.87
N LYS A 995 7.15 15.56 -56.17
CA LYS A 995 6.99 14.25 -56.80
C LYS A 995 6.18 13.34 -55.88
N ARG A 996 5.54 12.33 -56.49
CA ARG A 996 4.76 11.37 -55.74
C ARG A 996 5.37 10.00 -55.95
N GLY A 997 5.31 9.18 -54.91
CA GLY A 997 5.84 7.84 -54.95
C GLY A 997 4.76 6.88 -54.49
N LEU A 998 4.83 5.64 -54.94
CA LEU A 998 3.84 4.63 -54.59
C LEU A 998 4.54 3.27 -54.46
N CYS A 999 4.27 2.57 -53.37
CA CYS A 999 4.89 1.27 -53.16
C CYS A 999 4.01 0.32 -52.35
N ILE A 1000 4.04 -0.95 -52.71
CA ILE A 1000 3.27 -1.96 -52.01
C ILE A 1000 4.22 -3.07 -51.59
N ILE A 1001 4.29 -3.35 -50.29
CA ILE A 1001 5.18 -4.40 -49.79
C ILE A 1001 4.48 -5.37 -48.86
N PRO A 1002 4.94 -6.63 -48.83
CA PRO A 1002 4.36 -7.66 -47.98
C PRO A 1002 5.22 -7.86 -46.73
N THR A 1003 4.76 -8.73 -45.84
CA THR A 1003 5.52 -9.04 -44.64
C THR A 1003 4.99 -10.30 -43.99
N LYS A 1004 5.88 -11.01 -43.31
CA LYS A 1004 5.53 -12.21 -42.59
C LYS A 1004 6.35 -12.07 -41.30
N PHE A 1005 5.78 -12.54 -40.19
CA PHE A 1005 6.44 -12.43 -38.89
C PHE A 1005 6.21 -13.74 -38.13
N GLY A 1006 7.30 -14.41 -37.78
CA GLY A 1006 7.21 -15.66 -37.05
C GLY A 1006 6.69 -15.42 -35.65
N ILE A 1007 5.68 -16.20 -35.25
CA ILE A 1007 5.07 -16.07 -33.93
C ILE A 1007 5.57 -17.12 -32.93
N SER A 1008 6.21 -16.64 -31.85
CA SER A 1008 6.77 -17.45 -30.76
C SER A 1008 8.11 -16.91 -30.27
N PHE A 1009 8.38 -17.06 -28.98
CA PHE A 1009 9.67 -16.63 -28.46
C PHE A 1009 10.64 -17.61 -29.13
N THR A 1010 11.74 -17.11 -29.66
CA THR A 1010 12.72 -17.96 -30.30
C THR A 1010 13.51 -18.75 -29.25
N VAL A 1011 13.26 -18.43 -27.98
CA VAL A 1011 13.84 -19.14 -26.84
C VAL A 1011 12.66 -20.03 -26.47
N PRO A 1012 12.75 -21.33 -26.77
CA PRO A 1012 11.67 -22.28 -26.47
C PRO A 1012 11.00 -22.24 -25.10
N PHE A 1013 11.79 -22.25 -24.02
CA PHE A 1013 11.20 -22.28 -22.68
C PHE A 1013 10.37 -21.06 -22.31
N LEU A 1014 10.42 -19.99 -23.09
CA LEU A 1014 9.64 -18.80 -22.78
C LEU A 1014 8.21 -18.96 -23.27
N ASN A 1015 7.97 -19.98 -24.08
CA ASN A 1015 6.65 -20.22 -24.62
C ASN A 1015 5.82 -21.06 -23.65
N GLN A 1016 5.52 -20.46 -22.50
CA GLN A 1016 4.72 -21.10 -21.46
C GLN A 1016 3.92 -19.99 -20.79
N ALA A 1017 2.70 -20.32 -20.37
CA ALA A 1017 1.83 -19.35 -19.75
C ALA A 1017 0.95 -19.98 -18.67
N GLY A 1018 0.71 -19.22 -17.60
CA GLY A 1018 -0.11 -19.71 -16.51
C GLY A 1018 -1.24 -18.75 -16.17
N ALA A 1019 -2.30 -19.29 -15.60
CA ALA A 1019 -3.46 -18.50 -15.21
C ALA A 1019 -4.04 -19.04 -13.90
N LEU A 1020 -4.66 -18.16 -13.12
CA LEU A 1020 -5.28 -18.53 -11.85
C LEU A 1020 -6.69 -17.94 -11.83
N ILE A 1021 -7.69 -18.79 -11.63
CA ILE A 1021 -9.06 -18.30 -11.62
C ILE A 1021 -9.81 -18.67 -10.33
N HIS A 1022 -10.49 -17.67 -9.77
CA HIS A 1022 -11.29 -17.85 -8.56
C HIS A 1022 -12.73 -17.47 -8.88
N VAL A 1023 -13.68 -18.31 -8.47
CA VAL A 1023 -15.08 -17.99 -8.65
C VAL A 1023 -15.55 -17.76 -7.21
N TYR A 1024 -15.95 -16.54 -6.89
CA TYR A 1024 -16.41 -16.27 -5.53
C TYR A 1024 -17.85 -16.75 -5.38
N THR A 1025 -18.32 -16.84 -4.14
CA THR A 1025 -19.68 -17.33 -3.87
C THR A 1025 -20.82 -16.51 -4.44
N ASP A 1026 -20.57 -15.26 -4.80
CA ASP A 1026 -21.64 -14.46 -5.40
C ASP A 1026 -21.65 -14.76 -6.89
N GLY A 1027 -20.79 -15.68 -7.32
CA GLY A 1027 -20.72 -16.04 -8.73
C GLY A 1027 -19.76 -15.19 -9.56
N SER A 1028 -19.30 -14.06 -9.01
CA SER A 1028 -18.37 -13.20 -9.74
C SER A 1028 -17.03 -13.92 -9.88
N VAL A 1029 -16.37 -13.70 -11.00
CA VAL A 1029 -15.09 -14.34 -11.28
C VAL A 1029 -13.93 -13.35 -11.28
N LEU A 1030 -12.80 -13.79 -10.76
CA LEU A 1030 -11.59 -12.98 -10.73
C LEU A 1030 -10.54 -13.79 -11.48
N VAL A 1031 -10.13 -13.28 -12.63
CA VAL A 1031 -9.13 -13.95 -13.45
C VAL A 1031 -7.76 -13.29 -13.27
N SER A 1032 -6.74 -14.12 -13.14
CA SER A 1032 -5.37 -13.68 -13.00
C SER A 1032 -4.52 -14.50 -13.97
N HIS A 1033 -3.58 -13.85 -14.65
CA HIS A 1033 -2.69 -14.57 -15.57
C HIS A 1033 -1.31 -13.91 -15.58
N GLY A 1034 -0.36 -14.58 -16.23
CA GLY A 1034 1.00 -14.06 -16.27
C GLY A 1034 1.25 -12.81 -17.11
N GLY A 1035 0.34 -12.50 -18.03
CA GLY A 1035 0.51 -11.35 -18.89
C GLY A 1035 0.20 -10.02 -18.23
N THR A 1036 0.78 -8.95 -18.75
CA THR A 1036 0.57 -7.60 -18.24
C THR A 1036 -0.15 -6.74 -19.27
N GLU A 1037 -0.79 -5.67 -18.82
CA GLU A 1037 -1.51 -4.77 -19.70
C GLU A 1037 -0.71 -3.50 -19.99
N MET A 1038 -0.45 -3.24 -21.26
CA MET A 1038 0.31 -2.06 -21.64
C MET A 1038 -0.41 -1.24 -22.69
N GLY A 1039 -1.70 -1.51 -22.85
CA GLY A 1039 -2.49 -0.78 -23.82
C GLY A 1039 -2.95 -1.62 -24.98
N GLN A 1040 -2.36 -2.80 -25.13
CA GLN A 1040 -2.70 -3.71 -26.21
C GLN A 1040 -4.03 -4.44 -25.96
N GLY A 1041 -4.62 -4.24 -24.79
CA GLY A 1041 -5.89 -4.90 -24.49
C GLY A 1041 -5.79 -6.39 -24.20
N LEU A 1042 -4.71 -6.81 -23.55
CA LEU A 1042 -4.54 -8.22 -23.23
C LEU A 1042 -5.63 -8.69 -22.24
N HIS A 1043 -5.90 -7.88 -21.22
CA HIS A 1043 -6.92 -8.25 -20.24
C HIS A 1043 -8.31 -8.29 -20.86
N THR A 1044 -8.63 -7.29 -21.67
CA THR A 1044 -9.93 -7.25 -22.33
C THR A 1044 -10.15 -8.58 -23.05
N LYS A 1045 -9.17 -8.98 -23.86
CA LYS A 1045 -9.27 -10.24 -24.60
C LYS A 1045 -9.35 -11.48 -23.70
N MET A 1046 -8.64 -11.45 -22.57
CA MET A 1046 -8.68 -12.58 -21.65
C MET A 1046 -10.07 -12.71 -21.02
N VAL A 1047 -10.72 -11.58 -20.78
CA VAL A 1047 -12.07 -11.60 -20.22
C VAL A 1047 -13.03 -12.08 -21.30
N GLN A 1048 -12.80 -11.65 -22.53
CA GLN A 1048 -13.64 -12.08 -23.65
C GLN A 1048 -13.55 -13.60 -23.77
N VAL A 1049 -12.34 -14.12 -23.65
CA VAL A 1049 -12.11 -15.55 -23.73
C VAL A 1049 -12.77 -16.29 -22.57
N ALA A 1050 -12.53 -15.83 -21.34
CA ALA A 1050 -13.10 -16.46 -20.16
C ALA A 1050 -14.62 -16.49 -20.25
N SER A 1051 -15.20 -15.37 -20.68
CA SER A 1051 -16.65 -15.25 -20.84
C SER A 1051 -17.18 -16.29 -21.83
N LYS A 1052 -16.50 -16.44 -22.96
CA LYS A 1052 -16.93 -17.42 -23.95
C LYS A 1052 -16.74 -18.85 -23.45
N ALA A 1053 -15.59 -19.11 -22.84
CA ALA A 1053 -15.31 -20.45 -22.33
C ALA A 1053 -16.31 -20.88 -21.24
N LEU A 1054 -16.58 -19.97 -20.30
CA LEU A 1054 -17.51 -20.25 -19.20
C LEU A 1054 -18.97 -20.08 -19.57
N LYS A 1055 -19.21 -19.37 -20.68
CA LYS A 1055 -20.57 -19.13 -21.14
C LYS A 1055 -21.37 -18.21 -20.20
N ILE A 1056 -20.71 -17.16 -19.73
CA ILE A 1056 -21.35 -16.19 -18.84
C ILE A 1056 -20.97 -14.81 -19.36
N PRO A 1057 -21.74 -13.78 -19.01
CA PRO A 1057 -21.42 -12.42 -19.49
C PRO A 1057 -20.09 -11.91 -18.94
N ILE A 1058 -19.44 -11.05 -19.73
CA ILE A 1058 -18.16 -10.47 -19.34
C ILE A 1058 -18.32 -9.63 -18.06
N SER A 1059 -19.54 -9.17 -17.81
CA SER A 1059 -19.84 -8.36 -16.63
C SER A 1059 -19.53 -9.11 -15.35
N LYS A 1060 -19.57 -10.44 -15.40
CA LYS A 1060 -19.30 -11.28 -14.24
C LYS A 1060 -17.84 -11.66 -14.08
N ILE A 1061 -16.99 -11.15 -14.97
CA ILE A 1061 -15.56 -11.46 -14.93
C ILE A 1061 -14.73 -10.21 -14.74
N TYR A 1062 -13.62 -10.33 -14.05
CA TYR A 1062 -12.79 -9.17 -13.80
C TYR A 1062 -11.32 -9.56 -13.70
N ILE A 1063 -10.45 -8.67 -14.18
CA ILE A 1063 -9.01 -8.87 -14.12
C ILE A 1063 -8.50 -7.59 -13.51
N SER A 1064 -7.89 -7.73 -12.34
CA SER A 1064 -7.39 -6.58 -11.59
C SER A 1064 -5.93 -6.20 -11.82
N GLU A 1065 -5.06 -7.20 -11.87
CA GLU A 1065 -3.64 -6.90 -12.04
C GLU A 1065 -2.85 -8.16 -12.31
N THR A 1066 -1.53 -8.01 -12.40
CA THR A 1066 -0.61 -9.11 -12.62
C THR A 1066 0.30 -9.09 -11.39
N SER A 1067 0.44 -10.22 -10.71
CA SER A 1067 1.30 -10.27 -9.53
C SER A 1067 2.04 -11.58 -9.44
N THR A 1068 3.26 -11.53 -8.91
CA THR A 1068 4.09 -12.73 -8.79
C THR A 1068 3.56 -13.75 -7.77
N ASN A 1069 2.65 -13.34 -6.88
CA ASN A 1069 2.12 -14.30 -5.91
C ASN A 1069 0.83 -14.98 -6.37
N THR A 1070 0.35 -14.65 -7.56
CA THR A 1070 -0.84 -15.31 -8.09
C THR A 1070 -0.38 -16.24 -9.22
N VAL A 1071 0.46 -15.73 -10.13
CA VAL A 1071 1.00 -16.54 -11.23
C VAL A 1071 2.51 -16.32 -11.22
N PRO A 1072 3.27 -17.35 -10.83
CA PRO A 1072 4.73 -17.30 -10.76
C PRO A 1072 5.45 -17.70 -12.06
N ASN A 1073 6.77 -17.46 -12.08
CA ASN A 1073 7.63 -17.81 -13.20
C ASN A 1073 7.06 -17.48 -14.58
N SER A 1074 6.45 -16.31 -14.71
CA SER A 1074 5.87 -15.93 -15.98
C SER A 1074 6.91 -15.36 -16.93
N SER A 1075 6.67 -15.55 -18.22
CA SER A 1075 7.57 -15.02 -19.24
C SER A 1075 7.22 -13.54 -19.37
N PRO A 1076 8.13 -12.73 -19.92
CA PRO A 1076 7.78 -11.31 -20.04
C PRO A 1076 6.62 -11.22 -21.03
N THR A 1077 5.81 -10.18 -20.90
CA THR A 1077 4.70 -10.01 -21.83
C THR A 1077 5.36 -9.49 -23.11
N ALA A 1078 5.59 -10.39 -24.08
CA ALA A 1078 6.25 -9.98 -25.31
C ALA A 1078 6.12 -11.00 -26.45
N ALA A 1079 6.82 -10.71 -27.53
CA ALA A 1079 6.84 -11.57 -28.71
C ALA A 1079 5.45 -11.74 -29.31
N SER A 1080 4.54 -10.82 -28.99
CA SER A 1080 3.16 -10.83 -29.50
C SER A 1080 2.35 -12.10 -29.21
N VAL A 1081 2.86 -13.00 -28.38
CA VAL A 1081 2.14 -14.24 -28.11
C VAL A 1081 1.29 -14.31 -26.84
N SER A 1082 1.19 -13.20 -26.11
CA SER A 1082 0.42 -13.17 -24.85
C SER A 1082 -1.01 -13.65 -24.98
N THR A 1083 -1.72 -13.18 -26.00
CA THR A 1083 -3.10 -13.57 -26.21
C THR A 1083 -3.15 -15.07 -26.49
N ASP A 1084 -2.26 -15.51 -27.36
CA ASP A 1084 -2.16 -16.93 -27.72
C ASP A 1084 -2.00 -17.82 -26.49
N ILE A 1085 -0.94 -17.57 -25.73
CA ILE A 1085 -0.63 -18.41 -24.58
C ILE A 1085 -1.44 -18.19 -23.31
N TYR A 1086 -1.74 -16.95 -22.94
CA TYR A 1086 -2.54 -16.76 -21.74
C TYR A 1086 -3.98 -17.11 -22.06
N GLY A 1087 -4.35 -16.93 -23.33
CA GLY A 1087 -5.69 -17.27 -23.75
C GLY A 1087 -5.91 -18.74 -23.47
N GLN A 1088 -4.91 -19.56 -23.81
CA GLN A 1088 -4.97 -21.00 -23.60
C GLN A 1088 -4.98 -21.37 -22.10
N ALA A 1089 -4.15 -20.69 -21.31
CA ALA A 1089 -4.07 -20.93 -19.88
C ALA A 1089 -5.41 -20.60 -19.21
N VAL A 1090 -5.99 -19.47 -19.61
CA VAL A 1090 -7.27 -19.02 -19.10
C VAL A 1090 -8.36 -20.00 -19.54
N TYR A 1091 -8.25 -20.46 -20.78
CA TYR A 1091 -9.22 -21.40 -21.32
C TYR A 1091 -9.23 -22.70 -20.53
N GLU A 1092 -8.05 -23.25 -20.27
CA GLU A 1092 -7.94 -24.51 -19.51
C GLU A 1092 -8.46 -24.37 -18.08
N ALA A 1093 -8.15 -23.25 -17.43
CA ALA A 1093 -8.61 -23.03 -16.07
C ALA A 1093 -10.14 -22.99 -16.10
N CYS A 1094 -10.70 -22.35 -17.12
CA CYS A 1094 -12.14 -22.27 -17.24
C CYS A 1094 -12.75 -23.66 -17.44
N GLN A 1095 -12.06 -24.50 -18.21
CA GLN A 1095 -12.55 -25.84 -18.47
C GLN A 1095 -12.60 -26.63 -17.16
N THR A 1096 -11.62 -26.39 -16.31
CA THR A 1096 -11.55 -27.07 -15.02
C THR A 1096 -12.74 -26.63 -14.18
N ILE A 1097 -13.06 -25.34 -14.23
CA ILE A 1097 -14.19 -24.80 -13.48
C ILE A 1097 -15.48 -25.48 -13.92
N LEU A 1098 -15.70 -25.51 -15.23
CA LEU A 1098 -16.90 -26.12 -15.79
C LEU A 1098 -17.06 -27.59 -15.41
N LYS A 1099 -15.95 -28.33 -15.38
CA LYS A 1099 -15.99 -29.74 -15.03
C LYS A 1099 -16.44 -29.93 -13.58
N ARG A 1100 -16.03 -29.01 -12.71
CA ARG A 1100 -16.39 -29.07 -11.31
C ARG A 1100 -17.84 -28.67 -11.05
N LEU A 1101 -18.37 -27.76 -11.88
CA LEU A 1101 -19.75 -27.30 -11.73
C LEU A 1101 -20.77 -28.16 -12.45
N GLU A 1102 -20.29 -29.06 -13.31
CA GLU A 1102 -21.15 -29.93 -14.10
C GLU A 1102 -22.18 -30.74 -13.29
N PRO A 1103 -21.74 -31.42 -12.21
CA PRO A 1103 -22.68 -32.21 -11.40
C PRO A 1103 -23.87 -31.38 -10.92
N PHE A 1104 -23.57 -30.17 -10.47
CA PHE A 1104 -24.61 -29.27 -9.98
C PHE A 1104 -25.45 -28.70 -11.10
N LYS A 1105 -24.87 -28.66 -12.30
CA LYS A 1105 -25.58 -28.16 -13.46
C LYS A 1105 -26.62 -29.20 -13.83
N LYS A 1106 -26.25 -30.48 -13.66
CA LYS A 1106 -27.16 -31.57 -13.98
C LYS A 1106 -28.24 -31.75 -12.93
N LYS A 1107 -27.90 -31.45 -11.68
CA LYS A 1107 -28.88 -31.58 -10.60
C LYS A 1107 -29.91 -30.46 -10.62
N ASN A 1108 -29.55 -29.32 -11.20
CA ASN A 1108 -30.47 -28.18 -11.28
C ASN A 1108 -30.35 -27.49 -12.64
N PRO A 1109 -30.78 -28.17 -13.71
CA PRO A 1109 -30.76 -27.69 -15.10
C PRO A 1109 -31.36 -26.31 -15.36
N ASP A 1110 -32.42 -25.95 -14.65
CA ASP A 1110 -33.03 -24.64 -14.86
C ASP A 1110 -32.44 -23.59 -13.93
N GLY A 1111 -31.41 -23.97 -13.18
CA GLY A 1111 -30.78 -23.05 -12.26
C GLY A 1111 -29.86 -22.06 -12.94
N SER A 1112 -29.47 -21.01 -12.22
CA SER A 1112 -28.58 -19.99 -12.75
C SER A 1112 -27.13 -20.32 -12.41
N TRP A 1113 -26.22 -19.58 -13.01
CA TRP A 1113 -24.78 -19.75 -12.76
C TRP A 1113 -24.54 -19.53 -11.27
N GLU A 1114 -25.21 -18.53 -10.72
CA GLU A 1114 -25.09 -18.22 -9.30
C GLU A 1114 -25.52 -19.39 -8.44
N ASP A 1115 -26.58 -20.08 -8.88
CA ASP A 1115 -27.09 -21.23 -8.13
C ASP A 1115 -26.10 -22.38 -8.17
N TRP A 1116 -25.51 -22.62 -9.34
CA TRP A 1116 -24.55 -23.71 -9.47
C TRP A 1116 -23.29 -23.43 -8.68
N VAL A 1117 -22.89 -22.16 -8.65
CA VAL A 1117 -21.69 -21.78 -7.91
C VAL A 1117 -21.91 -21.99 -6.41
N MET A 1118 -22.99 -21.43 -5.88
CA MET A 1118 -23.31 -21.57 -4.46
C MET A 1118 -23.47 -23.03 -4.05
N ALA A 1119 -24.13 -23.82 -4.88
CA ALA A 1119 -24.33 -25.24 -4.57
C ALA A 1119 -22.97 -25.94 -4.53
N ALA A 1120 -22.08 -25.57 -5.44
CA ALA A 1120 -20.74 -26.16 -5.48
C ALA A 1120 -20.03 -25.81 -4.18
N TYR A 1121 -20.13 -24.56 -3.78
CA TYR A 1121 -19.51 -24.12 -2.54
C TYR A 1121 -20.06 -24.93 -1.35
N GLN A 1122 -21.38 -25.00 -1.25
CA GLN A 1122 -22.05 -25.73 -0.16
C GLN A 1122 -21.57 -27.18 -0.12
N ASP A 1123 -21.34 -27.76 -1.29
CA ASP A 1123 -20.91 -29.16 -1.39
C ASP A 1123 -19.40 -29.32 -1.21
N ARG A 1124 -18.74 -28.23 -0.84
CA ARG A 1124 -17.31 -28.25 -0.62
C ARG A 1124 -16.49 -28.71 -1.84
N VAL A 1125 -16.74 -28.04 -2.95
CA VAL A 1125 -16.02 -28.28 -4.19
C VAL A 1125 -15.20 -27.00 -4.43
N SER A 1126 -13.90 -27.17 -4.63
CA SER A 1126 -13.03 -26.01 -4.85
C SER A 1126 -13.43 -25.21 -6.09
N LEU A 1127 -13.53 -23.89 -5.93
CA LEU A 1127 -13.87 -22.99 -7.03
C LEU A 1127 -12.67 -22.14 -7.42
N SER A 1128 -11.48 -22.72 -7.29
CA SER A 1128 -10.25 -22.03 -7.64
C SER A 1128 -9.34 -23.00 -8.39
N THR A 1129 -8.77 -22.55 -9.49
CA THR A 1129 -7.90 -23.43 -10.27
C THR A 1129 -6.88 -22.70 -11.14
N THR A 1130 -5.75 -23.38 -11.38
CA THR A 1130 -4.72 -22.83 -12.22
C THR A 1130 -4.99 -23.33 -13.64
N GLY A 1131 -4.38 -22.66 -14.61
CA GLY A 1131 -4.50 -23.02 -16.01
C GLY A 1131 -3.10 -22.88 -16.54
N PHE A 1132 -2.71 -23.71 -17.50
CA PHE A 1132 -1.36 -23.66 -18.05
C PHE A 1132 -1.32 -24.09 -19.52
N TYR A 1133 -0.48 -23.42 -20.32
CA TYR A 1133 -0.31 -23.78 -21.73
C TYR A 1133 1.17 -23.83 -22.07
N ARG A 1134 1.52 -24.73 -22.98
CA ARG A 1134 2.90 -24.93 -23.43
C ARG A 1134 2.89 -25.05 -24.95
N THR A 1135 3.40 -24.04 -25.66
CA THR A 1135 3.41 -24.09 -27.12
C THR A 1135 4.20 -25.31 -27.59
N PRO A 1136 3.50 -26.25 -28.25
CA PRO A 1136 4.09 -27.49 -28.76
C PRO A 1136 4.98 -27.41 -29.99
N ASN A 1137 5.82 -28.42 -30.15
CA ASN A 1137 6.73 -28.58 -31.28
C ASN A 1137 7.55 -27.34 -31.65
N LEU A 1138 8.36 -26.85 -30.72
CA LEU A 1138 9.21 -25.71 -30.97
C LEU A 1138 10.62 -26.06 -30.53
N GLY A 1139 11.61 -25.70 -31.36
CA GLY A 1139 12.98 -25.99 -31.04
C GLY A 1139 13.83 -25.94 -32.30
N TYR A 1140 14.36 -24.76 -32.60
CA TYR A 1140 15.20 -24.57 -33.79
C TYR A 1140 16.67 -24.50 -33.43
N SER A 1141 17.50 -25.08 -34.29
CA SER A 1141 18.94 -25.07 -34.09
C SER A 1141 19.63 -24.32 -35.24
N PHE A 1142 20.41 -23.30 -34.91
CA PHE A 1142 21.13 -22.55 -35.95
C PHE A 1142 22.28 -23.40 -36.47
N GLU A 1143 22.66 -24.41 -35.67
CA GLU A 1143 23.76 -25.30 -36.02
C GLU A 1143 23.38 -26.26 -37.14
N THR A 1144 22.23 -26.89 -37.00
CA THR A 1144 21.76 -27.85 -38.00
C THR A 1144 20.69 -27.29 -38.91
N ASN A 1145 20.31 -26.03 -38.68
CA ASN A 1145 19.27 -25.38 -39.49
C ASN A 1145 18.04 -26.27 -39.57
N SER A 1146 17.56 -26.73 -38.41
CA SER A 1146 16.39 -27.59 -38.37
C SER A 1146 15.53 -27.37 -37.12
N GLY A 1147 14.30 -27.87 -37.17
CA GLY A 1147 13.38 -27.71 -36.05
C GLY A 1147 12.51 -26.49 -36.27
N ASN A 1148 11.30 -26.51 -35.73
CA ASN A 1148 10.40 -25.38 -35.88
C ASN A 1148 10.83 -24.20 -35.03
N ALA A 1149 10.93 -23.03 -35.65
CA ALA A 1149 11.33 -21.83 -34.94
C ALA A 1149 10.09 -21.08 -34.45
N PHE A 1150 9.01 -21.19 -35.21
CA PHE A 1150 7.76 -20.50 -34.86
C PHE A 1150 6.56 -21.44 -34.92
N HIS A 1151 5.47 -21.04 -34.26
CA HIS A 1151 4.26 -21.86 -34.25
C HIS A 1151 3.51 -21.59 -35.54
N TYR A 1152 3.60 -20.35 -36.03
CA TYR A 1152 2.96 -19.95 -37.28
C TYR A 1152 3.42 -18.55 -37.60
N PHE A 1153 2.95 -18.00 -38.72
CA PHE A 1153 3.32 -16.65 -39.11
C PHE A 1153 2.10 -15.78 -39.30
N THR A 1154 2.24 -14.49 -39.00
CA THR A 1154 1.16 -13.53 -39.19
C THR A 1154 1.59 -12.76 -40.43
N TYR A 1155 0.68 -12.61 -41.39
CA TYR A 1155 1.00 -11.92 -42.63
C TYR A 1155 0.18 -10.66 -42.84
N GLY A 1156 0.61 -9.86 -43.82
CA GLY A 1156 -0.08 -8.63 -44.15
C GLY A 1156 0.58 -7.92 -45.32
N VAL A 1157 -0.15 -6.99 -45.92
CA VAL A 1157 0.37 -6.21 -47.03
C VAL A 1157 -0.09 -4.76 -46.86
N ALA A 1158 0.79 -3.82 -47.22
CA ALA A 1158 0.48 -2.40 -47.11
C ALA A 1158 0.92 -1.66 -48.37
N CYS A 1159 0.04 -0.80 -48.87
CA CYS A 1159 0.34 0.01 -50.04
C CYS A 1159 0.22 1.46 -49.62
N SER A 1160 1.30 2.21 -49.80
CA SER A 1160 1.29 3.61 -49.41
C SER A 1160 1.71 4.54 -50.54
N GLU A 1161 1.16 5.75 -50.52
CA GLU A 1161 1.48 6.75 -51.53
C GLU A 1161 1.87 8.01 -50.78
N VAL A 1162 2.87 8.71 -51.30
CA VAL A 1162 3.33 9.95 -50.69
C VAL A 1162 3.60 11.03 -51.73
N GLU A 1163 3.88 12.23 -51.23
CA GLU A 1163 4.22 13.36 -52.07
C GLU A 1163 5.31 14.11 -51.33
N ILE A 1164 6.49 14.18 -51.93
CA ILE A 1164 7.61 14.88 -51.32
C ILE A 1164 7.74 16.27 -51.93
N ASP A 1165 8.34 17.18 -51.18
CA ASP A 1165 8.60 18.53 -51.67
C ASP A 1165 10.09 18.50 -51.96
N CYS A 1166 10.44 18.36 -53.23
CA CYS A 1166 11.84 18.28 -53.64
C CYS A 1166 12.72 19.42 -53.18
N LEU A 1167 12.11 20.52 -52.74
CA LEU A 1167 12.86 21.69 -52.28
C LEU A 1167 13.05 21.82 -50.76
N THR A 1168 12.28 21.07 -49.97
CA THR A 1168 12.41 21.19 -48.51
C THR A 1168 12.64 19.88 -47.76
N GLY A 1169 12.27 18.77 -48.38
CA GLY A 1169 12.44 17.50 -47.71
C GLY A 1169 11.13 17.07 -47.07
N ASP A 1170 10.18 18.00 -46.94
CA ASP A 1170 8.89 17.68 -46.36
C ASP A 1170 8.11 16.76 -47.29
N HIS A 1171 7.11 16.06 -46.73
CA HIS A 1171 6.29 15.17 -47.53
C HIS A 1171 4.95 14.89 -46.84
N LYS A 1172 4.00 14.42 -47.63
CA LYS A 1172 2.67 14.08 -47.16
C LYS A 1172 2.46 12.60 -47.31
N ASN A 1173 1.82 11.98 -46.33
CA ASN A 1173 1.49 10.58 -46.42
C ASN A 1173 0.05 10.67 -46.89
N LEU A 1174 -0.12 10.66 -48.21
CA LEU A 1174 -1.41 10.79 -48.86
C LEU A 1174 -2.39 9.66 -48.58
N ARG A 1175 -1.95 8.43 -48.76
CA ARG A 1175 -2.84 7.30 -48.54
C ARG A 1175 -2.14 5.99 -48.27
N THR A 1176 -2.71 5.22 -47.36
CA THR A 1176 -2.18 3.91 -47.00
C THR A 1176 -3.31 2.91 -46.96
N ASP A 1177 -3.10 1.77 -47.59
CA ASP A 1177 -4.07 0.70 -47.60
C ASP A 1177 -3.39 -0.52 -46.99
N ILE A 1178 -4.01 -1.11 -45.99
CA ILE A 1178 -3.46 -2.28 -45.31
C ILE A 1178 -4.44 -3.44 -45.27
N VAL A 1179 -3.93 -4.64 -45.52
CA VAL A 1179 -4.73 -5.86 -45.46
C VAL A 1179 -3.92 -6.74 -44.55
N MET A 1180 -4.49 -7.08 -43.40
CA MET A 1180 -3.78 -7.87 -42.41
C MET A 1180 -4.47 -9.19 -42.11
N ASP A 1181 -3.68 -10.24 -41.99
CA ASP A 1181 -4.20 -11.55 -41.66
C ASP A 1181 -3.92 -11.83 -40.19
N VAL A 1182 -4.96 -11.71 -39.37
CA VAL A 1182 -4.85 -11.97 -37.94
C VAL A 1182 -5.76 -13.15 -37.61
N GLY A 1183 -6.01 -13.99 -38.62
CA GLY A 1183 -6.88 -15.14 -38.44
C GLY A 1183 -8.26 -14.63 -38.09
N SER A 1184 -8.96 -15.36 -37.21
CA SER A 1184 -10.28 -14.93 -36.78
C SER A 1184 -10.07 -14.04 -35.56
N SER A 1185 -10.00 -12.73 -35.81
CA SER A 1185 -9.78 -11.77 -34.74
C SER A 1185 -10.66 -12.04 -33.50
N LEU A 1186 -10.06 -11.93 -32.33
CA LEU A 1186 -10.79 -12.13 -31.08
C LEU A 1186 -11.54 -10.84 -30.84
N ASN A 1187 -10.98 -9.75 -31.35
CA ASN A 1187 -11.55 -8.43 -31.19
C ASN A 1187 -11.00 -7.55 -32.32
N PRO A 1188 -11.80 -7.38 -33.39
CA PRO A 1188 -11.40 -6.57 -34.54
C PRO A 1188 -11.06 -5.12 -34.23
N ALA A 1189 -11.69 -4.57 -33.20
CA ALA A 1189 -11.45 -3.20 -32.81
C ALA A 1189 -10.04 -3.04 -32.27
N ILE A 1190 -9.67 -3.93 -31.36
CA ILE A 1190 -8.34 -3.88 -30.78
C ILE A 1190 -7.27 -4.34 -31.79
N ASP A 1191 -7.63 -5.28 -32.65
CA ASP A 1191 -6.68 -5.77 -33.63
C ASP A 1191 -6.39 -4.74 -34.71
N ILE A 1192 -7.41 -3.97 -35.09
CA ILE A 1192 -7.21 -2.93 -36.08
C ILE A 1192 -6.43 -1.82 -35.38
N GLY A 1193 -6.69 -1.65 -34.08
CA GLY A 1193 -5.99 -0.64 -33.31
C GLY A 1193 -4.50 -0.97 -33.26
N GLN A 1194 -4.19 -2.26 -33.16
CA GLN A 1194 -2.80 -2.72 -33.11
C GLN A 1194 -2.12 -2.56 -34.47
N VAL A 1195 -2.86 -2.84 -35.54
CA VAL A 1195 -2.32 -2.70 -36.87
C VAL A 1195 -1.95 -1.24 -37.12
N GLU A 1196 -2.89 -0.33 -36.87
CA GLU A 1196 -2.65 1.09 -37.05
C GLU A 1196 -1.54 1.61 -36.14
N GLY A 1197 -1.57 1.18 -34.87
CA GLY A 1197 -0.55 1.62 -33.93
C GLY A 1197 0.84 1.17 -34.34
N ALA A 1198 0.97 -0.10 -34.71
CA ALA A 1198 2.27 -0.63 -35.14
C ALA A 1198 2.69 0.08 -36.43
N PHE A 1199 1.77 0.16 -37.39
CA PHE A 1199 2.06 0.81 -38.66
C PHE A 1199 2.65 2.20 -38.42
N VAL A 1200 1.97 2.98 -37.58
CA VAL A 1200 2.43 4.32 -37.29
C VAL A 1200 3.80 4.33 -36.61
N GLN A 1201 4.06 3.33 -35.75
CA GLN A 1201 5.37 3.26 -35.08
C GLN A 1201 6.47 2.91 -36.08
N GLY A 1202 6.12 2.14 -37.10
CA GLY A 1202 7.09 1.78 -38.12
C GLY A 1202 7.32 3.02 -38.97
N LEU A 1203 6.24 3.72 -39.27
CA LEU A 1203 6.29 4.95 -40.04
C LEU A 1203 7.27 5.91 -39.38
N GLY A 1204 7.17 6.02 -38.04
CA GLY A 1204 8.06 6.90 -37.32
C GLY A 1204 9.51 6.44 -37.42
N LEU A 1205 9.72 5.13 -37.32
CA LEU A 1205 11.06 4.56 -37.41
C LEU A 1205 11.74 4.83 -38.75
N PHE A 1206 10.99 4.60 -39.83
CA PHE A 1206 11.52 4.76 -41.18
C PHE A 1206 11.49 6.15 -41.77
N THR A 1207 10.75 7.08 -41.17
CA THR A 1207 10.67 8.41 -41.74
C THR A 1207 10.82 9.63 -40.84
N LEU A 1208 10.62 9.47 -39.53
CA LEU A 1208 10.71 10.64 -38.65
C LEU A 1208 11.62 10.60 -37.44
N GLU A 1209 11.73 9.43 -36.82
CA GLU A 1209 12.50 9.29 -35.60
C GLU A 1209 13.99 9.08 -35.76
N GLU A 1210 14.78 9.96 -35.15
CA GLU A 1210 16.22 9.87 -35.24
C GLU A 1210 16.92 10.41 -34.00
N LEU A 1211 17.81 9.59 -33.44
CA LEU A 1211 18.55 9.98 -32.24
C LEU A 1211 19.94 10.45 -32.68
N HIS A 1212 20.36 11.63 -32.23
CA HIS A 1212 21.68 12.14 -32.60
C HIS A 1212 22.61 12.09 -31.39
N TYR A 1213 23.80 11.56 -31.60
CA TYR A 1213 24.80 11.46 -30.54
C TYR A 1213 26.04 12.26 -30.90
N SER A 1214 26.68 12.84 -29.89
CA SER A 1214 27.89 13.60 -30.13
C SER A 1214 28.94 12.57 -30.52
N PRO A 1215 30.07 13.02 -31.10
CA PRO A 1215 31.09 12.04 -31.49
C PRO A 1215 31.60 11.27 -30.26
N GLU A 1216 31.55 11.93 -29.09
CA GLU A 1216 32.00 11.31 -27.85
C GLU A 1216 30.96 10.32 -27.28
N GLY A 1217 29.82 10.17 -27.94
CA GLY A 1217 28.81 9.24 -27.47
C GLY A 1217 27.76 9.78 -26.52
N SER A 1218 27.55 11.10 -26.56
CA SER A 1218 26.54 11.72 -25.70
C SER A 1218 25.29 12.09 -26.49
N LEU A 1219 24.16 11.51 -26.11
CA LEU A 1219 22.89 11.74 -26.76
C LEU A 1219 22.46 13.20 -26.71
N HIS A 1220 22.09 13.75 -27.86
CA HIS A 1220 21.63 15.15 -27.96
C HIS A 1220 20.12 15.21 -27.81
N THR A 1221 19.45 14.26 -28.48
CA THR A 1221 18.00 14.21 -28.49
C THR A 1221 17.44 13.51 -27.28
N ARG A 1222 17.03 14.31 -26.29
CA ARG A 1222 16.49 13.77 -25.04
C ARG A 1222 15.09 14.29 -24.69
N GLY A 1223 14.25 14.50 -25.70
CA GLY A 1223 12.90 14.98 -25.44
C GLY A 1223 12.07 15.07 -26.70
N PRO A 1224 10.74 15.22 -26.58
CA PRO A 1224 9.88 15.31 -27.77
C PRO A 1224 10.23 16.50 -28.66
N SER A 1225 10.90 17.50 -28.08
CA SER A 1225 11.29 18.69 -28.82
C SER A 1225 12.32 18.39 -29.91
N THR A 1226 13.24 17.48 -29.62
CA THR A 1226 14.30 17.11 -30.57
C THR A 1226 14.09 15.72 -31.17
N TYR A 1227 13.34 14.87 -30.46
CA TYR A 1227 13.05 13.53 -30.95
C TYR A 1227 11.61 13.62 -31.44
N LYS A 1228 11.39 13.36 -32.73
CA LYS A 1228 10.07 13.50 -33.31
C LYS A 1228 9.36 12.21 -33.71
N ILE A 1229 8.37 11.83 -32.92
CA ILE A 1229 7.58 10.65 -33.22
C ILE A 1229 6.39 11.15 -34.03
N PRO A 1230 5.65 10.25 -34.67
CA PRO A 1230 4.49 10.65 -35.45
C PRO A 1230 3.51 11.50 -34.66
N ALA A 1231 3.00 12.56 -35.29
CA ALA A 1231 2.04 13.46 -34.66
C ALA A 1231 0.69 13.18 -35.30
N PHE A 1232 -0.38 13.81 -34.79
CA PHE A 1232 -1.69 13.59 -35.37
C PHE A 1232 -1.62 13.80 -36.89
N GLY A 1233 -0.92 14.85 -37.29
CA GLY A 1233 -0.79 15.18 -38.70
C GLY A 1233 0.19 14.35 -39.53
N SER A 1234 0.78 13.33 -38.91
CA SER A 1234 1.76 12.48 -39.61
C SER A 1234 1.13 11.23 -40.20
N ILE A 1235 -0.12 10.94 -39.86
CA ILE A 1235 -0.74 9.72 -40.37
C ILE A 1235 -1.26 9.87 -41.79
N PRO A 1236 -1.36 8.76 -42.52
CA PRO A 1236 -1.86 8.83 -43.90
C PRO A 1236 -3.22 9.52 -43.90
N THR A 1237 -3.36 10.56 -44.72
CA THR A 1237 -4.61 11.30 -44.81
C THR A 1237 -5.79 10.38 -45.12
N GLU A 1238 -5.56 9.40 -45.99
CA GLU A 1238 -6.56 8.40 -46.32
C GLU A 1238 -5.92 7.14 -45.76
N PHE A 1239 -6.54 6.62 -44.70
CA PHE A 1239 -6.02 5.46 -43.97
C PHE A 1239 -7.06 4.34 -43.98
N ARG A 1240 -6.76 3.25 -44.69
CA ARG A 1240 -7.69 2.13 -44.77
C ARG A 1240 -7.04 0.85 -44.26
N VAL A 1241 -7.79 0.12 -43.41
CA VAL A 1241 -7.31 -1.13 -42.84
C VAL A 1241 -8.36 -2.23 -42.98
N SER A 1242 -7.92 -3.40 -43.44
CA SER A 1242 -8.81 -4.53 -43.60
C SER A 1242 -8.21 -5.77 -42.97
N LEU A 1243 -9.04 -6.54 -42.30
CA LEU A 1243 -8.60 -7.79 -41.68
C LEU A 1243 -9.04 -8.87 -42.66
N LEU A 1244 -8.10 -9.69 -43.08
CA LEU A 1244 -8.39 -10.75 -44.04
C LEU A 1244 -9.55 -11.62 -43.56
N ARG A 1245 -10.51 -11.83 -44.44
CA ARG A 1245 -11.69 -12.62 -44.15
C ARG A 1245 -11.49 -14.12 -44.35
N ASP A 1246 -12.24 -14.90 -43.59
CA ASP A 1246 -12.20 -16.36 -43.65
C ASP A 1246 -10.80 -16.95 -43.69
N CYS A 1247 -10.05 -16.74 -42.61
CA CYS A 1247 -8.70 -17.26 -42.52
C CYS A 1247 -8.42 -17.75 -41.11
N PRO A 1248 -9.27 -18.65 -40.59
CA PRO A 1248 -9.11 -19.18 -39.23
C PRO A 1248 -7.77 -19.88 -39.02
N ASN A 1249 -7.12 -19.57 -37.91
CA ASN A 1249 -5.82 -20.14 -37.57
C ASN A 1249 -5.98 -21.21 -36.49
N LYS A 1250 -5.98 -22.48 -36.92
CA LYS A 1250 -6.13 -23.59 -36.01
C LYS A 1250 -4.98 -23.69 -35.01
N LYS A 1251 -3.95 -22.86 -35.19
CA LYS A 1251 -2.79 -22.88 -34.30
C LYS A 1251 -2.91 -22.04 -33.03
N ALA A 1252 -3.96 -21.24 -32.91
CA ALA A 1252 -4.12 -20.40 -31.73
C ALA A 1252 -5.55 -20.31 -31.21
N ILE A 1253 -5.66 -19.77 -29.99
CA ILE A 1253 -6.95 -19.62 -29.30
C ILE A 1253 -8.07 -19.05 -30.18
N TYR A 1254 -9.12 -19.85 -30.35
CA TYR A 1254 -10.28 -19.47 -31.15
C TYR A 1254 -9.92 -19.01 -32.57
N ALA A 1255 -8.94 -19.70 -33.15
CA ALA A 1255 -8.49 -19.45 -34.53
C ALA A 1255 -8.00 -18.04 -34.81
N SER A 1256 -7.41 -17.41 -33.80
CA SER A 1256 -6.90 -16.04 -33.96
C SER A 1256 -5.39 -16.07 -34.22
N LYS A 1257 -4.80 -14.89 -34.37
CA LYS A 1257 -3.37 -14.78 -34.62
C LYS A 1257 -2.79 -13.58 -33.87
N ALA A 1258 -1.50 -13.67 -33.54
CA ALA A 1258 -0.79 -12.59 -32.87
C ALA A 1258 -0.83 -11.38 -33.80
N VAL A 1259 -0.90 -10.19 -33.23
CA VAL A 1259 -0.99 -8.97 -34.03
C VAL A 1259 -0.12 -7.82 -33.53
N GLY A 1260 0.37 -7.95 -32.30
CA GLY A 1260 1.17 -6.88 -31.71
C GLY A 1260 2.31 -6.26 -32.51
N GLU A 1261 3.24 -7.10 -32.95
CA GLU A 1261 4.41 -6.62 -33.69
C GLU A 1261 4.38 -6.76 -35.22
N PRO A 1262 3.81 -7.85 -35.75
CA PRO A 1262 3.71 -8.10 -37.20
C PRO A 1262 3.44 -6.96 -38.18
N PRO A 1263 2.58 -6.00 -37.83
CA PRO A 1263 2.25 -4.86 -38.72
C PRO A 1263 3.26 -3.72 -38.73
N LEU A 1264 4.08 -3.61 -37.71
CA LEU A 1264 5.03 -2.52 -37.66
C LEU A 1264 5.88 -2.35 -38.94
N PHE A 1265 6.42 -3.44 -39.47
CA PHE A 1265 7.23 -3.32 -40.67
C PHE A 1265 6.50 -2.72 -41.87
N LEU A 1266 5.19 -2.93 -41.95
CA LEU A 1266 4.41 -2.42 -43.05
C LEU A 1266 4.53 -0.90 -43.18
N GLY A 1267 5.03 -0.25 -42.13
CA GLY A 1267 5.23 1.18 -42.18
C GLY A 1267 6.32 1.52 -43.19
N ALA A 1268 7.12 0.51 -43.56
CA ALA A 1268 8.21 0.69 -44.52
C ALA A 1268 7.66 1.03 -45.90
N SER A 1269 6.39 0.74 -46.14
CA SER A 1269 5.75 1.01 -47.42
C SER A 1269 5.85 2.50 -47.69
N VAL A 1270 5.79 3.30 -46.63
CA VAL A 1270 5.90 4.74 -46.75
C VAL A 1270 7.33 5.10 -47.16
N PHE A 1271 8.30 4.39 -46.58
CA PHE A 1271 9.71 4.62 -46.88
C PHE A 1271 10.03 4.40 -48.36
N PHE A 1272 9.64 3.23 -48.89
CA PHE A 1272 9.91 2.94 -50.28
C PHE A 1272 9.07 3.74 -51.26
N ALA A 1273 7.95 4.29 -50.79
CA ALA A 1273 7.12 5.12 -51.65
C ALA A 1273 7.92 6.40 -51.81
N ILE A 1274 8.54 6.85 -50.72
CA ILE A 1274 9.33 8.07 -50.72
C ILE A 1274 10.56 7.92 -51.63
N LYS A 1275 11.19 6.75 -51.58
CA LYS A 1275 12.36 6.49 -52.40
C LYS A 1275 11.91 6.50 -53.86
N ASP A 1276 10.70 6.00 -54.10
CA ASP A 1276 10.14 5.96 -55.44
C ASP A 1276 9.98 7.41 -55.92
N ALA A 1277 9.52 8.28 -55.03
CA ALA A 1277 9.34 9.69 -55.37
C ALA A 1277 10.68 10.37 -55.58
N ILE A 1278 11.68 10.01 -54.79
CA ILE A 1278 13.02 10.58 -54.92
C ILE A 1278 13.68 10.19 -56.25
N ARG A 1279 13.38 8.99 -56.75
CA ARG A 1279 13.96 8.57 -58.02
C ARG A 1279 13.34 9.38 -59.15
N ALA A 1280 12.10 9.81 -58.96
CA ALA A 1280 11.39 10.61 -59.96
C ALA A 1280 12.03 11.99 -59.98
N ALA A 1281 12.40 12.47 -58.79
CA ALA A 1281 13.04 13.77 -58.66
C ALA A 1281 14.44 13.75 -59.27
N ARG A 1282 15.19 12.69 -59.01
CA ARG A 1282 16.55 12.56 -59.53
C ARG A 1282 16.54 12.47 -61.06
N ALA A 1283 15.56 11.75 -61.60
CA ALA A 1283 15.44 11.62 -63.04
C ALA A 1283 15.02 12.97 -63.61
N GLN A 1284 14.59 13.86 -62.73
CA GLN A 1284 14.15 15.19 -63.14
C GLN A 1284 15.30 16.19 -63.20
N HIS A 1285 16.04 16.30 -62.10
CA HIS A 1285 17.16 17.25 -62.05
C HIS A 1285 18.54 16.65 -61.88
N THR A 1286 18.62 15.37 -61.52
CA THR A 1286 19.92 14.73 -61.32
C THR A 1286 20.52 14.23 -62.63
N ASN A 1287 20.14 13.02 -63.06
CA ASN A 1287 20.67 12.49 -64.31
C ASN A 1287 19.61 11.73 -65.11
N ASN A 1288 20.07 10.93 -66.07
CA ASN A 1288 19.18 10.17 -66.93
C ASN A 1288 19.29 8.65 -66.76
N ASN A 1289 20.10 8.21 -65.81
CA ASN A 1289 20.25 6.77 -65.63
C ASN A 1289 19.06 6.16 -64.92
N THR A 1290 18.12 5.66 -65.72
CA THR A 1290 16.90 5.04 -65.23
C THR A 1290 17.17 3.86 -64.30
N LYS A 1291 18.40 3.34 -64.35
CA LYS A 1291 18.76 2.21 -63.52
C LYS A 1291 19.79 2.54 -62.45
N GLU A 1292 19.89 3.82 -62.10
CA GLU A 1292 20.81 4.29 -61.09
C GLU A 1292 20.36 3.74 -59.74
N LEU A 1293 21.33 3.43 -58.87
CA LEU A 1293 21.01 2.89 -57.56
C LEU A 1293 21.60 3.75 -56.46
N PHE A 1294 20.89 4.80 -56.06
CA PHE A 1294 21.39 5.67 -55.01
C PHE A 1294 21.01 5.09 -53.65
N ARG A 1295 21.89 5.31 -52.66
CA ARG A 1295 21.67 4.78 -51.32
C ARG A 1295 20.78 5.68 -50.46
N LEU A 1296 19.78 5.07 -49.85
CA LEU A 1296 18.87 5.80 -48.97
C LEU A 1296 18.75 5.00 -47.67
N ASP A 1297 19.31 5.55 -46.61
CA ASP A 1297 19.27 4.90 -45.30
C ASP A 1297 18.04 5.33 -44.54
N SER A 1298 17.69 4.57 -43.51
CA SER A 1298 16.55 4.89 -42.67
C SER A 1298 17.08 5.58 -41.43
N PRO A 1299 16.36 6.59 -40.91
CA PRO A 1299 15.09 7.09 -41.44
C PRO A 1299 15.20 8.06 -42.61
N ALA A 1300 14.20 8.04 -43.49
CA ALA A 1300 14.16 8.95 -44.64
C ALA A 1300 13.53 10.25 -44.15
N THR A 1301 14.31 10.99 -43.38
CA THR A 1301 13.88 12.27 -42.82
C THR A 1301 13.92 13.36 -43.89
N PRO A 1302 13.46 14.57 -43.55
CA PRO A 1302 13.48 15.66 -44.52
C PRO A 1302 14.92 15.87 -45.03
N GLU A 1303 15.90 15.70 -44.13
CA GLU A 1303 17.29 15.86 -44.50
C GLU A 1303 17.73 14.91 -45.61
N LYS A 1304 17.51 13.61 -45.40
CA LYS A 1304 17.91 12.63 -46.40
C LYS A 1304 17.11 12.78 -47.69
N ILE A 1305 15.83 13.12 -47.56
CA ILE A 1305 14.98 13.29 -48.73
C ILE A 1305 15.50 14.46 -49.56
N ARG A 1306 15.71 15.60 -48.93
CA ARG A 1306 16.18 16.78 -49.64
C ARG A 1306 17.57 16.59 -50.23
N ASN A 1307 18.48 16.04 -49.45
CA ASN A 1307 19.86 15.82 -49.91
C ASN A 1307 19.88 14.88 -51.10
N ALA A 1308 18.96 13.92 -51.13
CA ALA A 1308 18.88 12.96 -52.22
C ALA A 1308 18.32 13.58 -53.49
N CYS A 1309 17.60 14.69 -53.35
CA CYS A 1309 17.03 15.37 -54.52
C CYS A 1309 18.07 16.34 -55.06
N VAL A 1310 19.13 15.78 -55.63
CA VAL A 1310 20.24 16.54 -56.19
C VAL A 1310 19.76 17.43 -57.32
N ASP A 1311 20.12 18.70 -57.24
CA ASP A 1311 19.73 19.68 -58.26
C ASP A 1311 20.75 20.80 -58.34
N LYS A 1312 20.37 21.90 -58.99
CA LYS A 1312 21.26 23.03 -59.14
C LYS A 1312 21.58 23.67 -57.80
N PHE A 1313 20.69 23.51 -56.83
CA PHE A 1313 20.91 24.13 -55.53
C PHE A 1313 21.82 23.31 -54.62
N THR A 1314 21.62 22.01 -54.57
CA THR A 1314 22.46 21.17 -53.72
C THR A 1314 23.90 21.28 -54.26
N THR A 1315 24.03 21.14 -55.57
CA THR A 1315 25.33 21.23 -56.23
C THR A 1315 26.03 22.54 -55.89
N LEU A 1316 25.31 23.64 -56.03
CA LEU A 1316 25.86 24.96 -55.76
C LEU A 1316 26.31 25.13 -54.31
N CYS A 1317 25.72 24.37 -53.39
CA CYS A 1317 26.09 24.46 -51.98
C CYS A 1317 27.45 23.84 -51.69
N VAL A 1318 28.00 23.14 -52.66
CA VAL A 1318 29.31 22.50 -52.52
C VAL A 1318 30.37 23.31 -53.28
N THR A 1319 30.08 23.59 -54.54
CA THR A 1319 30.98 24.34 -55.40
C THR A 1319 31.07 25.80 -54.99
N GLY A 1320 30.01 26.32 -54.37
CA GLY A 1320 30.00 27.71 -53.96
C GLY A 1320 30.40 27.92 -52.51
N ALA A 1321 30.83 26.85 -51.85
CA ALA A 1321 31.24 26.91 -50.46
C ALA A 1321 32.35 27.94 -50.22
N LYS A 1326 39.17 25.04 -58.66
CA LYS A 1326 39.58 25.19 -57.24
C LYS A 1326 41.06 24.82 -57.01
N PRO A 1327 41.44 23.55 -57.25
CA PRO A 1327 42.84 23.15 -57.03
C PRO A 1327 43.78 23.69 -58.12
N TRP A 1328 45.03 23.94 -57.74
CA TRP A 1328 46.02 24.46 -58.66
C TRP A 1328 46.20 23.59 -59.91
N SER A 1329 46.17 22.26 -59.72
CA SER A 1329 46.33 21.35 -60.83
C SER A 1329 45.35 20.19 -60.70
N LEU A 1330 45.16 19.46 -61.79
CA LEU A 1330 44.25 18.31 -61.83
C LEU A 1330 44.66 17.35 -62.93
N ARG A 1331 44.96 16.12 -62.55
CA ARG A 1331 45.39 15.10 -63.51
C ARG A 1331 44.37 14.95 -64.63
N VAL A 1332 44.86 14.87 -65.85
CA VAL A 1332 44.00 14.70 -67.01
C VAL A 1332 43.80 13.22 -67.29
N ALA B 3 7.27 29.48 22.45
CA ALA B 3 7.47 28.04 22.78
C ALA B 3 8.93 27.65 22.74
N ASP B 4 9.37 26.90 23.75
CA ASP B 4 10.75 26.44 23.84
C ASP B 4 10.89 25.13 23.09
N GLU B 5 12.13 24.71 22.84
CA GLU B 5 12.37 23.45 22.13
C GLU B 5 12.40 22.29 23.11
N LEU B 6 11.64 21.24 22.81
CA LEU B 6 11.64 20.06 23.64
C LEU B 6 12.72 19.15 23.08
N VAL B 7 13.74 18.90 23.88
CA VAL B 7 14.84 18.06 23.44
C VAL B 7 15.02 16.81 24.29
N PHE B 8 15.01 15.65 23.64
CA PHE B 8 15.22 14.39 24.32
C PHE B 8 15.82 13.42 23.33
N PHE B 9 16.15 12.21 23.79
CA PHE B 9 16.74 11.23 22.90
C PHE B 9 15.91 9.97 22.81
N VAL B 10 15.95 9.33 21.66
CA VAL B 10 15.23 8.09 21.43
C VAL B 10 16.20 7.12 20.81
N ASN B 11 16.48 6.04 21.53
CA ASN B 11 17.41 5.02 21.08
C ASN B 11 18.75 5.63 20.71
N GLY B 12 19.21 6.57 21.54
CA GLY B 12 20.50 7.22 21.33
C GLY B 12 20.51 8.36 20.34
N LYS B 13 19.39 8.56 19.65
CA LYS B 13 19.30 9.61 18.66
C LYS B 13 18.60 10.84 19.24
N LYS B 14 19.23 11.99 19.08
CA LYS B 14 18.68 13.25 19.58
C LYS B 14 17.43 13.69 18.83
N VAL B 15 16.44 14.15 19.58
CA VAL B 15 15.20 14.62 19.00
C VAL B 15 14.95 16.06 19.45
N VAL B 16 14.73 16.94 18.49
CA VAL B 16 14.45 18.34 18.80
C VAL B 16 13.05 18.62 18.28
N GLU B 17 12.09 18.77 19.19
CA GLU B 17 10.73 19.06 18.78
C GLU B 17 10.48 20.53 19.08
N LYS B 18 10.42 21.32 18.02
CA LYS B 18 10.22 22.76 18.14
C LYS B 18 8.78 23.18 18.42
N ASN B 19 7.83 22.29 18.18
CA ASN B 19 6.41 22.58 18.43
C ASN B 19 5.74 21.46 19.21
N ALA B 20 6.32 21.11 20.35
CA ALA B 20 5.76 20.07 21.18
C ALA B 20 4.38 20.46 21.71
N ASP B 21 3.41 19.58 21.50
CA ASP B 21 2.06 19.82 22.00
C ASP B 21 1.94 19.08 23.34
N PRO B 22 1.59 19.81 24.41
CA PRO B 22 1.45 19.21 25.75
C PRO B 22 0.58 17.95 25.80
N GLU B 23 -0.34 17.80 24.85
CA GLU B 23 -1.22 16.63 24.83
C GLU B 23 -0.65 15.41 24.11
N THR B 24 0.52 15.55 23.48
CA THR B 24 1.11 14.43 22.77
C THR B 24 1.76 13.45 23.75
N THR B 25 1.39 12.18 23.64
CA THR B 25 1.96 11.16 24.51
C THR B 25 3.16 10.56 23.79
N LEU B 26 4.06 9.95 24.55
CA LEU B 26 5.24 9.34 23.97
C LEU B 26 4.87 8.24 22.97
N LEU B 27 3.82 7.49 23.26
CA LEU B 27 3.40 6.41 22.38
C LEU B 27 3.01 6.95 21.00
N ALA B 28 2.20 7.99 21.01
CA ALA B 28 1.75 8.61 19.77
C ALA B 28 2.94 9.19 18.99
N TYR B 29 3.87 9.82 19.71
CA TYR B 29 5.03 10.42 19.09
C TYR B 29 5.94 9.36 18.47
N LEU B 30 6.13 8.27 19.19
CA LEU B 30 6.96 7.16 18.71
C LEU B 30 6.37 6.58 17.44
N ARG B 31 5.09 6.26 17.49
CA ARG B 31 4.39 5.64 16.37
C ARG B 31 4.08 6.55 15.17
N ARG B 32 3.69 7.79 15.42
CA ARG B 32 3.30 8.69 14.34
C ARG B 32 4.34 9.69 13.86
N LYS B 33 5.28 10.05 14.72
CA LYS B 33 6.28 11.03 14.34
C LYS B 33 7.64 10.40 14.08
N LEU B 34 8.02 9.42 14.88
CA LEU B 34 9.33 8.78 14.72
C LEU B 34 9.34 7.47 13.96
N GLY B 35 8.16 7.01 13.53
CA GLY B 35 8.11 5.75 12.79
C GLY B 35 8.59 4.51 13.52
N LEU B 36 8.56 4.51 14.84
CA LEU B 36 8.99 3.35 15.63
C LEU B 36 7.70 2.69 16.15
N ARG B 37 7.18 1.75 15.38
CA ARG B 37 5.95 1.06 15.69
C ARG B 37 6.07 -0.21 16.53
N GLY B 38 7.26 -0.44 17.10
CA GLY B 38 7.48 -1.60 17.94
C GLY B 38 6.68 -1.48 19.22
N THR B 39 6.58 -0.27 19.75
CA THR B 39 5.83 0.02 20.97
C THR B 39 4.35 0.03 20.56
N LYS B 40 3.53 -0.73 21.28
CA LYS B 40 2.11 -0.87 20.95
C LYS B 40 1.10 -0.22 21.89
N LEU B 41 -0.12 -0.09 21.39
CA LEU B 41 -1.24 0.45 22.16
C LEU B 41 -2.13 -0.75 22.45
N GLY B 42 -2.35 -1.04 23.73
CA GLY B 42 -3.17 -2.17 24.12
C GLY B 42 -4.39 -1.77 24.95
N CYS B 43 -4.31 -0.64 25.62
CA CYS B 43 -5.44 -0.19 26.43
C CYS B 43 -5.46 1.31 26.62
N GLY B 44 -4.29 1.94 26.64
CA GLY B 44 -4.21 3.38 26.83
C GLY B 44 -4.48 3.83 28.26
N GLU B 45 -4.48 2.89 29.20
CA GLU B 45 -4.74 3.24 30.60
C GLU B 45 -3.76 2.63 31.60
N GLY B 46 -2.54 2.34 31.14
CA GLY B 46 -1.52 1.80 32.02
C GLY B 46 -1.63 0.37 32.53
N GLY B 47 -2.68 -0.35 32.13
CA GLY B 47 -2.83 -1.71 32.63
C GLY B 47 -2.22 -2.88 31.85
N CYS B 48 -2.09 -2.78 30.53
CA CYS B 48 -1.55 -3.90 29.76
C CYS B 48 -0.03 -3.93 29.62
N GLY B 49 0.60 -2.76 29.67
CA GLY B 49 2.05 -2.70 29.55
C GLY B 49 2.61 -2.89 28.15
N ALA B 50 1.73 -3.04 27.16
CA ALA B 50 2.15 -3.23 25.77
C ALA B 50 2.95 -2.06 25.22
N CYS B 51 2.81 -0.91 25.86
CA CYS B 51 3.47 0.31 25.45
C CYS B 51 4.70 0.61 26.29
N THR B 52 5.21 -0.39 26.98
CA THR B 52 6.36 -0.21 27.85
C THR B 52 7.66 0.13 27.14
N VAL B 53 8.32 1.17 27.64
CA VAL B 53 9.61 1.61 27.11
C VAL B 53 10.47 1.90 28.34
N MET B 54 11.77 2.04 28.13
CA MET B 54 12.68 2.36 29.21
C MET B 54 13.06 3.82 29.08
N LEU B 55 13.21 4.49 30.21
CA LEU B 55 13.59 5.89 30.26
C LEU B 55 14.86 5.97 31.10
N SER B 56 15.79 6.80 30.67
CA SER B 56 17.05 6.98 31.39
C SER B 56 17.27 8.46 31.54
N LYS B 57 17.84 8.86 32.67
CA LYS B 57 18.10 10.27 32.91
C LYS B 57 19.18 10.39 33.97
N TYR B 58 19.80 11.56 34.05
CA TYR B 58 20.82 11.81 35.05
C TYR B 58 20.05 12.45 36.21
N ASP B 59 20.13 11.85 37.40
CA ASP B 59 19.42 12.40 38.54
C ASP B 59 20.36 13.36 39.27
N ARG B 60 20.03 14.65 39.21
CA ARG B 60 20.84 15.68 39.86
C ARG B 60 21.01 15.48 41.36
N LEU B 61 19.90 15.23 42.06
CA LEU B 61 19.94 15.02 43.50
C LEU B 61 20.73 13.77 43.87
N GLN B 62 20.57 12.71 43.08
CA GLN B 62 21.28 11.46 43.34
C GLN B 62 22.60 11.42 42.58
N ASP B 63 22.87 12.46 41.81
CA ASP B 63 24.10 12.54 41.01
C ASP B 63 24.37 11.16 40.39
N LYS B 64 23.44 10.67 39.59
CA LYS B 64 23.58 9.36 38.97
C LYS B 64 22.62 9.13 37.80
N ILE B 65 23.00 8.21 36.92
CA ILE B 65 22.17 7.84 35.78
C ILE B 65 21.24 6.74 36.22
N ILE B 66 19.94 6.96 36.08
CA ILE B 66 18.97 5.95 36.50
C ILE B 66 18.16 5.46 35.30
N HIS B 67 17.74 4.20 35.38
CA HIS B 67 16.95 3.58 34.33
C HIS B 67 15.68 3.03 34.96
N PHE B 68 14.53 3.33 34.36
CA PHE B 68 13.27 2.85 34.87
C PHE B 68 12.26 2.70 33.72
N SER B 69 11.30 1.79 33.88
CA SER B 69 10.30 1.57 32.84
C SER B 69 9.15 2.56 32.94
N ALA B 70 8.35 2.65 31.89
CA ALA B 70 7.22 3.58 31.88
C ALA B 70 6.26 3.26 30.75
N ASN B 71 5.00 3.66 30.93
CA ASN B 71 4.00 3.43 29.89
C ASN B 71 4.03 4.62 28.94
N ALA B 72 4.36 4.35 27.68
CA ALA B 72 4.40 5.40 26.69
C ALA B 72 3.01 5.99 26.46
N CYS B 73 1.97 5.21 26.71
CA CYS B 73 0.61 5.70 26.51
C CYS B 73 0.21 6.79 27.49
N LEU B 74 0.89 6.85 28.64
CA LEU B 74 0.55 7.86 29.64
C LEU B 74 1.61 8.94 29.81
N ALA B 75 2.80 8.71 29.24
CA ALA B 75 3.87 9.69 29.38
C ALA B 75 3.76 10.82 28.38
N PRO B 76 3.64 12.06 28.88
CA PRO B 76 3.53 13.24 28.00
C PRO B 76 4.97 13.55 27.55
N ILE B 77 5.16 13.76 26.25
CA ILE B 77 6.51 14.04 25.78
C ILE B 77 7.07 15.26 26.47
N CYS B 78 6.20 16.15 26.95
CA CYS B 78 6.64 17.36 27.62
C CYS B 78 7.20 17.13 29.00
N THR B 79 7.24 15.89 29.44
CA THR B 79 7.81 15.56 30.75
C THR B 79 9.19 14.98 30.51
N LEU B 80 9.47 14.65 29.25
CA LEU B 80 10.73 14.02 28.89
C LEU B 80 11.90 14.89 28.45
N HIS B 81 11.87 16.19 28.74
CA HIS B 81 12.98 17.05 28.33
C HIS B 81 14.29 16.57 28.95
N HIS B 82 15.26 16.24 28.09
CA HIS B 82 16.56 15.75 28.50
C HIS B 82 16.52 14.34 29.08
N VAL B 83 15.56 13.54 28.61
CA VAL B 83 15.43 12.16 29.03
C VAL B 83 15.76 11.28 27.82
N ALA B 84 16.37 10.13 28.06
CA ALA B 84 16.71 9.21 26.99
C ALA B 84 15.74 8.05 27.00
N VAL B 85 15.05 7.87 25.88
CA VAL B 85 14.08 6.79 25.74
C VAL B 85 14.70 5.60 25.01
N THR B 86 14.29 4.40 25.40
CA THR B 86 14.77 3.19 24.77
C THR B 86 13.53 2.35 24.49
N THR B 87 13.28 2.07 23.21
CA THR B 87 12.14 1.25 22.83
C THR B 87 12.68 -0.10 22.45
N VAL B 88 11.80 -1.01 22.07
CA VAL B 88 12.22 -2.35 21.72
C VAL B 88 13.23 -2.32 20.55
N GLU B 89 13.04 -1.39 19.62
CA GLU B 89 13.94 -1.30 18.49
C GLU B 89 15.34 -0.85 18.92
N GLY B 90 15.42 -0.18 20.06
CA GLY B 90 16.70 0.30 20.55
C GLY B 90 17.63 -0.71 21.19
N ILE B 91 17.20 -1.96 21.33
CA ILE B 91 18.09 -2.94 21.97
C ILE B 91 18.49 -4.12 21.10
N GLY B 92 17.87 -4.23 19.93
CA GLY B 92 18.20 -5.34 19.05
C GLY B 92 17.12 -5.52 18.01
N SER B 93 17.43 -6.30 16.99
CA SER B 93 16.50 -6.59 15.91
C SER B 93 17.03 -7.77 15.12
N THR B 94 16.17 -8.36 14.29
CA THR B 94 16.59 -9.50 13.48
C THR B 94 17.51 -9.06 12.33
N LYS B 95 17.52 -7.77 12.04
CA LYS B 95 18.37 -7.23 10.97
C LYS B 95 19.81 -7.12 11.46
N THR B 96 19.98 -6.70 12.70
CA THR B 96 21.30 -6.59 13.30
C THR B 96 21.49 -7.87 14.08
N ARG B 97 21.01 -7.89 15.32
CA ARG B 97 21.05 -9.09 16.14
C ARG B 97 20.23 -8.85 17.40
N LEU B 98 19.50 -9.90 17.80
CA LEU B 98 18.64 -9.85 18.96
C LEU B 98 19.37 -9.71 20.29
N HIS B 99 18.81 -8.88 21.16
CA HIS B 99 19.37 -8.71 22.51
C HIS B 99 19.00 -10.02 23.20
N PRO B 100 19.80 -10.43 24.21
CA PRO B 100 19.51 -11.68 24.94
C PRO B 100 18.06 -11.81 25.39
N VAL B 101 17.47 -10.71 25.84
CA VAL B 101 16.07 -10.74 26.28
C VAL B 101 15.14 -11.15 25.13
N GLN B 102 15.33 -10.54 23.96
CA GLN B 102 14.49 -10.86 22.81
C GLN B 102 14.72 -12.30 22.37
N GLU B 103 15.98 -12.73 22.34
CA GLU B 103 16.29 -14.08 21.93
C GLU B 103 15.64 -15.15 22.82
N ARG B 104 15.72 -14.96 24.13
CA ARG B 104 15.19 -15.95 25.06
C ARG B 104 13.67 -16.05 25.08
N ILE B 105 12.96 -14.93 25.05
CA ILE B 105 11.51 -15.01 25.06
C ILE B 105 11.05 -15.70 23.77
N ALA B 106 11.76 -15.46 22.67
CA ALA B 106 11.40 -16.07 21.40
C ALA B 106 11.73 -17.56 21.39
N LYS B 107 12.94 -17.90 21.80
CA LYS B 107 13.35 -19.30 21.83
C LYS B 107 12.60 -20.15 22.87
N SER B 108 12.16 -19.52 23.97
CA SER B 108 11.45 -20.22 25.03
C SER B 108 9.95 -20.36 24.73
N HIS B 109 9.55 -19.91 23.54
CA HIS B 109 8.15 -19.98 23.13
C HIS B 109 7.30 -19.07 24.03
N GLY B 110 7.87 -17.94 24.41
CA GLY B 110 7.17 -17.00 25.25
C GLY B 110 6.43 -15.96 24.41
N SER B 111 6.35 -16.22 23.11
CA SER B 111 5.67 -15.30 22.21
C SER B 111 4.74 -16.06 21.28
N GLN B 112 3.46 -15.67 21.28
CA GLN B 112 2.50 -16.31 20.41
C GLN B 112 1.98 -15.30 19.41
N CYS B 113 0.94 -14.53 19.75
CA CYS B 113 0.45 -13.55 18.81
C CYS B 113 1.55 -12.49 18.73
N GLY B 114 2.25 -12.29 19.84
CA GLY B 114 3.36 -11.35 19.90
C GLY B 114 3.07 -9.89 20.18
N PHE B 115 1.80 -9.50 20.24
CA PHE B 115 1.51 -8.09 20.48
C PHE B 115 1.99 -7.57 21.83
N CYS B 116 2.18 -8.48 22.79
CA CYS B 116 2.63 -8.08 24.13
C CYS B 116 4.14 -8.20 24.32
N THR B 117 4.79 -8.93 23.44
CA THR B 117 6.22 -9.19 23.55
C THR B 117 7.09 -7.95 23.73
N PRO B 118 6.91 -6.92 22.90
CA PRO B 118 7.75 -5.72 23.06
C PRO B 118 7.70 -5.12 24.47
N GLY B 119 6.50 -4.95 25.01
CA GLY B 119 6.37 -4.38 26.35
C GLY B 119 7.04 -5.26 27.38
N ILE B 120 6.77 -6.56 27.29
CA ILE B 120 7.35 -7.51 28.22
C ILE B 120 8.88 -7.49 28.08
N VAL B 121 9.37 -7.43 26.85
CA VAL B 121 10.81 -7.37 26.59
C VAL B 121 11.41 -6.16 27.30
N MET B 122 10.76 -5.00 27.17
CA MET B 122 11.30 -3.80 27.80
C MET B 122 11.21 -3.81 29.33
N SER B 123 10.23 -4.52 29.88
CA SER B 123 10.13 -4.59 31.33
C SER B 123 11.32 -5.40 31.85
N MET B 124 11.59 -6.51 31.18
CA MET B 124 12.69 -7.40 31.53
C MET B 124 14.01 -6.68 31.31
N TYR B 125 14.12 -6.03 30.16
CA TYR B 125 15.33 -5.30 29.80
C TYR B 125 15.65 -4.25 30.87
N THR B 126 14.62 -3.51 31.27
CA THR B 126 14.81 -2.48 32.27
C THR B 126 15.34 -3.07 33.57
N LEU B 127 14.80 -4.24 33.94
CA LEU B 127 15.26 -4.91 35.16
C LEU B 127 16.75 -5.21 35.04
N LEU B 128 17.15 -5.81 33.92
CA LEU B 128 18.56 -6.14 33.71
C LEU B 128 19.47 -4.93 33.73
N ARG B 129 18.99 -3.79 33.25
CA ARG B 129 19.81 -2.59 33.26
C ARG B 129 19.94 -2.08 34.69
N ASN B 130 19.10 -2.58 35.58
CA ASN B 130 19.14 -2.19 36.98
C ASN B 130 19.80 -3.28 37.80
N GLN B 131 19.63 -4.53 37.36
CA GLN B 131 20.21 -5.67 38.06
C GLN B 131 20.58 -6.76 37.06
N PRO B 132 21.85 -6.77 36.62
CA PRO B 132 22.42 -7.72 35.66
C PRO B 132 22.06 -9.16 35.99
N GLU B 133 22.03 -9.49 37.28
CA GLU B 133 21.67 -10.83 37.71
C GLU B 133 20.59 -10.71 38.78
N PRO B 134 19.33 -10.63 38.37
CA PRO B 134 18.21 -10.51 39.30
C PRO B 134 17.80 -11.86 39.88
N THR B 135 16.97 -11.82 40.92
CA THR B 135 16.48 -13.04 41.55
C THR B 135 15.19 -13.44 40.83
N VAL B 136 14.81 -14.69 40.95
CA VAL B 136 13.58 -15.17 40.33
C VAL B 136 12.41 -14.28 40.80
N GLU B 137 12.51 -13.79 42.03
CA GLU B 137 11.46 -12.95 42.58
C GLU B 137 11.43 -11.60 41.89
N GLU B 138 12.61 -11.00 41.70
CA GLU B 138 12.70 -9.72 41.03
C GLU B 138 12.17 -9.87 39.60
N ILE B 139 12.59 -10.95 38.94
CA ILE B 139 12.17 -11.21 37.58
C ILE B 139 10.65 -11.22 37.48
N GLU B 140 9.99 -11.93 38.40
CA GLU B 140 8.53 -12.00 38.36
C GLU B 140 7.86 -10.67 38.67
N ASP B 141 8.45 -9.89 39.57
CA ASP B 141 7.88 -8.59 39.93
C ASP B 141 8.00 -7.56 38.82
N ALA B 142 8.89 -7.81 37.87
CA ALA B 142 9.09 -6.89 36.76
C ALA B 142 7.86 -6.82 35.88
N PHE B 143 7.00 -7.84 35.98
CA PHE B 143 5.81 -7.89 35.13
C PHE B 143 4.46 -7.69 35.81
N GLN B 144 4.43 -6.92 36.90
CA GLN B 144 3.17 -6.64 37.59
C GLN B 144 2.27 -5.84 36.64
N GLY B 145 2.91 -5.12 35.72
CA GLY B 145 2.17 -4.30 34.77
C GLY B 145 2.14 -4.78 33.33
N ASN B 146 2.41 -6.06 33.09
CA ASN B 146 2.36 -6.58 31.73
C ASN B 146 1.36 -7.71 31.60
N LEU B 147 0.50 -7.63 30.58
CA LEU B 147 -0.50 -8.65 30.34
C LEU B 147 -0.25 -9.42 29.04
N CYS B 148 -0.56 -10.71 29.05
CA CYS B 148 -0.42 -11.56 27.87
C CYS B 148 -1.65 -12.46 27.87
N ARG B 149 -2.33 -12.54 26.73
CA ARG B 149 -3.55 -13.33 26.59
C ARG B 149 -3.33 -14.68 25.93
N CYS B 150 -2.19 -14.86 25.27
CA CYS B 150 -1.89 -16.07 24.53
C CYS B 150 -1.12 -17.19 25.21
N THR B 151 -0.02 -16.84 25.87
CA THR B 151 0.87 -17.83 26.45
C THR B 151 0.60 -18.52 27.77
N GLY B 152 -0.15 -17.90 28.67
CA GLY B 152 -0.36 -18.54 29.96
C GLY B 152 0.84 -18.18 30.83
N TYR B 153 1.65 -17.25 30.33
CA TYR B 153 2.83 -16.73 31.01
C TYR B 153 3.99 -17.67 31.38
N ARG B 154 3.69 -18.95 31.61
CA ARG B 154 4.71 -19.92 32.01
C ARG B 154 6.03 -19.87 31.21
N PRO B 155 5.96 -19.98 29.87
CA PRO B 155 7.18 -19.95 29.06
C PRO B 155 8.02 -18.69 29.23
N ILE B 156 7.35 -17.55 29.36
CA ILE B 156 8.04 -16.26 29.54
C ILE B 156 8.84 -16.23 30.83
N LEU B 157 8.23 -16.67 31.92
CA LEU B 157 8.92 -16.67 33.21
C LEU B 157 10.03 -17.70 33.19
N GLN B 158 9.74 -18.88 32.67
CA GLN B 158 10.75 -19.93 32.61
C GLN B 158 11.91 -19.53 31.68
N GLY B 159 11.61 -18.80 30.62
CA GLY B 159 12.67 -18.38 29.73
C GLY B 159 13.56 -17.35 30.39
N PHE B 160 12.95 -16.31 30.95
CA PHE B 160 13.71 -15.25 31.61
C PHE B 160 14.38 -15.67 32.90
N ARG B 161 13.90 -16.78 33.46
CA ARG B 161 14.45 -17.31 34.70
C ARG B 161 15.93 -17.61 34.49
N THR B 162 16.32 -17.85 33.25
CA THR B 162 17.70 -18.17 32.91
C THR B 162 18.65 -17.02 33.22
N PHE B 163 18.10 -15.82 33.41
CA PHE B 163 18.92 -14.65 33.73
C PHE B 163 19.25 -14.60 35.22
N ALA B 164 18.55 -15.39 36.04
CA ALA B 164 18.77 -15.38 37.49
C ALA B 164 20.07 -16.06 37.92
N PRO B 193 12.51 -35.14 26.35
CA PRO B 193 13.08 -34.02 25.57
C PRO B 193 12.68 -32.68 26.19
N SER B 194 13.40 -31.61 25.80
CA SER B 194 13.12 -30.28 26.31
C SER B 194 12.50 -29.39 25.24
N LEU B 195 11.79 -28.35 25.67
CA LEU B 195 11.15 -27.43 24.74
C LEU B 195 12.15 -26.43 24.16
N PHE B 196 13.18 -26.10 24.94
CA PHE B 196 14.22 -25.19 24.49
C PHE B 196 15.50 -25.48 25.25
N ASN B 197 16.63 -25.01 24.73
CA ASN B 197 17.91 -25.27 25.37
C ASN B 197 18.66 -24.01 25.78
N PRO B 198 18.69 -23.72 27.09
CA PRO B 198 19.33 -22.55 27.70
C PRO B 198 20.80 -22.38 27.32
N GLU B 199 21.49 -23.48 27.05
CA GLU B 199 22.90 -23.43 26.68
C GLU B 199 23.14 -22.74 25.34
N GLU B 200 22.11 -22.70 24.50
CA GLU B 200 22.21 -22.05 23.19
C GLU B 200 22.12 -20.54 23.34
N PHE B 201 21.66 -20.08 24.50
CA PHE B 201 21.48 -18.66 24.77
C PHE B 201 22.77 -17.84 24.84
N MET B 202 22.73 -16.65 24.23
CA MET B 202 23.87 -15.76 24.26
C MET B 202 23.91 -15.06 25.60
N PRO B 203 25.05 -15.15 26.31
CA PRO B 203 25.14 -14.49 27.61
C PRO B 203 24.92 -12.99 27.51
N LEU B 204 24.51 -12.39 28.63
CA LEU B 204 24.29 -10.96 28.71
C LEU B 204 25.66 -10.32 28.90
N ASP B 205 25.91 -9.22 28.21
CA ASP B 205 27.20 -8.54 28.34
C ASP B 205 27.01 -7.04 28.49
N PRO B 206 26.93 -6.55 29.73
CA PRO B 206 26.75 -5.13 30.01
C PRO B 206 27.68 -4.21 29.23
N THR B 207 28.90 -4.67 28.95
CA THR B 207 29.87 -3.87 28.22
C THR B 207 29.37 -3.54 26.81
N GLN B 208 28.44 -4.32 26.30
CA GLN B 208 27.92 -4.09 24.95
C GLN B 208 26.58 -3.35 24.88
N GLU B 209 26.12 -2.80 26.00
CA GLU B 209 24.84 -2.08 26.04
C GLU B 209 25.00 -0.62 25.61
N PRO B 210 23.97 -0.06 24.95
CA PRO B 210 24.03 1.33 24.48
C PRO B 210 24.38 2.26 25.63
N ILE B 211 25.29 3.18 25.40
CA ILE B 211 25.69 4.11 26.46
C ILE B 211 24.71 5.27 26.54
N PHE B 212 24.71 5.91 27.70
CA PHE B 212 23.86 7.05 27.95
C PHE B 212 24.30 8.15 26.98
N PRO B 213 23.36 8.81 26.29
CA PRO B 213 23.71 9.87 25.34
C PRO B 213 24.68 10.89 25.93
N PRO B 214 25.93 10.86 25.45
CA PRO B 214 26.99 11.76 25.92
C PRO B 214 26.56 13.23 25.97
N GLU B 215 25.75 13.63 25.00
CA GLU B 215 25.28 15.01 24.97
C GLU B 215 24.45 15.33 26.21
N LEU B 216 23.65 14.37 26.65
CA LEU B 216 22.82 14.54 27.84
C LEU B 216 23.67 14.69 29.08
N LEU B 217 24.70 13.86 29.18
CA LEU B 217 25.58 13.89 30.33
C LEU B 217 26.22 15.27 30.50
N ARG B 218 26.48 15.96 29.40
CA ARG B 218 27.08 17.29 29.45
C ARG B 218 26.05 18.31 29.92
N LEU B 219 24.86 18.23 29.33
CA LEU B 219 23.76 19.13 29.66
C LEU B 219 23.42 19.12 31.13
N LYS B 220 23.89 18.09 31.85
CA LYS B 220 23.61 17.97 33.28
C LYS B 220 24.22 19.13 34.05
N ASP B 221 25.28 19.71 33.50
CA ASP B 221 25.96 20.83 34.15
C ASP B 221 25.20 22.14 33.98
N VAL B 222 24.63 22.35 32.79
CA VAL B 222 23.87 23.56 32.49
C VAL B 222 22.72 23.77 33.47
N PRO B 223 22.54 25.01 33.95
CA PRO B 223 21.48 25.39 34.89
C PRO B 223 20.07 25.24 34.30
N PRO B 224 19.25 24.35 34.88
CA PRO B 224 17.88 24.13 34.40
C PRO B 224 17.08 25.43 34.39
N LYS B 225 16.29 25.63 33.34
CA LYS B 225 15.47 26.83 33.25
C LYS B 225 14.03 26.49 32.89
N GLN B 226 13.11 27.36 33.26
CA GLN B 226 11.70 27.16 33.00
C GLN B 226 11.44 27.02 31.50
N LEU B 227 10.60 26.06 31.14
CA LEU B 227 10.26 25.82 29.74
C LEU B 227 8.76 25.99 29.51
N ARG B 228 8.41 26.44 28.31
CA ARG B 228 7.02 26.64 27.93
C ARG B 228 6.71 25.92 26.61
N PHE B 229 5.66 25.09 26.63
CA PHE B 229 5.24 24.36 25.46
C PHE B 229 3.81 24.76 25.13
N GLU B 230 3.49 24.88 23.84
CA GLU B 230 2.17 25.29 23.42
C GLU B 230 1.55 24.36 22.40
N GLY B 231 0.37 23.83 22.72
CA GLY B 231 -0.29 22.92 21.81
C GLY B 231 -1.56 23.54 21.25
N GLU B 232 -2.37 22.72 20.60
CA GLU B 232 -3.62 23.19 20.02
C GLU B 232 -4.59 23.69 21.10
N ARG B 233 -4.55 23.06 22.28
CA ARG B 233 -5.46 23.45 23.35
C ARG B 233 -4.80 23.63 24.72
N VAL B 234 -3.57 23.20 24.87
CA VAL B 234 -2.89 23.30 26.16
C VAL B 234 -1.52 23.98 26.17
N THR B 235 -1.28 24.77 27.21
CA THR B 235 0.00 25.43 27.41
C THR B 235 0.60 24.68 28.59
N TRP B 236 1.88 24.35 28.48
CA TRP B 236 2.56 23.59 29.54
C TRP B 236 3.82 24.28 30.01
N ILE B 237 3.88 24.60 31.29
CA ILE B 237 5.04 25.26 31.87
C ILE B 237 5.80 24.26 32.74
N GLN B 238 7.06 24.03 32.41
CA GLN B 238 7.89 23.11 33.18
C GLN B 238 8.68 24.00 34.14
N ALA B 239 8.24 24.04 35.40
CA ALA B 239 8.88 24.86 36.42
C ALA B 239 10.20 24.27 36.88
N SER B 240 11.24 25.10 36.95
CA SER B 240 12.56 24.63 37.38
C SER B 240 12.84 24.80 38.88
N THR B 241 12.24 25.81 39.50
CA THR B 241 12.46 26.05 40.93
C THR B 241 11.14 26.20 41.70
N LEU B 242 11.22 26.06 43.02
CA LEU B 242 10.04 26.19 43.87
C LEU B 242 9.45 27.60 43.81
N LYS B 243 10.32 28.61 43.75
CA LYS B 243 9.87 30.00 43.67
C LYS B 243 8.99 30.15 42.43
N GLU B 244 9.47 29.61 41.31
CA GLU B 244 8.73 29.66 40.06
C GLU B 244 7.37 29.00 40.23
N LEU B 245 7.37 27.82 40.85
CA LEU B 245 6.12 27.09 41.06
C LEU B 245 5.11 27.94 41.82
N LEU B 246 5.56 28.59 42.89
CA LEU B 246 4.67 29.43 43.69
C LEU B 246 4.17 30.60 42.86
N ASP B 247 5.10 31.31 42.21
CA ASP B 247 4.73 32.44 41.37
C ASP B 247 3.75 32.01 40.30
N LEU B 248 4.06 30.92 39.61
CA LEU B 248 3.17 30.42 38.56
C LEU B 248 1.78 30.17 39.10
N LYS B 249 1.71 29.59 40.30
CA LYS B 249 0.42 29.31 40.93
C LYS B 249 -0.25 30.60 41.40
N ALA B 250 0.56 31.58 41.76
CA ALA B 250 0.03 32.87 42.21
C ALA B 250 -0.52 33.66 41.03
N GLN B 251 0.11 33.52 39.88
CA GLN B 251 -0.31 34.22 38.67
C GLN B 251 -1.36 33.42 37.93
N HIS B 252 -1.34 32.10 38.12
CA HIS B 252 -2.30 31.21 37.46
C HIS B 252 -2.90 30.22 38.43
N PRO B 253 -3.74 30.71 39.36
CA PRO B 253 -4.40 29.88 40.36
C PRO B 253 -5.12 28.67 39.77
N GLU B 254 -5.51 28.76 38.51
CA GLU B 254 -6.22 27.66 37.85
C GLU B 254 -5.31 26.67 37.13
N ALA B 255 -4.01 26.94 37.09
CA ALA B 255 -3.07 26.05 36.43
C ALA B 255 -3.12 24.68 37.09
N LYS B 256 -3.18 23.63 36.27
CA LYS B 256 -3.24 22.27 36.77
C LYS B 256 -1.87 21.63 36.90
N LEU B 257 -1.55 21.12 38.09
CA LEU B 257 -0.25 20.48 38.29
C LEU B 257 -0.25 19.09 37.70
N VAL B 258 0.90 18.68 37.15
CA VAL B 258 1.05 17.35 36.57
C VAL B 258 2.45 16.84 36.86
N VAL B 259 2.55 15.58 37.24
CA VAL B 259 3.84 14.96 37.54
C VAL B 259 3.94 13.69 36.70
N GLY B 260 3.32 12.61 37.19
CA GLY B 260 3.36 11.34 36.46
C GLY B 260 2.27 11.26 35.39
N ASN B 261 1.25 12.09 35.53
CA ASN B 261 0.15 12.12 34.57
C ASN B 261 -0.62 10.80 34.54
N THR B 262 -0.41 9.93 35.52
CA THR B 262 -1.12 8.64 35.52
C THR B 262 -2.59 8.82 35.91
N GLU B 263 -2.94 10.02 36.37
CA GLU B 263 -4.33 10.30 36.71
C GLU B 263 -4.90 11.28 35.70
N ILE B 264 -4.15 12.35 35.45
CA ILE B 264 -4.58 13.37 34.50
C ILE B 264 -4.76 12.80 33.11
N GLY B 265 -3.86 11.91 32.69
CA GLY B 265 -3.97 11.31 31.38
C GLY B 265 -5.27 10.54 31.24
N ILE B 266 -5.68 9.90 32.34
CA ILE B 266 -6.93 9.14 32.33
C ILE B 266 -8.08 10.15 32.23
N GLU B 267 -8.01 11.19 33.05
CA GLU B 267 -9.05 12.22 33.05
C GLU B 267 -9.18 12.85 31.66
N MET B 268 -8.04 13.08 31.00
CA MET B 268 -8.02 13.67 29.67
C MET B 268 -8.68 12.75 28.66
N LYS B 269 -8.16 11.52 28.58
CA LYS B 269 -8.65 10.52 27.64
C LYS B 269 -10.02 9.90 27.88
N PHE B 270 -10.37 9.67 29.14
CA PHE B 270 -11.65 9.04 29.42
C PHE B 270 -12.70 9.87 30.14
N LYS B 271 -12.29 10.93 30.83
CA LYS B 271 -13.26 11.75 31.54
C LYS B 271 -13.61 13.03 30.79
N ASN B 272 -13.15 13.13 29.55
CA ASN B 272 -13.45 14.30 28.74
C ASN B 272 -13.02 15.59 29.43
N GLN B 273 -11.92 15.53 30.15
CA GLN B 273 -11.43 16.71 30.85
C GLN B 273 -10.41 17.47 30.00
N LEU B 274 -10.30 18.78 30.23
CA LEU B 274 -9.36 19.60 29.50
C LEU B 274 -8.82 20.71 30.39
N PHE B 275 -7.51 20.70 30.61
CA PHE B 275 -6.89 21.71 31.44
C PHE B 275 -6.01 22.61 30.59
N PRO B 276 -6.53 23.77 30.19
CA PRO B 276 -5.85 24.78 29.36
C PRO B 276 -4.39 25.00 29.74
N MET B 277 -4.12 25.12 31.03
CA MET B 277 -2.75 25.32 31.45
C MET B 277 -2.30 24.24 32.42
N ILE B 278 -1.07 23.80 32.25
CA ILE B 278 -0.50 22.78 33.10
C ILE B 278 0.86 23.19 33.57
N ILE B 279 1.16 22.90 34.83
CA ILE B 279 2.46 23.20 35.40
C ILE B 279 3.07 21.89 35.85
N CYS B 280 4.25 21.57 35.35
CA CYS B 280 4.92 20.35 35.77
C CYS B 280 6.07 20.74 36.68
N PRO B 281 5.97 20.40 37.98
CA PRO B 281 7.00 20.72 38.97
C PRO B 281 7.93 19.55 39.29
N ALA B 282 7.92 18.54 38.43
CA ALA B 282 8.72 17.34 38.62
C ALA B 282 10.21 17.56 38.82
N TRP B 283 10.74 18.69 38.36
CA TRP B 283 12.17 18.99 38.47
C TRP B 283 12.60 19.59 39.80
N ILE B 284 11.68 20.31 40.45
CA ILE B 284 11.97 20.99 41.70
C ILE B 284 12.57 20.11 42.79
N PRO B 285 13.80 20.46 43.22
CA PRO B 285 14.53 19.72 44.26
C PRO B 285 13.70 19.45 45.50
N GLU B 286 13.03 20.48 46.00
CA GLU B 286 12.20 20.34 47.19
C GLU B 286 11.12 19.28 47.03
N LEU B 287 10.60 19.14 45.82
CA LEU B 287 9.54 18.15 45.55
C LEU B 287 10.09 16.74 45.35
N ASN B 288 11.41 16.59 45.41
CA ASN B 288 12.05 15.29 45.23
C ASN B 288 12.95 14.94 46.42
N ALA B 289 13.07 15.87 47.35
CA ALA B 289 13.92 15.65 48.52
C ALA B 289 13.39 14.56 49.45
N VAL B 290 14.32 13.81 50.03
CA VAL B 290 14.00 12.75 50.97
C VAL B 290 14.79 13.05 52.23
N GLU B 291 14.09 13.35 53.32
CA GLU B 291 14.75 13.70 54.57
C GLU B 291 14.37 12.81 55.74
N HIS B 292 15.38 12.28 56.43
CA HIS B 292 15.18 11.42 57.59
C HIS B 292 15.22 12.27 58.86
N GLY B 293 14.06 12.49 59.45
CA GLY B 293 14.00 13.29 60.67
C GLY B 293 13.71 12.49 61.92
N PRO B 294 13.62 13.17 63.08
CA PRO B 294 13.35 12.47 64.33
C PRO B 294 11.98 11.79 64.40
N GLU B 295 10.97 12.39 63.75
CA GLU B 295 9.62 11.84 63.77
C GLU B 295 9.33 10.81 62.69
N GLY B 296 10.04 10.90 61.56
CA GLY B 296 9.81 9.97 60.47
C GLY B 296 10.62 10.33 59.24
N ILE B 297 10.19 9.85 58.08
CA ILE B 297 10.89 10.14 56.83
C ILE B 297 10.03 10.99 55.89
N SER B 298 10.55 12.15 55.51
CA SER B 298 9.83 13.06 54.63
C SER B 298 10.15 12.86 53.14
N PHE B 299 9.11 12.78 52.32
CA PHE B 299 9.28 12.61 50.87
C PHE B 299 8.66 13.79 50.16
N GLY B 300 9.40 14.37 49.22
CA GLY B 300 8.85 15.47 48.45
C GLY B 300 7.65 14.91 47.74
N ALA B 301 6.64 15.74 47.49
CA ALA B 301 5.41 15.29 46.83
C ALA B 301 5.58 14.74 45.42
N ALA B 302 6.70 15.05 44.77
CA ALA B 302 6.92 14.58 43.41
C ALA B 302 7.65 13.23 43.39
N CYS B 303 8.15 12.80 44.54
CA CYS B 303 8.86 11.53 44.62
C CYS B 303 7.99 10.41 44.05
N ALA B 304 8.61 9.54 43.25
CA ALA B 304 7.88 8.44 42.65
C ALA B 304 7.63 7.36 43.69
N LEU B 305 6.53 6.63 43.52
CA LEU B 305 6.19 5.56 44.44
C LEU B 305 7.28 4.51 44.52
N SER B 306 7.99 4.30 43.41
CA SER B 306 9.08 3.32 43.40
C SER B 306 10.20 3.82 44.30
N SER B 307 10.38 5.14 44.37
CA SER B 307 11.40 5.73 45.23
C SER B 307 11.00 5.55 46.69
N VAL B 308 9.73 5.85 46.98
CA VAL B 308 9.20 5.72 48.32
C VAL B 308 9.39 4.28 48.76
N GLU B 309 9.01 3.36 47.89
CA GLU B 309 9.13 1.94 48.15
C GLU B 309 10.59 1.59 48.46
N LYS B 310 11.49 2.00 47.58
CA LYS B 310 12.91 1.71 47.77
C LYS B 310 13.41 2.28 49.11
N THR B 311 13.12 3.55 49.35
CA THR B 311 13.53 4.20 50.58
C THR B 311 13.02 3.49 51.83
N LEU B 312 11.75 3.10 51.82
CA LEU B 312 11.14 2.43 52.96
C LEU B 312 11.65 1.01 53.17
N LEU B 313 11.96 0.30 52.08
CA LEU B 313 12.49 -1.04 52.24
C LEU B 313 13.82 -0.95 52.98
N GLU B 314 14.64 0.04 52.62
CA GLU B 314 15.94 0.22 53.26
C GLU B 314 15.74 0.53 54.75
N ALA B 315 14.85 1.47 55.04
CA ALA B 315 14.58 1.85 56.43
C ALA B 315 14.11 0.64 57.24
N VAL B 316 13.33 -0.22 56.61
CA VAL B 316 12.83 -1.41 57.30
C VAL B 316 13.98 -2.37 57.62
N ALA B 317 14.89 -2.51 56.66
CA ALA B 317 16.03 -3.41 56.84
C ALA B 317 17.08 -2.90 57.81
N LYS B 318 17.07 -1.60 58.09
CA LYS B 318 18.07 -1.03 58.99
C LYS B 318 17.54 -0.58 60.35
N LEU B 319 16.26 -0.25 60.43
CA LEU B 319 15.69 0.22 61.69
C LEU B 319 14.99 -0.88 62.47
N PRO B 320 14.91 -0.72 63.80
CA PRO B 320 14.25 -1.71 64.66
C PRO B 320 12.81 -1.91 64.22
N THR B 321 12.34 -3.16 64.27
CA THR B 321 10.99 -3.51 63.87
C THR B 321 9.92 -2.64 64.51
N GLN B 322 10.16 -2.18 65.73
CA GLN B 322 9.19 -1.37 66.45
C GLN B 322 8.96 0.03 65.88
N LYS B 323 9.91 0.52 65.09
CA LYS B 323 9.78 1.84 64.51
C LYS B 323 9.28 1.83 63.07
N THR B 324 9.15 0.65 62.48
CA THR B 324 8.73 0.55 61.09
C THR B 324 7.35 -0.03 60.80
N GLU B 325 6.47 -0.06 61.81
CA GLU B 325 5.12 -0.61 61.63
C GLU B 325 4.34 0.12 60.51
N VAL B 326 4.41 1.45 60.50
CA VAL B 326 3.71 2.22 59.46
C VAL B 326 4.39 2.00 58.11
N PHE B 327 5.71 2.12 58.09
CA PHE B 327 6.48 1.93 56.86
C PHE B 327 6.09 0.64 56.18
N ARG B 328 6.05 -0.44 56.95
CA ARG B 328 5.69 -1.74 56.41
C ARG B 328 4.23 -1.74 55.97
N GLY B 329 3.43 -0.89 56.57
CA GLY B 329 2.03 -0.81 56.18
C GLY B 329 2.00 -0.27 54.76
N VAL B 330 2.78 0.78 54.53
CA VAL B 330 2.85 1.38 53.22
C VAL B 330 3.37 0.38 52.19
N LEU B 331 4.45 -0.31 52.53
CA LEU B 331 5.04 -1.29 51.61
C LEU B 331 4.08 -2.40 51.23
N GLU B 332 3.25 -2.85 52.16
CA GLU B 332 2.30 -3.91 51.88
C GLU B 332 1.28 -3.43 50.85
N GLN B 333 0.92 -2.15 50.91
CA GLN B 333 -0.02 -1.59 49.96
C GLN B 333 0.69 -1.45 48.61
N LEU B 334 1.91 -0.94 48.63
CA LEU B 334 2.67 -0.75 47.40
C LEU B 334 2.98 -2.06 46.69
N ARG B 335 2.89 -3.17 47.42
CA ARG B 335 3.16 -4.49 46.84
C ARG B 335 2.18 -4.79 45.71
N TRP B 336 0.94 -4.36 45.90
CA TRP B 336 -0.10 -4.63 44.91
C TRP B 336 -0.63 -3.33 44.34
N PHE B 337 0.27 -2.38 44.17
CA PHE B 337 -0.08 -1.07 43.65
C PHE B 337 0.50 -0.93 42.24
N ALA B 338 -0.36 -1.11 41.24
CA ALA B 338 0.07 -0.98 39.85
C ALA B 338 1.28 -1.85 39.56
N GLY B 339 2.02 -1.48 38.52
CA GLY B 339 3.20 -2.23 38.14
C GLY B 339 4.40 -1.32 38.18
N LYS B 340 5.55 -1.85 37.80
CA LYS B 340 6.79 -1.07 37.80
C LYS B 340 6.69 0.20 36.96
N GLN B 341 6.09 0.10 35.78
CA GLN B 341 5.96 1.26 34.89
C GLN B 341 5.23 2.41 35.55
N VAL B 342 4.10 2.12 36.20
CA VAL B 342 3.33 3.17 36.84
C VAL B 342 3.98 3.67 38.11
N LYS B 343 4.46 2.76 38.96
CA LYS B 343 5.09 3.17 40.20
C LYS B 343 6.34 4.00 39.95
N SER B 344 6.96 3.81 38.79
CA SER B 344 8.17 4.56 38.45
C SER B 344 7.89 6.02 38.09
N VAL B 345 6.64 6.34 37.76
CA VAL B 345 6.28 7.72 37.41
C VAL B 345 5.18 8.29 38.31
N ALA B 346 4.39 7.41 38.91
CA ALA B 346 3.33 7.85 39.80
C ALA B 346 3.96 8.55 41.00
N SER B 347 3.58 9.79 41.27
CA SER B 347 4.14 10.52 42.41
C SER B 347 3.32 10.30 43.68
N LEU B 348 3.97 10.55 44.81
CA LEU B 348 3.35 10.40 46.12
C LEU B 348 2.22 11.42 46.24
N GLY B 349 2.55 12.70 46.07
CA GLY B 349 1.57 13.75 46.17
C GLY B 349 0.37 13.53 45.25
N GLY B 350 0.66 12.98 44.07
CA GLY B 350 -0.40 12.72 43.10
C GLY B 350 -1.49 11.79 43.61
N ASN B 351 -1.09 10.72 44.29
CA ASN B 351 -2.07 9.77 44.81
C ASN B 351 -2.88 10.39 45.92
N ILE B 352 -2.20 11.15 46.77
CA ILE B 352 -2.86 11.81 47.88
C ILE B 352 -3.90 12.81 47.38
N ILE B 353 -3.45 13.77 46.57
CA ILE B 353 -4.38 14.78 46.07
C ILE B 353 -5.49 14.25 45.18
N THR B 354 -5.25 13.18 44.44
CA THR B 354 -6.32 12.64 43.59
C THR B 354 -7.52 12.31 44.48
N ALA B 355 -7.20 11.96 45.72
CA ALA B 355 -8.19 11.63 46.75
C ALA B 355 -9.33 10.76 46.26
N SER B 356 -9.00 9.65 45.60
CA SER B 356 -10.04 8.74 45.13
C SER B 356 -10.52 7.93 46.33
N PRO B 357 -11.80 7.55 46.34
CA PRO B 357 -12.33 6.77 47.46
C PRO B 357 -11.57 5.48 47.69
N ILE B 358 -11.06 4.87 46.61
CA ILE B 358 -10.34 3.61 46.78
C ILE B 358 -8.83 3.71 46.76
N SER B 359 -8.28 4.88 47.06
CA SER B 359 -6.83 5.04 47.12
C SER B 359 -6.34 4.07 48.18
N ASP B 360 -5.24 3.37 47.89
CA ASP B 360 -4.70 2.40 48.84
C ASP B 360 -3.74 3.05 49.83
N LEU B 361 -3.34 4.29 49.56
CA LEU B 361 -2.41 4.99 50.43
C LEU B 361 -3.04 5.93 51.42
N ASN B 362 -4.11 6.61 51.02
CA ASN B 362 -4.74 7.56 51.93
C ASN B 362 -5.21 6.93 53.25
N PRO B 363 -5.74 5.69 53.22
CA PRO B 363 -6.20 5.07 54.48
C PRO B 363 -5.02 4.93 55.45
N VAL B 364 -3.87 4.50 54.92
CA VAL B 364 -2.66 4.32 55.72
C VAL B 364 -2.13 5.64 56.26
N PHE B 365 -2.16 6.68 55.42
CA PHE B 365 -1.66 8.00 55.81
C PHE B 365 -2.56 8.63 56.88
N MET B 366 -3.87 8.41 56.73
CA MET B 366 -4.84 8.96 57.66
C MET B 366 -4.79 8.22 59.00
N ALA B 367 -4.77 6.90 58.97
CA ALA B 367 -4.72 6.12 60.20
C ALA B 367 -3.43 6.37 60.97
N SER B 368 -2.39 6.79 60.24
CA SER B 368 -1.09 7.03 60.87
C SER B 368 -0.83 8.50 61.18
N GLY B 369 -1.70 9.39 60.73
CA GLY B 369 -1.48 10.80 61.00
C GLY B 369 -0.28 11.37 60.24
N THR B 370 0.01 10.78 59.08
CA THR B 370 1.11 11.23 58.24
C THR B 370 0.98 12.74 58.03
N LYS B 371 2.09 13.45 58.24
CA LYS B 371 2.07 14.90 58.11
C LYS B 371 2.26 15.41 56.69
N LEU B 372 1.41 16.37 56.31
CA LEU B 372 1.42 16.98 54.99
C LEU B 372 1.81 18.44 55.09
N THR B 373 2.87 18.83 54.38
CA THR B 373 3.29 20.22 54.40
C THR B 373 2.77 20.88 53.13
N ILE B 374 1.82 21.78 53.31
CA ILE B 374 1.16 22.50 52.22
C ILE B 374 1.69 23.92 52.11
N VAL B 375 1.93 24.37 50.88
CA VAL B 375 2.46 25.71 50.66
C VAL B 375 1.78 26.49 49.53
N SER B 376 2.09 27.77 49.47
CA SER B 376 1.58 28.67 48.45
C SER B 376 2.40 29.94 48.67
N ARG B 377 2.41 30.83 47.68
CA ARG B 377 3.20 32.05 47.81
C ARG B 377 3.00 32.71 49.17
N GLY B 378 4.11 32.88 49.89
CA GLY B 378 4.07 33.51 51.19
C GLY B 378 3.68 32.67 52.39
N THR B 379 2.88 31.62 52.18
CA THR B 379 2.45 30.78 53.30
C THR B 379 2.95 29.33 53.27
N ARG B 380 2.94 28.70 54.43
CA ARG B 380 3.40 27.32 54.59
C ARG B 380 2.79 26.76 55.86
N ARG B 381 2.28 25.53 55.81
CA ARG B 381 1.68 24.90 56.98
C ARG B 381 1.82 23.38 56.94
N THR B 382 1.93 22.78 58.11
CA THR B 382 2.05 21.32 58.21
C THR B 382 0.92 20.79 59.08
N VAL B 383 0.19 19.82 58.55
CA VAL B 383 -0.94 19.23 59.27
C VAL B 383 -0.98 17.72 59.12
N PRO B 384 -1.36 17.01 60.19
CA PRO B 384 -1.44 15.55 60.14
C PRO B 384 -2.71 15.19 59.40
N MET B 385 -2.65 14.17 58.55
CA MET B 385 -3.85 13.79 57.81
C MET B 385 -4.84 13.10 58.74
N ASP B 386 -6.07 13.59 58.76
CA ASP B 386 -7.12 12.99 59.57
C ASP B 386 -8.38 12.90 58.72
N HIS B 387 -9.48 12.48 59.31
CA HIS B 387 -10.72 12.32 58.57
C HIS B 387 -11.22 13.60 57.88
N THR B 388 -10.88 14.77 58.42
CA THR B 388 -11.33 16.03 57.83
C THR B 388 -10.58 16.43 56.55
N PHE B 389 -9.45 15.78 56.28
CA PHE B 389 -8.67 16.11 55.09
C PHE B 389 -9.44 15.89 53.80
N PHE B 390 -10.38 14.94 53.81
CA PHE B 390 -11.18 14.66 52.62
C PHE B 390 -12.63 15.07 52.86
N PRO B 391 -12.96 16.34 52.57
CA PRO B 391 -14.31 16.90 52.75
C PRO B 391 -15.39 16.27 51.88
N SER B 392 -15.07 16.06 50.61
CA SER B 392 -16.03 15.47 49.69
C SER B 392 -15.35 14.62 48.62
N TYR B 393 -16.15 14.06 47.72
CA TYR B 393 -15.63 13.21 46.65
C TYR B 393 -14.48 13.84 45.89
N ARG B 394 -13.35 13.15 45.89
CA ARG B 394 -12.14 13.58 45.20
C ARG B 394 -11.68 15.01 45.48
N LYS B 395 -11.92 15.47 46.70
CA LYS B 395 -11.52 16.80 47.13
C LYS B 395 -10.70 16.66 48.42
N THR B 396 -9.79 17.60 48.66
CA THR B 396 -8.99 17.58 49.88
C THR B 396 -9.12 18.96 50.49
N LEU B 397 -8.46 19.19 51.62
CA LEU B 397 -8.52 20.49 52.27
C LEU B 397 -7.64 21.53 51.60
N LEU B 398 -6.85 21.12 50.62
CA LEU B 398 -5.99 22.07 49.93
C LEU B 398 -6.80 23.00 49.03
N GLY B 399 -6.42 24.28 49.03
CA GLY B 399 -7.11 25.22 48.17
C GLY B 399 -6.67 24.92 46.75
N PRO B 400 -7.43 25.39 45.75
CA PRO B 400 -7.03 25.12 44.35
C PRO B 400 -5.74 25.84 43.98
N GLU B 401 -5.35 26.80 44.81
CA GLU B 401 -4.13 27.58 44.58
C GLU B 401 -2.96 27.07 45.40
N GLU B 402 -3.20 26.07 46.24
CA GLU B 402 -2.16 25.51 47.08
C GLU B 402 -1.51 24.30 46.44
N ILE B 403 -0.30 23.98 46.89
CA ILE B 403 0.45 22.85 46.37
C ILE B 403 0.99 21.98 47.51
N LEU B 404 0.86 20.66 47.37
CA LEU B 404 1.38 19.76 48.40
C LEU B 404 2.89 19.63 48.17
N LEU B 405 3.67 20.08 49.14
CA LEU B 405 5.11 20.07 49.07
C LEU B 405 5.79 18.77 49.48
N SER B 406 5.51 18.30 50.69
CA SER B 406 6.11 17.08 51.19
C SER B 406 5.19 16.28 52.10
N ILE B 407 5.56 15.02 52.30
CA ILE B 407 4.80 14.08 53.10
C ILE B 407 5.74 13.32 54.04
N GLU B 408 5.56 13.46 55.34
CA GLU B 408 6.41 12.75 56.28
C GLU B 408 5.68 11.55 56.87
N ILE B 409 6.15 10.35 56.50
CA ILE B 409 5.57 9.11 57.00
C ILE B 409 6.30 8.87 58.32
N PRO B 410 5.54 8.74 59.42
CA PRO B 410 6.09 8.54 60.76
C PRO B 410 6.62 7.18 61.18
N TYR B 411 7.58 7.22 62.09
CA TYR B 411 8.13 5.99 62.65
C TYR B 411 7.06 5.57 63.65
N SER B 412 6.91 4.27 63.89
CA SER B 412 5.94 3.81 64.85
C SER B 412 6.60 3.91 66.24
N ARG B 413 5.80 4.10 67.28
CA ARG B 413 6.33 4.19 68.63
C ARG B 413 6.19 2.87 69.36
N GLU B 414 6.75 2.76 70.55
CA GLU B 414 6.62 1.53 71.32
C GLU B 414 5.14 1.38 71.64
N ASP B 415 4.68 0.15 71.79
CA ASP B 415 3.27 -0.14 72.09
C ASP B 415 2.33 0.32 70.97
N GLU B 416 2.88 0.55 69.78
CA GLU B 416 2.07 1.00 68.65
C GLU B 416 2.22 0.06 67.47
N PHE B 417 1.11 -0.50 67.03
CA PHE B 417 1.14 -1.44 65.91
C PHE B 417 0.30 -0.97 64.74
N PHE B 418 0.65 -1.43 63.54
CA PHE B 418 -0.04 -0.99 62.34
C PHE B 418 -0.28 -2.13 61.36
N SER B 419 -1.39 -2.04 60.64
CA SER B 419 -1.74 -3.02 59.62
C SER B 419 -2.39 -2.29 58.46
N ALA B 420 -2.20 -2.81 57.26
CA ALA B 420 -2.78 -2.25 56.06
C ALA B 420 -3.15 -3.44 55.20
N PHE B 421 -4.39 -3.48 54.74
CA PHE B 421 -4.85 -4.58 53.92
C PHE B 421 -5.56 -4.06 52.68
N LYS B 422 -5.63 -4.91 51.66
CA LYS B 422 -6.27 -4.55 50.41
C LYS B 422 -6.82 -5.79 49.76
N GLN B 423 -8.06 -5.71 49.28
CA GLN B 423 -8.65 -6.84 48.58
C GLN B 423 -9.40 -6.31 47.35
N ALA B 424 -9.09 -6.90 46.19
CA ALA B 424 -9.73 -6.50 44.95
C ALA B 424 -10.24 -7.76 44.27
N SER B 425 -10.34 -7.73 42.94
CA SER B 425 -10.81 -8.89 42.19
C SER B 425 -9.63 -9.77 41.82
N ARG B 426 -8.47 -9.14 41.69
CA ARG B 426 -7.22 -9.84 41.33
C ARG B 426 -6.12 -9.20 42.17
N ARG B 427 -5.14 -9.99 42.59
CA ARG B 427 -4.06 -9.45 43.40
C ARG B 427 -3.26 -8.33 42.72
N GLU B 428 -2.81 -8.59 41.50
CA GLU B 428 -1.99 -7.62 40.77
C GLU B 428 -2.73 -6.48 40.08
N ASP B 429 -2.16 -5.29 40.19
CA ASP B 429 -2.69 -4.11 39.52
C ASP B 429 -4.23 -4.12 39.38
N ASP B 430 -4.93 -3.79 40.45
CA ASP B 430 -6.38 -3.78 40.42
C ASP B 430 -6.95 -2.79 41.44
N ILE B 431 -8.16 -2.31 41.15
CA ILE B 431 -8.86 -1.36 42.01
C ILE B 431 -9.40 -2.10 43.24
N ALA B 432 -9.07 -1.61 44.43
CA ALA B 432 -9.52 -2.24 45.66
C ALA B 432 -11.04 -2.22 45.81
N LYS B 433 -11.60 -3.25 46.43
CA LYS B 433 -13.03 -3.27 46.70
C LYS B 433 -13.07 -2.57 48.05
N VAL B 434 -12.15 -2.97 48.92
CA VAL B 434 -12.00 -2.37 50.24
C VAL B 434 -10.50 -2.38 50.54
N THR B 435 -10.00 -1.28 51.07
CA THR B 435 -8.60 -1.15 51.39
C THR B 435 -8.57 -0.41 52.73
N CYS B 436 -7.57 -0.67 53.56
CA CYS B 436 -7.55 0.00 54.86
C CYS B 436 -6.19 0.20 55.49
N GLY B 437 -6.21 1.00 56.54
CA GLY B 437 -5.04 1.31 57.33
C GLY B 437 -5.52 1.26 58.77
N MET B 438 -4.84 0.50 59.61
CA MET B 438 -5.26 0.37 61.01
C MET B 438 -4.11 0.55 62.00
N ARG B 439 -4.34 1.40 63.01
CA ARG B 439 -3.35 1.68 64.02
C ARG B 439 -3.91 1.59 65.43
N VAL B 440 -3.10 1.08 66.35
CA VAL B 440 -3.49 0.98 67.74
C VAL B 440 -2.29 1.34 68.60
N LEU B 441 -2.51 2.26 69.54
CA LEU B 441 -1.46 2.66 70.46
C LEU B 441 -1.95 2.24 71.85
N PHE B 442 -1.14 1.43 72.52
CA PHE B 442 -1.49 0.95 73.86
C PHE B 442 -0.74 1.72 74.95
N GLN B 443 -1.29 1.72 76.17
CA GLN B 443 -0.62 2.38 77.28
C GLN B 443 0.69 1.60 77.42
N PRO B 444 1.74 2.23 77.96
CA PRO B 444 3.03 1.56 78.13
C PRO B 444 2.97 0.09 78.55
N GLY B 445 3.55 -0.77 77.72
CA GLY B 445 3.60 -2.20 78.00
C GLY B 445 2.29 -2.86 78.40
N SER B 446 1.17 -2.27 78.02
CA SER B 446 -0.13 -2.84 78.37
C SER B 446 -0.96 -3.23 77.16
N MET B 447 -2.09 -3.89 77.42
CA MET B 447 -3.01 -4.32 76.37
C MET B 447 -4.22 -3.37 76.39
N GLN B 448 -4.02 -2.20 76.98
CA GLN B 448 -5.08 -1.20 77.08
C GLN B 448 -4.98 -0.14 75.99
N VAL B 449 -6.04 -0.05 75.19
CA VAL B 449 -6.10 0.91 74.09
C VAL B 449 -5.98 2.36 74.53
N LYS B 450 -4.96 3.03 74.02
CA LYS B 450 -4.75 4.45 74.30
C LYS B 450 -5.31 5.19 73.09
N GLU B 451 -5.00 4.69 71.91
CA GLU B 451 -5.48 5.27 70.65
C GLU B 451 -5.81 4.15 69.65
N LEU B 452 -6.83 4.37 68.82
CA LEU B 452 -7.24 3.38 67.84
C LEU B 452 -7.80 4.11 66.61
N ALA B 453 -7.35 3.69 65.43
CA ALA B 453 -7.79 4.33 64.19
C ALA B 453 -8.00 3.31 63.08
N LEU B 454 -9.23 3.23 62.60
CA LEU B 454 -9.59 2.32 61.53
C LEU B 454 -10.03 3.18 60.34
N CYS B 455 -9.17 3.28 59.34
CA CYS B 455 -9.47 4.09 58.16
C CYS B 455 -9.63 3.22 56.91
N TYR B 456 -10.80 3.32 56.28
CA TYR B 456 -11.07 2.51 55.10
C TYR B 456 -11.27 3.27 53.79
N GLY B 457 -10.98 2.56 52.71
CA GLY B 457 -11.18 3.09 51.37
C GLY B 457 -12.19 2.13 50.76
N GLY B 458 -13.02 2.62 49.85
CA GLY B 458 -14.00 1.74 49.23
C GLY B 458 -15.27 1.53 50.05
N MET B 459 -15.52 2.39 51.03
CA MET B 459 -16.72 2.25 51.86
C MET B 459 -17.57 3.51 51.86
N ALA B 460 -17.14 4.50 51.09
CA ALA B 460 -17.85 5.77 50.98
C ALA B 460 -17.31 6.50 49.77
N ASP B 461 -17.74 7.74 49.56
CA ASP B 461 -17.29 8.52 48.42
C ASP B 461 -16.00 9.25 48.80
N ARG B 462 -15.30 8.70 49.78
CA ARG B 462 -14.05 9.27 50.27
C ARG B 462 -13.40 8.31 51.27
N THR B 463 -12.13 8.55 51.57
CA THR B 463 -11.45 7.71 52.55
C THR B 463 -12.07 8.12 53.88
N ILE B 464 -12.55 7.14 54.64
CA ILE B 464 -13.20 7.42 55.91
C ILE B 464 -12.57 6.75 57.12
N SER B 465 -12.83 7.33 58.28
CA SER B 465 -12.34 6.82 59.56
C SER B 465 -13.54 6.40 60.41
N ALA B 466 -13.52 5.18 60.92
CA ALA B 466 -14.61 4.66 61.75
C ALA B 466 -14.55 5.29 63.15
N LEU B 467 -14.63 6.62 63.20
CA LEU B 467 -14.57 7.40 64.43
C LEU B 467 -15.48 6.92 65.55
N LYS B 468 -16.78 6.82 65.27
CA LYS B 468 -17.75 6.39 66.27
C LYS B 468 -17.33 5.10 66.97
N THR B 469 -17.04 4.07 66.18
CA THR B 469 -16.64 2.78 66.72
C THR B 469 -15.35 2.80 67.54
N THR B 470 -14.30 3.43 67.01
CA THR B 470 -13.01 3.47 67.70
C THR B 470 -12.99 4.25 69.01
N GLN B 471 -13.75 5.34 69.09
CA GLN B 471 -13.81 6.15 70.30
C GLN B 471 -14.35 5.34 71.47
N LYS B 472 -15.28 4.44 71.19
CA LYS B 472 -15.87 3.61 72.23
C LYS B 472 -14.90 2.60 72.82
N GLN B 473 -13.72 2.46 72.22
CA GLN B 473 -12.76 1.48 72.69
C GLN B 473 -11.55 2.06 73.41
N LEU B 474 -11.49 3.38 73.53
CA LEU B 474 -10.38 4.00 74.22
C LEU B 474 -10.45 3.55 75.69
N SER B 475 -9.29 3.15 76.24
CA SER B 475 -9.18 2.67 77.61
C SER B 475 -9.68 1.24 77.82
N LYS B 476 -10.25 0.67 76.78
CA LYS B 476 -10.71 -0.72 76.83
C LYS B 476 -9.50 -1.59 76.55
N PHE B 477 -9.57 -2.87 76.89
CA PHE B 477 -8.44 -3.77 76.66
C PHE B 477 -8.61 -4.61 75.41
N TRP B 478 -7.48 -5.03 74.84
CA TRP B 478 -7.50 -5.84 73.62
C TRP B 478 -7.91 -7.27 73.91
N ASN B 479 -9.21 -7.53 73.82
CA ASN B 479 -9.76 -8.86 74.08
C ASN B 479 -10.95 -9.18 73.17
N GLU B 480 -11.50 -10.38 73.34
CA GLU B 480 -12.63 -10.85 72.55
C GLU B 480 -13.83 -9.90 72.56
N LYS B 481 -14.12 -9.31 73.72
CA LYS B 481 -15.26 -8.39 73.81
C LYS B 481 -15.02 -7.18 72.91
N LEU B 482 -13.78 -6.68 72.89
CA LEU B 482 -13.45 -5.53 72.06
C LEU B 482 -13.70 -5.94 70.61
N LEU B 483 -13.22 -7.13 70.26
CA LEU B 483 -13.39 -7.66 68.90
C LEU B 483 -14.86 -7.65 68.50
N GLN B 484 -15.70 -8.20 69.36
CA GLN B 484 -17.14 -8.27 69.09
C GLN B 484 -17.78 -6.88 69.02
N ASP B 485 -17.37 -5.98 69.90
CA ASP B 485 -17.94 -4.63 69.91
C ASP B 485 -17.52 -3.85 68.67
N VAL B 486 -16.24 -3.97 68.29
CA VAL B 486 -15.75 -3.27 67.12
C VAL B 486 -16.45 -3.77 65.86
N CYS B 487 -16.61 -5.07 65.74
CA CYS B 487 -17.28 -5.63 64.57
C CYS B 487 -18.71 -5.15 64.48
N ALA B 488 -19.40 -5.14 65.63
CA ALA B 488 -20.78 -4.70 65.68
C ALA B 488 -20.84 -3.20 65.37
N GLY B 489 -19.85 -2.46 65.87
CA GLY B 489 -19.80 -1.03 65.63
C GLY B 489 -19.53 -0.70 64.17
N LEU B 490 -18.73 -1.54 63.50
CA LEU B 490 -18.40 -1.34 62.10
C LEU B 490 -19.61 -1.73 61.23
N ALA B 491 -20.27 -2.81 61.61
CA ALA B 491 -21.44 -3.29 60.88
C ALA B 491 -22.53 -2.22 60.86
N GLU B 492 -22.52 -1.36 61.88
CA GLU B 492 -23.52 -0.31 61.98
C GLU B 492 -23.04 1.02 61.41
N GLU B 493 -21.80 1.38 61.71
CA GLU B 493 -21.25 2.65 61.23
C GLU B 493 -20.90 2.68 59.74
N LEU B 494 -20.32 1.60 59.22
CA LEU B 494 -19.96 1.56 57.81
C LEU B 494 -21.01 0.92 56.93
N SER B 495 -22.16 1.58 56.85
CA SER B 495 -23.27 1.08 56.06
C SER B 495 -23.13 1.40 54.58
N LEU B 496 -23.74 0.56 53.76
CA LEU B 496 -23.72 0.74 52.31
C LEU B 496 -25.11 0.64 51.73
N SER B 497 -25.51 1.69 51.01
CA SER B 497 -26.81 1.71 50.36
C SER B 497 -26.79 0.59 49.33
N PRO B 498 -27.96 0.06 48.98
CA PRO B 498 -28.02 -1.02 47.99
C PRO B 498 -27.54 -0.54 46.61
N ASP B 499 -27.58 0.77 46.40
CA ASP B 499 -27.18 1.36 45.13
C ASP B 499 -25.79 2.00 45.15
N ALA B 500 -24.97 1.63 46.14
CA ALA B 500 -23.63 2.19 46.24
C ALA B 500 -22.75 1.84 45.04
N PRO B 501 -22.05 2.84 44.48
CA PRO B 501 -21.16 2.62 43.34
C PRO B 501 -20.16 1.52 43.65
N GLY B 502 -19.95 0.64 42.68
CA GLY B 502 -19.02 -0.46 42.88
C GLY B 502 -19.73 -1.75 43.22
N GLY B 503 -20.99 -1.63 43.65
CA GLY B 503 -21.76 -2.83 43.99
C GLY B 503 -21.04 -3.67 45.03
N MET B 504 -21.29 -4.99 44.99
CA MET B 504 -20.68 -5.94 45.91
C MET B 504 -20.83 -5.49 47.36
N ILE B 505 -22.02 -4.99 47.69
CA ILE B 505 -22.33 -4.49 49.03
C ILE B 505 -21.95 -5.47 50.14
N GLU B 506 -22.49 -6.69 50.07
CA GLU B 506 -22.23 -7.71 51.08
C GLU B 506 -20.73 -7.95 51.26
N PHE B 507 -20.05 -8.23 50.15
CA PHE B 507 -18.62 -8.50 50.16
C PHE B 507 -17.83 -7.39 50.83
N ARG B 508 -18.17 -6.15 50.51
CA ARG B 508 -17.45 -5.02 51.09
C ARG B 508 -17.59 -4.90 52.61
N ARG B 509 -18.81 -5.02 53.11
CA ARG B 509 -19.03 -4.93 54.55
C ARG B 509 -18.32 -6.08 55.26
N THR B 510 -18.39 -7.28 54.67
CA THR B 510 -17.72 -8.44 55.23
C THR B 510 -16.21 -8.21 55.31
N LEU B 511 -15.65 -7.49 54.33
CA LEU B 511 -14.22 -7.21 54.32
C LEU B 511 -13.81 -6.21 55.40
N THR B 512 -14.64 -5.20 55.65
CA THR B 512 -14.30 -4.22 56.68
C THR B 512 -14.15 -4.93 58.03
N LEU B 513 -15.01 -5.93 58.27
CA LEU B 513 -14.97 -6.69 59.51
C LEU B 513 -13.83 -7.70 59.51
N SER B 514 -13.69 -8.42 58.40
CA SER B 514 -12.64 -9.43 58.27
C SER B 514 -11.26 -8.78 58.39
N PHE B 515 -11.16 -7.54 57.90
CA PHE B 515 -9.90 -6.82 57.96
C PHE B 515 -9.60 -6.49 59.42
N PHE B 516 -10.61 -6.01 60.16
CA PHE B 516 -10.35 -5.70 61.56
C PHE B 516 -9.97 -6.98 62.29
N PHE B 517 -10.65 -8.07 61.97
CA PHE B 517 -10.37 -9.36 62.60
C PHE B 517 -8.89 -9.72 62.40
N LYS B 518 -8.43 -9.64 61.15
CA LYS B 518 -7.02 -9.94 60.85
C LYS B 518 -6.14 -9.03 61.69
N PHE B 519 -6.52 -7.75 61.77
CA PHE B 519 -5.77 -6.77 62.56
C PHE B 519 -5.78 -7.17 64.04
N TYR B 520 -6.95 -7.56 64.53
CA TYR B 520 -7.12 -7.97 65.92
C TYR B 520 -6.18 -9.13 66.25
N LEU B 521 -6.23 -10.18 65.46
CA LEU B 521 -5.38 -11.34 65.69
C LEU B 521 -3.90 -10.97 65.58
N THR B 522 -3.58 -10.14 64.59
CA THR B 522 -2.20 -9.72 64.35
C THR B 522 -1.66 -8.92 65.52
N VAL B 523 -2.51 -8.09 66.12
CA VAL B 523 -2.12 -7.28 67.26
C VAL B 523 -1.86 -8.16 68.49
N LEU B 524 -2.65 -9.22 68.65
CA LEU B 524 -2.44 -10.12 69.78
C LEU B 524 -1.08 -10.78 69.60
N LYS B 525 -0.86 -11.33 68.42
CA LYS B 525 0.40 -11.99 68.10
C LYS B 525 1.57 -11.04 68.37
N LYS B 526 1.42 -9.79 67.98
CA LYS B 526 2.46 -8.78 68.19
C LYS B 526 2.61 -8.44 69.66
N LEU B 527 1.49 -8.39 70.38
CA LEU B 527 1.53 -8.09 71.81
C LEU B 527 2.20 -9.26 72.52
N GLY B 528 2.26 -10.40 71.84
CA GLY B 528 2.87 -11.58 72.40
C GLY B 528 4.36 -11.68 72.12
N LEU B 538 -1.24 -17.09 69.57
CA LEU B 538 -2.66 -17.47 69.75
C LEU B 538 -2.95 -18.89 69.25
N ASP B 539 -4.22 -19.20 69.02
CA ASP B 539 -4.62 -20.53 68.55
C ASP B 539 -3.87 -20.86 67.26
N PRO B 540 -3.24 -22.05 67.19
CA PRO B 540 -2.49 -22.48 66.01
C PRO B 540 -3.29 -22.43 64.70
N THR B 541 -4.55 -22.85 64.75
CA THR B 541 -5.40 -22.85 63.56
C THR B 541 -5.82 -21.43 63.18
N TYR B 542 -5.40 -20.46 63.98
CA TYR B 542 -5.74 -19.05 63.76
C TYR B 542 -4.54 -18.25 63.27
N THR B 543 -3.35 -18.79 63.50
CA THR B 543 -2.10 -18.12 63.11
C THR B 543 -2.05 -17.66 61.65
N SER B 544 -2.31 -18.57 60.72
CA SER B 544 -2.24 -18.22 59.30
C SER B 544 -3.04 -16.99 58.92
N ALA B 545 -4.03 -16.64 59.73
CA ALA B 545 -4.87 -15.46 59.44
C ALA B 545 -4.08 -14.17 59.62
N THR B 546 -2.94 -14.24 60.29
CA THR B 546 -2.11 -13.06 60.53
C THR B 546 -0.97 -12.94 59.51
N LEU B 547 -0.76 -13.99 58.72
CA LEU B 547 0.32 -14.00 57.73
C LEU B 547 0.04 -13.19 56.48
N LEU B 548 0.97 -12.30 56.12
CA LEU B 548 0.82 -11.48 54.92
C LEU B 548 1.14 -12.36 53.72
N PHE B 549 0.60 -12.02 52.55
CA PHE B 549 0.83 -12.84 51.36
C PHE B 549 2.29 -13.23 51.17
N GLN B 550 2.50 -14.50 50.85
CA GLN B 550 3.84 -15.01 50.64
C GLN B 550 3.92 -15.86 49.37
N LYS B 551 4.79 -15.44 48.46
CA LYS B 551 4.98 -16.16 47.21
C LYS B 551 5.74 -17.46 47.44
N ASP B 552 5.31 -18.51 46.74
CA ASP B 552 5.95 -19.81 46.85
C ASP B 552 6.84 -20.03 45.63
N PRO B 553 7.88 -20.87 45.77
CA PRO B 553 8.78 -21.15 44.65
C PRO B 553 8.11 -21.86 43.47
N PRO B 554 8.21 -21.26 42.28
CA PRO B 554 7.61 -21.83 41.07
C PRO B 554 8.29 -23.12 40.62
N ALA B 555 7.57 -23.92 39.84
CA ALA B 555 8.10 -25.17 39.33
C ALA B 555 7.30 -25.52 38.08
N ASN B 556 7.98 -25.65 36.95
CA ASN B 556 7.32 -25.96 35.69
C ASN B 556 7.95 -27.17 35.03
N ILE B 557 7.12 -28.11 34.62
CA ILE B 557 7.59 -29.30 33.95
C ILE B 557 6.71 -29.60 32.76
N GLN B 558 7.34 -29.79 31.61
CA GLN B 558 6.62 -30.11 30.39
C GLN B 558 7.13 -31.46 29.93
N LEU B 559 6.22 -32.35 29.57
CA LEU B 559 6.60 -33.68 29.11
C LEU B 559 5.96 -33.98 27.78
N PHE B 560 6.79 -34.34 26.80
CA PHE B 560 6.30 -34.68 25.47
C PHE B 560 7.15 -35.80 24.87
N GLN B 561 6.75 -36.27 23.70
CA GLN B 561 7.45 -37.36 23.05
C GLN B 561 8.52 -36.97 22.03
N GLU B 562 9.64 -37.69 22.06
CA GLU B 562 10.74 -37.46 21.15
C GLU B 562 10.36 -38.05 19.79
N VAL B 563 10.87 -37.46 18.71
CA VAL B 563 10.57 -37.96 17.37
C VAL B 563 11.40 -39.23 17.16
N PRO B 564 10.99 -40.09 16.22
CA PRO B 564 11.73 -41.33 15.94
C PRO B 564 13.25 -41.07 15.82
N ASN B 565 14.03 -42.07 16.22
CA ASN B 565 15.49 -41.96 16.19
C ASN B 565 16.11 -41.67 14.83
N GLY B 566 15.55 -42.25 13.78
CA GLY B 566 16.10 -42.04 12.45
C GLY B 566 15.43 -40.98 11.61
N GLN B 567 14.74 -40.03 12.25
CA GLN B 567 14.07 -38.97 11.52
C GLN B 567 15.07 -37.89 11.12
N SER B 568 14.99 -37.45 9.88
CA SER B 568 15.89 -36.41 9.38
C SER B 568 15.78 -35.14 10.20
N LYS B 569 16.91 -34.47 10.39
CA LYS B 569 16.95 -33.22 11.12
C LYS B 569 16.14 -32.17 10.38
N GLU B 570 15.98 -32.37 9.07
CA GLU B 570 15.23 -31.43 8.23
C GLU B 570 13.73 -31.67 8.29
N ASP B 571 13.33 -32.80 8.86
CA ASP B 571 11.92 -33.11 9.04
C ASP B 571 11.59 -32.55 10.42
N THR B 572 10.96 -31.38 10.48
CA THR B 572 10.66 -30.75 11.77
C THR B 572 9.31 -31.13 12.38
N VAL B 573 8.56 -32.00 11.70
CA VAL B 573 7.26 -32.40 12.22
C VAL B 573 7.44 -33.27 13.46
N GLY B 574 6.96 -32.78 14.59
CA GLY B 574 7.08 -33.51 15.84
C GLY B 574 8.14 -32.88 16.72
N ARG B 575 8.81 -31.85 16.18
CA ARG B 575 9.85 -31.16 16.92
C ARG B 575 9.31 -29.83 17.45
N PRO B 576 9.87 -29.33 18.56
CA PRO B 576 9.46 -28.07 19.18
C PRO B 576 10.04 -26.83 18.50
N LEU B 577 9.72 -26.65 17.23
CA LEU B 577 10.20 -25.51 16.46
C LEU B 577 9.51 -24.23 16.93
N PRO B 578 10.30 -23.22 17.32
CA PRO B 578 9.69 -21.98 17.77
C PRO B 578 8.85 -21.33 16.67
N HIS B 579 7.87 -20.53 17.08
CA HIS B 579 6.99 -19.79 16.18
C HIS B 579 7.87 -19.00 15.21
N LEU B 580 7.69 -19.23 13.91
CA LEU B 580 8.51 -18.57 12.90
C LEU B 580 8.63 -17.05 12.99
N ALA B 581 7.64 -16.37 13.58
CA ALA B 581 7.70 -14.92 13.69
C ALA B 581 8.08 -14.42 15.08
N ALA B 582 8.28 -15.35 16.02
CA ALA B 582 8.61 -14.99 17.40
C ALA B 582 9.75 -13.99 17.56
N ALA B 583 10.81 -14.16 16.78
CA ALA B 583 11.96 -13.27 16.88
C ALA B 583 11.61 -11.85 16.47
N MET B 584 10.87 -11.69 15.37
CA MET B 584 10.47 -10.36 14.89
C MET B 584 9.41 -9.77 15.82
N GLN B 585 8.71 -10.63 16.52
CA GLN B 585 7.71 -10.17 17.46
C GLN B 585 8.45 -9.63 18.69
N ALA B 586 9.55 -10.29 19.06
CA ALA B 586 10.34 -9.85 20.20
C ALA B 586 11.15 -8.59 19.89
N SER B 587 11.33 -8.30 18.61
CA SER B 587 12.11 -7.13 18.19
C SER B 587 11.18 -5.98 17.81
N GLY B 588 9.90 -6.28 17.65
CA GLY B 588 8.95 -5.24 17.28
C GLY B 588 8.91 -4.95 15.80
N GLU B 589 9.49 -5.85 14.99
CA GLU B 589 9.52 -5.70 13.54
C GLU B 589 8.28 -6.34 12.93
N ALA B 590 7.69 -7.30 13.64
CA ALA B 590 6.49 -7.97 13.15
C ALA B 590 5.45 -6.88 12.98
N VAL B 591 4.87 -6.80 11.78
CA VAL B 591 3.88 -5.78 11.47
C VAL B 591 2.45 -6.22 11.75
N TYR B 592 1.72 -5.41 12.52
CA TYR B 592 0.30 -5.66 12.80
C TYR B 592 -0.41 -4.54 12.02
N CYS B 593 -1.69 -4.71 11.74
CA CYS B 593 -2.44 -3.74 10.95
C CYS B 593 -2.12 -2.25 11.13
N ASP B 594 -2.14 -1.74 12.36
CA ASP B 594 -1.87 -0.32 12.54
C ASP B 594 -0.40 0.07 12.38
N ASP B 595 0.49 -0.92 12.34
CA ASP B 595 1.91 -0.66 12.16
C ASP B 595 2.15 -0.35 10.68
N ILE B 596 1.18 -0.69 9.83
CA ILE B 596 1.33 -0.42 8.41
C ILE B 596 1.32 1.09 8.28
N PRO B 597 2.32 1.64 7.58
CA PRO B 597 2.42 3.10 7.39
C PRO B 597 1.15 3.70 6.81
N ARG B 598 0.83 4.93 7.20
CA ARG B 598 -0.35 5.57 6.67
C ARG B 598 0.01 6.35 5.42
N TYR B 599 -0.90 6.37 4.45
CA TYR B 599 -0.65 7.12 3.23
C TYR B 599 -0.73 8.58 3.63
N GLU B 600 -0.01 9.45 2.90
CA GLU B 600 0.01 10.87 3.21
C GLU B 600 -1.38 11.49 3.27
N ASN B 601 -2.31 10.92 2.52
CA ASN B 601 -3.68 11.45 2.49
C ASN B 601 -4.67 10.55 3.22
N GLU B 602 -4.16 9.66 4.07
CA GLU B 602 -5.01 8.73 4.80
C GLU B 602 -5.77 9.40 5.94
N LEU B 603 -7.08 9.17 5.99
CA LEU B 603 -7.92 9.75 7.03
C LEU B 603 -8.22 8.79 8.17
N PHE B 604 -8.82 9.29 9.25
CA PHE B 604 -9.16 8.47 10.40
C PHE B 604 -10.65 8.46 10.71
N LEU B 605 -11.15 7.27 11.00
CA LEU B 605 -12.56 7.09 11.32
C LEU B 605 -12.75 6.75 12.80
N ARG B 606 -13.79 7.32 13.39
CA ARG B 606 -14.14 7.09 14.79
C ARG B 606 -15.64 6.77 14.81
N LEU B 607 -15.97 5.60 15.32
CA LEU B 607 -17.37 5.18 15.40
C LEU B 607 -18.23 6.06 16.32
N VAL B 608 -19.47 6.30 15.91
CA VAL B 608 -20.41 7.06 16.73
C VAL B 608 -21.44 6.01 17.15
N THR B 609 -21.50 5.74 18.45
CA THR B 609 -22.39 4.71 18.98
C THR B 609 -23.47 5.16 19.95
N SER B 610 -24.52 4.34 20.05
CA SER B 610 -25.65 4.62 20.92
C SER B 610 -25.31 4.56 22.41
N THR B 611 -25.86 5.51 23.16
CA THR B 611 -25.68 5.56 24.61
C THR B 611 -26.94 4.98 25.28
N ARG B 612 -27.85 4.45 24.48
CA ARG B 612 -29.11 3.86 24.99
C ARG B 612 -29.21 2.39 24.57
N ALA B 613 -29.83 1.57 25.42
CA ALA B 613 -29.98 0.15 25.12
C ALA B 613 -31.06 -0.12 24.08
N HIS B 614 -32.06 0.75 24.03
CA HIS B 614 -33.16 0.60 23.08
C HIS B 614 -33.90 1.92 23.01
N ALA B 615 -33.93 2.52 21.82
CA ALA B 615 -34.60 3.79 21.64
C ALA B 615 -34.69 4.21 20.17
N LYS B 616 -35.58 5.15 19.90
CA LYS B 616 -35.76 5.68 18.56
C LYS B 616 -34.76 6.81 18.38
N ILE B 617 -34.14 6.89 17.21
CA ILE B 617 -33.22 7.97 16.94
C ILE B 617 -34.13 9.07 16.41
N LYS B 618 -34.26 10.15 17.17
CA LYS B 618 -35.11 11.25 16.78
C LYS B 618 -34.38 12.21 15.85
N SER B 619 -33.12 12.51 16.19
CA SER B 619 -32.33 13.40 15.36
C SER B 619 -30.85 13.30 15.71
N ILE B 620 -30.02 13.76 14.78
CA ILE B 620 -28.57 13.77 14.95
C ILE B 620 -28.07 15.13 14.53
N ASP B 621 -27.38 15.81 15.44
CA ASP B 621 -26.84 17.13 15.18
C ASP B 621 -25.32 17.11 15.21
N VAL B 622 -24.71 17.35 14.05
CA VAL B 622 -23.26 17.35 13.94
C VAL B 622 -22.68 18.76 13.91
N SER B 623 -23.54 19.75 14.10
CA SER B 623 -23.12 21.16 14.08
C SER B 623 -21.87 21.44 14.90
N GLU B 624 -21.78 20.88 16.10
CA GLU B 624 -20.60 21.09 16.93
C GLU B 624 -19.41 20.29 16.43
N ALA B 625 -19.69 19.09 15.92
CA ALA B 625 -18.63 18.23 15.41
C ALA B 625 -17.95 18.89 14.21
N GLN B 626 -18.76 19.47 13.34
CA GLN B 626 -18.27 20.15 12.14
C GLN B 626 -17.28 21.24 12.46
N LYS B 627 -17.33 21.74 13.69
CA LYS B 627 -16.45 22.82 14.12
C LYS B 627 -15.08 22.32 14.57
N VAL B 628 -14.95 21.03 14.81
CA VAL B 628 -13.68 20.48 15.26
C VAL B 628 -12.61 20.54 14.17
N PRO B 629 -11.40 20.99 14.54
CA PRO B 629 -10.32 21.08 13.57
C PRO B 629 -10.09 19.74 12.90
N GLY B 630 -9.88 19.76 11.59
CA GLY B 630 -9.63 18.53 10.87
C GLY B 630 -10.84 17.69 10.53
N PHE B 631 -12.03 18.15 10.91
CA PHE B 631 -13.25 17.40 10.63
C PHE B 631 -13.41 17.27 9.12
N VAL B 632 -13.77 16.08 8.67
CA VAL B 632 -13.96 15.84 7.24
C VAL B 632 -15.46 15.62 6.97
N CYS B 633 -16.04 14.61 7.59
CA CYS B 633 -17.46 14.33 7.39
C CYS B 633 -18.04 13.41 8.46
N PHE B 634 -19.37 13.29 8.45
CA PHE B 634 -20.08 12.40 9.36
C PHE B 634 -20.84 11.43 8.46
N LEU B 635 -20.58 10.14 8.61
CA LEU B 635 -21.24 9.14 7.79
C LEU B 635 -22.34 8.42 8.55
N SER B 636 -23.44 8.14 7.85
CA SER B 636 -24.56 7.44 8.45
C SER B 636 -25.23 6.54 7.42
N ALA B 637 -26.25 5.80 7.85
CA ALA B 637 -26.96 4.88 6.98
C ALA B 637 -27.30 5.41 5.58
N ASP B 638 -27.60 6.70 5.48
CA ASP B 638 -27.96 7.30 4.20
C ASP B 638 -26.81 7.42 3.19
N ASP B 639 -25.58 7.25 3.66
CA ASP B 639 -24.42 7.34 2.79
C ASP B 639 -24.04 6.01 2.13
N ILE B 640 -24.64 4.92 2.59
CA ILE B 640 -24.34 3.61 2.04
C ILE B 640 -24.89 3.46 0.62
N PRO B 641 -24.01 3.17 -0.35
CA PRO B 641 -24.45 3.01 -1.76
C PRO B 641 -25.17 1.69 -2.03
N GLY B 642 -24.74 0.63 -1.37
CA GLY B 642 -25.35 -0.68 -1.59
C GLY B 642 -26.45 -1.05 -0.62
N SER B 643 -26.11 -1.92 0.34
CA SER B 643 -27.08 -2.39 1.33
C SER B 643 -26.65 -2.06 2.76
N ASN B 644 -27.62 -1.69 3.59
CA ASN B 644 -27.34 -1.37 4.98
C ASN B 644 -27.71 -2.57 5.86
N GLU B 645 -28.02 -3.69 5.23
CA GLU B 645 -28.37 -4.92 5.93
C GLU B 645 -27.15 -5.82 5.89
N THR B 646 -26.60 -6.13 7.06
CA THR B 646 -25.42 -6.97 7.13
C THR B 646 -25.58 -8.07 8.19
N GLY B 647 -24.47 -8.59 8.69
CA GLY B 647 -24.53 -9.63 9.70
C GLY B 647 -24.67 -11.01 9.08
N LEU B 648 -24.23 -12.03 9.82
CA LEU B 648 -24.29 -13.41 9.36
C LEU B 648 -25.68 -13.87 8.92
N PHE B 649 -26.72 -13.40 9.60
CA PHE B 649 -28.08 -13.77 9.23
C PHE B 649 -28.89 -12.59 8.71
N ASN B 650 -28.19 -11.61 8.18
CA ASN B 650 -28.79 -10.40 7.62
C ASN B 650 -29.82 -9.74 8.54
N ASP B 651 -29.55 -9.76 9.83
CA ASP B 651 -30.44 -9.15 10.81
C ASP B 651 -29.82 -7.95 11.49
N GLU B 652 -28.83 -7.33 10.83
CA GLU B 652 -28.16 -6.16 11.40
C GLU B 652 -28.06 -5.01 10.41
N THR B 653 -27.80 -3.83 10.93
CA THR B 653 -27.62 -2.66 10.09
C THR B 653 -26.14 -2.32 10.17
N VAL B 654 -25.59 -1.76 9.09
CA VAL B 654 -24.18 -1.37 9.09
C VAL B 654 -24.13 -0.14 9.98
N PHE B 655 -25.17 0.69 9.83
CA PHE B 655 -25.35 1.92 10.60
C PHE B 655 -26.80 1.97 11.09
N ALA B 656 -26.98 2.27 12.37
CA ALA B 656 -28.31 2.34 12.98
C ALA B 656 -29.29 3.17 12.14
N LYS B 657 -30.43 2.57 11.82
CA LYS B 657 -31.46 3.22 11.03
C LYS B 657 -32.76 3.24 11.84
N ASP B 658 -33.19 4.44 12.24
CA ASP B 658 -34.41 4.65 13.02
C ASP B 658 -34.32 4.21 14.47
N THR B 659 -33.78 3.03 14.71
CA THR B 659 -33.69 2.51 16.06
C THR B 659 -32.31 1.98 16.45
N VAL B 660 -31.96 2.15 17.72
CA VAL B 660 -30.71 1.66 18.28
C VAL B 660 -31.14 0.52 19.21
N THR B 661 -30.49 -0.63 19.11
CA THR B 661 -30.88 -1.77 19.93
C THR B 661 -29.91 -2.21 21.01
N CYS B 662 -28.96 -1.35 21.35
CA CYS B 662 -28.00 -1.65 22.42
C CYS B 662 -27.06 -0.49 22.63
N VAL B 663 -26.45 -0.43 23.81
CA VAL B 663 -25.48 0.61 24.08
C VAL B 663 -24.28 0.13 23.27
N GLY B 664 -23.82 0.95 22.35
CA GLY B 664 -22.69 0.56 21.52
C GLY B 664 -23.16 0.27 20.10
N HIS B 665 -24.45 0.43 19.85
CA HIS B 665 -25.00 0.20 18.52
C HIS B 665 -24.42 1.30 17.63
N ILE B 666 -23.69 0.89 16.58
CA ILE B 666 -23.07 1.87 15.70
C ILE B 666 -24.12 2.65 14.91
N ILE B 667 -24.12 3.95 15.13
CA ILE B 667 -25.05 4.86 14.48
C ILE B 667 -24.44 5.48 13.24
N GLY B 668 -23.18 5.86 13.34
CA GLY B 668 -22.48 6.46 12.21
C GLY B 668 -20.99 6.49 12.46
N ALA B 669 -20.29 7.44 11.84
CA ALA B 669 -18.85 7.54 12.02
C ALA B 669 -18.33 8.90 11.61
N VAL B 670 -17.33 9.37 12.33
CA VAL B 670 -16.71 10.65 12.02
C VAL B 670 -15.35 10.36 11.36
N VAL B 671 -15.05 11.10 10.28
CA VAL B 671 -13.78 10.96 9.59
C VAL B 671 -13.08 12.30 9.75
N ALA B 672 -11.80 12.26 10.10
CA ALA B 672 -11.01 13.48 10.31
C ALA B 672 -9.55 13.25 9.93
N ASP B 673 -8.76 14.32 9.94
CA ASP B 673 -7.34 14.26 9.57
C ASP B 673 -6.44 13.53 10.56
N THR B 674 -6.85 13.49 11.82
CA THR B 674 -6.08 12.81 12.87
C THR B 674 -7.07 12.04 13.76
N PRO B 675 -6.58 11.04 14.52
CA PRO B 675 -7.43 10.24 15.41
C PRO B 675 -8.08 11.08 16.51
N GLU B 676 -7.29 11.95 17.14
CA GLU B 676 -7.81 12.81 18.19
C GLU B 676 -8.96 13.66 17.67
N HIS B 677 -8.75 14.29 16.52
CA HIS B 677 -9.78 15.12 15.91
C HIS B 677 -11.03 14.31 15.62
N ALA B 678 -10.85 13.11 15.08
CA ALA B 678 -12.00 12.26 14.78
C ALA B 678 -12.69 11.89 16.09
N GLU B 679 -11.88 11.61 17.11
CA GLU B 679 -12.37 11.24 18.43
C GLU B 679 -13.16 12.38 19.07
N ARG B 680 -12.54 13.55 19.18
CA ARG B 680 -13.19 14.70 19.77
C ARG B 680 -14.45 15.06 19.01
N ALA B 681 -14.36 15.05 17.68
CA ALA B 681 -15.50 15.38 16.83
C ALA B 681 -16.70 14.48 17.12
N ALA B 682 -16.47 13.17 17.08
CA ALA B 682 -17.51 12.19 17.32
C ALA B 682 -18.14 12.35 18.69
N HIS B 683 -17.33 12.74 19.67
CA HIS B 683 -17.82 12.93 21.02
C HIS B 683 -18.92 13.97 21.10
N VAL B 684 -18.77 15.05 20.34
CA VAL B 684 -19.78 16.11 20.39
C VAL B 684 -20.95 15.92 19.44
N VAL B 685 -21.03 14.78 18.77
CA VAL B 685 -22.15 14.52 17.88
C VAL B 685 -23.38 14.33 18.79
N LYS B 686 -24.34 15.25 18.70
CA LYS B 686 -25.54 15.17 19.52
C LYS B 686 -26.65 14.34 18.88
N VAL B 687 -27.00 13.24 19.56
CA VAL B 687 -28.05 12.34 19.11
C VAL B 687 -29.23 12.40 20.08
N THR B 688 -30.42 12.65 19.55
CA THR B 688 -31.62 12.74 20.36
C THR B 688 -32.35 11.40 20.32
N TYR B 689 -32.68 10.87 21.49
CA TYR B 689 -33.37 9.57 21.57
C TYR B 689 -34.77 9.65 22.17
N GLU B 690 -35.46 8.51 22.11
CA GLU B 690 -36.79 8.36 22.67
C GLU B 690 -36.82 6.89 23.08
N ASP B 691 -36.46 6.64 24.34
CA ASP B 691 -36.39 5.30 24.90
C ASP B 691 -37.58 4.39 24.64
N LEU B 692 -37.29 3.10 24.49
CA LEU B 692 -38.28 2.08 24.26
C LEU B 692 -38.08 0.96 25.29
N PRO B 693 -39.12 0.16 25.55
CA PRO B 693 -38.98 -0.93 26.52
C PRO B 693 -37.75 -1.75 26.13
N ALA B 694 -36.89 -2.03 27.11
CA ALA B 694 -35.67 -2.79 26.83
C ALA B 694 -35.58 -4.11 27.60
N ILE B 695 -35.11 -5.14 26.89
CA ILE B 695 -34.93 -6.46 27.49
C ILE B 695 -33.41 -6.68 27.58
N ILE B 696 -32.89 -6.67 28.80
CA ILE B 696 -31.45 -6.81 29.04
C ILE B 696 -30.91 -8.19 29.39
N THR B 697 -31.42 -8.74 30.49
CA THR B 697 -30.98 -10.03 30.99
C THR B 697 -31.72 -11.24 30.42
N ILE B 698 -31.14 -12.42 30.64
CA ILE B 698 -31.75 -13.66 30.18
C ILE B 698 -33.11 -13.80 30.86
N GLU B 699 -33.19 -13.31 32.11
CA GLU B 699 -34.42 -13.34 32.88
C GLU B 699 -35.52 -12.64 32.09
N ASP B 700 -35.28 -11.37 31.76
CA ASP B 700 -36.23 -10.56 31.01
C ASP B 700 -36.64 -11.26 29.73
N ALA B 701 -35.65 -11.84 29.05
CA ALA B 701 -35.90 -12.52 27.78
C ALA B 701 -36.89 -13.66 27.96
N ILE B 702 -36.66 -14.48 28.98
CA ILE B 702 -37.53 -15.61 29.24
C ILE B 702 -38.91 -15.07 29.58
N LYS B 703 -38.95 -14.08 30.46
CA LYS B 703 -40.20 -13.46 30.89
C LYS B 703 -40.98 -12.85 29.73
N ASN B 704 -40.29 -12.21 28.80
CA ASN B 704 -40.97 -11.58 27.66
C ASN B 704 -40.99 -12.45 26.41
N ASN B 705 -40.47 -13.67 26.52
CA ASN B 705 -40.46 -14.59 25.39
C ASN B 705 -39.65 -14.04 24.21
N SER B 706 -38.56 -13.36 24.53
CA SER B 706 -37.70 -12.76 23.50
C SER B 706 -36.57 -13.73 23.13
N PHE B 707 -36.77 -14.50 22.05
CA PHE B 707 -35.76 -15.47 21.63
C PHE B 707 -35.47 -15.42 20.12
N TYR B 708 -34.39 -16.07 19.70
CA TYR B 708 -34.03 -16.16 18.29
C TYR B 708 -34.33 -17.58 17.86
N GLY B 709 -35.27 -17.75 16.95
CA GLY B 709 -35.60 -19.08 16.48
C GLY B 709 -36.31 -19.92 17.52
N SER B 710 -36.42 -21.21 17.23
CA SER B 710 -37.10 -22.13 18.14
C SER B 710 -36.10 -22.93 18.97
N GLU B 711 -36.64 -23.60 19.98
CA GLU B 711 -35.84 -24.40 20.89
C GLU B 711 -34.98 -25.43 20.17
N LEU B 712 -33.76 -25.62 20.66
CA LEU B 712 -32.85 -26.60 20.09
C LEU B 712 -32.90 -27.75 21.09
N LYS B 713 -32.84 -28.99 20.62
CA LYS B 713 -32.92 -30.12 21.53
C LYS B 713 -32.26 -31.40 21.09
N ILE B 714 -31.72 -32.13 22.06
CA ILE B 714 -31.11 -33.42 21.82
C ILE B 714 -31.69 -34.32 22.90
N GLU B 715 -32.34 -35.41 22.51
CA GLU B 715 -32.92 -36.31 23.48
C GLU B 715 -32.66 -37.77 23.16
N LYS B 716 -32.26 -38.52 24.17
CA LYS B 716 -31.97 -39.93 24.01
C LYS B 716 -32.50 -40.73 25.20
N GLY B 717 -33.08 -41.89 24.92
CA GLY B 717 -33.62 -42.74 25.97
C GLY B 717 -34.98 -42.34 26.49
N ASP B 718 -35.26 -42.75 27.72
CA ASP B 718 -36.54 -42.49 28.37
C ASP B 718 -36.30 -41.70 29.66
N LEU B 719 -36.63 -40.42 29.64
CA LEU B 719 -36.43 -39.59 30.83
C LEU B 719 -37.31 -39.98 32.01
N LYS B 720 -38.59 -40.23 31.76
CA LYS B 720 -39.50 -40.60 32.84
C LYS B 720 -39.08 -41.93 33.46
N LYS B 721 -38.72 -42.89 32.62
CA LYS B 721 -38.31 -44.21 33.10
C LYS B 721 -36.98 -44.08 33.86
N GLY B 722 -36.17 -43.10 33.45
CA GLY B 722 -34.89 -42.89 34.08
C GLY B 722 -34.97 -42.29 35.47
N PHE B 723 -35.76 -41.24 35.62
CA PHE B 723 -35.92 -40.59 36.91
C PHE B 723 -36.64 -41.50 37.91
N SER B 724 -37.60 -42.28 37.41
CA SER B 724 -38.37 -43.18 38.25
C SER B 724 -37.51 -44.29 38.86
N GLU B 725 -36.42 -44.64 38.17
CA GLU B 725 -35.54 -45.69 38.66
C GLU B 725 -34.32 -45.15 39.38
N ALA B 726 -34.37 -43.87 39.74
CA ALA B 726 -33.25 -43.23 40.42
C ALA B 726 -33.43 -43.16 41.93
N ASP B 727 -32.39 -43.53 42.67
CA ASP B 727 -32.43 -43.46 44.12
C ASP B 727 -32.53 -42.01 44.54
N ASN B 728 -31.69 -41.17 43.93
CA ASN B 728 -31.67 -39.75 44.26
C ASN B 728 -31.92 -38.85 43.04
N VAL B 729 -32.41 -37.65 43.32
CA VAL B 729 -32.70 -36.67 42.28
C VAL B 729 -32.33 -35.30 42.82
N VAL B 730 -31.60 -34.53 42.03
CA VAL B 730 -31.19 -33.20 42.42
C VAL B 730 -31.53 -32.19 41.33
N SER B 731 -32.13 -31.07 41.73
CA SER B 731 -32.49 -30.03 40.79
C SER B 731 -31.84 -28.74 41.23
N GLY B 732 -31.67 -27.81 40.28
CA GLY B 732 -31.04 -26.55 40.61
C GLY B 732 -30.87 -25.64 39.42
N GLU B 733 -30.28 -24.48 39.68
CA GLU B 733 -30.04 -23.51 38.63
C GLU B 733 -28.58 -23.06 38.72
N LEU B 734 -27.94 -22.91 37.56
CA LEU B 734 -26.54 -22.50 37.51
C LEU B 734 -26.32 -21.39 36.48
N TYR B 735 -25.47 -20.43 36.82
CA TYR B 735 -25.17 -19.31 35.93
C TYR B 735 -23.67 -19.13 35.70
N ILE B 736 -23.30 -18.87 34.44
CA ILE B 736 -21.91 -18.63 34.09
C ILE B 736 -21.81 -17.35 33.26
N GLY B 737 -21.05 -16.38 33.80
CA GLY B 737 -20.89 -15.10 33.15
C GLY B 737 -20.17 -15.16 31.81
N GLY B 738 -20.23 -14.05 31.07
CA GLY B 738 -19.58 -13.97 29.77
C GLY B 738 -18.09 -13.74 29.88
N GLN B 739 -17.48 -13.31 28.80
CA GLN B 739 -16.04 -13.08 28.78
C GLN B 739 -15.65 -12.20 27.59
N ASP B 740 -14.76 -11.24 27.83
CA ASP B 740 -14.26 -10.37 26.77
C ASP B 740 -12.96 -10.99 26.25
N HIS B 741 -12.85 -11.15 24.94
CA HIS B 741 -11.66 -11.77 24.34
C HIS B 741 -10.36 -11.16 24.83
N PHE B 742 -10.34 -9.84 24.94
CA PHE B 742 -9.17 -9.11 25.37
C PHE B 742 -7.90 -9.48 24.60
N TYR B 743 -8.02 -9.56 23.27
CA TYR B 743 -6.86 -9.81 22.43
C TYR B 743 -6.02 -8.54 22.61
N LEU B 744 -4.72 -8.67 22.83
CA LEU B 744 -3.90 -7.47 23.04
C LEU B 744 -4.03 -6.44 21.93
N GLU B 745 -4.26 -6.89 20.69
CA GLU B 745 -4.47 -5.97 19.58
C GLU B 745 -5.98 -5.91 19.36
N THR B 746 -6.56 -4.72 19.49
CA THR B 746 -7.99 -4.55 19.28
C THR B 746 -8.31 -4.61 17.80
N HIS B 747 -9.60 -4.51 17.46
CA HIS B 747 -10.03 -4.54 16.08
C HIS B 747 -9.41 -3.38 15.31
N CYS B 748 -9.08 -3.64 14.05
CA CYS B 748 -8.46 -2.61 13.21
C CYS B 748 -8.61 -2.95 11.73
N THR B 749 -8.83 -1.92 10.92
CA THR B 749 -8.97 -2.10 9.47
C THR B 749 -8.39 -0.89 8.73
N ILE B 750 -7.82 -1.16 7.57
CA ILE B 750 -7.30 -0.11 6.69
C ILE B 750 -7.97 -0.44 5.37
N ALA B 751 -8.70 0.51 4.81
CA ALA B 751 -9.36 0.27 3.52
C ALA B 751 -8.79 1.24 2.48
N ILE B 752 -8.28 0.67 1.38
CA ILE B 752 -7.70 1.47 0.30
C ILE B 752 -8.60 1.47 -0.95
N PRO B 753 -9.18 2.62 -1.28
CA PRO B 753 -10.05 2.74 -2.44
C PRO B 753 -9.19 3.06 -3.67
N LYS B 754 -9.24 2.21 -4.69
CA LYS B 754 -8.43 2.43 -5.89
C LYS B 754 -8.99 3.52 -6.79
N GLY B 755 -10.31 3.58 -6.89
CA GLY B 755 -10.92 4.58 -7.73
C GLY B 755 -11.29 4.01 -9.09
N GLU B 756 -11.05 2.72 -9.26
CA GLU B 756 -11.35 2.01 -10.49
C GLU B 756 -12.32 0.85 -10.30
N GLU B 757 -13.44 0.89 -11.02
CA GLU B 757 -14.42 -0.19 -10.97
C GLU B 757 -14.89 -0.63 -9.57
N GLY B 758 -14.90 0.31 -8.62
CA GLY B 758 -15.33 -0.02 -7.27
C GLY B 758 -14.32 -0.85 -6.50
N GLU B 759 -13.10 -0.96 -7.03
CA GLU B 759 -12.05 -1.74 -6.39
C GLU B 759 -11.61 -1.20 -5.04
N MET B 760 -11.35 -2.11 -4.11
CA MET B 760 -10.89 -1.73 -2.78
C MET B 760 -9.99 -2.82 -2.22
N GLU B 761 -8.92 -2.41 -1.55
CA GLU B 761 -7.98 -3.34 -0.95
C GLU B 761 -7.96 -3.02 0.53
N LEU B 762 -8.20 -4.03 1.36
CA LEU B 762 -8.23 -3.80 2.80
C LEU B 762 -7.24 -4.65 3.58
N PHE B 763 -6.67 -4.05 4.61
CA PHE B 763 -5.74 -4.74 5.50
C PHE B 763 -6.55 -4.83 6.80
N VAL B 764 -6.88 -6.04 7.23
CA VAL B 764 -7.71 -6.20 8.41
C VAL B 764 -7.21 -7.24 9.40
N SER B 765 -7.46 -6.97 10.68
CA SER B 765 -7.11 -7.90 11.76
C SER B 765 -8.37 -8.77 11.90
N THR B 766 -8.45 -9.85 11.12
CA THR B 766 -9.61 -10.72 11.15
C THR B 766 -9.26 -12.18 10.88
N GLN B 767 -10.11 -13.07 11.37
CA GLN B 767 -9.94 -14.52 11.19
C GLN B 767 -10.80 -14.93 10.00
N ASN B 768 -11.57 -13.99 9.46
CA ASN B 768 -12.48 -14.27 8.34
C ASN B 768 -12.32 -13.30 7.16
N ALA B 769 -11.38 -13.60 6.27
CA ALA B 769 -11.16 -12.74 5.11
C ALA B 769 -12.36 -12.83 4.17
N MET B 770 -12.90 -14.03 4.02
CA MET B 770 -14.05 -14.22 3.14
C MET B 770 -15.27 -13.36 3.48
N LYS B 771 -15.74 -13.46 4.72
CA LYS B 771 -16.90 -12.67 5.14
C LYS B 771 -16.59 -11.19 5.10
N THR B 772 -15.37 -10.83 5.47
CA THR B 772 -14.98 -9.43 5.42
C THR B 772 -15.15 -8.93 3.98
N GLN B 773 -14.72 -9.75 3.03
CA GLN B 773 -14.81 -9.40 1.61
C GLN B 773 -16.25 -9.26 1.11
N SER B 774 -17.06 -10.29 1.31
CA SER B 774 -18.45 -10.26 0.86
C SER B 774 -19.27 -9.19 1.58
N PHE B 775 -19.03 -9.01 2.88
CA PHE B 775 -19.74 -7.98 3.65
C PHE B 775 -19.41 -6.58 3.15
N VAL B 776 -18.13 -6.33 2.87
CA VAL B 776 -17.72 -5.03 2.35
C VAL B 776 -18.38 -4.85 0.98
N ALA B 777 -18.30 -5.89 0.15
CA ALA B 777 -18.87 -5.86 -1.19
C ALA B 777 -20.38 -5.59 -1.15
N LYS B 778 -21.10 -6.30 -0.28
CA LYS B 778 -22.54 -6.16 -0.15
C LYS B 778 -22.90 -4.73 0.22
N MET B 779 -22.15 -4.15 1.15
CA MET B 779 -22.40 -2.78 1.57
C MET B 779 -22.13 -1.79 0.46
N LEU B 780 -21.09 -2.04 -0.33
CA LEU B 780 -20.73 -1.15 -1.44
C LEU B 780 -21.65 -1.36 -2.64
N GLY B 781 -22.10 -2.58 -2.86
CA GLY B 781 -22.97 -2.85 -3.98
C GLY B 781 -22.17 -3.24 -5.22
N VAL B 782 -21.03 -3.85 -5.00
CA VAL B 782 -20.17 -4.28 -6.10
C VAL B 782 -19.92 -5.77 -6.01
N PRO B 783 -19.51 -6.40 -7.12
CA PRO B 783 -19.23 -7.83 -7.12
C PRO B 783 -18.09 -8.15 -6.15
N VAL B 784 -18.11 -9.35 -5.58
CA VAL B 784 -17.08 -9.75 -4.62
C VAL B 784 -15.65 -9.73 -5.19
N ASN B 785 -15.52 -9.91 -6.51
CA ASN B 785 -14.21 -9.92 -7.16
C ASN B 785 -13.53 -8.56 -7.21
N ARG B 786 -14.23 -7.53 -6.75
CA ARG B 786 -13.72 -6.17 -6.73
C ARG B 786 -13.02 -5.86 -5.40
N ILE B 787 -13.26 -6.71 -4.41
CA ILE B 787 -12.70 -6.51 -3.08
C ILE B 787 -11.58 -7.45 -2.73
N LEU B 788 -10.47 -6.89 -2.27
CA LEU B 788 -9.31 -7.69 -1.89
C LEU B 788 -9.05 -7.48 -0.40
N VAL B 789 -9.04 -8.57 0.37
CA VAL B 789 -8.79 -8.46 1.80
C VAL B 789 -7.48 -9.17 2.12
N ARG B 790 -6.62 -8.50 2.86
CA ARG B 790 -5.33 -9.09 3.18
C ARG B 790 -5.12 -9.15 4.68
N VAL B 791 -4.74 -10.35 5.15
CA VAL B 791 -4.48 -10.57 6.57
C VAL B 791 -3.06 -11.11 6.77
N LYS B 792 -2.19 -10.30 7.36
CA LYS B 792 -0.82 -10.70 7.65
C LYS B 792 -0.84 -11.50 8.96
N ARG B 793 -1.29 -10.86 10.03
CA ARG B 793 -1.39 -11.50 11.34
C ARG B 793 -2.31 -10.71 12.26
N MET B 794 -2.72 -11.34 13.34
CA MET B 794 -3.59 -10.70 14.33
C MET B 794 -2.92 -10.76 15.69
N GLY B 795 -3.02 -9.68 16.46
CA GLY B 795 -2.47 -9.69 17.80
C GLY B 795 -3.52 -10.37 18.69
N GLY B 796 -3.94 -11.56 18.29
CA GLY B 796 -4.95 -12.29 19.03
C GLY B 796 -6.33 -12.20 18.39
N GLY B 797 -7.06 -13.31 18.37
CA GLY B 797 -8.40 -13.33 17.81
C GLY B 797 -9.38 -14.00 18.76
N PHE B 798 -9.07 -15.24 19.12
CA PHE B 798 -9.86 -16.02 20.07
C PHE B 798 -11.33 -16.16 19.70
N GLY B 799 -11.67 -15.83 18.46
CA GLY B 799 -13.05 -15.94 18.02
C GLY B 799 -13.72 -14.60 17.93
N GLY B 800 -13.16 -13.62 18.63
CA GLY B 800 -13.73 -12.28 18.62
C GLY B 800 -13.49 -11.54 17.31
N LYS B 801 -12.77 -12.17 16.39
CA LYS B 801 -12.49 -11.55 15.10
C LYS B 801 -12.91 -12.46 13.96
N GLU B 802 -13.80 -13.39 14.28
CA GLU B 802 -14.31 -14.32 13.28
C GLU B 802 -15.47 -13.71 12.52
N THR B 803 -16.18 -12.78 13.15
CA THR B 803 -17.30 -12.12 12.48
C THR B 803 -17.42 -10.65 12.83
N ARG B 804 -17.27 -10.34 14.12
CA ARG B 804 -17.43 -8.97 14.60
C ARG B 804 -16.43 -7.95 14.08
N SER B 805 -15.33 -8.41 13.48
CA SER B 805 -14.36 -7.47 12.92
C SER B 805 -14.97 -6.70 11.75
N THR B 806 -16.04 -7.24 11.16
CA THR B 806 -16.68 -6.56 10.04
C THR B 806 -17.40 -5.30 10.47
N LEU B 807 -17.73 -5.19 11.76
CA LEU B 807 -18.41 -3.98 12.24
C LEU B 807 -17.53 -2.76 11.93
N VAL B 808 -16.23 -2.94 12.13
CA VAL B 808 -15.27 -1.87 11.87
C VAL B 808 -14.90 -1.81 10.38
N SER B 809 -14.62 -2.99 9.79
CA SER B 809 -14.24 -3.08 8.39
C SER B 809 -15.20 -2.38 7.43
N VAL B 810 -16.47 -2.78 7.46
CA VAL B 810 -17.48 -2.19 6.60
C VAL B 810 -17.61 -0.69 6.80
N ALA B 811 -17.47 -0.23 8.04
CA ALA B 811 -17.57 1.20 8.32
C ALA B 811 -16.38 1.94 7.70
N VAL B 812 -15.18 1.37 7.82
CA VAL B 812 -13.99 1.99 7.26
C VAL B 812 -14.08 1.99 5.73
N ALA B 813 -14.61 0.91 5.16
CA ALA B 813 -14.75 0.80 3.71
C ALA B 813 -15.72 1.86 3.18
N LEU B 814 -16.77 2.14 3.94
CA LEU B 814 -17.74 3.15 3.50
C LEU B 814 -17.07 4.51 3.48
N ALA B 815 -16.27 4.78 4.50
CA ALA B 815 -15.56 6.06 4.58
C ALA B 815 -14.55 6.23 3.43
N ALA B 816 -13.94 5.12 3.02
CA ALA B 816 -12.97 5.16 1.93
C ALA B 816 -13.74 5.39 0.63
N TYR B 817 -14.86 4.71 0.49
CA TYR B 817 -15.70 4.84 -0.69
C TYR B 817 -16.21 6.27 -0.86
N LYS B 818 -16.64 6.88 0.25
CA LYS B 818 -17.17 8.23 0.21
C LYS B 818 -16.14 9.33 0.05
N THR B 819 -15.00 9.19 0.70
CA THR B 819 -13.96 10.20 0.63
C THR B 819 -13.03 10.03 -0.56
N GLY B 820 -12.83 8.78 -0.98
CA GLY B 820 -11.91 8.52 -2.07
C GLY B 820 -10.50 8.43 -1.52
N HIS B 821 -10.35 8.66 -0.20
CA HIS B 821 -9.06 8.58 0.48
C HIS B 821 -8.91 7.27 1.22
N PRO B 822 -7.66 6.90 1.53
CA PRO B 822 -7.50 5.65 2.28
C PRO B 822 -8.00 6.02 3.68
N VAL B 823 -8.56 5.08 4.42
CA VAL B 823 -9.06 5.38 5.76
C VAL B 823 -8.75 4.21 6.68
N ARG B 824 -8.48 4.49 7.95
CA ARG B 824 -8.21 3.40 8.89
C ARG B 824 -8.85 3.65 10.23
N CYS B 825 -8.96 2.59 11.01
CA CYS B 825 -9.53 2.69 12.35
C CYS B 825 -9.07 1.54 13.22
N MET B 826 -8.54 1.88 14.39
CA MET B 826 -8.15 0.86 15.36
C MET B 826 -8.93 1.24 16.60
N LEU B 827 -9.75 0.33 17.09
CA LEU B 827 -10.57 0.61 18.27
C LEU B 827 -9.78 0.75 19.56
N ASP B 828 -10.19 1.69 20.40
CA ASP B 828 -9.55 1.82 21.70
C ASP B 828 -10.13 0.63 22.47
N ARG B 829 -9.50 0.25 23.58
CA ARG B 829 -10.02 -0.89 24.35
C ARG B 829 -11.47 -0.72 24.79
N ASN B 830 -11.83 0.45 25.31
CA ASN B 830 -13.20 0.65 25.76
C ASN B 830 -14.22 0.52 24.65
N GLU B 831 -13.89 0.97 23.44
CA GLU B 831 -14.82 0.83 22.32
C GLU B 831 -14.97 -0.65 22.03
N ASP B 832 -13.83 -1.32 21.91
CA ASP B 832 -13.80 -2.75 21.60
C ASP B 832 -14.60 -3.61 22.59
N MET B 833 -14.45 -3.31 23.88
CA MET B 833 -15.17 -4.07 24.90
C MET B 833 -16.66 -3.83 24.86
N LEU B 834 -17.05 -2.58 24.58
CA LEU B 834 -18.45 -2.21 24.51
C LEU B 834 -19.16 -2.75 23.26
N ILE B 835 -18.55 -2.55 22.10
CA ILE B 835 -19.13 -2.92 20.81
C ILE B 835 -19.04 -4.32 20.23
N THR B 836 -17.84 -4.89 20.19
CA THR B 836 -17.60 -6.17 19.56
C THR B 836 -18.18 -7.49 20.08
N GLY B 837 -18.89 -7.45 21.21
CA GLY B 837 -19.47 -8.68 21.73
C GLY B 837 -18.44 -9.57 22.43
N GLY B 838 -18.91 -10.57 23.16
CA GLY B 838 -18.01 -11.47 23.87
C GLY B 838 -18.56 -12.86 24.00
N ARG B 839 -18.06 -13.63 24.97
CA ARG B 839 -18.57 -14.99 25.17
C ARG B 839 -20.02 -14.85 25.63
N HIS B 840 -20.83 -15.88 25.36
CA HIS B 840 -22.23 -15.89 25.73
C HIS B 840 -22.50 -16.26 27.20
N PRO B 841 -23.12 -15.35 27.95
CA PRO B 841 -23.41 -15.70 29.35
C PRO B 841 -24.44 -16.83 29.26
N PHE B 842 -24.33 -17.83 30.14
CA PHE B 842 -25.28 -18.95 30.14
C PHE B 842 -26.04 -19.12 31.45
N LEU B 843 -27.30 -19.52 31.32
CA LEU B 843 -28.17 -19.77 32.45
C LEU B 843 -28.73 -21.18 32.25
N ALA B 844 -28.52 -22.05 33.22
CA ALA B 844 -29.01 -23.42 33.10
C ALA B 844 -29.89 -23.87 34.26
N ARG B 845 -30.92 -24.63 33.91
CA ARG B 845 -31.87 -25.19 34.88
C ARG B 845 -31.77 -26.67 34.57
N TYR B 846 -31.26 -27.43 35.53
CA TYR B 846 -31.06 -28.86 35.36
C TYR B 846 -31.71 -29.72 36.44
N LYS B 847 -31.77 -31.01 36.17
CA LYS B 847 -32.32 -32.00 37.10
C LYS B 847 -31.59 -33.30 36.80
N VAL B 848 -30.91 -33.86 37.80
CA VAL B 848 -30.17 -35.10 37.57
C VAL B 848 -30.57 -36.26 38.50
N GLY B 849 -30.72 -37.44 37.89
CA GLY B 849 -31.09 -38.62 38.64
C GLY B 849 -29.94 -39.60 38.65
N PHE B 850 -29.65 -40.15 39.82
CA PHE B 850 -28.54 -41.09 39.99
C PHE B 850 -28.80 -42.13 41.08
N MET B 851 -27.94 -43.14 41.12
CA MET B 851 -28.03 -44.21 42.11
C MET B 851 -27.13 -43.83 43.29
N LYS B 852 -27.28 -44.52 44.40
CA LYS B 852 -26.48 -44.24 45.58
C LYS B 852 -25.01 -44.51 45.30
N THR B 853 -24.75 -45.25 44.23
CA THR B 853 -23.38 -45.57 43.82
C THR B 853 -22.73 -44.38 43.13
N GLY B 854 -23.57 -43.50 42.58
CA GLY B 854 -23.07 -42.33 41.89
C GLY B 854 -23.40 -42.42 40.39
N THR B 855 -23.81 -43.59 39.97
CA THR B 855 -24.18 -43.84 38.58
C THR B 855 -25.34 -42.95 38.15
N ILE B 856 -25.17 -42.26 37.03
CA ILE B 856 -26.19 -41.37 36.50
C ILE B 856 -27.18 -42.17 35.65
N VAL B 857 -28.47 -41.88 35.81
CA VAL B 857 -29.50 -42.59 35.06
C VAL B 857 -30.45 -41.66 34.32
N ALA B 858 -30.43 -40.38 34.66
CA ALA B 858 -31.31 -39.42 34.00
C ALA B 858 -30.78 -38.01 34.11
N LEU B 859 -30.90 -37.25 33.04
CA LEU B 859 -30.42 -35.88 33.04
C LEU B 859 -31.23 -34.96 32.13
N GLU B 860 -31.57 -33.79 32.64
CA GLU B 860 -32.31 -32.80 31.88
C GLU B 860 -31.68 -31.45 32.14
N VAL B 861 -31.28 -30.77 31.06
CA VAL B 861 -30.69 -29.45 31.18
C VAL B 861 -31.27 -28.50 30.14
N ASP B 862 -31.80 -27.38 30.60
CA ASP B 862 -32.35 -26.37 29.71
C ASP B 862 -31.36 -25.22 29.72
N HIS B 863 -30.70 -25.01 28.59
CA HIS B 863 -29.72 -23.93 28.48
C HIS B 863 -30.37 -22.68 27.89
N TYR B 864 -29.92 -21.52 28.40
CA TYR B 864 -30.40 -20.23 27.93
C TYR B 864 -29.17 -19.34 27.80
N SER B 865 -28.95 -18.79 26.62
CA SER B 865 -27.80 -17.91 26.40
C SER B 865 -28.25 -16.50 26.07
N ASN B 866 -27.45 -15.52 26.49
CA ASN B 866 -27.77 -14.14 26.20
C ASN B 866 -27.03 -13.83 24.89
N ALA B 867 -27.76 -13.89 23.77
CA ALA B 867 -27.20 -13.68 22.45
C ALA B 867 -26.99 -12.23 22.03
N GLY B 868 -27.68 -11.29 22.68
CA GLY B 868 -27.53 -9.89 22.31
C GLY B 868 -28.45 -9.46 21.18
N ASN B 869 -28.15 -8.31 20.58
CA ASN B 869 -29.01 -7.75 19.53
C ASN B 869 -28.94 -8.31 18.09
N SER B 870 -28.41 -9.51 17.92
CA SER B 870 -28.39 -10.12 16.58
C SER B 870 -28.03 -11.58 16.76
N ARG B 871 -28.34 -12.39 15.76
CA ARG B 871 -28.03 -13.80 15.84
C ARG B 871 -26.53 -14.11 15.82
N ASP B 872 -25.86 -13.72 14.74
CA ASP B 872 -24.44 -13.97 14.58
C ASP B 872 -24.19 -15.46 14.70
N LEU B 873 -23.29 -15.87 15.59
CA LEU B 873 -23.00 -17.29 15.74
C LEU B 873 -23.72 -17.94 16.94
N SER B 874 -24.64 -17.22 17.54
CA SER B 874 -25.37 -17.72 18.71
C SER B 874 -25.96 -19.12 18.52
N HIS B 875 -26.66 -19.34 17.40
CA HIS B 875 -27.27 -20.64 17.17
C HIS B 875 -26.28 -21.80 17.17
N SER B 876 -25.24 -21.72 16.35
CA SER B 876 -24.25 -22.79 16.27
C SER B 876 -23.51 -22.95 17.59
N ILE B 877 -23.45 -21.87 18.36
CA ILE B 877 -22.79 -21.91 19.66
C ILE B 877 -23.60 -22.80 20.63
N MET B 878 -24.93 -22.68 20.57
CA MET B 878 -25.79 -23.49 21.44
C MET B 878 -25.69 -24.94 21.03
N GLU B 879 -25.56 -25.17 19.72
CA GLU B 879 -25.43 -26.52 19.19
C GLU B 879 -24.21 -27.22 19.77
N ARG B 880 -23.08 -26.52 19.81
CA ARG B 880 -21.85 -27.13 20.34
C ARG B 880 -22.02 -27.32 21.84
N ALA B 881 -22.77 -26.41 22.46
CA ALA B 881 -23.03 -26.52 23.88
C ALA B 881 -23.75 -27.86 24.07
N LEU B 882 -24.87 -28.03 23.38
CA LEU B 882 -25.63 -29.29 23.49
C LEU B 882 -24.80 -30.50 23.18
N PHE B 883 -23.87 -30.39 22.23
CA PHE B 883 -23.02 -31.53 21.87
C PHE B 883 -22.06 -31.86 23.00
N HIS B 884 -21.92 -30.97 23.97
CA HIS B 884 -21.00 -31.23 25.08
C HIS B 884 -21.59 -31.27 26.48
N MET B 885 -22.91 -31.31 26.59
CA MET B 885 -23.57 -31.35 27.90
C MET B 885 -23.27 -32.65 28.66
N ASP B 886 -22.58 -33.57 27.99
CA ASP B 886 -22.24 -34.88 28.54
C ASP B 886 -20.79 -34.95 29.02
N ASN B 887 -19.96 -34.05 28.50
CA ASN B 887 -18.53 -34.05 28.80
C ASN B 887 -18.02 -35.47 28.52
N CYS B 888 -17.48 -36.14 29.52
CA CYS B 888 -16.98 -37.49 29.31
C CYS B 888 -17.79 -38.56 30.04
N TYR B 889 -19.07 -38.31 30.26
CA TYR B 889 -19.88 -39.27 30.99
C TYR B 889 -21.04 -39.89 30.24
N LYS B 890 -21.18 -41.20 30.41
CA LYS B 890 -22.24 -41.96 29.76
C LYS B 890 -23.55 -41.84 30.55
N ILE B 891 -24.53 -41.19 29.92
CA ILE B 891 -25.84 -40.98 30.50
C ILE B 891 -26.87 -41.66 29.60
N PRO B 892 -27.47 -42.77 30.08
CA PRO B 892 -28.46 -43.56 29.34
C PRO B 892 -29.72 -42.83 28.90
N ASN B 893 -30.25 -41.96 29.76
CA ASN B 893 -31.47 -41.22 29.44
C ASN B 893 -31.14 -39.75 29.63
N ILE B 894 -31.09 -39.01 28.52
CA ILE B 894 -30.73 -37.61 28.57
C ILE B 894 -31.55 -36.70 27.65
N ARG B 895 -31.74 -35.47 28.09
CA ARG B 895 -32.50 -34.47 27.33
C ARG B 895 -31.92 -33.10 27.59
N GLY B 896 -31.48 -32.44 26.52
CA GLY B 896 -30.92 -31.11 26.66
C GLY B 896 -31.59 -30.16 25.69
N THR B 897 -31.93 -28.97 26.17
CA THR B 897 -32.56 -27.98 25.31
C THR B 897 -31.75 -26.70 25.41
N GLY B 898 -32.08 -25.75 24.55
CA GLY B 898 -31.40 -24.46 24.55
C GLY B 898 -32.15 -23.42 23.76
N ARG B 899 -32.15 -22.19 24.27
CA ARG B 899 -32.81 -21.08 23.61
C ARG B 899 -31.84 -19.90 23.58
N LEU B 900 -31.88 -19.13 22.49
CA LEU B 900 -31.00 -17.97 22.36
C LEU B 900 -31.85 -16.78 22.76
N CYS B 901 -31.44 -16.09 23.81
CA CYS B 901 -32.19 -14.92 24.28
C CYS B 901 -31.90 -13.66 23.48
N LYS B 902 -32.96 -13.09 22.90
CA LYS B 902 -32.84 -11.86 22.14
C LYS B 902 -32.87 -10.70 23.14
N THR B 903 -31.75 -10.00 23.24
CA THR B 903 -31.66 -8.91 24.20
C THR B 903 -31.04 -7.64 23.61
N ASN B 904 -31.17 -6.54 24.34
CA ASN B 904 -30.62 -5.28 23.93
C ASN B 904 -29.19 -5.04 24.41
N LEU B 905 -28.33 -6.01 24.12
CA LEU B 905 -26.91 -5.94 24.47
C LEU B 905 -26.13 -6.20 23.18
N SER B 906 -24.93 -5.65 23.07
CA SER B 906 -24.12 -5.89 21.88
C SER B 906 -24.20 -7.38 21.60
N SER B 907 -24.23 -7.74 20.32
CA SER B 907 -24.34 -9.15 19.92
C SER B 907 -23.13 -9.96 20.35
N ASN B 908 -23.36 -11.08 21.05
CA ASN B 908 -22.27 -11.93 21.48
C ASN B 908 -21.92 -12.90 20.37
N THR B 909 -20.68 -13.35 20.37
CA THR B 909 -20.19 -14.20 19.30
C THR B 909 -19.32 -15.34 19.78
N ALA B 910 -18.51 -15.87 18.87
CA ALA B 910 -17.60 -16.96 19.16
C ALA B 910 -16.50 -16.52 20.11
N PHE B 911 -16.05 -17.45 20.95
CA PHE B 911 -14.99 -17.21 21.89
C PHE B 911 -14.47 -18.60 22.19
N ARG B 912 -13.16 -18.77 22.05
CA ARG B 912 -12.49 -20.05 22.27
C ARG B 912 -13.35 -20.98 23.15
N GLY B 913 -13.83 -22.07 22.55
CA GLY B 913 -14.68 -23.00 23.27
C GLY B 913 -16.01 -23.08 22.51
N PHE B 914 -16.44 -21.94 22.01
CA PHE B 914 -17.65 -21.84 21.21
C PHE B 914 -18.86 -22.57 21.84
N GLY B 915 -19.25 -22.16 23.04
CA GLY B 915 -20.39 -22.78 23.70
C GLY B 915 -20.05 -24.01 24.51
N GLY B 916 -19.01 -24.73 24.09
CA GLY B 916 -18.60 -25.92 24.80
C GLY B 916 -18.25 -25.74 26.27
N PRO B 917 -17.37 -24.77 26.62
CA PRO B 917 -17.00 -24.55 28.01
C PRO B 917 -18.20 -24.37 28.94
N GLN B 918 -19.21 -23.65 28.45
CA GLN B 918 -20.40 -23.39 29.24
C GLN B 918 -21.14 -24.68 29.54
N ALA B 919 -21.34 -25.51 28.51
CA ALA B 919 -22.04 -26.77 28.67
C ALA B 919 -21.26 -27.76 29.53
N LEU B 920 -19.93 -27.76 29.37
CA LEU B 920 -19.08 -28.65 30.15
C LEU B 920 -19.06 -28.21 31.61
N PHE B 921 -19.14 -26.91 31.84
CA PHE B 921 -19.15 -26.37 33.19
C PHE B 921 -20.42 -26.84 33.88
N ILE B 922 -21.55 -26.70 33.18
CA ILE B 922 -22.85 -27.11 33.71
C ILE B 922 -22.84 -28.59 34.05
N ALA B 923 -22.27 -29.40 33.16
CA ALA B 923 -22.17 -30.84 33.36
C ALA B 923 -21.35 -31.17 34.61
N GLU B 924 -20.21 -30.52 34.76
CA GLU B 924 -19.35 -30.77 35.90
C GLU B 924 -19.97 -30.27 37.21
N ASN B 925 -20.86 -29.29 37.12
CA ASN B 925 -21.50 -28.77 38.31
C ASN B 925 -22.39 -29.83 38.96
N TRP B 926 -23.32 -30.39 38.19
CA TRP B 926 -24.18 -31.40 38.77
C TRP B 926 -23.41 -32.66 39.10
N MET B 927 -22.36 -32.95 38.33
CA MET B 927 -21.57 -34.13 38.61
C MET B 927 -20.94 -34.00 39.99
N SER B 928 -20.52 -32.79 40.33
CA SER B 928 -19.91 -32.55 41.63
C SER B 928 -20.95 -32.65 42.74
N GLU B 929 -22.19 -32.29 42.43
CA GLU B 929 -23.25 -32.37 43.42
C GLU B 929 -23.63 -33.84 43.63
N VAL B 930 -23.51 -34.63 42.57
CA VAL B 930 -23.83 -36.05 42.64
C VAL B 930 -22.87 -36.76 43.60
N ALA B 931 -21.60 -36.37 43.54
CA ALA B 931 -20.59 -36.98 44.42
C ALA B 931 -20.87 -36.58 45.88
N VAL B 932 -21.14 -35.30 46.11
CA VAL B 932 -21.42 -34.81 47.45
C VAL B 932 -22.64 -35.47 48.07
N THR B 933 -23.73 -35.51 47.30
CA THR B 933 -24.97 -36.12 47.75
C THR B 933 -24.80 -37.58 48.14
N CYS B 934 -23.97 -38.30 47.38
CA CYS B 934 -23.71 -39.71 47.64
C CYS B 934 -22.67 -39.94 48.72
N GLY B 935 -21.96 -38.88 49.09
CA GLY B 935 -20.93 -39.02 50.11
C GLY B 935 -19.75 -39.84 49.61
N LEU B 936 -19.49 -39.78 48.30
CA LEU B 936 -18.38 -40.52 47.71
C LEU B 936 -17.31 -39.60 47.12
N PRO B 937 -16.06 -40.07 47.05
CA PRO B 937 -14.96 -39.27 46.51
C PRO B 937 -15.29 -38.87 45.07
N ALA B 938 -15.22 -37.57 44.78
CA ALA B 938 -15.53 -37.07 43.44
C ALA B 938 -14.87 -37.83 42.28
N GLU B 939 -13.60 -38.18 42.39
CA GLU B 939 -12.94 -38.89 41.28
C GLU B 939 -13.49 -40.29 41.04
N GLU B 940 -14.03 -40.92 42.08
CA GLU B 940 -14.61 -42.25 41.93
C GLU B 940 -15.91 -42.15 41.15
N VAL B 941 -16.71 -41.13 41.50
CA VAL B 941 -17.98 -40.89 40.84
C VAL B 941 -17.78 -40.57 39.37
N ARG B 942 -16.82 -39.70 39.08
CA ARG B 942 -16.54 -39.32 37.70
C ARG B 942 -16.06 -40.53 36.91
N TRP B 943 -15.10 -41.26 37.47
CA TRP B 943 -14.55 -42.43 36.79
C TRP B 943 -15.57 -43.51 36.46
N LYS B 944 -16.48 -43.81 37.39
CA LYS B 944 -17.48 -44.85 37.15
C LYS B 944 -18.53 -44.46 36.13
N ASN B 945 -18.76 -43.16 35.98
CA ASN B 945 -19.74 -42.66 35.01
C ASN B 945 -19.12 -42.42 33.63
N MET B 946 -17.80 -42.41 33.59
CA MET B 946 -17.05 -42.16 32.38
C MET B 946 -17.35 -43.11 31.22
N TYR B 947 -17.25 -42.60 30.00
CA TYR B 947 -17.47 -43.42 28.81
C TYR B 947 -16.34 -44.43 28.73
N LYS B 948 -16.50 -45.41 27.85
CA LYS B 948 -15.46 -46.41 27.62
C LYS B 948 -15.34 -46.54 26.09
N GLU B 949 -14.19 -47.00 25.63
CA GLU B 949 -13.95 -47.17 24.19
C GLU B 949 -15.15 -47.84 23.53
N GLY B 950 -15.62 -47.27 22.43
CA GLY B 950 -16.74 -47.87 21.72
C GLY B 950 -18.12 -47.31 22.00
N ASP B 951 -18.35 -46.75 23.19
CA ASP B 951 -19.65 -46.21 23.50
C ASP B 951 -20.08 -45.11 22.53
N LEU B 952 -21.37 -44.82 22.52
CA LEU B 952 -21.93 -43.78 21.68
C LEU B 952 -22.26 -42.62 22.60
N THR B 953 -22.18 -41.40 22.08
CA THR B 953 -22.48 -40.21 22.86
C THR B 953 -24.00 -40.03 22.89
N HIS B 954 -24.47 -38.98 23.56
CA HIS B 954 -25.90 -38.73 23.60
C HIS B 954 -26.41 -38.42 22.20
N PHE B 955 -25.52 -37.89 21.35
CA PHE B 955 -25.92 -37.59 19.97
C PHE B 955 -25.56 -38.73 19.03
N ASN B 956 -25.43 -39.92 19.64
CA ASN B 956 -25.15 -41.17 18.95
C ASN B 956 -23.89 -41.36 18.12
N GLN B 957 -22.81 -40.65 18.44
CA GLN B 957 -21.60 -40.84 17.68
C GLN B 957 -20.65 -41.73 18.46
N ARG B 958 -20.08 -42.72 17.76
CA ARG B 958 -19.17 -43.67 18.37
C ARG B 958 -17.85 -43.02 18.79
N LEU B 959 -17.39 -43.38 19.98
CA LEU B 959 -16.14 -42.85 20.51
C LEU B 959 -15.03 -43.85 20.24
N GLU B 960 -14.20 -43.54 19.26
CA GLU B 960 -13.09 -44.41 18.91
C GLU B 960 -11.80 -43.68 19.25
N GLY B 961 -10.88 -44.38 19.90
CA GLY B 961 -9.65 -43.75 20.29
C GLY B 961 -9.88 -42.87 21.49
N PHE B 962 -10.91 -43.21 22.28
CA PHE B 962 -11.25 -42.47 23.50
C PHE B 962 -10.07 -42.64 24.47
N SER B 963 -9.27 -41.59 24.60
CA SER B 963 -8.09 -41.65 25.46
C SER B 963 -8.22 -41.06 26.86
N VAL B 964 -9.41 -40.58 27.22
CA VAL B 964 -9.60 -40.01 28.56
C VAL B 964 -9.07 -40.94 29.66
N PRO B 965 -9.36 -42.25 29.57
CA PRO B 965 -8.87 -43.17 30.60
C PRO B 965 -7.36 -43.08 30.82
N ARG B 966 -6.59 -43.08 29.72
CA ARG B 966 -5.14 -42.99 29.83
C ARG B 966 -4.70 -41.65 30.42
N CYS B 967 -5.32 -40.56 29.99
CA CYS B 967 -4.98 -39.23 30.51
C CYS B 967 -5.29 -39.19 31.99
N TRP B 968 -6.47 -39.73 32.33
CA TRP B 968 -6.94 -39.79 33.71
C TRP B 968 -5.95 -40.53 34.59
N ASP B 969 -5.70 -41.79 34.27
CA ASP B 969 -4.77 -42.59 35.05
C ASP B 969 -3.39 -41.97 35.15
N GLU B 970 -2.86 -41.46 34.04
CA GLU B 970 -1.54 -40.84 34.07
C GLU B 970 -1.56 -39.56 34.89
N CYS B 971 -2.63 -38.79 34.76
CA CYS B 971 -2.71 -37.55 35.52
C CYS B 971 -2.80 -37.84 37.02
N LEU B 972 -3.61 -38.83 37.38
CA LEU B 972 -3.76 -39.20 38.80
C LEU B 972 -2.38 -39.58 39.32
N LYS B 973 -1.67 -40.36 38.53
CA LYS B 973 -0.34 -40.82 38.90
C LYS B 973 0.68 -39.68 39.02
N SER B 974 0.92 -38.99 37.91
CA SER B 974 1.90 -37.90 37.88
C SER B 974 1.60 -36.74 38.84
N SER B 975 0.33 -36.54 39.15
CA SER B 975 -0.05 -35.46 40.05
C SER B 975 -0.05 -35.92 41.51
N GLN B 976 0.14 -37.23 41.72
CA GLN B 976 0.15 -37.79 43.06
C GLN B 976 -1.13 -37.34 43.75
N TYR B 977 -2.23 -37.45 43.02
CA TYR B 977 -3.55 -37.05 43.48
C TYR B 977 -3.95 -37.54 44.88
N TYR B 978 -3.90 -38.86 45.09
CA TYR B 978 -4.30 -39.41 46.37
C TYR B 978 -3.45 -38.95 47.53
N ALA B 979 -2.13 -39.00 47.36
CA ALA B 979 -1.23 -38.56 48.42
C ALA B 979 -1.55 -37.13 48.83
N ARG B 980 -1.85 -36.29 47.85
CA ARG B 980 -2.14 -34.89 48.12
C ARG B 980 -3.52 -34.66 48.73
N LYS B 981 -4.50 -35.47 48.35
CA LYS B 981 -5.84 -35.30 48.91
C LYS B 981 -5.71 -35.39 50.43
N SER B 982 -4.88 -36.31 50.87
CA SER B 982 -4.62 -36.52 52.30
C SER B 982 -4.00 -35.28 52.92
N GLU B 983 -3.01 -34.70 52.23
CA GLU B 983 -2.35 -33.51 52.72
C GLU B 983 -3.28 -32.30 52.74
N VAL B 984 -4.27 -32.30 51.85
CA VAL B 984 -5.24 -31.21 51.80
C VAL B 984 -6.14 -31.28 53.04
N ASP B 985 -6.60 -32.48 53.36
CA ASP B 985 -7.47 -32.68 54.53
C ASP B 985 -6.72 -32.28 55.79
N LYS B 986 -5.45 -32.64 55.84
CA LYS B 986 -4.61 -32.33 56.98
C LYS B 986 -4.51 -30.81 57.13
N PHE B 987 -4.22 -30.12 56.04
CA PHE B 987 -4.11 -28.66 56.06
C PHE B 987 -5.40 -28.00 56.55
N ASN B 988 -6.53 -28.52 56.09
CA ASN B 988 -7.80 -27.94 56.47
C ASN B 988 -8.13 -28.15 57.94
N LYS B 989 -7.49 -29.15 58.55
CA LYS B 989 -7.73 -29.40 59.97
C LYS B 989 -6.86 -28.46 60.78
N GLU B 990 -5.73 -28.06 60.22
CA GLU B 990 -4.80 -27.17 60.93
C GLU B 990 -5.09 -25.69 60.70
N ASN B 991 -5.91 -25.39 59.70
CA ASN B 991 -6.22 -24.00 59.40
C ASN B 991 -7.71 -23.71 59.41
N CYS B 992 -8.05 -22.67 60.17
CA CYS B 992 -9.41 -22.24 60.35
C CYS B 992 -9.85 -21.13 59.39
N TRP B 993 -8.92 -20.26 59.02
CA TRP B 993 -9.24 -19.15 58.14
C TRP B 993 -8.62 -19.23 56.75
N LYS B 994 -8.19 -20.43 56.38
CA LYS B 994 -7.59 -20.71 55.09
C LYS B 994 -7.86 -22.18 54.81
N LYS B 995 -8.40 -22.48 53.64
CA LYS B 995 -8.68 -23.86 53.29
C LYS B 995 -8.07 -24.19 51.93
N ARG B 996 -7.88 -25.48 51.70
CA ARG B 996 -7.34 -25.94 50.43
C ARG B 996 -8.32 -26.88 49.76
N GLY B 997 -8.24 -26.93 48.43
CA GLY B 997 -9.14 -27.77 47.68
C GLY B 997 -8.41 -28.43 46.54
N LEU B 998 -8.87 -29.62 46.17
CA LEU B 998 -8.25 -30.38 45.10
C LEU B 998 -9.34 -30.95 44.22
N CYS B 999 -9.12 -30.93 42.90
CA CYS B 999 -10.09 -31.47 41.98
C CYS B 999 -9.46 -31.88 40.66
N ILE B 1000 -9.89 -33.03 40.14
CA ILE B 1000 -9.39 -33.52 38.86
C ILE B 1000 -10.59 -33.74 37.96
N ILE B 1001 -10.55 -33.12 36.78
CA ILE B 1001 -11.64 -33.26 35.83
C ILE B 1001 -11.12 -33.59 34.43
N PRO B 1002 -11.94 -34.26 33.63
CA PRO B 1002 -11.55 -34.63 32.27
C PRO B 1002 -12.32 -33.75 31.29
N THR B 1003 -12.11 -33.99 30.00
CA THR B 1003 -12.84 -33.26 28.98
C THR B 1003 -12.64 -33.89 27.62
N LYS B 1004 -13.63 -33.71 26.75
CA LYS B 1004 -13.56 -34.21 25.40
C LYS B 1004 -14.11 -33.04 24.61
N PHE B 1005 -13.57 -32.82 23.42
CA PHE B 1005 -14.00 -31.70 22.59
C PHE B 1005 -14.12 -32.19 21.14
N GLY B 1006 -15.32 -32.12 20.58
CA GLY B 1006 -15.54 -32.54 19.21
C GLY B 1006 -14.81 -31.64 18.25
N ILE B 1007 -14.11 -32.24 17.28
CA ILE B 1007 -13.34 -31.45 16.31
C ILE B 1007 -14.00 -31.41 14.93
N SER B 1008 -14.35 -30.20 14.51
CA SER B 1008 -14.99 -29.93 13.21
C SER B 1008 -16.05 -28.85 13.33
N PHE B 1009 -16.25 -28.09 12.25
CA PHE B 1009 -17.30 -27.08 12.25
C PHE B 1009 -18.55 -27.94 12.28
N THR B 1010 -19.51 -27.59 13.14
CA THR B 1010 -20.74 -28.37 13.20
C THR B 1010 -21.59 -28.05 11.97
N VAL B 1011 -21.16 -27.02 11.23
CA VAL B 1011 -21.81 -26.64 9.98
C VAL B 1011 -20.94 -27.33 8.94
N PRO B 1012 -21.42 -28.45 8.38
CA PRO B 1012 -20.71 -29.24 7.36
C PRO B 1012 -19.89 -28.55 6.27
N PHE B 1013 -20.52 -27.68 5.48
CA PHE B 1013 -19.79 -27.05 4.38
C PHE B 1013 -18.56 -26.23 4.74
N LEU B 1014 -18.43 -25.84 6.01
CA LEU B 1014 -17.27 -25.06 6.43
C LEU B 1014 -16.01 -25.91 6.57
N ASN B 1015 -16.21 -27.23 6.60
CA ASN B 1015 -15.09 -28.15 6.73
C ASN B 1015 -14.40 -28.37 5.39
N GLN B 1016 -13.90 -27.27 4.83
CA GLN B 1016 -13.20 -27.30 3.55
C GLN B 1016 -12.03 -26.33 3.64
N ALA B 1017 -10.94 -26.64 2.95
CA ALA B 1017 -9.76 -25.79 2.99
C ALA B 1017 -8.94 -25.83 1.71
N GLY B 1018 -8.40 -24.68 1.33
CA GLY B 1018 -7.59 -24.60 0.13
C GLY B 1018 -6.20 -24.05 0.38
N ALA B 1019 -5.30 -24.33 -0.57
CA ALA B 1019 -3.94 -23.86 -0.49
C ALA B 1019 -3.46 -23.57 -1.92
N LEU B 1020 -2.48 -22.67 -2.03
CA LEU B 1020 -1.88 -22.29 -3.30
C LEU B 1020 -0.37 -22.27 -3.09
N ILE B 1021 0.35 -23.05 -3.89
CA ILE B 1021 1.80 -23.10 -3.76
C ILE B 1021 2.54 -22.80 -5.07
N HIS B 1022 3.56 -21.96 -4.97
CA HIS B 1022 4.39 -21.61 -6.13
C HIS B 1022 5.84 -21.95 -5.77
N VAL B 1023 6.55 -22.54 -6.72
CA VAL B 1023 7.97 -22.83 -6.49
C VAL B 1023 8.67 -21.89 -7.47
N TYR B 1024 9.43 -20.93 -6.97
CA TYR B 1024 10.12 -20.00 -7.86
C TYR B 1024 11.38 -20.64 -8.45
N THR B 1025 11.90 -20.07 -9.54
CA THR B 1025 13.06 -20.65 -10.21
C THR B 1025 14.33 -20.78 -9.37
N ASP B 1026 14.41 -20.06 -8.25
CA ASP B 1026 15.58 -20.20 -7.39
C ASP B 1026 15.33 -21.39 -6.45
N GLY B 1027 14.16 -22.00 -6.60
CA GLY B 1027 13.82 -23.14 -5.77
C GLY B 1027 13.08 -22.76 -4.50
N SER B 1028 13.07 -21.47 -4.15
CA SER B 1028 12.36 -21.03 -2.94
C SER B 1028 10.85 -21.19 -3.15
N VAL B 1029 10.17 -21.60 -2.08
CA VAL B 1029 8.72 -21.84 -2.14
C VAL B 1029 7.87 -20.82 -1.37
N LEU B 1030 6.75 -20.44 -1.96
CA LEU B 1030 5.83 -19.50 -1.33
C LEU B 1030 4.51 -20.25 -1.15
N VAL B 1031 4.14 -20.47 0.11
CA VAL B 1031 2.89 -21.15 0.41
C VAL B 1031 1.84 -20.17 0.85
N SER B 1032 0.61 -20.39 0.38
CA SER B 1032 -0.52 -19.55 0.73
C SER B 1032 -1.69 -20.49 1.00
N HIS B 1033 -2.47 -20.21 2.05
CA HIS B 1033 -3.62 -21.05 2.36
C HIS B 1033 -4.72 -20.19 2.98
N GLY B 1034 -5.90 -20.79 3.15
CA GLY B 1034 -7.03 -20.05 3.70
C GLY B 1034 -6.95 -19.62 5.15
N GLY B 1035 -6.08 -20.26 5.92
CA GLY B 1035 -5.95 -19.93 7.33
C GLY B 1035 -5.20 -18.66 7.64
N THR B 1036 -5.55 -18.03 8.75
CA THR B 1036 -4.90 -16.81 9.19
C THR B 1036 -4.12 -17.07 10.48
N GLU B 1037 -3.10 -16.24 10.71
CA GLU B 1037 -2.28 -16.38 11.91
C GLU B 1037 -2.70 -15.37 12.96
N MET B 1038 -3.00 -15.86 14.16
CA MET B 1038 -3.41 -14.99 15.26
C MET B 1038 -2.56 -15.27 16.50
N GLY B 1039 -1.49 -16.04 16.31
CA GLY B 1039 -0.60 -16.37 17.42
C GLY B 1039 -0.50 -17.86 17.72
N GLN B 1040 -1.43 -18.64 17.20
CA GLN B 1040 -1.45 -20.09 17.43
C GLN B 1040 -0.38 -20.85 16.64
N GLY B 1041 0.37 -20.13 15.82
CA GLY B 1041 1.41 -20.77 15.03
C GLY B 1041 0.92 -21.63 13.87
N LEU B 1042 -0.17 -21.23 13.22
CA LEU B 1042 -0.68 -21.99 12.09
C LEU B 1042 0.31 -21.98 10.90
N HIS B 1043 0.87 -20.82 10.60
CA HIS B 1043 1.82 -20.74 9.47
C HIS B 1043 3.05 -21.58 9.74
N THR B 1044 3.56 -21.54 10.97
CA THR B 1044 4.73 -22.33 11.36
C THR B 1044 4.44 -23.80 11.07
N LYS B 1045 3.29 -24.28 11.53
CA LYS B 1045 2.91 -25.67 11.31
C LYS B 1045 2.75 -25.99 9.83
N MET B 1046 2.23 -25.04 9.07
CA MET B 1046 2.03 -25.25 7.64
C MET B 1046 3.38 -25.35 6.92
N VAL B 1047 4.36 -24.55 7.37
CA VAL B 1047 5.70 -24.60 6.80
C VAL B 1047 6.33 -25.95 7.17
N GLN B 1048 6.11 -26.38 8.42
CA GLN B 1048 6.65 -27.66 8.87
C GLN B 1048 6.09 -28.78 8.00
N VAL B 1049 4.79 -28.71 7.70
CA VAL B 1049 4.13 -29.70 6.87
C VAL B 1049 4.65 -29.66 5.43
N ALA B 1050 4.76 -28.47 4.86
CA ALA B 1050 5.26 -28.34 3.48
C ALA B 1050 6.67 -28.92 3.41
N SER B 1051 7.50 -28.54 4.37
CA SER B 1051 8.87 -29.02 4.42
C SER B 1051 8.96 -30.54 4.42
N LYS B 1052 8.20 -31.19 5.29
CA LYS B 1052 8.20 -32.66 5.37
C LYS B 1052 7.65 -33.30 4.09
N ALA B 1053 6.55 -32.77 3.59
CA ALA B 1053 5.91 -33.28 2.38
C ALA B 1053 6.83 -33.17 1.15
N LEU B 1054 7.41 -31.99 0.95
CA LEU B 1054 8.31 -31.76 -0.19
C LEU B 1054 9.69 -32.33 0.06
N LYS B 1055 10.00 -32.60 1.32
CA LYS B 1055 11.29 -33.15 1.72
C LYS B 1055 12.44 -32.18 1.51
N ILE B 1056 12.25 -30.93 1.95
CA ILE B 1056 13.27 -29.91 1.83
C ILE B 1056 13.27 -29.08 3.11
N PRO B 1057 14.37 -28.38 3.40
CA PRO B 1057 14.46 -27.55 4.61
C PRO B 1057 13.33 -26.54 4.70
N ILE B 1058 12.95 -26.16 5.92
CA ILE B 1058 11.90 -25.19 6.11
C ILE B 1058 12.39 -23.82 5.65
N SER B 1059 13.72 -23.66 5.66
CA SER B 1059 14.34 -22.39 5.25
C SER B 1059 14.04 -22.03 3.80
N LYS B 1060 13.69 -23.03 3.00
CA LYS B 1060 13.38 -22.80 1.60
C LYS B 1060 11.89 -22.54 1.38
N ILE B 1061 11.12 -22.49 2.46
CA ILE B 1061 9.68 -22.28 2.37
C ILE B 1061 9.27 -21.03 3.13
N TYR B 1062 8.27 -20.33 2.60
CA TYR B 1062 7.83 -19.10 3.23
C TYR B 1062 6.32 -18.91 3.12
N ILE B 1063 5.74 -18.25 4.11
CA ILE B 1063 4.31 -17.95 4.11
C ILE B 1063 4.27 -16.50 4.54
N SER B 1064 3.79 -15.65 3.65
CA SER B 1064 3.74 -14.22 3.89
C SER B 1064 2.45 -13.67 4.49
N GLU B 1065 1.31 -14.12 3.97
CA GLU B 1065 0.05 -13.59 4.44
C GLU B 1065 -1.10 -14.44 3.93
N THR B 1066 -2.31 -14.01 4.26
CA THR B 1066 -3.53 -14.67 3.82
C THR B 1066 -4.25 -13.59 3.03
N SER B 1067 -4.71 -13.91 1.82
CA SER B 1067 -5.40 -12.94 0.99
C SER B 1067 -6.45 -13.62 0.12
N THR B 1068 -7.56 -12.93 -0.11
CA THR B 1068 -8.66 -13.50 -0.90
C THR B 1068 -8.38 -13.73 -2.39
N ASN B 1069 -7.33 -13.11 -2.93
CA ASN B 1069 -7.02 -13.32 -4.35
C ASN B 1069 -6.04 -14.48 -4.57
N THR B 1070 -5.61 -15.13 -3.49
CA THR B 1070 -4.72 -16.28 -3.61
C THR B 1070 -5.52 -17.54 -3.29
N VAL B 1071 -6.35 -17.47 -2.24
CA VAL B 1071 -7.22 -18.59 -1.85
C VAL B 1071 -8.60 -17.99 -1.54
N PRO B 1072 -9.58 -18.24 -2.40
CA PRO B 1072 -10.94 -17.73 -2.24
C PRO B 1072 -11.89 -18.59 -1.40
N ASN B 1073 -13.02 -17.99 -1.02
CA ASN B 1073 -14.06 -18.69 -0.28
C ASN B 1073 -13.55 -19.51 0.90
N SER B 1074 -12.68 -18.93 1.70
CA SER B 1074 -12.15 -19.64 2.84
C SER B 1074 -13.10 -19.60 4.02
N SER B 1075 -13.05 -20.64 4.84
CA SER B 1075 -13.88 -20.67 6.04
C SER B 1075 -13.11 -19.80 7.03
N PRO B 1076 -13.79 -19.26 8.04
CA PRO B 1076 -13.03 -18.44 8.99
C PRO B 1076 -12.03 -19.35 9.68
N THR B 1077 -10.95 -18.78 10.20
CA THR B 1077 -9.93 -19.58 10.88
C THR B 1077 -10.52 -19.86 12.27
N ALA B 1078 -11.13 -21.03 12.44
CA ALA B 1078 -11.73 -21.36 13.72
C ALA B 1078 -12.03 -22.84 13.90
N ALA B 1079 -12.72 -23.16 14.98
CA ALA B 1079 -13.09 -24.53 15.31
C ALA B 1079 -11.87 -25.43 15.51
N SER B 1080 -10.71 -24.80 15.75
CA SER B 1080 -9.47 -25.56 16.01
C SER B 1080 -9.06 -26.51 14.89
N VAL B 1081 -9.74 -26.49 13.76
CA VAL B 1081 -9.42 -27.41 12.68
C VAL B 1081 -8.49 -26.89 11.57
N SER B 1082 -7.99 -25.68 11.72
CA SER B 1082 -7.12 -25.09 10.69
C SER B 1082 -5.93 -25.97 10.30
N THR B 1083 -5.14 -26.39 11.30
CA THR B 1083 -3.99 -27.23 11.04
C THR B 1083 -4.45 -28.48 10.29
N ASP B 1084 -5.53 -29.07 10.78
CA ASP B 1084 -6.13 -30.26 10.18
C ASP B 1084 -6.41 -30.07 8.68
N ILE B 1085 -7.32 -29.16 8.37
CA ILE B 1085 -7.74 -28.95 7.00
C ILE B 1085 -6.75 -28.23 6.07
N TYR B 1086 -6.07 -27.19 6.53
CA TYR B 1086 -5.09 -26.52 5.68
C TYR B 1086 -3.85 -27.40 5.58
N GLY B 1087 -3.64 -28.22 6.61
CA GLY B 1087 -2.50 -29.11 6.62
C GLY B 1087 -2.61 -30.07 5.46
N GLN B 1088 -3.84 -30.53 5.21
CA GLN B 1088 -4.12 -31.45 4.12
C GLN B 1088 -4.03 -30.74 2.76
N ALA B 1089 -4.63 -29.56 2.67
CA ALA B 1089 -4.59 -28.78 1.44
C ALA B 1089 -3.14 -28.55 1.01
N VAL B 1090 -2.33 -28.04 1.94
CA VAL B 1090 -0.92 -27.79 1.69
C VAL B 1090 -0.22 -29.11 1.29
N TYR B 1091 -0.56 -30.18 2.00
CA TYR B 1091 0.03 -31.49 1.74
C TYR B 1091 -0.25 -31.94 0.30
N GLU B 1092 -1.52 -31.86 -0.10
CA GLU B 1092 -1.93 -32.26 -1.43
C GLU B 1092 -1.20 -31.43 -2.51
N ALA B 1093 -1.15 -30.12 -2.31
CA ALA B 1093 -0.48 -29.24 -3.26
C ALA B 1093 0.98 -29.67 -3.38
N CYS B 1094 1.59 -30.03 -2.25
CA CYS B 1094 2.97 -30.49 -2.27
C CYS B 1094 3.10 -31.77 -3.08
N GLN B 1095 2.10 -32.65 -2.97
CA GLN B 1095 2.12 -33.91 -3.71
C GLN B 1095 2.15 -33.65 -5.21
N THR B 1096 1.32 -32.72 -5.67
CA THR B 1096 1.26 -32.37 -7.08
C THR B 1096 2.62 -31.89 -7.57
N ILE B 1097 3.28 -31.08 -6.75
CA ILE B 1097 4.60 -30.57 -7.08
C ILE B 1097 5.60 -31.71 -7.23
N LEU B 1098 5.55 -32.68 -6.31
CA LEU B 1098 6.47 -33.81 -6.37
C LEU B 1098 6.29 -34.66 -7.62
N LYS B 1099 5.03 -34.82 -8.04
CA LYS B 1099 4.74 -35.62 -9.24
C LYS B 1099 5.22 -34.91 -10.51
N ARG B 1100 5.18 -33.58 -10.50
CA ARG B 1100 5.63 -32.82 -11.66
C ARG B 1100 7.15 -32.84 -11.74
N LEU B 1101 7.80 -32.85 -10.58
CA LEU B 1101 9.25 -32.85 -10.51
C LEU B 1101 9.85 -34.26 -10.63
N GLU B 1102 9.01 -35.28 -10.49
CA GLU B 1102 9.47 -36.65 -10.55
C GLU B 1102 10.32 -37.02 -11.77
N PRO B 1103 9.86 -36.69 -12.99
CA PRO B 1103 10.61 -37.00 -14.20
C PRO B 1103 12.03 -36.45 -14.20
N PHE B 1104 12.17 -35.21 -13.74
CA PHE B 1104 13.47 -34.57 -13.70
C PHE B 1104 14.32 -35.13 -12.57
N LYS B 1105 13.66 -35.60 -11.53
CA LYS B 1105 14.36 -36.18 -10.39
C LYS B 1105 14.97 -37.49 -10.85
N LYS B 1106 14.25 -38.19 -11.74
CA LYS B 1106 14.73 -39.47 -12.26
C LYS B 1106 15.90 -39.30 -13.24
N LYS B 1107 15.79 -38.32 -14.14
CA LYS B 1107 16.84 -38.08 -15.13
C LYS B 1107 18.13 -37.63 -14.44
N ASN B 1108 18.00 -36.96 -13.30
CA ASN B 1108 19.16 -36.47 -12.56
C ASN B 1108 19.07 -36.81 -11.06
N PRO B 1109 19.14 -38.11 -10.73
CA PRO B 1109 19.07 -38.64 -9.37
C PRO B 1109 19.94 -37.96 -8.32
N ASP B 1110 21.15 -37.56 -8.68
CA ASP B 1110 22.05 -36.92 -7.72
C ASP B 1110 21.99 -35.41 -7.73
N GLY B 1111 21.05 -34.85 -8.49
CA GLY B 1111 20.92 -33.41 -8.55
C GLY B 1111 20.31 -32.83 -7.29
N SER B 1112 20.25 -31.50 -7.21
CA SER B 1112 19.69 -30.83 -6.05
C SER B 1112 18.27 -30.37 -6.33
N TRP B 1113 17.55 -29.97 -5.28
CA TRP B 1113 16.19 -29.48 -5.41
C TRP B 1113 16.18 -28.33 -6.42
N GLU B 1114 17.17 -27.45 -6.33
CA GLU B 1114 17.29 -26.33 -7.25
C GLU B 1114 17.48 -26.83 -8.67
N ASP B 1115 18.27 -27.89 -8.84
CA ASP B 1115 18.50 -28.45 -10.17
C ASP B 1115 17.21 -28.98 -10.80
N TRP B 1116 16.40 -29.68 -10.01
CA TRP B 1116 15.16 -30.24 -10.53
C TRP B 1116 14.15 -29.16 -10.85
N VAL B 1117 14.12 -28.11 -10.02
CA VAL B 1117 13.21 -27.01 -10.22
C VAL B 1117 13.53 -26.24 -11.50
N MET B 1118 14.79 -25.88 -11.69
CA MET B 1118 15.19 -25.15 -12.89
C MET B 1118 14.93 -26.00 -14.14
N ALA B 1119 15.26 -27.28 -14.08
CA ALA B 1119 15.04 -28.18 -15.22
C ALA B 1119 13.55 -28.29 -15.54
N ALA B 1120 12.71 -28.31 -14.51
CA ALA B 1120 11.26 -28.40 -14.73
C ALA B 1120 10.79 -27.12 -15.39
N TYR B 1121 11.26 -25.98 -14.88
CA TYR B 1121 10.89 -24.70 -15.44
C TYR B 1121 11.29 -24.59 -16.92
N GLN B 1122 12.53 -24.94 -17.22
CA GLN B 1122 13.01 -24.85 -18.58
C GLN B 1122 12.33 -25.86 -19.51
N ASP B 1123 11.71 -26.88 -18.94
CA ASP B 1123 11.01 -27.87 -19.73
C ASP B 1123 9.54 -27.43 -19.84
N ARG B 1124 9.27 -26.24 -19.34
CA ARG B 1124 7.94 -25.66 -19.35
C ARG B 1124 6.89 -26.49 -18.60
N VAL B 1125 7.24 -26.86 -17.37
CA VAL B 1125 6.34 -27.60 -16.50
C VAL B 1125 5.97 -26.58 -15.42
N SER B 1126 4.66 -26.37 -15.23
CA SER B 1126 4.19 -25.41 -14.23
C SER B 1126 4.62 -25.78 -12.81
N LEU B 1127 5.05 -24.76 -12.06
CA LEU B 1127 5.50 -24.94 -10.68
C LEU B 1127 4.51 -24.28 -9.73
N SER B 1128 3.25 -24.19 -10.17
CA SER B 1128 2.21 -23.60 -9.36
C SER B 1128 1.01 -24.53 -9.34
N THR B 1129 0.36 -24.63 -8.19
CA THR B 1129 -0.79 -25.50 -8.06
C THR B 1129 -1.60 -25.24 -6.79
N THR B 1130 -2.86 -25.67 -6.82
CA THR B 1130 -3.72 -25.51 -5.67
C THR B 1130 -3.74 -26.83 -4.92
N GLY B 1131 -4.19 -26.76 -3.67
CA GLY B 1131 -4.31 -27.93 -2.82
C GLY B 1131 -5.67 -27.77 -2.17
N PHE B 1132 -6.40 -28.86 -1.98
CA PHE B 1132 -7.72 -28.74 -1.37
C PHE B 1132 -8.06 -29.94 -0.51
N TYR B 1133 -8.82 -29.71 0.55
CA TYR B 1133 -9.23 -30.77 1.45
C TYR B 1133 -10.69 -30.63 1.86
N ARG B 1134 -11.36 -31.77 2.00
CA ARG B 1134 -12.76 -31.83 2.38
C ARG B 1134 -12.88 -32.90 3.48
N THR B 1135 -13.22 -32.49 4.68
CA THR B 1135 -13.36 -33.47 5.76
C THR B 1135 -14.51 -34.42 5.43
N PRO B 1136 -14.21 -35.73 5.38
CA PRO B 1136 -15.20 -36.76 5.07
C PRO B 1136 -16.10 -37.23 6.21
N ASN B 1137 -17.18 -37.93 5.83
CA ASN B 1137 -18.14 -38.51 6.76
C ASN B 1137 -18.66 -37.57 7.84
N LEU B 1138 -19.20 -36.42 7.44
CA LEU B 1138 -19.74 -35.47 8.40
C LEU B 1138 -21.17 -35.11 8.01
N GLY B 1139 -22.01 -34.87 9.02
CA GLY B 1139 -23.39 -34.51 8.76
C GLY B 1139 -24.31 -35.02 9.85
N TYR B 1140 -24.49 -34.22 10.90
CA TYR B 1140 -25.37 -34.59 12.01
C TYR B 1140 -26.75 -33.97 11.84
N SER B 1141 -27.78 -34.77 12.08
CA SER B 1141 -29.13 -34.28 11.96
C SER B 1141 -29.81 -34.22 13.32
N PHE B 1142 -30.26 -33.03 13.70
CA PHE B 1142 -30.97 -32.88 14.97
C PHE B 1142 -32.35 -33.49 14.82
N GLU B 1143 -32.72 -33.80 13.58
CA GLU B 1143 -34.03 -34.40 13.28
C GLU B 1143 -34.04 -35.86 13.72
N THR B 1144 -32.93 -36.56 13.45
CA THR B 1144 -32.84 -37.97 13.78
C THR B 1144 -31.80 -38.31 14.86
N ASN B 1145 -31.08 -37.29 15.35
CA ASN B 1145 -30.05 -37.51 16.35
C ASN B 1145 -29.09 -38.59 15.84
N SER B 1146 -28.64 -38.45 14.60
CA SER B 1146 -27.70 -39.40 14.00
C SER B 1146 -26.81 -38.70 12.98
N GLY B 1147 -25.70 -39.34 12.64
CA GLY B 1147 -24.77 -38.74 11.70
C GLY B 1147 -23.62 -38.11 12.45
N ASN B 1148 -22.40 -38.36 12.01
CA ASN B 1148 -21.22 -37.82 12.68
C ASN B 1148 -21.25 -36.30 12.75
N ALA B 1149 -21.12 -35.77 13.96
CA ALA B 1149 -21.10 -34.35 14.16
C ALA B 1149 -19.66 -33.88 14.07
N PHE B 1150 -18.76 -34.73 14.54
CA PHE B 1150 -17.34 -34.39 14.54
C PHE B 1150 -16.50 -35.46 13.85
N HIS B 1151 -15.29 -35.09 13.44
CA HIS B 1151 -14.40 -36.03 12.78
C HIS B 1151 -13.73 -36.92 13.81
N TYR B 1152 -13.47 -36.34 14.99
CA TYR B 1152 -12.86 -37.07 16.09
C TYR B 1152 -12.91 -36.18 17.33
N PHE B 1153 -12.30 -36.62 18.43
CA PHE B 1153 -12.32 -35.81 19.65
C PHE B 1153 -10.93 -35.66 20.24
N THR B 1154 -10.68 -34.52 20.85
CA THR B 1154 -9.40 -34.25 21.50
C THR B 1154 -9.71 -34.37 22.98
N TYR B 1155 -8.86 -35.09 23.71
CA TYR B 1155 -9.07 -35.30 25.14
C TYR B 1155 -7.96 -34.80 26.04
N GLY B 1156 -8.28 -34.61 27.31
CA GLY B 1156 -7.31 -34.16 28.29
C GLY B 1156 -7.85 -34.22 29.71
N VAL B 1157 -6.95 -34.15 30.68
CA VAL B 1157 -7.33 -34.16 32.09
C VAL B 1157 -6.46 -33.18 32.88
N ALA B 1158 -7.08 -32.41 33.76
CA ALA B 1158 -6.37 -31.44 34.58
C ALA B 1158 -6.73 -31.58 36.05
N CYS B 1159 -5.72 -31.53 36.91
CA CYS B 1159 -5.90 -31.62 38.35
C CYS B 1159 -5.28 -30.37 38.94
N SER B 1160 -6.08 -29.61 39.67
CA SER B 1160 -5.60 -28.38 40.28
C SER B 1160 -5.88 -28.32 41.78
N GLU B 1161 -4.94 -27.72 42.50
CA GLU B 1161 -5.07 -27.56 43.93
C GLU B 1161 -5.01 -26.06 44.20
N VAL B 1162 -5.80 -25.59 45.14
CA VAL B 1162 -5.81 -24.18 45.48
C VAL B 1162 -5.87 -23.97 46.98
N GLU B 1163 -5.63 -22.73 47.39
CA GLU B 1163 -5.71 -22.35 48.78
C GLU B 1163 -6.46 -21.04 48.79
N ILE B 1164 -7.61 -21.02 49.47
CA ILE B 1164 -8.39 -19.81 49.55
C ILE B 1164 -8.21 -19.18 50.92
N ASP B 1165 -8.39 -17.86 50.99
CA ASP B 1165 -8.30 -17.12 52.23
C ASP B 1165 -9.77 -16.92 52.58
N CYS B 1166 -10.25 -17.62 53.60
CA CYS B 1166 -11.65 -17.56 54.00
C CYS B 1166 -12.11 -16.19 54.46
N LEU B 1167 -11.17 -15.30 54.78
CA LEU B 1167 -11.50 -13.97 55.26
C LEU B 1167 -11.49 -12.86 54.19
N THR B 1168 -10.84 -13.10 53.04
CA THR B 1168 -10.76 -12.07 52.00
C THR B 1168 -11.33 -12.48 50.63
N GLY B 1169 -11.31 -13.77 50.35
CA GLY B 1169 -11.80 -14.22 49.06
C GLY B 1169 -10.65 -14.49 48.11
N ASP B 1170 -9.46 -13.99 48.45
CA ASP B 1170 -8.27 -14.23 47.64
C ASP B 1170 -7.92 -15.72 47.68
N HIS B 1171 -7.21 -16.19 46.65
CA HIS B 1171 -6.79 -17.59 46.64
C HIS B 1171 -5.54 -17.76 45.78
N LYS B 1172 -4.80 -18.83 46.07
CA LYS B 1172 -3.58 -19.16 45.34
C LYS B 1172 -3.86 -20.39 44.52
N ASN B 1173 -3.28 -20.42 43.33
CA ASN B 1173 -3.40 -21.58 42.46
C ASN B 1173 -2.06 -22.25 42.72
N LEU B 1174 -2.07 -23.17 43.68
CA LEU B 1174 -0.87 -23.88 44.12
C LEU B 1174 -0.24 -24.75 43.05
N ARG B 1175 -1.04 -25.62 42.45
CA ARG B 1175 -0.52 -26.52 41.45
C ARG B 1175 -1.56 -27.05 40.49
N THR B 1176 -1.12 -27.33 39.27
CA THR B 1176 -1.98 -27.87 38.23
C THR B 1176 -1.18 -28.83 37.37
N ASP B 1177 -1.76 -30.00 37.13
CA ASP B 1177 -1.15 -31.02 36.30
C ASP B 1177 -2.12 -31.30 35.16
N ILE B 1178 -1.63 -31.26 33.92
CA ILE B 1178 -2.47 -31.50 32.77
C ILE B 1178 -1.83 -32.58 31.91
N VAL B 1179 -2.68 -33.47 31.37
CA VAL B 1179 -2.22 -34.53 30.49
C VAL B 1179 -3.14 -34.39 29.29
N MET B 1180 -2.58 -33.98 28.17
CA MET B 1180 -3.38 -33.74 26.98
C MET B 1180 -3.11 -34.69 25.82
N ASP B 1181 -4.19 -35.13 25.18
CA ASP B 1181 -4.08 -36.02 24.04
C ASP B 1181 -4.22 -35.19 22.76
N VAL B 1182 -3.08 -34.88 22.15
CA VAL B 1182 -3.06 -34.10 20.91
C VAL B 1182 -2.55 -35.01 19.80
N GLY B 1183 -2.63 -36.32 20.05
CA GLY B 1183 -2.16 -37.30 19.09
C GLY B 1183 -0.67 -37.12 18.94
N SER B 1184 -0.16 -37.36 17.74
CA SER B 1184 1.26 -37.16 17.49
C SER B 1184 1.40 -35.68 17.13
N SER B 1185 1.77 -34.87 18.12
CA SER B 1185 1.93 -33.43 17.95
C SER B 1185 2.85 -33.03 16.81
N LEU B 1186 2.38 -32.13 15.95
CA LEU B 1186 3.21 -31.64 14.84
C LEU B 1186 4.29 -30.75 15.44
N ASN B 1187 3.98 -30.15 16.59
CA ASN B 1187 4.92 -29.26 17.26
C ASN B 1187 4.59 -29.22 18.76
N PRO B 1188 5.32 -30.01 19.57
CA PRO B 1188 5.13 -30.08 21.02
C PRO B 1188 5.18 -28.73 21.72
N ALA B 1189 6.06 -27.87 21.25
CA ALA B 1189 6.22 -26.53 21.84
C ALA B 1189 4.97 -25.70 21.64
N ILE B 1190 4.51 -25.61 20.40
CA ILE B 1190 3.32 -24.82 20.11
C ILE B 1190 2.08 -25.47 20.72
N ASP B 1191 2.04 -26.80 20.74
CA ASP B 1191 0.87 -27.47 21.29
C ASP B 1191 0.80 -27.29 22.81
N ILE B 1192 1.94 -27.40 23.49
CA ILE B 1192 1.96 -27.18 24.93
C ILE B 1192 1.62 -25.71 25.15
N GLY B 1193 2.03 -24.87 24.21
CA GLY B 1193 1.75 -23.44 24.32
C GLY B 1193 0.26 -23.17 24.27
N GLN B 1194 -0.45 -23.90 23.40
CA GLN B 1194 -1.89 -23.78 23.26
C GLN B 1194 -2.62 -24.32 24.51
N VAL B 1195 -2.15 -25.45 25.01
CA VAL B 1195 -2.74 -26.06 26.21
C VAL B 1195 -2.66 -25.07 27.37
N GLU B 1196 -1.48 -24.49 27.59
CA GLU B 1196 -1.30 -23.53 28.68
C GLU B 1196 -2.08 -22.24 28.45
N GLY B 1197 -2.08 -21.76 27.22
CA GLY B 1197 -2.78 -20.53 26.91
C GLY B 1197 -4.28 -20.70 27.09
N ALA B 1198 -4.82 -21.80 26.59
CA ALA B 1198 -6.25 -22.06 26.70
C ALA B 1198 -6.61 -22.26 28.17
N PHE B 1199 -5.81 -23.07 28.87
CA PHE B 1199 -6.05 -23.34 30.29
C PHE B 1199 -6.16 -22.05 31.08
N VAL B 1200 -5.20 -21.16 30.88
CA VAL B 1200 -5.20 -19.89 31.60
C VAL B 1200 -6.40 -19.03 31.22
N GLN B 1201 -6.82 -19.12 29.95
CA GLN B 1201 -7.99 -18.37 29.52
C GLN B 1201 -9.24 -18.94 30.20
N GLY B 1202 -9.29 -20.25 30.37
CA GLY B 1202 -10.42 -20.86 31.05
C GLY B 1202 -10.38 -20.45 32.52
N LEU B 1203 -9.17 -20.45 33.05
CA LEU B 1203 -8.92 -20.05 34.44
C LEU B 1203 -9.48 -18.65 34.66
N GLY B 1204 -9.26 -17.77 33.68
CA GLY B 1204 -9.75 -16.40 33.79
C GLY B 1204 -11.27 -16.38 33.76
N LEU B 1205 -11.86 -17.15 32.85
CA LEU B 1205 -13.31 -17.21 32.71
C LEU B 1205 -13.99 -17.65 34.01
N PHE B 1206 -13.49 -18.73 34.58
CA PHE B 1206 -14.03 -19.34 35.78
C PHE B 1206 -13.66 -18.75 37.13
N THR B 1207 -12.63 -17.90 37.20
CA THR B 1207 -12.24 -17.35 38.48
C THR B 1207 -11.87 -15.88 38.57
N LEU B 1208 -11.73 -15.19 37.43
CA LEU B 1208 -11.31 -13.79 37.49
C LEU B 1208 -12.05 -12.79 36.63
N GLU B 1209 -12.42 -13.21 35.43
CA GLU B 1209 -13.07 -12.33 34.49
C GLU B 1209 -14.55 -12.13 34.68
N GLU B 1210 -14.95 -10.87 34.80
CA GLU B 1210 -16.33 -10.54 35.02
C GLU B 1210 -16.73 -9.18 34.44
N LEU B 1211 -17.78 -9.18 33.65
CA LEU B 1211 -18.28 -7.95 33.05
C LEU B 1211 -19.49 -7.46 33.85
N HIS B 1212 -19.45 -6.20 34.29
CA HIS B 1212 -20.56 -5.62 35.05
C HIS B 1212 -21.32 -4.61 34.21
N TYR B 1213 -22.65 -4.73 34.21
CA TYR B 1213 -23.51 -3.83 33.46
C TYR B 1213 -24.48 -3.11 34.38
N SER B 1214 -24.82 -1.86 34.04
CA SER B 1214 -25.77 -1.11 34.85
C SER B 1214 -27.11 -1.78 34.63
N PRO B 1215 -28.11 -1.47 35.47
CA PRO B 1215 -29.41 -2.10 35.27
C PRO B 1215 -30.00 -1.74 33.90
N GLU B 1216 -29.64 -0.56 33.39
CA GLU B 1216 -30.14 -0.12 32.09
C GLU B 1216 -29.39 -0.77 30.91
N GLY B 1217 -28.42 -1.63 31.20
CA GLY B 1217 -27.68 -2.31 30.15
C GLY B 1217 -26.40 -1.66 29.67
N SER B 1218 -25.86 -0.74 30.45
CA SER B 1218 -24.63 -0.06 30.08
C SER B 1218 -23.41 -0.72 30.76
N LEU B 1219 -22.53 -1.29 29.95
CA LEU B 1219 -21.33 -1.96 30.46
C LEU B 1219 -20.47 -1.00 31.28
N HIS B 1220 -20.11 -1.43 32.49
CA HIS B 1220 -19.27 -0.63 33.38
C HIS B 1220 -17.79 -0.93 33.17
N THR B 1221 -17.48 -2.21 33.01
CA THR B 1221 -16.12 -2.67 32.87
C THR B 1221 -15.65 -2.57 31.41
N ARG B 1222 -14.90 -1.51 31.11
CA ARG B 1222 -14.43 -1.29 29.75
C ARG B 1222 -12.91 -1.09 29.61
N GLY B 1223 -12.15 -1.72 30.50
CA GLY B 1223 -10.71 -1.58 30.44
C GLY B 1223 -10.01 -2.60 31.32
N PRO B 1224 -8.68 -2.76 31.21
CA PRO B 1224 -7.98 -3.73 32.05
C PRO B 1224 -8.01 -3.33 33.53
N SER B 1225 -8.34 -2.08 33.81
CA SER B 1225 -8.42 -1.60 35.18
C SER B 1225 -9.60 -2.24 35.91
N THR B 1226 -10.71 -2.42 35.20
CA THR B 1226 -11.91 -3.00 35.77
C THR B 1226 -12.14 -4.43 35.35
N TYR B 1227 -11.66 -4.80 34.16
CA TYR B 1227 -11.81 -6.17 33.70
C TYR B 1227 -10.46 -6.84 33.96
N LYS B 1228 -10.44 -7.83 34.84
CA LYS B 1228 -9.19 -8.49 35.21
C LYS B 1228 -8.97 -9.87 34.62
N ILE B 1229 -8.09 -9.95 33.64
CA ILE B 1229 -7.77 -11.24 33.02
C ILE B 1229 -6.58 -11.79 33.82
N PRO B 1230 -6.22 -13.06 33.60
CA PRO B 1230 -5.08 -13.63 34.34
C PRO B 1230 -3.80 -12.81 34.19
N ALA B 1231 -3.09 -12.61 35.30
CA ALA B 1231 -1.84 -11.87 35.29
C ALA B 1231 -0.69 -12.85 35.45
N PHE B 1232 0.54 -12.38 35.36
CA PHE B 1232 1.69 -13.28 35.52
C PHE B 1232 1.52 -14.08 36.83
N GLY B 1233 1.16 -13.38 37.90
CA GLY B 1233 1.00 -14.02 39.19
C GLY B 1233 -0.30 -14.79 39.42
N SER B 1234 -1.05 -15.07 38.36
CA SER B 1234 -2.31 -15.79 38.47
C SER B 1234 -2.19 -17.26 38.10
N ILE B 1235 -1.13 -17.61 37.39
CA ILE B 1235 -0.95 -18.98 36.96
C ILE B 1235 -0.51 -19.90 38.09
N PRO B 1236 -0.82 -21.20 37.98
CA PRO B 1236 -0.42 -22.13 39.05
C PRO B 1236 1.07 -22.01 39.29
N THR B 1237 1.45 -21.89 40.56
CA THR B 1237 2.85 -21.78 40.93
C THR B 1237 3.60 -22.99 40.42
N GLU B 1238 3.01 -24.17 40.60
CA GLU B 1238 3.60 -25.39 40.10
C GLU B 1238 2.67 -25.75 38.95
N PHE B 1239 3.21 -25.69 37.73
CA PHE B 1239 2.44 -25.92 36.51
C PHE B 1239 3.06 -27.04 35.66
N ARG B 1240 2.36 -28.16 35.57
CA ARG B 1240 2.87 -29.28 34.79
C ARG B 1240 1.93 -29.65 33.65
N VAL B 1241 2.50 -29.81 32.45
CA VAL B 1241 1.74 -30.18 31.27
C VAL B 1241 2.44 -31.35 30.58
N SER B 1242 1.67 -32.38 30.25
CA SER B 1242 2.20 -33.55 29.57
C SER B 1242 1.35 -33.86 28.37
N LEU B 1243 1.98 -34.26 27.27
CA LEU B 1243 1.26 -34.62 26.06
C LEU B 1243 1.24 -36.13 26.02
N LEU B 1244 0.07 -36.72 25.83
CA LEU B 1244 -0.04 -38.17 25.82
C LEU B 1244 0.89 -38.80 24.80
N ARG B 1245 1.59 -39.85 25.21
CA ARG B 1245 2.52 -40.55 24.35
C ARG B 1245 1.85 -41.69 23.61
N ASP B 1246 2.36 -41.99 22.42
CA ASP B 1246 1.87 -43.09 21.59
C ASP B 1246 0.35 -43.11 21.40
N CYS B 1247 -0.17 -42.09 20.76
CA CYS B 1247 -1.60 -41.99 20.51
C CYS B 1247 -1.82 -41.34 19.14
N PRO B 1248 -1.24 -41.93 18.09
CA PRO B 1248 -1.39 -41.38 16.73
C PRO B 1248 -2.84 -41.30 16.28
N ASN B 1249 -3.24 -40.13 15.78
CA ASN B 1249 -4.61 -39.93 15.30
C ASN B 1249 -4.65 -40.06 13.78
N LYS B 1250 -5.09 -41.22 13.31
CA LYS B 1250 -5.18 -41.48 11.87
C LYS B 1250 -6.21 -40.63 11.15
N LYS B 1251 -6.96 -39.82 11.89
CA LYS B 1251 -7.99 -38.98 11.29
C LYS B 1251 -7.47 -37.63 10.79
N ALA B 1252 -6.27 -37.24 11.21
CA ALA B 1252 -5.74 -35.95 10.78
C ALA B 1252 -4.29 -35.98 10.30
N ILE B 1253 -3.90 -34.88 9.66
CA ILE B 1253 -2.57 -34.70 9.08
C ILE B 1253 -1.42 -35.15 9.98
N TYR B 1254 -0.64 -36.12 9.50
CA TYR B 1254 0.49 -36.65 10.25
C TYR B 1254 0.13 -37.11 11.67
N ALA B 1255 -1.06 -37.70 11.80
CA ALA B 1255 -1.55 -38.24 13.06
C ALA B 1255 -1.59 -37.27 14.23
N SER B 1256 -1.94 -36.02 13.97
CA SER B 1256 -2.01 -35.01 15.02
C SER B 1256 -3.48 -34.75 15.36
N LYS B 1257 -3.71 -33.83 16.31
CA LYS B 1257 -5.06 -33.46 16.72
C LYS B 1257 -5.20 -31.97 16.96
N ALA B 1258 -6.39 -31.43 16.71
CA ALA B 1258 -6.65 -30.02 16.97
C ALA B 1258 -6.34 -29.77 18.44
N VAL B 1259 -5.89 -28.57 18.78
CA VAL B 1259 -5.52 -28.25 20.16
C VAL B 1259 -5.93 -26.86 20.62
N GLY B 1260 -6.33 -26.00 19.68
CA GLY B 1260 -6.69 -24.64 20.02
C GLY B 1260 -7.67 -24.42 21.16
N GLU B 1261 -8.86 -25.00 21.04
CA GLU B 1261 -9.93 -24.86 22.03
C GLU B 1261 -10.08 -25.92 23.12
N PRO B 1262 -9.90 -27.21 22.80
CA PRO B 1262 -10.03 -28.29 23.77
C PRO B 1262 -9.57 -28.11 25.22
N PRO B 1263 -8.36 -27.56 25.44
CA PRO B 1263 -7.85 -27.35 26.79
C PRO B 1263 -8.48 -26.25 27.64
N LEU B 1264 -9.18 -25.31 27.01
CA LEU B 1264 -9.75 -24.22 27.80
C LEU B 1264 -10.62 -24.68 28.96
N PHE B 1265 -11.53 -25.62 28.72
CA PHE B 1265 -12.39 -26.06 29.80
C PHE B 1265 -11.65 -26.61 31.02
N LEU B 1266 -10.51 -27.27 30.81
CA LEU B 1266 -9.75 -27.83 31.91
C LEU B 1266 -9.42 -26.78 32.98
N GLY B 1267 -9.54 -25.50 32.61
CA GLY B 1267 -9.27 -24.45 33.57
C GLY B 1267 -10.31 -24.49 34.68
N ALA B 1268 -11.41 -25.19 34.43
CA ALA B 1268 -12.49 -25.32 35.40
C ALA B 1268 -12.03 -26.16 36.59
N SER B 1269 -10.95 -26.92 36.42
CA SER B 1269 -10.43 -27.75 37.50
C SER B 1269 -10.06 -26.82 38.66
N VAL B 1270 -9.75 -25.57 38.34
CA VAL B 1270 -9.40 -24.58 39.35
C VAL B 1270 -10.68 -24.12 40.07
N PHE B 1271 -11.78 -24.08 39.32
CA PHE B 1271 -13.06 -23.64 39.87
C PHE B 1271 -13.56 -24.64 40.91
N PHE B 1272 -13.50 -25.93 40.56
CA PHE B 1272 -13.98 -26.97 41.45
C PHE B 1272 -13.03 -27.31 42.59
N ALA B 1273 -11.79 -26.85 42.49
CA ALA B 1273 -10.85 -27.08 43.59
C ALA B 1273 -11.26 -26.02 44.61
N ILE B 1274 -11.62 -24.84 44.10
CA ILE B 1274 -12.06 -23.73 44.93
C ILE B 1274 -13.37 -24.07 45.65
N LYS B 1275 -14.27 -24.75 44.96
CA LYS B 1275 -15.54 -25.11 45.58
C LYS B 1275 -15.25 -26.11 46.69
N ASP B 1276 -14.33 -27.03 46.41
CA ASP B 1276 -13.92 -28.03 47.37
C ASP B 1276 -13.43 -27.32 48.62
N ALA B 1277 -12.67 -26.24 48.43
CA ALA B 1277 -12.12 -25.46 49.55
C ALA B 1277 -13.18 -24.69 50.33
N ILE B 1278 -14.16 -24.14 49.62
CA ILE B 1278 -15.22 -23.37 50.28
C ILE B 1278 -16.04 -24.35 51.11
N ARG B 1279 -16.26 -25.52 50.54
CA ARG B 1279 -17.00 -26.58 51.20
C ARG B 1279 -16.37 -26.91 52.55
N ALA B 1280 -15.04 -26.90 52.61
CA ALA B 1280 -14.33 -27.19 53.85
C ALA B 1280 -14.52 -26.04 54.82
N ALA B 1281 -14.58 -24.82 54.29
CA ALA B 1281 -14.76 -23.62 55.12
C ALA B 1281 -16.17 -23.55 55.69
N ARG B 1282 -17.14 -24.08 54.97
CA ARG B 1282 -18.53 -24.08 55.42
C ARG B 1282 -18.69 -25.12 56.52
N ALA B 1283 -18.02 -26.26 56.35
CA ALA B 1283 -18.07 -27.33 57.34
C ALA B 1283 -17.44 -26.80 58.63
N GLN B 1284 -16.46 -25.91 58.48
CA GLN B 1284 -15.76 -25.31 59.59
C GLN B 1284 -16.56 -24.27 60.36
N HIS B 1285 -17.13 -23.28 59.65
CA HIS B 1285 -17.90 -22.23 60.30
C HIS B 1285 -19.40 -22.18 60.03
N THR B 1286 -19.87 -22.95 59.06
CA THR B 1286 -21.29 -22.96 58.75
C THR B 1286 -21.90 -24.23 59.33
N ASN B 1287 -22.98 -24.73 58.71
CA ASN B 1287 -23.64 -25.93 59.19
C ASN B 1287 -22.75 -27.16 59.02
N ASN B 1288 -22.99 -28.17 59.84
CA ASN B 1288 -22.23 -29.42 59.77
C ASN B 1288 -22.91 -30.37 58.80
N ASN B 1289 -23.73 -29.81 57.91
CA ASN B 1289 -24.44 -30.60 56.92
C ASN B 1289 -23.44 -31.07 55.86
N THR B 1290 -22.86 -32.24 56.07
CA THR B 1290 -21.87 -32.79 55.16
C THR B 1290 -22.36 -33.09 53.75
N LYS B 1291 -23.63 -32.83 53.47
CA LYS B 1291 -24.16 -33.09 52.13
C LYS B 1291 -24.90 -31.89 51.57
N GLU B 1292 -24.69 -30.73 52.18
CA GLU B 1292 -25.32 -29.51 51.71
C GLU B 1292 -24.83 -29.21 50.30
N LEU B 1293 -25.71 -28.73 49.43
CA LEU B 1293 -25.33 -28.42 48.06
C LEU B 1293 -25.52 -26.93 47.82
N PHE B 1294 -24.52 -26.13 48.16
CA PHE B 1294 -24.63 -24.69 47.97
C PHE B 1294 -24.34 -24.32 46.52
N ARG B 1295 -24.94 -23.23 46.07
CA ARG B 1295 -24.76 -22.77 44.71
C ARG B 1295 -23.59 -21.81 44.56
N LEU B 1296 -22.73 -22.11 43.59
CA LEU B 1296 -21.58 -21.26 43.30
C LEU B 1296 -21.55 -21.07 41.79
N ASP B 1297 -21.86 -19.85 41.35
CA ASP B 1297 -21.87 -19.51 39.94
C ASP B 1297 -20.47 -19.16 39.48
N SER B 1298 -20.29 -19.09 38.17
CA SER B 1298 -19.01 -18.71 37.58
C SER B 1298 -19.17 -17.27 37.11
N PRO B 1299 -18.12 -16.45 37.26
CA PRO B 1299 -16.79 -16.78 37.82
C PRO B 1299 -16.75 -16.80 39.34
N ALA B 1300 -15.89 -17.64 39.89
CA ALA B 1300 -15.70 -17.74 41.33
C ALA B 1300 -14.67 -16.69 41.75
N THR B 1301 -15.12 -15.45 41.76
CA THR B 1301 -14.27 -14.32 42.12
C THR B 1301 -14.10 -14.22 43.63
N PRO B 1302 -13.25 -13.28 44.10
CA PRO B 1302 -13.04 -13.14 45.53
C PRO B 1302 -14.39 -12.87 46.21
N GLU B 1303 -15.28 -12.14 45.52
CA GLU B 1303 -16.59 -11.83 46.08
C GLU B 1303 -17.42 -13.05 46.38
N LYS B 1304 -17.54 -13.94 45.39
CA LYS B 1304 -18.33 -15.15 45.57
C LYS B 1304 -17.67 -16.12 46.54
N ILE B 1305 -16.33 -16.12 46.57
CA ILE B 1305 -15.60 -16.99 47.45
C ILE B 1305 -15.80 -16.56 48.91
N ARG B 1306 -15.59 -15.27 49.17
CA ARG B 1306 -15.74 -14.76 50.52
C ARG B 1306 -17.18 -14.91 51.00
N ASN B 1307 -18.13 -14.42 50.19
CA ASN B 1307 -19.53 -14.51 50.55
C ASN B 1307 -19.96 -15.94 50.87
N ALA B 1308 -19.46 -16.90 50.10
CA ALA B 1308 -19.80 -18.30 50.31
C ALA B 1308 -19.17 -18.88 51.58
N CYS B 1309 -18.18 -18.18 52.15
CA CYS B 1309 -17.54 -18.65 53.37
C CYS B 1309 -18.29 -18.01 54.53
N VAL B 1310 -19.54 -18.41 54.68
CA VAL B 1310 -20.42 -17.88 55.72
C VAL B 1310 -19.86 -18.10 57.12
N ASP B 1311 -19.76 -17.02 57.88
CA ASP B 1311 -19.25 -17.09 59.22
C ASP B 1311 -19.93 -16.07 60.12
N LYS B 1312 -19.36 -15.88 61.31
CA LYS B 1312 -19.90 -14.93 62.26
C LYS B 1312 -19.85 -13.52 61.68
N PHE B 1313 -18.89 -13.30 60.79
CA PHE B 1313 -18.73 -11.99 60.18
C PHE B 1313 -19.72 -11.75 59.05
N THR B 1314 -19.86 -12.70 58.16
CA THR B 1314 -20.82 -12.53 57.08
C THR B 1314 -22.19 -12.35 57.73
N THR B 1315 -22.48 -13.21 58.71
CA THR B 1315 -23.76 -13.15 59.41
C THR B 1315 -23.96 -11.82 60.13
N LEU B 1316 -22.95 -11.35 60.83
CA LEU B 1316 -23.04 -10.09 61.56
C LEU B 1316 -23.37 -8.90 60.65
N CYS B 1317 -22.87 -8.94 59.42
CA CYS B 1317 -23.11 -7.85 58.48
C CYS B 1317 -24.59 -7.65 58.17
N VAL B 1318 -25.37 -8.73 58.22
CA VAL B 1318 -26.79 -8.62 57.95
C VAL B 1318 -27.61 -8.29 59.20
N THR B 1319 -27.45 -9.09 60.26
CA THR B 1319 -28.18 -8.88 61.50
C THR B 1319 -27.95 -7.52 62.15
N GLY B 1320 -26.76 -6.95 62.00
CA GLY B 1320 -26.49 -5.66 62.60
C GLY B 1320 -26.22 -4.53 61.62
N LYS B 1326 -35.58 -6.44 63.32
CA LYS B 1326 -36.43 -7.65 63.54
C LYS B 1326 -37.91 -7.25 63.60
N PRO B 1327 -38.78 -8.04 62.94
CA PRO B 1327 -40.23 -7.83 62.88
C PRO B 1327 -41.01 -7.77 64.18
N TRP B 1328 -42.13 -7.06 64.15
CA TRP B 1328 -42.99 -6.91 65.32
C TRP B 1328 -43.51 -8.29 65.73
N SER B 1329 -43.89 -9.11 64.74
CA SER B 1329 -44.40 -10.44 65.01
C SER B 1329 -43.86 -11.47 64.03
N LEU B 1330 -43.92 -12.74 64.42
CA LEU B 1330 -43.43 -13.83 63.59
C LEU B 1330 -44.23 -15.10 63.86
N ARG B 1331 -44.88 -15.64 62.82
CA ARG B 1331 -45.68 -16.86 62.98
C ARG B 1331 -44.86 -17.92 63.69
N VAL B 1332 -45.53 -18.70 64.54
CA VAL B 1332 -44.87 -19.75 65.30
C VAL B 1332 -45.02 -21.12 64.62
FE1 FES C . -1.03 5.13 -25.20
FE2 FES C . -2.08 7.35 -26.33
S1 FES C . -3.17 5.52 -25.87
S2 FES C . 0.00 6.96 -25.66
FE1 FES D . 3.55 18.73 -20.10
FE2 FES D . 4.53 16.75 -21.84
S1 FES D . 3.82 18.71 -22.37
S2 FES D . 4.24 16.76 -19.48
N1 MTE E . 0.27 -1.55 -27.62
C2 MTE E . 0.20 -0.54 -26.68
N2 MTE E . -0.87 0.24 -26.69
N3 MTE E . 1.23 -0.43 -25.83
C4 MTE E . 2.33 -1.27 -25.87
O4 MTE E . 3.36 -1.17 -25.01
N5 MTE E . 3.51 -3.31 -26.95
C6 MTE E . 3.71 -3.96 -28.26
C7 MTE E . 2.38 -4.52 -28.84
N8 MTE E . 1.34 -3.49 -28.76
C9 MTE E . 2.41 -2.31 -26.81
C10 MTE E . 1.30 -2.44 -27.75
C1' MTE E . 4.69 -5.08 -28.19
S1' MTE E . 6.46 -4.67 -28.31
C2' MTE E . 4.31 -6.38 -28.04
S2' MTE E . 5.56 -7.73 -27.98
C3' MTE E . 2.92 -6.83 -27.90
O3' MTE E . 1.97 -5.65 -27.94
C4' MTE E . 2.79 -7.51 -26.56
O4' MTE E . 1.50 -7.88 -26.16
P MTE E . 0.74 -9.17 -26.72
O1P MTE E . 1.65 -10.36 -26.66
O2P MTE E . 0.26 -8.89 -28.15
O3P MTE E . -0.51 -9.43 -25.91
MO MOS F . 7.56 -6.67 -27.57
S MOS F . 9.46 -5.77 -28.72
O1 MOS F . 8.27 -8.72 -28.06
O2 MOS F . 8.08 -6.24 -26.05
PA FAD G . 8.94 33.28 -20.71
O1A FAD G . 7.94 33.74 -19.70
O2A FAD G . 9.46 31.89 -20.65
O5B FAD G . 10.05 34.41 -20.92
C5B FAD G . 11.02 34.21 -21.94
C4B FAD G . 12.20 35.19 -21.89
O4B FAD G . 11.58 36.51 -22.37
C3B FAD G . 12.78 35.52 -20.47
O3B FAD G . 14.17 35.75 -20.72
C2B FAD G . 12.02 36.80 -20.05
O2B FAD G . 12.71 37.51 -19.03
C1B FAD G . 11.89 37.56 -21.32
N9A FAD G . 10.71 38.44 -21.47
C8A FAD G . 9.35 38.13 -21.56
N7A FAD G . 8.51 39.14 -21.72
C5A FAD G . 9.35 40.21 -21.73
C6A FAD G . 9.14 41.68 -21.88
N6A FAD G . 7.92 42.21 -22.05
N1A FAD G . 10.26 42.55 -21.85
C2A FAD G . 11.58 42.07 -21.68
N3A FAD G . 11.85 40.71 -21.54
C4A FAD G . 10.75 39.81 -21.57
N1 FAD G . 9.61 29.24 -30.50
C2 FAD G . 9.77 29.48 -31.82
O2 FAD G . 10.38 30.44 -32.23
N3 FAD G . 9.16 28.53 -32.73
C4 FAD G . 8.43 27.40 -32.34
O4 FAD G . 7.95 26.64 -33.15
C4X FAD G . 8.26 27.14 -30.88
N5 FAD G . 7.59 26.05 -30.35
C5X FAD G . 7.64 25.74 -28.96
C6 FAD G . 7.07 24.47 -28.55
C7 FAD G . 7.09 24.09 -27.19
C7M FAD G . 6.50 22.75 -26.82
C8 FAD G . 7.69 24.97 -26.14
C8M FAD G . 7.81 24.73 -24.66
C9 FAD G . 8.24 26.22 -26.56
C9A FAD G . 8.24 26.67 -27.95
N10 FAD G . 8.79 27.92 -28.60
C10 FAD G . 8.91 28.13 -29.97
C1' FAD G . 9.44 28.88 -27.69
C2' FAD G . 8.58 29.72 -26.73
O2' FAD G . 7.25 29.18 -26.60
C3' FAD G . 8.59 31.17 -27.15
O3' FAD G . 9.93 31.69 -27.15
C4' FAD G . 7.58 31.97 -26.27
O4' FAD G . 6.90 32.91 -27.10
C5' FAD G . 8.20 32.67 -25.09
O5' FAD G . 7.09 33.27 -24.37
P FAD G . 6.80 33.12 -22.83
O1P FAD G . 5.89 34.25 -22.49
O2P FAD G . 6.37 31.73 -22.51
O3P FAD G . 8.23 33.38 -22.15
PA NAI H . 19.49 26.78 -29.30
O1A NAI H . 18.64 27.85 -28.72
O2A NAI H . 21.03 26.99 -28.91
O5B NAI H . 19.41 26.67 -30.88
C5B NAI H . 20.19 25.69 -31.56
C4B NAI H . 20.26 26.03 -33.04
O4B NAI H . 20.84 27.32 -33.27
C3B NAI H . 21.12 25.02 -33.80
O3B NAI H . 20.30 23.90 -34.18
C2B NAI H . 21.59 25.87 -34.98
O2B NAI H . 20.62 25.85 -36.05
C1B NAI H . 21.73 27.27 -34.39
N9A NAI H . 23.12 27.60 -33.91
C8A NAI H . 23.48 27.89 -32.64
N7A NAI H . 24.78 28.15 -32.58
C5A NAI H . 25.28 28.03 -33.80
C6A NAI H . 26.56 28.18 -34.36
N6A NAI H . 27.60 28.52 -33.60
N1A NAI H . 26.73 27.96 -35.70
C2A NAI H . 25.71 27.63 -36.49
N3A NAI H . 24.48 27.48 -35.99
C4A NAI H . 24.23 27.66 -34.66
O3 NAI H . 19.07 25.31 -28.76
PN NAI H . 18.28 25.06 -27.37
O1N NAI H . 19.14 25.73 -26.19
O2N NAI H . 18.00 23.63 -27.11
O5D NAI H . 16.95 25.92 -27.52
C5D NAI H . 16.02 25.51 -28.50
C4D NAI H . 14.85 26.48 -28.57
O4D NAI H . 13.96 25.98 -29.56
C3D NAI H . 13.98 26.55 -27.33
O3D NAI H . 14.50 27.46 -26.34
C2D NAI H . 12.68 27.09 -27.93
O2D NAI H . 12.61 28.53 -27.87
C1D NAI H . 12.72 26.67 -29.40
N1N NAI H . 11.80 25.62 -29.86
C2N NAI H . 11.37 24.58 -28.98
C3N NAI H . 10.51 23.60 -29.48
C7N NAI H . 10.05 22.47 -28.56
O7N NAI H . 9.30 21.59 -28.98
N7N NAI H . 10.50 22.52 -27.31
C4N NAI H . 10.03 23.60 -30.95
C5N NAI H . 10.52 24.67 -31.72
C6N NAI H . 11.37 25.65 -31.21
C1 GOL I . 5.28 22.67 -44.61
O1 GOL I . 5.39 21.85 -45.77
C2 GOL I . 6.61 22.82 -43.85
O2 GOL I . 7.36 21.58 -43.92
C3 GOL I . 6.38 23.17 -42.37
O3 GOL I . 6.75 24.52 -42.08
C1 GOL J . -10.38 -3.11 -16.41
O1 GOL J . -9.23 -2.38 -16.02
C2 GOL J . -10.28 -4.55 -15.92
O2 GOL J . -9.13 -5.18 -16.51
C3 GOL J . -11.53 -5.36 -16.28
O3 GOL J . -11.40 -6.74 -15.93
C1 GOL K . 22.68 1.49 -19.50
O1 GOL K . 22.85 0.24 -20.17
C2 GOL K . 23.50 1.58 -18.18
O2 GOL K . 24.33 0.42 -18.03
C3 GOL K . 22.58 1.71 -16.97
O3 GOL K . 23.31 2.04 -15.78
C1 GOL L . 9.69 11.53 -9.04
O1 GOL L . 10.27 10.25 -9.29
C2 GOL L . 8.17 11.55 -9.28
O2 GOL L . 7.74 12.92 -9.31
C3 GOL L . 7.43 10.80 -8.14
O3 GOL L . 6.11 11.30 -7.90
C CO3 M . 15.19 -4.13 -31.50
O1 CO3 M . 16.30 -3.54 -31.49
O2 CO3 M . 14.60 -4.36 -32.65
O3 CO3 M . 14.65 -4.51 -30.35
C1' SAL N . 11.57 -13.50 -29.59
O1' SAL N . 10.81 -12.71 -30.15
O2' SAL N . 11.93 -14.45 -30.26
C1 SAL N . 11.99 -13.32 -28.24
C2 SAL N . 11.58 -12.22 -27.43
C3 SAL N . 12.01 -12.02 -26.09
C4 SAL N . 12.89 -12.97 -25.52
C5 SAL N . 13.34 -14.09 -26.26
C6 SAL N . 12.88 -14.25 -27.61
O2 SAL N . 10.74 -11.27 -27.92
CA CA O . 22.10 -4.88 -25.52
FE1 FES P . -0.31 -12.65 22.44
FE2 FES P . 1.12 -12.13 24.54
S1 FES P . 1.66 -13.46 23.00
S2 FES P . -0.79 -11.30 24.03
FE1 FES Q . -0.13 1.62 27.72
FE2 FES Q . -1.74 -0.60 27.90
S1 FES Q . -0.51 0.18 29.44
S2 FES Q . -1.40 0.85 26.04
N1 MTE R . -3.77 -18.61 20.21
C2 MTE R . -3.30 -17.31 20.15
N2 MTE R . -2.06 -17.06 20.54
N3 MTE R . -4.17 -16.38 19.69
C4 MTE R . -5.45 -16.70 19.29
O4 MTE R . -6.33 -15.79 18.82
N5 MTE R . -7.28 -18.48 18.92
C6 MTE R . -7.81 -19.71 19.52
C7 MTE R . -6.78 -20.87 19.46
N8 MTE R . -5.47 -20.41 19.96
C9 MTE R . -5.94 -18.00 19.34
C10 MTE R . -5.01 -19.03 19.86
C1' MTE R . -9.07 -20.15 18.86
S1' MTE R . -10.67 -19.41 19.38
C2' MTE R . -9.08 -21.09 17.89
S2' MTE R . -10.69 -21.61 17.14
C3' MTE R . -7.87 -21.74 17.34
O3' MTE R . -6.63 -21.23 18.02
C4' MTE R . -7.81 -21.42 15.87
O4' MTE R . -6.63 -21.79 15.19
P MTE R . -6.27 -23.27 14.74
O1P MTE R . -7.48 -23.87 14.07
O2P MTE R . -5.83 -24.08 15.93
O3P MTE R . -5.11 -23.25 13.77
MO MOS S . -12.22 -20.02 17.70
S MOS S . -13.91 -19.43 19.28
O1 MOS S . -13.53 -21.56 16.81
O2 MOS S . -12.39 -18.60 16.81
PA FAD T . -0.96 13.26 38.06
O1A FAD T . 0.27 13.92 37.50
O2A FAD T . -1.86 12.49 37.15
O5B FAD T . -1.70 14.26 39.04
C5B FAD T . -2.83 13.75 39.75
C4B FAD T . -3.66 14.82 40.45
O4B FAD T . -2.73 15.28 41.57
C3B FAD T . -3.96 16.11 39.63
O3B FAD T . -5.25 16.50 40.10
C2B FAD T . -2.82 17.09 40.04
O2B FAD T . -3.17 18.44 39.79
C1B FAD T . -2.61 16.78 41.48
N9A FAD T . -1.24 16.95 42.02
C8A FAD T . -0.06 16.26 41.71
N7A FAD T . 1.03 16.62 42.38
C5A FAD T . 0.57 17.60 43.18
C6A FAD T . 1.21 18.48 44.22
N6A FAD T . 2.53 18.37 44.51
N1A FAD T . 0.45 19.44 44.90
C2A FAD T . -0.93 19.60 44.65
N3A FAD T . -1.60 18.83 43.70
C4A FAD T . -0.86 17.85 42.99
N1 FAD T . -3.79 4.27 42.99
C2 FAD T . -4.02 3.66 44.18
O2 FAD T . -4.36 4.28 45.16
N3 FAD T . -3.81 2.23 44.20
C4 FAD T . -3.41 1.45 43.10
O4 FAD T . -3.27 0.25 43.20
C4X FAD T . -3.18 2.12 41.81
N5 FAD T . -2.80 1.48 40.64
C5X FAD T . -2.79 2.15 39.38
C6 FAD T . -2.58 1.34 38.19
C7 FAD T . -2.57 1.95 36.91
C7M FAD T . -2.36 1.06 35.71
C8 FAD T . -2.78 3.44 36.74
C8M FAD T . -2.80 4.24 35.46
C9 FAD T . -2.97 4.21 37.91
C9A FAD T . -3.00 3.64 39.26
N10 FAD T . -3.21 4.28 40.61
C10 FAD T . -3.41 3.61 41.81
C1' FAD T . -3.46 5.73 40.60
C2' FAD T . -2.30 6.69 40.29
O2' FAD T . -1.21 6.03 39.65
C3' FAD T . -1.90 7.43 41.56
O3' FAD T . -3.01 8.17 42.10
C4' FAD T . -0.63 8.28 41.28
O4' FAD T . 0.22 8.17 42.41
C5' FAD T . -0.91 9.73 40.96
O5' FAD T . 0.37 10.32 40.64
P FAD T . 0.75 11.11 39.31
O1P FAD T . 2.00 11.84 39.64
O2P FAD T . 0.75 10.18 38.15
O3P FAD T . -0.45 12.17 39.13
PA NAI U . -13.74 6.32 41.76
O1A NAI U . -12.56 7.21 41.93
O2A NAI U . -15.08 7.20 41.78
O5B NAI U . -13.87 5.18 42.88
C5B NAI U . -14.97 4.28 42.83
C4B NAI U . -15.14 3.61 44.17
O4B NAI U . -15.40 4.59 45.18
C3B NAI U . -16.30 2.65 44.21
O3B NAI U . -15.86 1.36 43.73
C2B NAI U . -16.64 2.65 45.70
O2B NAI U . -15.82 1.71 46.40
C1B NAI U . -16.33 4.07 46.14
N9A NAI U . -17.51 4.98 46.15
C8A NAI U . -17.69 6.07 45.39
N7A NAI U . -18.86 6.65 45.68
C5A NAI U . -19.44 5.92 46.62
C6A NAI U . -20.66 6.03 47.32
N6A NAI U . -21.50 7.03 47.09
N1A NAI U . -20.96 5.08 48.26
C2A NAI U . -20.13 4.06 48.54
N3A NAI U . -18.96 3.94 47.89
C4A NAI U . -18.60 4.85 46.93
O3 NAI U . -13.75 5.49 40.38
PN NAI U . -12.94 5.94 39.08
O1N NAI U . -13.38 7.44 38.70
O2N NAI U . -13.11 4.99 37.94
O5D NAI U . -11.43 6.03 39.57
C5D NAI U . -10.79 4.82 39.94
C4D NAI U . -9.39 5.10 40.46
O4D NAI U . -8.79 3.86 40.79
C3D NAI U . -8.43 5.70 39.46
O3D NAI U . -8.57 7.13 39.33
C2D NAI U . -7.09 5.34 40.11
O2D NAI U . -6.62 6.37 40.98
C1D NAI U . -7.39 4.10 40.95
N1N NAI U . -6.87 2.79 40.48
C2N NAI U . -6.66 2.54 39.09
C3N NAI U . -6.20 1.29 38.67
C7N NAI U . -5.98 1.02 37.18
O7N NAI U . -5.58 -0.09 36.82
N7N NAI U . -6.24 2.03 36.36
C4N NAI U . -5.91 0.16 39.70
C5N NAI U . -6.16 0.51 41.04
C6N NAI U . -6.62 1.78 41.43
C1 GOL V . 7.10 -15.52 9.35
O1 GOL V . 6.17 -14.48 9.62
C2 GOL V . 6.65 -16.37 8.18
O2 GOL V . 5.33 -16.89 8.42
C3 GOL V . 7.63 -17.53 7.92
O3 GOL V . 7.19 -18.36 6.83
C1 GOL W . -4.86 4.35 14.30
O1 GOL W . -3.55 4.74 13.90
C2 GOL W . -5.56 5.40 15.18
O2 GOL W . -4.75 5.67 16.33
C3 GOL W . -6.95 4.93 15.63
O3 GOL W . -7.77 4.46 14.56
C1 GOL X . -22.86 -2.81 16.73
O1 GOL X . -23.45 -1.75 15.99
C2 GOL X . -23.88 -3.88 17.17
O2 GOL X . -25.14 -3.26 17.47
C3 GOL X . -23.40 -4.63 18.41
O3 GOL X . -23.82 -6.00 18.38
C1 GOL Y . -4.56 -17.00 49.37
O1 GOL Y . -3.97 -16.29 48.28
C2 GOL Y . -3.68 -16.95 50.63
O2 GOL Y . -4.14 -17.94 51.56
C3 GOL Y . -3.75 -15.57 51.29
O3 GOL Y . -2.45 -15.09 51.66
C1 GOL Z . 5.60 -38.31 17.97
O1 GOL Z . 6.64 -38.38 16.99
C2 GOL Z . 5.19 -36.86 18.29
O2 GOL Z . 4.53 -36.28 17.17
C3 GOL Z . 6.41 -36.00 18.66
O3 GOL Z . 6.05 -34.67 18.99
C CO3 AA . -19.17 -18.58 23.22
O1 CO3 AA . -18.72 -19.47 24.02
O2 CO3 AA . -18.66 -18.46 22.02
O3 CO3 AA . -20.15 -17.78 23.63
C1' SAL BA . -18.43 -24.98 15.30
O1' SAL BA . -17.54 -25.02 16.14
O2' SAL BA . -19.15 -25.97 15.25
C1 SAL BA . -18.63 -23.84 14.43
C2 SAL BA . -17.81 -22.68 14.48
C3 SAL BA . -18.01 -21.54 13.63
C4 SAL BA . -19.06 -21.58 12.69
C5 SAL BA . -19.92 -22.69 12.60
C6 SAL BA . -19.69 -23.82 13.47
O2 SAL BA . -16.77 -22.58 15.35
CA CA CA . -25.41 -13.07 18.88
#